data_5IAZ
#
_entry.id   5IAZ
#
_entity_poly.entity_id   1
_entity_poly.type   'polypeptide(L)'
_entity_poly.pdbx_seq_one_letter_code
;GSHMRTVSGVCADVSEYHPNIKNWQIESYGEPEFHTAKVHLKCAPGQTISAIKFASFGTPLGTCGTFQQGECHSINSNSV
LERKCIGLERCVVAISPSNFGGDPCPEVMKRVAVEAVCSTAA
;
_entity_poly.pdbx_strand_id   A
#
# COMPACT_ATOMS: atom_id res chain seq x y z
N ARG A 5 -14.14 -16.81 10.36
CA ARG A 5 -15.42 -16.65 9.61
C ARG A 5 -15.24 -15.63 8.48
N THR A 6 -14.78 -16.09 7.34
CA THR A 6 -14.58 -15.16 6.19
C THR A 6 -15.86 -14.37 5.91
N VAL A 7 -15.81 -13.07 6.05
CA VAL A 7 -17.02 -12.25 5.79
C VAL A 7 -16.63 -10.81 5.50
N SER A 8 -15.78 -10.61 4.51
CA SER A 8 -15.35 -9.22 4.18
C SER A 8 -14.36 -9.25 3.01
N GLY A 9 -13.86 -8.10 2.63
CA GLY A 9 -12.89 -8.04 1.49
C GLY A 9 -12.64 -6.58 1.13
N VAL A 10 -11.43 -6.11 1.35
CA VAL A 10 -11.12 -4.68 1.02
C VAL A 10 -9.85 -4.58 0.17
N CYS A 11 -9.79 -3.61 -0.69
CA CYS A 11 -8.59 -3.43 -1.55
C CYS A 11 -8.29 -1.94 -1.71
N ALA A 12 -7.06 -1.55 -1.57
CA ALA A 12 -6.73 -0.10 -1.71
C ALA A 12 -5.89 0.14 -2.96
N ASP A 13 -6.25 1.13 -3.75
CA ASP A 13 -5.48 1.42 -4.98
C ASP A 13 -4.85 2.82 -4.90
N VAL A 14 -3.56 2.90 -4.89
CA VAL A 14 -2.90 4.23 -4.80
C VAL A 14 -1.69 4.28 -5.72
N SER A 15 -1.16 5.45 -5.96
CA SER A 15 0.03 5.56 -6.86
C SER A 15 1.06 6.50 -6.24
N GLU A 16 2.31 6.13 -6.28
CA GLU A 16 3.37 7.02 -5.69
C GLU A 16 3.08 8.48 -6.06
N TYR A 17 3.46 9.40 -5.23
CA TYR A 17 3.21 10.84 -5.54
C TYR A 17 4.04 11.73 -4.61
N HIS A 18 4.86 12.58 -5.16
CA HIS A 18 5.68 13.47 -4.30
C HIS A 18 6.45 14.49 -5.17
N PRO A 19 5.74 15.12 -6.06
CA PRO A 19 6.38 16.12 -6.94
C PRO A 19 6.94 17.27 -6.10
N ASN A 20 7.97 17.91 -6.57
CA ASN A 20 8.54 19.04 -5.78
C ASN A 20 7.52 20.18 -5.68
N ILE A 21 6.82 20.28 -4.57
CA ILE A 21 5.82 21.37 -4.42
C ILE A 21 6.11 22.20 -3.16
N LYS A 22 6.70 23.35 -3.31
CA LYS A 22 7.01 24.19 -2.12
C LYS A 22 5.91 25.25 -1.94
N ASN A 23 4.71 24.82 -1.70
CA ASN A 23 3.59 25.79 -1.52
C ASN A 23 2.26 25.02 -1.42
N TRP A 24 1.74 24.84 -0.23
CA TRP A 24 0.46 24.10 -0.09
C TRP A 24 -0.20 24.41 1.26
N GLN A 25 -0.22 25.66 1.66
CA GLN A 25 -0.85 26.02 2.97
C GLN A 25 -0.66 27.52 3.23
N ILE A 26 -1.74 28.26 3.24
CA ILE A 26 -1.62 29.73 3.50
C ILE A 26 -2.34 30.10 4.81
N GLU A 27 -2.10 29.36 5.85
CA GLU A 27 -2.78 29.67 7.15
C GLU A 27 -1.76 29.55 8.29
N SER A 28 -2.23 29.52 9.51
CA SER A 28 -1.28 29.42 10.66
C SER A 28 -1.00 27.94 10.97
N TYR A 29 -1.06 27.10 9.99
CA TYR A 29 -0.79 25.65 10.22
C TYR A 29 0.41 25.21 9.39
N GLY A 30 0.91 24.03 9.63
CA GLY A 30 2.09 23.55 8.86
C GLY A 30 2.25 22.05 9.05
N GLU A 31 2.72 21.36 8.04
CA GLU A 31 2.91 19.88 8.17
C GLU A 31 3.72 19.36 6.98
N PRO A 32 4.99 19.65 7.02
CA PRO A 32 5.92 19.21 5.95
C PRO A 32 6.30 17.73 6.13
N GLU A 33 5.35 16.88 6.41
CA GLU A 33 5.68 15.44 6.60
C GLU A 33 4.78 14.59 5.70
N PHE A 34 4.70 14.90 4.44
CA PHE A 34 3.84 14.10 3.53
C PHE A 34 4.37 14.14 2.10
N HIS A 35 5.42 13.42 1.83
CA HIS A 35 5.99 13.42 0.45
C HIS A 35 5.70 12.08 -0.23
N THR A 36 4.52 11.56 -0.01
CA THR A 36 4.15 10.26 -0.65
C THR A 36 2.65 9.98 -0.42
N ALA A 37 2.10 9.03 -1.11
CA ALA A 37 0.65 8.72 -0.93
C ALA A 37 0.48 7.69 0.20
N LYS A 38 -0.65 7.70 0.84
CA LYS A 38 -0.87 6.72 1.95
C LYS A 38 -1.98 5.73 1.56
N VAL A 39 -2.03 4.61 2.23
CA VAL A 39 -3.08 3.60 1.91
C VAL A 39 -4.12 3.58 3.02
N HIS A 40 -5.38 3.59 2.68
CA HIS A 40 -6.43 3.57 3.73
C HIS A 40 -7.16 2.22 3.76
N LEU A 41 -7.04 1.50 4.84
CA LEU A 41 -7.72 0.18 4.95
C LEU A 41 -8.44 0.09 6.29
N LYS A 42 -9.63 -0.43 6.32
CA LYS A 42 -10.36 -0.53 7.63
C LYS A 42 -11.58 -1.44 7.51
N CYS A 43 -11.78 -2.29 8.47
CA CYS A 43 -12.96 -3.21 8.43
C CYS A 43 -14.02 -2.75 9.43
N ALA A 44 -15.17 -3.35 9.42
CA ALA A 44 -16.24 -2.95 10.37
C ALA A 44 -15.85 -3.31 11.81
N PRO A 45 -16.57 -2.76 12.73
CA PRO A 45 -16.29 -3.02 14.17
C PRO A 45 -16.74 -4.44 14.54
N GLY A 46 -15.79 -5.33 14.73
CA GLY A 46 -16.15 -6.72 15.09
C GLY A 46 -15.34 -7.69 14.22
N GLN A 47 -14.57 -7.17 13.31
CA GLN A 47 -13.75 -8.06 12.42
C GLN A 47 -12.27 -7.66 12.51
N THR A 48 -11.38 -8.59 12.28
CA THR A 48 -9.92 -8.26 12.36
C THR A 48 -9.18 -8.85 11.15
N ILE A 49 -8.15 -8.18 10.69
CA ILE A 49 -7.38 -8.69 9.53
C ILE A 49 -6.53 -9.89 9.97
N SER A 50 -6.45 -10.90 9.15
CA SER A 50 -5.63 -12.09 9.55
C SER A 50 -4.74 -12.57 8.40
N ALA A 51 -4.90 -12.04 7.22
CA ALA A 51 -4.04 -12.51 6.09
C ALA A 51 -4.06 -11.53 4.92
N ILE A 52 -3.02 -11.56 4.11
CA ILE A 52 -2.95 -10.65 2.94
C ILE A 52 -3.09 -11.46 1.65
N LYS A 53 -4.02 -11.11 0.80
CA LYS A 53 -4.19 -11.87 -0.47
C LYS A 53 -3.16 -11.43 -1.52
N PHE A 54 -2.80 -10.18 -1.53
CA PHE A 54 -1.82 -9.71 -2.53
C PHE A 54 -1.18 -8.40 -2.07
N ALA A 55 0.01 -8.12 -2.53
CA ALA A 55 0.69 -6.86 -2.13
C ALA A 55 1.92 -6.65 -3.00
N SER A 56 1.92 -5.64 -3.82
CA SER A 56 3.11 -5.40 -4.69
C SER A 56 3.43 -3.90 -4.81
N PHE A 57 4.67 -3.55 -4.74
CA PHE A 57 5.07 -2.12 -4.85
C PHE A 57 5.92 -1.91 -6.10
N GLY A 58 5.32 -1.96 -7.26
CA GLY A 58 6.10 -1.77 -8.52
C GLY A 58 5.15 -1.48 -9.68
N THR A 59 4.88 -2.45 -10.51
CA THR A 59 3.95 -2.21 -11.66
C THR A 59 2.93 -3.33 -11.77
N PRO A 60 1.96 -3.29 -10.89
CA PRO A 60 0.90 -4.31 -10.87
C PRO A 60 -0.15 -4.02 -11.95
N LEU A 61 -0.61 -5.02 -12.64
CA LEU A 61 -1.64 -4.80 -13.70
C LEU A 61 -3.02 -5.23 -13.19
N GLY A 62 -4.05 -4.89 -13.91
CA GLY A 62 -5.42 -5.28 -13.47
C GLY A 62 -6.02 -4.17 -12.60
N THR A 63 -6.93 -4.50 -11.73
CA THR A 63 -7.55 -3.46 -10.86
C THR A 63 -8.07 -4.09 -9.57
N CYS A 64 -8.63 -3.30 -8.70
CA CYS A 64 -9.15 -3.85 -7.41
C CYS A 64 -10.11 -5.02 -7.69
N GLY A 65 -9.69 -6.22 -7.40
CA GLY A 65 -10.57 -7.39 -7.64
C GLY A 65 -9.73 -8.59 -8.10
N THR A 66 -8.71 -8.34 -8.87
CA THR A 66 -7.86 -9.47 -9.35
C THR A 66 -6.48 -8.95 -9.75
N PHE A 67 -5.86 -8.14 -8.93
CA PHE A 67 -4.51 -7.61 -9.29
C PHE A 67 -3.61 -8.74 -9.79
N GLN A 68 -2.45 -8.40 -10.30
CA GLN A 68 -1.53 -9.46 -10.82
C GLN A 68 -0.14 -8.87 -11.05
N GLN A 69 0.90 -9.62 -10.77
CA GLN A 69 2.27 -9.08 -10.99
C GLN A 69 2.46 -8.64 -12.43
N GLY A 70 3.33 -7.69 -12.67
CA GLY A 70 3.55 -7.23 -14.07
C GLY A 70 4.92 -7.69 -14.55
N GLU A 71 5.94 -6.94 -14.28
CA GLU A 71 7.31 -7.33 -14.73
C GLU A 71 8.35 -6.97 -13.66
N CYS A 72 8.18 -5.84 -13.02
CA CYS A 72 9.16 -5.43 -11.97
C CYS A 72 8.53 -5.58 -10.58
N HIS A 73 9.24 -6.19 -9.67
CA HIS A 73 8.69 -6.37 -8.29
C HIS A 73 9.81 -6.29 -7.25
N SER A 74 9.55 -5.72 -6.10
CA SER A 74 10.60 -5.60 -5.06
C SER A 74 10.71 -6.91 -4.25
N ILE A 75 10.04 -7.95 -4.68
CA ILE A 75 10.11 -9.24 -3.95
C ILE A 75 10.03 -9.00 -2.43
N ASN A 76 9.41 -7.93 -2.03
CA ASN A 76 9.31 -7.64 -0.57
C ASN A 76 8.05 -6.79 -0.31
N SER A 77 7.10 -6.86 -1.19
CA SER A 77 5.85 -6.08 -1.01
C SER A 77 4.87 -6.85 -0.11
N ASN A 78 5.26 -8.00 0.38
CA ASN A 78 4.34 -8.78 1.26
C ASN A 78 4.90 -8.89 2.68
N SER A 79 6.16 -8.59 2.86
CA SER A 79 6.75 -8.69 4.23
C SER A 79 6.42 -7.44 5.04
N VAL A 80 6.06 -6.38 4.37
CA VAL A 80 5.72 -5.12 5.08
C VAL A 80 4.24 -5.13 5.50
N LEU A 81 3.43 -5.94 4.85
CA LEU A 81 1.98 -5.99 5.21
C LEU A 81 1.78 -6.85 6.45
N GLU A 82 2.21 -8.09 6.41
CA GLU A 82 2.03 -8.99 7.59
C GLU A 82 2.63 -8.33 8.84
N ARG A 83 3.54 -7.41 8.67
CA ARG A 83 4.17 -6.74 9.85
C ARG A 83 3.38 -5.47 10.23
N LYS A 84 2.68 -4.89 9.29
CA LYS A 84 1.90 -3.66 9.62
C LYS A 84 0.43 -3.80 9.22
N CYS A 85 -0.21 -4.87 9.61
CA CYS A 85 -1.65 -5.04 9.23
C CYS A 85 -2.32 -6.12 10.11
N ILE A 86 -1.98 -7.36 9.89
CA ILE A 86 -2.59 -8.45 10.71
C ILE A 86 -2.48 -8.14 12.21
N GLY A 87 -3.59 -8.22 12.92
CA GLY A 87 -3.55 -7.93 14.39
C GLY A 87 -4.14 -6.54 14.67
N LEU A 88 -4.75 -5.94 13.69
CA LEU A 88 -5.33 -4.58 13.91
C LEU A 88 -6.66 -4.44 13.16
N GLU A 89 -7.65 -3.87 13.77
CA GLU A 89 -8.96 -3.71 13.07
C GLU A 89 -8.79 -2.76 11.88
N ARG A 90 -7.77 -1.95 11.92
CA ARG A 90 -7.53 -0.99 10.80
C ARG A 90 -6.08 -1.12 10.33
N CYS A 91 -5.83 -0.83 9.08
CA CYS A 91 -4.43 -0.94 8.56
C CYS A 91 -4.02 0.34 7.83
N VAL A 92 -2.81 0.78 8.01
CA VAL A 92 -2.34 2.02 7.33
C VAL A 92 -0.86 1.89 6.99
N VAL A 93 -0.51 2.03 5.74
CA VAL A 93 0.93 1.91 5.35
C VAL A 93 1.35 3.05 4.43
N ALA A 94 2.42 3.72 4.76
CA ALA A 94 2.88 4.85 3.90
C ALA A 94 3.82 4.33 2.81
N ILE A 95 3.56 4.66 1.57
CA ILE A 95 4.43 4.17 0.47
C ILE A 95 5.64 5.10 0.30
N SER A 96 6.82 4.60 0.57
CA SER A 96 8.04 5.45 0.42
C SER A 96 9.28 4.55 0.29
N PRO A 97 10.32 5.12 -0.27
CA PRO A 97 11.58 4.36 -0.46
C PRO A 97 12.33 4.20 0.85
N SER A 98 11.76 4.68 1.94
CA SER A 98 12.46 4.54 3.25
C SER A 98 11.69 3.57 4.16
N ASN A 99 10.70 2.92 3.64
CA ASN A 99 9.91 1.96 4.47
C ASN A 99 9.98 0.56 3.86
N PHE A 100 10.54 0.43 2.69
CA PHE A 100 10.63 -0.92 2.05
C PHE A 100 12.08 -1.39 2.02
N GLY A 101 12.93 -0.73 1.28
CA GLY A 101 14.35 -1.16 1.21
C GLY A 101 15.02 -0.56 -0.03
N GLY A 102 15.13 0.74 -0.09
CA GLY A 102 15.77 1.38 -1.29
C GLY A 102 14.79 1.42 -2.46
N ASP A 103 15.30 1.37 -3.67
CA ASP A 103 14.40 1.40 -4.85
C ASP A 103 14.38 0.03 -5.55
N PRO A 104 13.22 -0.34 -6.01
CA PRO A 104 13.06 -1.64 -6.70
C PRO A 104 13.52 -1.54 -8.16
N CYS A 105 12.64 -1.22 -9.07
CA CYS A 105 13.04 -1.11 -10.51
C CYS A 105 13.21 0.36 -10.90
N PRO A 106 14.30 0.63 -11.56
CA PRO A 106 14.60 2.01 -12.02
C PRO A 106 13.87 2.32 -13.32
N GLU A 107 13.66 3.57 -13.60
CA GLU A 107 12.95 3.96 -14.87
C GLU A 107 11.60 3.24 -14.96
N VAL A 108 10.91 3.12 -13.87
CA VAL A 108 9.58 2.42 -13.91
C VAL A 108 8.59 3.11 -12.96
N MET A 109 7.51 3.65 -13.49
CA MET A 109 6.51 4.33 -12.61
C MET A 109 6.29 3.50 -11.33
N LYS A 110 5.81 4.12 -10.29
CA LYS A 110 5.57 3.36 -9.02
C LYS A 110 4.08 3.31 -8.69
N ARG A 111 3.50 2.15 -8.79
CA ARG A 111 2.05 1.99 -8.48
C ARG A 111 1.90 1.05 -7.29
N VAL A 112 1.06 1.38 -6.35
CA VAL A 112 0.89 0.49 -5.18
C VAL A 112 -0.50 -0.16 -5.16
N ALA A 113 -0.54 -1.45 -5.00
CA ALA A 113 -1.85 -2.17 -4.98
C ALA A 113 -1.85 -3.15 -3.81
N VAL A 114 -2.87 -3.14 -2.98
CA VAL A 114 -2.89 -4.10 -1.83
C VAL A 114 -4.29 -4.70 -1.64
N GLU A 115 -4.36 -5.80 -0.95
CA GLU A 115 -5.66 -6.47 -0.70
C GLU A 115 -5.61 -7.18 0.66
N ALA A 116 -6.49 -6.83 1.56
CA ALA A 116 -6.47 -7.49 2.91
C ALA A 116 -7.68 -8.42 3.07
N VAL A 117 -7.56 -9.40 3.92
CA VAL A 117 -8.69 -10.34 4.16
C VAL A 117 -9.25 -10.16 5.56
N CYS A 118 -10.47 -9.70 5.67
CA CYS A 118 -11.05 -9.51 7.02
C CYS A 118 -12.14 -10.54 7.28
N SER A 119 -12.17 -11.11 8.46
CA SER A 119 -13.20 -12.13 8.78
C SER A 119 -13.76 -11.88 10.18
N THR A 120 -13.07 -12.33 11.19
CA THR A 120 -13.57 -12.12 12.59
C THR A 120 -12.42 -12.27 13.58
N ALA A 121 -12.70 -12.17 14.85
CA ALA A 121 -11.61 -12.31 15.87
C ALA A 121 -11.16 -13.78 15.97
N ALA A 122 -9.93 -14.00 16.32
CA ALA A 122 -9.44 -15.41 16.44
C ALA A 122 -8.92 -15.66 17.86
N ARG A 5 -17.55 -18.13 10.97
CA ARG A 5 -18.01 -16.79 10.52
C ARG A 5 -16.87 -16.03 9.85
N THR A 6 -16.86 -15.98 8.54
CA THR A 6 -15.77 -15.26 7.82
C THR A 6 -16.37 -14.20 6.89
N VAL A 7 -15.58 -13.24 6.48
CA VAL A 7 -16.11 -12.19 5.57
C VAL A 7 -14.98 -11.63 4.69
N SER A 8 -15.29 -11.24 3.49
CA SER A 8 -14.23 -10.68 2.59
C SER A 8 -13.52 -9.51 3.26
N GLY A 9 -12.55 -8.94 2.61
CA GLY A 9 -11.81 -7.79 3.22
C GLY A 9 -12.09 -6.52 2.42
N VAL A 10 -11.08 -5.72 2.20
CA VAL A 10 -11.28 -4.46 1.43
C VAL A 10 -10.25 -4.36 0.31
N CYS A 11 -10.56 -3.63 -0.73
CA CYS A 11 -9.60 -3.49 -1.86
C CYS A 11 -9.01 -2.07 -1.85
N ALA A 12 -7.77 -1.92 -2.24
CA ALA A 12 -7.16 -0.56 -2.25
C ALA A 12 -6.15 -0.42 -3.39
N ASP A 13 -6.28 0.60 -4.18
CA ASP A 13 -5.34 0.81 -5.31
C ASP A 13 -4.83 2.25 -5.31
N VAL A 14 -3.59 2.46 -4.97
CA VAL A 14 -3.04 3.86 -4.96
C VAL A 14 -1.74 3.93 -5.74
N SER A 15 -1.38 5.10 -6.20
CA SER A 15 -0.12 5.25 -6.97
C SER A 15 0.81 6.23 -6.26
N GLU A 16 2.08 5.95 -6.23
CA GLU A 16 3.04 6.86 -5.54
C GLU A 16 2.68 8.32 -5.85
N TYR A 17 2.20 9.06 -4.88
CA TYR A 17 1.83 10.47 -5.13
C TYR A 17 3.08 11.29 -5.43
N HIS A 18 3.11 11.98 -6.53
CA HIS A 18 4.31 12.79 -6.87
C HIS A 18 4.07 13.60 -8.16
N PRO A 19 3.70 14.84 -7.98
CA PRO A 19 3.44 15.72 -9.14
C PRO A 19 4.75 16.22 -9.74
N ASN A 20 5.88 15.71 -9.28
CA ASN A 20 7.22 16.13 -9.83
C ASN A 20 7.68 17.43 -9.15
N ILE A 21 6.85 18.45 -9.16
CA ILE A 21 7.25 19.74 -8.52
C ILE A 21 8.52 20.29 -9.17
N LYS A 22 8.53 21.56 -9.48
CA LYS A 22 9.73 22.16 -10.14
C LYS A 22 10.21 23.36 -9.32
N ASN A 23 11.49 23.57 -9.26
CA ASN A 23 12.01 24.73 -8.48
C ASN A 23 11.60 24.61 -7.01
N TRP A 24 12.03 23.57 -6.35
CA TRP A 24 11.65 23.39 -4.91
C TRP A 24 12.54 24.28 -4.03
N GLN A 25 13.39 25.07 -4.62
CA GLN A 25 14.30 25.95 -3.83
C GLN A 25 15.32 25.16 -3.00
N ILE A 26 16.45 25.77 -2.74
CA ILE A 26 17.52 25.08 -1.94
C ILE A 26 18.43 26.15 -1.30
N GLU A 27 17.86 27.24 -0.88
CA GLU A 27 18.69 28.31 -0.26
C GLU A 27 18.58 28.28 1.28
N SER A 28 17.75 29.13 1.85
CA SER A 28 17.62 29.13 3.34
C SER A 28 16.22 28.65 3.75
N TYR A 29 15.50 28.05 2.84
CA TYR A 29 14.14 27.55 3.18
C TYR A 29 14.21 26.10 3.64
N GLY A 30 14.30 25.17 2.72
CA GLY A 30 14.37 23.73 3.10
C GLY A 30 12.95 23.18 3.29
N GLU A 31 12.29 23.56 4.35
CA GLU A 31 10.90 23.06 4.58
C GLU A 31 10.90 21.53 4.65
N PRO A 32 9.77 20.99 5.01
CA PRO A 32 9.63 19.52 5.12
C PRO A 32 9.57 18.89 3.73
N GLU A 33 10.23 17.78 3.54
CA GLU A 33 10.20 17.11 2.21
C GLU A 33 9.64 15.69 2.33
N PHE A 34 8.38 15.57 2.65
CA PHE A 34 7.77 14.21 2.79
C PHE A 34 6.49 14.10 1.96
N HIS A 35 6.54 14.52 0.72
CA HIS A 35 5.33 14.44 -0.14
C HIS A 35 5.12 13.00 -0.63
N THR A 36 4.26 12.26 0.02
CA THR A 36 4.03 10.84 -0.41
C THR A 36 2.56 10.46 -0.19
N ALA A 37 2.21 9.24 -0.49
CA ALA A 37 0.79 8.80 -0.32
C ALA A 37 0.69 7.84 0.88
N LYS A 38 -0.50 7.38 1.17
CA LYS A 38 -0.65 6.45 2.33
C LYS A 38 -1.67 5.34 1.99
N VAL A 39 -1.39 4.12 2.38
CA VAL A 39 -2.32 3.00 2.09
C VAL A 39 -2.87 2.43 3.40
N HIS A 40 -4.11 2.65 3.70
CA HIS A 40 -4.67 2.12 4.97
C HIS A 40 -5.91 1.26 4.73
N LEU A 41 -6.03 0.17 5.43
CA LEU A 41 -7.19 -0.73 5.27
C LEU A 41 -7.95 -0.82 6.60
N LYS A 42 -9.13 -0.28 6.68
CA LYS A 42 -9.89 -0.33 7.96
C LYS A 42 -11.11 -1.25 7.82
N CYS A 43 -11.31 -2.12 8.78
CA CYS A 43 -12.48 -3.05 8.72
C CYS A 43 -13.49 -2.68 9.81
N ALA A 44 -14.70 -3.18 9.72
CA ALA A 44 -15.71 -2.84 10.75
C ALA A 44 -15.20 -3.22 12.14
N PRO A 45 -15.86 -2.69 13.14
CA PRO A 45 -15.47 -2.97 14.54
C PRO A 45 -15.84 -4.42 14.91
N GLY A 46 -14.86 -5.24 15.17
CA GLY A 46 -15.15 -6.65 15.55
C GLY A 46 -14.44 -7.59 14.57
N GLN A 47 -14.04 -7.09 13.43
CA GLN A 47 -13.35 -7.96 12.44
C GLN A 47 -11.87 -7.55 12.33
N THR A 48 -10.97 -8.50 12.41
CA THR A 48 -9.53 -8.17 12.30
C THR A 48 -8.91 -8.86 11.09
N ILE A 49 -7.91 -8.24 10.49
CA ILE A 49 -7.27 -8.87 9.29
C ILE A 49 -6.54 -10.15 9.71
N SER A 50 -6.59 -11.17 8.89
CA SER A 50 -5.91 -12.44 9.25
C SER A 50 -4.86 -12.79 8.19
N ALA A 51 -4.92 -12.18 7.03
CA ALA A 51 -3.91 -12.51 5.97
C ALA A 51 -4.00 -11.51 4.82
N ILE A 52 -3.08 -11.58 3.90
CA ILE A 52 -3.09 -10.67 2.73
C ILE A 52 -3.27 -11.47 1.44
N LYS A 53 -4.13 -11.02 0.57
CA LYS A 53 -4.35 -11.77 -0.71
C LYS A 53 -3.30 -11.37 -1.75
N PHE A 54 -2.89 -10.14 -1.76
CA PHE A 54 -1.87 -9.71 -2.76
C PHE A 54 -1.21 -8.39 -2.34
N ALA A 55 -0.10 -8.07 -2.93
CA ALA A 55 0.60 -6.80 -2.57
C ALA A 55 1.82 -6.61 -3.47
N SER A 56 1.87 -5.52 -4.19
CA SER A 56 3.06 -5.29 -5.09
C SER A 56 3.47 -3.81 -5.06
N PHE A 57 4.75 -3.55 -5.00
CA PHE A 57 5.21 -2.14 -4.96
C PHE A 57 6.06 -1.84 -6.21
N GLY A 58 5.44 -1.70 -7.35
CA GLY A 58 6.21 -1.41 -8.59
C GLY A 58 5.27 -1.17 -9.78
N THR A 59 4.87 -2.21 -10.46
CA THR A 59 3.96 -2.04 -11.62
C THR A 59 2.85 -3.10 -11.61
N PRO A 60 1.75 -2.75 -11.01
CA PRO A 60 0.61 -3.68 -10.92
C PRO A 60 -0.25 -3.56 -12.19
N LEU A 61 -0.99 -4.59 -12.51
CA LEU A 61 -1.86 -4.54 -13.74
C LEU A 61 -3.17 -5.29 -13.49
N GLY A 62 -4.28 -4.68 -13.78
CA GLY A 62 -5.59 -5.36 -13.56
C GLY A 62 -6.45 -4.54 -12.60
N THR A 63 -7.52 -5.10 -12.12
CA THR A 63 -8.41 -4.35 -11.19
C THR A 63 -8.42 -5.03 -9.81
N CYS A 64 -9.52 -4.99 -9.11
CA CYS A 64 -9.59 -5.63 -7.77
C CYS A 64 -9.86 -7.14 -7.92
N GLY A 65 -9.01 -7.96 -7.39
CA GLY A 65 -9.22 -9.42 -7.51
C GLY A 65 -8.61 -9.93 -8.82
N THR A 66 -8.06 -9.05 -9.61
CA THR A 66 -7.46 -9.48 -10.91
C THR A 66 -6.18 -8.70 -11.17
N PHE A 67 -5.42 -8.43 -10.14
CA PHE A 67 -4.14 -7.67 -10.34
C PHE A 67 -3.08 -8.56 -10.98
N GLN A 68 -1.97 -8.00 -11.37
CA GLN A 68 -0.88 -8.81 -12.00
C GLN A 68 0.48 -8.30 -11.55
N GLN A 69 1.07 -8.92 -10.57
CA GLN A 69 2.42 -8.45 -10.10
C GLN A 69 3.34 -8.21 -11.29
N GLY A 70 3.64 -6.97 -11.58
CA GLY A 70 4.53 -6.67 -12.73
C GLY A 70 5.88 -7.35 -12.51
N GLU A 71 6.77 -7.24 -13.45
CA GLU A 71 8.10 -7.89 -13.29
C GLU A 71 9.01 -7.03 -12.40
N CYS A 72 8.49 -5.97 -11.85
CA CYS A 72 9.32 -5.09 -10.98
C CYS A 72 9.01 -5.34 -9.49
N HIS A 73 8.38 -6.43 -9.17
CA HIS A 73 8.08 -6.70 -7.74
C HIS A 73 9.37 -6.83 -6.93
N SER A 74 9.51 -6.06 -5.88
CA SER A 74 10.76 -6.13 -5.06
C SER A 74 10.74 -7.43 -4.24
N ILE A 75 11.00 -7.36 -2.96
CA ILE A 75 11.00 -8.60 -2.14
C ILE A 75 10.30 -8.35 -0.80
N ASN A 76 9.45 -7.36 -0.74
CA ASN A 76 8.75 -7.07 0.54
C ASN A 76 7.42 -6.34 0.25
N SER A 77 6.89 -6.48 -0.94
CA SER A 77 5.60 -5.80 -1.26
C SER A 77 4.44 -6.49 -0.55
N ASN A 78 4.65 -7.72 -0.12
CA ASN A 78 3.55 -8.46 0.58
C ASN A 78 3.96 -8.71 2.03
N SER A 79 5.20 -8.47 2.35
CA SER A 79 5.66 -8.70 3.75
C SER A 79 5.47 -7.43 4.59
N VAL A 80 5.52 -6.29 3.97
CA VAL A 80 5.33 -5.01 4.73
C VAL A 80 3.90 -4.92 5.27
N LEU A 81 2.95 -5.49 4.59
CA LEU A 81 1.53 -5.43 5.07
C LEU A 81 1.21 -6.62 5.98
N GLU A 82 1.61 -7.80 5.60
CA GLU A 82 1.32 -8.99 6.44
C GLU A 82 2.02 -8.87 7.81
N ARG A 83 3.04 -8.08 7.91
CA ARG A 83 3.75 -7.93 9.22
C ARG A 83 3.18 -6.78 10.04
N LYS A 84 2.49 -5.86 9.40
CA LYS A 84 1.91 -4.71 10.16
C LYS A 84 0.44 -4.48 9.79
N CYS A 85 -0.37 -5.51 9.83
CA CYS A 85 -1.81 -5.33 9.46
C CYS A 85 -2.68 -6.43 10.11
N ILE A 86 -2.15 -7.61 10.25
CA ILE A 86 -2.96 -8.71 10.87
C ILE A 86 -3.04 -8.55 12.38
N GLY A 87 -4.22 -8.45 12.93
CA GLY A 87 -4.36 -8.29 14.41
C GLY A 87 -4.79 -6.86 14.75
N LEU A 88 -5.23 -6.11 13.78
CA LEU A 88 -5.67 -4.71 14.05
C LEU A 88 -7.01 -4.42 13.36
N GLU A 89 -7.92 -3.80 14.05
CA GLU A 89 -9.23 -3.48 13.43
C GLU A 89 -9.03 -2.46 12.31
N ARG A 90 -7.87 -1.86 12.26
CA ARG A 90 -7.58 -0.86 11.19
C ARG A 90 -6.13 -1.00 10.74
N CYS A 91 -5.79 -0.43 9.63
CA CYS A 91 -4.38 -0.54 9.13
C CYS A 91 -3.97 0.75 8.41
N VAL A 92 -2.83 1.28 8.72
CA VAL A 92 -2.38 2.53 8.04
C VAL A 92 -0.87 2.50 7.82
N VAL A 93 -0.45 2.40 6.59
CA VAL A 93 1.01 2.36 6.30
C VAL A 93 1.38 3.55 5.41
N ALA A 94 2.58 4.04 5.53
CA ALA A 94 2.99 5.20 4.69
C ALA A 94 3.87 4.73 3.53
N ILE A 95 3.58 5.16 2.34
CA ILE A 95 4.40 4.74 1.15
C ILE A 95 5.57 5.71 0.94
N SER A 96 6.65 5.23 0.39
CA SER A 96 7.82 6.14 0.16
C SER A 96 9.01 5.33 -0.38
N PRO A 97 10.03 6.04 -0.77
CA PRO A 97 11.25 5.39 -1.32
C PRO A 97 12.05 4.73 -0.19
N SER A 98 12.23 5.42 0.90
CA SER A 98 13.01 4.83 2.03
C SER A 98 12.06 4.21 3.05
N ASN A 99 11.09 3.44 2.60
CA ASN A 99 10.13 2.81 3.55
C ASN A 99 10.08 1.30 3.31
N PHE A 100 10.32 0.86 2.10
CA PHE A 100 10.27 -0.61 1.82
C PHE A 100 11.70 -1.18 1.71
N GLY A 101 12.40 -0.87 0.65
CA GLY A 101 13.79 -1.39 0.49
C GLY A 101 14.38 -0.89 -0.83
N GLY A 102 14.42 0.40 -1.01
CA GLY A 102 15.00 0.97 -2.27
C GLY A 102 14.20 0.46 -3.48
N ASP A 103 14.67 0.74 -4.67
CA ASP A 103 13.93 0.28 -5.89
C ASP A 103 14.75 -0.78 -6.63
N PRO A 104 14.07 -1.79 -7.09
CA PRO A 104 14.73 -2.88 -7.83
C PRO A 104 14.88 -2.53 -9.32
N CYS A 105 13.92 -1.86 -9.90
CA CYS A 105 14.04 -1.50 -11.35
C CYS A 105 14.25 0.01 -11.52
N PRO A 106 15.21 0.35 -12.35
CA PRO A 106 15.51 1.77 -12.61
C PRO A 106 14.62 2.31 -13.75
N GLU A 107 14.60 3.60 -13.93
CA GLU A 107 13.77 4.19 -15.03
C GLU A 107 12.35 3.60 -15.02
N VAL A 108 11.90 3.12 -13.90
CA VAL A 108 10.53 2.52 -13.83
C VAL A 108 9.72 3.17 -12.70
N MET A 109 8.57 3.70 -13.01
CA MET A 109 7.74 4.34 -11.95
C MET A 109 7.45 3.33 -10.83
N LYS A 110 6.63 3.68 -9.90
CA LYS A 110 6.32 2.72 -8.79
C LYS A 110 4.93 3.01 -8.19
N ARG A 111 4.10 2.00 -8.11
CA ARG A 111 2.74 2.19 -7.54
C ARG A 111 2.54 1.21 -6.38
N VAL A 112 1.51 1.39 -5.60
CA VAL A 112 1.30 0.45 -4.45
C VAL A 112 -0.08 -0.20 -4.50
N ALA A 113 -0.12 -1.47 -4.81
CA ALA A 113 -1.44 -2.18 -4.87
C ALA A 113 -1.53 -3.14 -3.69
N VAL A 114 -2.67 -3.28 -3.07
CA VAL A 114 -2.75 -4.21 -1.91
C VAL A 114 -4.18 -4.74 -1.70
N GLU A 115 -4.28 -5.79 -0.94
CA GLU A 115 -5.60 -6.41 -0.65
C GLU A 115 -5.54 -7.00 0.75
N ALA A 116 -6.63 -7.05 1.47
CA ALA A 116 -6.56 -7.64 2.85
C ALA A 116 -7.74 -8.58 3.11
N VAL A 117 -7.55 -9.52 4.01
CA VAL A 117 -8.63 -10.49 4.34
C VAL A 117 -9.14 -10.17 5.75
N CYS A 118 -10.42 -9.96 5.91
CA CYS A 118 -10.95 -9.66 7.26
C CYS A 118 -11.91 -10.74 7.74
N SER A 119 -12.14 -10.80 9.03
CA SER A 119 -13.07 -11.83 9.58
C SER A 119 -13.39 -11.49 11.04
N THR A 120 -14.61 -11.68 11.46
CA THR A 120 -14.97 -11.36 12.87
C THR A 120 -14.50 -12.48 13.80
N ALA A 121 -14.64 -12.29 15.09
CA ALA A 121 -14.19 -13.33 16.06
C ALA A 121 -14.66 -14.72 15.59
N ALA A 122 -13.75 -15.61 15.32
CA ALA A 122 -14.14 -16.97 14.86
C ALA A 122 -13.12 -18.01 15.35
N ARG A 5 -15.71 -19.84 4.80
CA ARG A 5 -16.81 -18.87 4.49
C ARG A 5 -16.23 -17.46 4.36
N THR A 6 -15.37 -17.07 5.26
CA THR A 6 -14.77 -15.70 5.18
C THR A 6 -15.87 -14.64 5.33
N VAL A 7 -15.52 -13.48 5.83
CA VAL A 7 -16.54 -12.41 5.99
C VAL A 7 -16.46 -11.43 4.81
N SER A 8 -15.39 -10.68 4.71
CA SER A 8 -15.27 -9.72 3.58
C SER A 8 -13.84 -9.19 3.48
N GLY A 9 -13.51 -8.54 2.40
CA GLY A 9 -12.13 -8.00 2.24
C GLY A 9 -12.20 -6.53 1.83
N VAL A 10 -11.07 -5.88 1.71
CA VAL A 10 -11.08 -4.44 1.31
C VAL A 10 -10.08 -4.19 0.18
N CYS A 11 -10.45 -3.41 -0.78
CA CYS A 11 -9.53 -3.11 -1.92
C CYS A 11 -9.07 -1.67 -1.85
N ALA A 12 -7.92 -1.36 -2.39
CA ALA A 12 -7.44 0.05 -2.34
C ALA A 12 -6.26 0.27 -3.29
N ASP A 13 -6.44 1.06 -4.30
CA ASP A 13 -5.33 1.32 -5.27
C ASP A 13 -4.86 2.77 -5.11
N VAL A 14 -3.61 2.97 -4.80
CA VAL A 14 -3.10 4.36 -4.64
C VAL A 14 -1.83 4.56 -5.47
N SER A 15 -1.64 5.73 -6.02
CA SER A 15 -0.41 5.99 -6.83
C SER A 15 0.70 6.53 -5.92
N GLU A 16 1.77 7.00 -6.50
CA GLU A 16 2.88 7.54 -5.67
C GLU A 16 2.96 9.06 -5.79
N TYR A 17 3.56 9.72 -4.84
CA TYR A 17 3.66 11.20 -4.90
C TYR A 17 5.14 11.62 -4.83
N HIS A 18 5.83 11.23 -3.80
CA HIS A 18 7.26 11.59 -3.67
C HIS A 18 7.46 13.10 -3.80
N PRO A 19 7.68 13.73 -2.69
CA PRO A 19 7.88 15.20 -2.66
C PRO A 19 9.32 15.55 -3.08
N ASN A 20 9.60 15.50 -4.35
CA ASN A 20 10.99 15.83 -4.81
C ASN A 20 10.94 16.76 -6.02
N ILE A 21 10.01 16.56 -6.91
CA ILE A 21 9.90 17.45 -8.11
C ILE A 21 9.91 18.94 -7.69
N LYS A 22 8.78 19.58 -7.67
CA LYS A 22 8.73 21.02 -7.27
C LYS A 22 7.33 21.60 -7.56
N ASN A 23 6.74 21.21 -8.66
CA ASN A 23 5.38 21.72 -9.00
C ASN A 23 4.77 20.85 -10.10
N TRP A 24 4.06 19.83 -9.72
CA TRP A 24 3.44 18.95 -10.74
C TRP A 24 2.83 19.77 -11.88
N GLN A 25 2.68 19.17 -13.02
CA GLN A 25 2.09 19.91 -14.18
C GLN A 25 0.81 19.22 -14.66
N ILE A 26 -0.32 19.82 -14.40
CA ILE A 26 -1.60 19.20 -14.84
C ILE A 26 -2.55 20.28 -15.37
N GLU A 27 -3.76 19.90 -15.73
CA GLU A 27 -4.72 20.91 -16.26
C GLU A 27 -5.65 21.40 -15.15
N SER A 28 -5.16 21.49 -13.95
CA SER A 28 -6.01 21.96 -12.82
C SER A 28 -5.17 22.75 -11.80
N TYR A 29 -4.01 22.27 -11.49
CA TYR A 29 -3.13 22.98 -10.50
C TYR A 29 -3.86 23.16 -9.17
N GLY A 30 -3.27 22.69 -8.09
CA GLY A 30 -3.94 22.85 -6.77
C GLY A 30 -3.85 21.54 -5.97
N GLU A 31 -2.83 21.41 -5.17
CA GLU A 31 -2.68 20.16 -4.36
C GLU A 31 -3.03 20.47 -2.90
N PRO A 32 -4.07 19.82 -2.42
CA PRO A 32 -4.50 20.02 -1.02
C PRO A 32 -3.57 19.31 -0.02
N GLU A 33 -2.38 19.83 0.17
CA GLU A 33 -1.42 19.19 1.13
C GLU A 33 -1.16 17.72 0.78
N PHE A 34 0.09 17.32 0.78
CA PHE A 34 0.43 15.90 0.45
C PHE A 34 1.94 15.70 0.49
N HIS A 35 2.39 14.62 1.06
CA HIS A 35 3.86 14.37 1.13
C HIS A 35 4.18 12.92 0.76
N THR A 36 3.56 11.98 1.41
CA THR A 36 3.82 10.55 1.08
C THR A 36 2.50 9.80 0.87
N ALA A 37 2.27 9.28 -0.30
CA ALA A 37 1.00 8.55 -0.56
C ALA A 37 0.69 7.63 0.62
N LYS A 38 -0.54 7.28 0.81
CA LYS A 38 -0.90 6.39 1.95
C LYS A 38 -2.03 5.43 1.57
N VAL A 39 -2.14 4.33 2.27
CA VAL A 39 -3.22 3.35 1.97
C VAL A 39 -4.27 3.41 3.07
N HIS A 40 -5.53 3.47 2.72
CA HIS A 40 -6.58 3.53 3.77
C HIS A 40 -7.37 2.22 3.85
N LEU A 41 -7.11 1.43 4.84
CA LEU A 41 -7.84 0.14 5.00
C LEU A 41 -8.68 0.20 6.27
N LYS A 42 -9.90 -0.27 6.22
CA LYS A 42 -10.74 -0.22 7.44
C LYS A 42 -11.45 -1.56 7.70
N CYS A 43 -11.64 -1.90 8.94
CA CYS A 43 -12.32 -3.19 9.28
C CYS A 43 -13.24 -2.97 10.48
N ALA A 44 -14.25 -3.78 10.63
CA ALA A 44 -15.17 -3.61 11.79
C ALA A 44 -14.60 -4.29 13.03
N PRO A 45 -15.32 -4.18 14.12
CA PRO A 45 -14.89 -4.79 15.39
C PRO A 45 -14.99 -6.32 15.32
N GLY A 46 -14.17 -7.02 16.04
CA GLY A 46 -14.23 -8.51 15.99
C GLY A 46 -13.70 -9.00 14.64
N GLN A 47 -13.23 -8.09 13.81
CA GLN A 47 -12.71 -8.48 12.48
C GLN A 47 -11.26 -7.99 12.33
N THR A 48 -10.33 -8.88 12.18
CA THR A 48 -8.90 -8.45 12.02
C THR A 48 -8.29 -9.08 10.77
N ILE A 49 -7.38 -8.39 10.14
CA ILE A 49 -6.75 -8.95 8.91
C ILE A 49 -6.03 -10.27 9.24
N SER A 50 -6.46 -11.35 8.66
CA SER A 50 -5.80 -12.66 8.96
C SER A 50 -4.96 -13.12 7.76
N ALA A 51 -4.97 -12.40 6.68
CA ALA A 51 -4.16 -12.83 5.51
C ALA A 51 -4.11 -11.75 4.42
N ILE A 52 -2.95 -11.49 3.87
CA ILE A 52 -2.84 -10.46 2.81
C ILE A 52 -3.16 -11.09 1.46
N LYS A 53 -4.06 -10.50 0.71
CA LYS A 53 -4.42 -11.09 -0.61
C LYS A 53 -3.35 -10.74 -1.67
N PHE A 54 -2.81 -9.55 -1.62
CA PHE A 54 -1.78 -9.18 -2.64
C PHE A 54 -1.10 -7.86 -2.25
N ALA A 55 0.12 -7.70 -2.63
CA ALA A 55 0.87 -6.45 -2.30
C ALA A 55 2.11 -6.33 -3.18
N SER A 56 2.27 -5.24 -3.86
CA SER A 56 3.48 -5.09 -4.74
C SER A 56 3.82 -3.62 -4.93
N PHE A 57 5.02 -3.25 -4.59
CA PHE A 57 5.44 -1.82 -4.75
C PHE A 57 6.21 -1.65 -6.06
N GLY A 58 5.51 -1.49 -7.16
CA GLY A 58 6.19 -1.32 -8.46
C GLY A 58 5.16 -1.19 -9.58
N THR A 59 5.20 -2.06 -10.55
CA THR A 59 4.22 -1.98 -11.67
C THR A 59 3.30 -3.21 -11.67
N PRO A 60 2.14 -3.03 -11.08
CA PRO A 60 1.16 -4.13 -11.00
C PRO A 60 0.41 -4.28 -12.33
N LEU A 61 -0.44 -5.26 -12.44
CA LEU A 61 -1.20 -5.46 -13.71
C LEU A 61 -2.66 -5.84 -13.40
N GLY A 62 -3.57 -4.92 -13.58
CA GLY A 62 -5.00 -5.24 -13.29
C GLY A 62 -5.40 -4.63 -11.95
N THR A 63 -6.61 -4.86 -11.51
CA THR A 63 -7.06 -4.29 -10.21
C THR A 63 -7.69 -5.40 -9.35
N CYS A 64 -8.42 -5.03 -8.35
CA CYS A 64 -9.06 -6.06 -7.48
C CYS A 64 -9.99 -6.95 -8.31
N GLY A 65 -9.68 -8.21 -8.41
CA GLY A 65 -10.53 -9.14 -9.20
C GLY A 65 -9.62 -10.05 -10.02
N THR A 66 -8.60 -9.50 -10.62
CA THR A 66 -7.66 -10.31 -11.43
C THR A 66 -6.26 -9.69 -11.36
N PHE A 67 -5.90 -9.20 -10.20
CA PHE A 67 -4.54 -8.57 -10.03
C PHE A 67 -3.44 -9.50 -10.56
N GLN A 68 -2.22 -9.03 -10.55
CA GLN A 68 -1.09 -9.86 -11.05
C GLN A 68 0.23 -9.28 -10.51
N GLN A 69 1.32 -9.99 -10.69
CA GLN A 69 2.63 -9.47 -10.18
C GLN A 69 3.29 -8.60 -11.24
N GLY A 70 2.53 -8.09 -12.17
CA GLY A 70 3.12 -7.23 -13.23
C GLY A 70 4.44 -7.83 -13.72
N GLU A 71 5.50 -7.07 -13.66
CA GLU A 71 6.81 -7.60 -14.13
C GLU A 71 7.90 -7.28 -13.10
N CYS A 72 7.77 -6.18 -12.40
CA CYS A 72 8.80 -5.81 -11.38
C CYS A 72 8.22 -5.92 -9.97
N HIS A 73 8.99 -6.42 -9.05
CA HIS A 73 8.49 -6.56 -7.65
C HIS A 73 9.65 -6.41 -6.66
N SER A 74 9.43 -5.76 -5.55
CA SER A 74 10.51 -5.58 -4.54
C SER A 74 10.64 -6.84 -3.68
N ILE A 75 9.98 -7.90 -4.03
CA ILE A 75 10.06 -9.16 -3.22
C ILE A 75 9.91 -8.83 -1.74
N ASN A 76 9.30 -7.72 -1.41
CA ASN A 76 9.12 -7.35 0.01
C ASN A 76 7.84 -6.52 0.18
N SER A 77 6.97 -6.57 -0.80
CA SER A 77 5.71 -5.79 -0.71
C SER A 77 4.68 -6.54 0.13
N ASN A 78 4.73 -7.84 0.13
CA ASN A 78 3.76 -8.63 0.94
C ASN A 78 4.26 -8.80 2.37
N SER A 79 5.49 -8.47 2.63
CA SER A 79 6.03 -8.62 4.01
C SER A 79 5.74 -7.35 4.84
N VAL A 80 5.51 -6.25 4.17
CA VAL A 80 5.23 -4.99 4.91
C VAL A 80 3.81 -5.04 5.51
N LEU A 81 2.86 -5.52 4.77
CA LEU A 81 1.47 -5.60 5.31
C LEU A 81 1.34 -6.74 6.32
N GLU A 82 1.94 -7.86 6.03
CA GLU A 82 1.86 -9.02 6.97
C GLU A 82 2.74 -8.77 8.21
N ARG A 83 3.67 -7.85 8.13
CA ARG A 83 4.55 -7.58 9.30
C ARG A 83 3.93 -6.49 10.21
N LYS A 84 3.16 -5.60 9.65
CA LYS A 84 2.52 -4.54 10.51
C LYS A 84 1.00 -4.57 10.39
N CYS A 85 0.49 -4.76 9.21
CA CYS A 85 -1.00 -4.80 9.03
C CYS A 85 -1.54 -6.21 9.28
N ILE A 86 -1.50 -6.66 10.51
CA ILE A 86 -2.01 -8.03 10.81
C ILE A 86 -2.58 -8.09 12.24
N GLY A 87 -3.82 -8.44 12.37
CA GLY A 87 -4.44 -8.52 13.73
C GLY A 87 -4.93 -7.14 14.16
N LEU A 88 -5.20 -6.27 13.22
CA LEU A 88 -5.69 -4.91 13.59
C LEU A 88 -7.05 -4.62 12.92
N GLU A 89 -7.88 -3.85 13.58
CA GLU A 89 -9.22 -3.53 12.99
C GLU A 89 -9.09 -2.36 12.01
N ARG A 90 -7.89 -1.86 11.81
CA ARG A 90 -7.69 -0.73 10.88
C ARG A 90 -6.25 -0.77 10.36
N CYS A 91 -5.98 -0.13 9.25
CA CYS A 91 -4.57 -0.16 8.73
C CYS A 91 -4.27 1.06 7.85
N VAL A 92 -3.07 1.55 7.92
CA VAL A 92 -2.67 2.73 7.10
C VAL A 92 -1.14 2.72 6.90
N VAL A 93 -0.70 2.47 5.71
CA VAL A 93 0.78 2.44 5.46
C VAL A 93 1.21 3.67 4.64
N ALA A 94 2.08 4.46 5.19
CA ALA A 94 2.56 5.67 4.46
C ALA A 94 3.59 5.29 3.40
N ILE A 95 3.14 4.88 2.24
CA ILE A 95 4.09 4.48 1.16
C ILE A 95 5.30 5.42 1.14
N SER A 96 6.46 4.88 0.87
CA SER A 96 7.68 5.73 0.83
C SER A 96 8.77 5.06 -0.01
N PRO A 97 9.86 5.75 -0.19
CA PRO A 97 10.98 5.22 -0.98
C PRO A 97 11.72 4.09 -0.25
N SER A 98 12.45 4.42 0.79
CA SER A 98 13.19 3.36 1.55
C SER A 98 12.29 2.74 2.63
N ASN A 99 11.04 2.55 2.34
CA ASN A 99 10.13 1.94 3.36
C ASN A 99 9.95 0.45 3.08
N PHE A 100 9.95 0.06 1.83
CA PHE A 100 9.78 -1.38 1.50
C PHE A 100 11.14 -2.02 1.20
N GLY A 101 11.97 -1.34 0.45
CA GLY A 101 13.31 -1.91 0.12
C GLY A 101 14.21 -0.80 -0.44
N GLY A 102 13.66 0.09 -1.22
CA GLY A 102 14.47 1.19 -1.80
C GLY A 102 14.14 1.35 -3.28
N ASP A 103 14.91 0.76 -4.14
CA ASP A 103 14.64 0.89 -5.60
C ASP A 103 15.10 -0.38 -6.34
N PRO A 104 14.21 -1.35 -6.39
CA PRO A 104 14.53 -2.62 -7.07
C PRO A 104 14.56 -2.41 -8.59
N CYS A 105 13.55 -1.80 -9.14
CA CYS A 105 13.53 -1.58 -10.61
C CYS A 105 14.44 -0.39 -10.96
N PRO A 106 15.08 -0.49 -12.10
CA PRO A 106 15.99 0.57 -12.56
C PRO A 106 15.21 1.81 -13.08
N GLU A 107 15.37 2.92 -12.41
CA GLU A 107 14.67 4.17 -12.83
C GLU A 107 13.27 3.90 -13.39
N VAL A 108 12.59 2.94 -12.83
CA VAL A 108 11.21 2.63 -13.35
C VAL A 108 10.17 3.46 -12.57
N MET A 109 8.97 3.55 -13.08
CA MET A 109 7.93 4.34 -12.37
C MET A 109 7.63 3.71 -11.01
N LYS A 110 6.59 4.16 -10.35
CA LYS A 110 6.25 3.59 -9.02
C LYS A 110 4.73 3.48 -8.84
N ARG A 111 4.28 2.64 -7.97
CA ARG A 111 2.81 2.48 -7.73
C ARG A 111 2.57 1.63 -6.48
N VAL A 112 1.40 1.69 -5.90
CA VAL A 112 1.14 0.88 -4.67
C VAL A 112 -0.22 0.17 -4.75
N ALA A 113 -0.22 -1.11 -4.96
CA ALA A 113 -1.50 -1.87 -5.04
C ALA A 113 -1.57 -2.86 -3.88
N VAL A 114 -2.50 -2.69 -2.98
CA VAL A 114 -2.59 -3.63 -1.83
C VAL A 114 -4.00 -4.24 -1.71
N GLU A 115 -4.08 -5.35 -1.05
CA GLU A 115 -5.39 -6.04 -0.85
C GLU A 115 -5.35 -6.75 0.49
N ALA A 116 -6.44 -6.79 1.21
CA ALA A 116 -6.41 -7.48 2.54
C ALA A 116 -7.69 -8.28 2.80
N VAL A 117 -7.59 -9.28 3.63
CA VAL A 117 -8.76 -10.13 3.97
C VAL A 117 -9.13 -9.92 5.44
N CYS A 118 -10.25 -9.31 5.71
CA CYS A 118 -10.64 -9.09 7.13
C CYS A 118 -11.80 -10.00 7.54
N SER A 119 -11.59 -10.81 8.54
CA SER A 119 -12.66 -11.74 8.99
C SER A 119 -12.65 -11.82 10.52
N THR A 120 -11.61 -12.38 11.09
CA THR A 120 -11.54 -12.50 12.58
C THR A 120 -10.42 -13.47 12.97
N ALA A 121 -10.01 -13.45 14.21
CA ALA A 121 -8.93 -14.39 14.65
C ALA A 121 -9.42 -15.83 14.62
N ALA A 122 -9.35 -16.48 13.49
CA ALA A 122 -9.83 -17.88 13.40
C ALA A 122 -8.85 -18.72 12.57
N ARG A 5 -22.29 -15.99 6.79
CA ARG A 5 -21.75 -14.65 7.19
C ARG A 5 -20.22 -14.69 7.23
N THR A 6 -19.58 -14.73 6.09
CA THR A 6 -18.09 -14.77 6.08
C THR A 6 -17.56 -13.73 5.10
N VAL A 7 -16.42 -13.15 5.41
CA VAL A 7 -15.85 -12.12 4.50
C VAL A 7 -14.33 -12.31 4.38
N SER A 8 -13.73 -11.78 3.35
CA SER A 8 -12.26 -11.93 3.17
C SER A 8 -11.82 -11.29 1.85
N GLY A 9 -12.29 -10.10 1.58
CA GLY A 9 -11.88 -9.43 0.31
C GLY A 9 -11.72 -7.92 0.54
N VAL A 10 -10.54 -7.51 0.91
CA VAL A 10 -10.32 -6.05 1.14
C VAL A 10 -9.46 -5.48 0.01
N CYS A 11 -9.43 -4.19 -0.15
CA CYS A 11 -8.60 -3.62 -1.24
C CYS A 11 -8.22 -2.17 -0.94
N ALA A 12 -7.17 -1.70 -1.55
CA ALA A 12 -6.72 -0.30 -1.32
C ALA A 12 -5.63 0.05 -2.34
N ASP A 13 -5.96 0.80 -3.35
CA ASP A 13 -4.94 1.17 -4.37
C ASP A 13 -4.64 2.67 -4.32
N VAL A 14 -3.40 3.04 -4.38
CA VAL A 14 -3.05 4.50 -4.34
C VAL A 14 -1.67 4.72 -5.00
N SER A 15 -1.64 5.46 -6.07
CA SER A 15 -0.33 5.71 -6.75
C SER A 15 0.65 6.39 -5.78
N GLU A 16 1.91 6.44 -6.12
CA GLU A 16 2.90 7.08 -5.21
C GLU A 16 3.44 8.37 -5.86
N TYR A 17 3.80 9.33 -5.05
CA TYR A 17 4.32 10.61 -5.60
C TYR A 17 5.83 10.76 -5.28
N HIS A 18 6.23 11.87 -4.71
CA HIS A 18 7.66 12.07 -4.37
C HIS A 18 8.53 11.87 -5.60
N PRO A 19 8.29 12.69 -6.59
CA PRO A 19 9.06 12.62 -7.85
C PRO A 19 10.46 13.18 -7.66
N ASN A 20 11.47 12.35 -7.67
CA ASN A 20 12.87 12.85 -7.50
C ASN A 20 13.06 14.14 -8.30
N ILE A 21 13.57 15.17 -7.69
CA ILE A 21 13.79 16.45 -8.42
C ILE A 21 15.28 16.76 -8.55
N LYS A 22 15.66 17.37 -9.65
CA LYS A 22 17.10 17.72 -9.85
C LYS A 22 17.30 19.20 -9.60
N ASN A 23 18.07 19.57 -8.61
CA ASN A 23 18.28 21.01 -8.33
C ASN A 23 16.95 21.65 -7.98
N TRP A 24 16.48 21.44 -6.77
CA TRP A 24 15.17 22.02 -6.32
C TRP A 24 14.90 23.36 -6.99
N GLN A 25 15.75 24.33 -6.76
CA GLN A 25 15.54 25.67 -7.38
C GLN A 25 14.15 26.21 -7.02
N ILE A 26 13.87 26.35 -5.75
CA ILE A 26 12.54 26.87 -5.33
C ILE A 26 12.71 28.08 -4.41
N GLU A 27 11.78 29.01 -4.44
CA GLU A 27 11.90 30.21 -3.57
C GLU A 27 11.86 29.80 -2.08
N SER A 28 10.74 29.32 -1.62
CA SER A 28 10.64 28.91 -0.20
C SER A 28 11.48 27.64 0.04
N TYR A 29 12.13 27.55 1.16
CA TYR A 29 12.95 26.33 1.45
C TYR A 29 12.26 25.46 2.49
N GLY A 30 12.38 24.16 2.37
CA GLY A 30 11.73 23.25 3.35
C GLY A 30 10.22 23.24 3.13
N GLU A 31 9.61 22.09 3.23
CA GLU A 31 8.14 22.01 3.03
C GLU A 31 7.61 20.67 3.58
N PRO A 32 7.66 20.56 4.87
CA PRO A 32 7.18 19.33 5.54
C PRO A 32 5.65 19.26 5.52
N GLU A 33 5.09 18.35 4.76
CA GLU A 33 3.60 18.24 4.70
C GLU A 33 3.20 17.14 3.72
N PHE A 34 3.19 17.43 2.45
CA PHE A 34 2.80 16.40 1.44
C PHE A 34 4.02 16.01 0.60
N HIS A 35 4.46 14.78 0.67
CA HIS A 35 5.64 14.35 -0.13
C HIS A 35 5.32 13.08 -0.92
N THR A 36 5.16 11.97 -0.25
CA THR A 36 4.84 10.71 -0.97
C THR A 36 3.35 10.38 -0.86
N ALA A 37 2.96 9.21 -1.27
CA ALA A 37 1.52 8.83 -1.19
C ALA A 37 1.33 7.73 -0.14
N LYS A 38 0.13 7.54 0.33
CA LYS A 38 -0.11 6.48 1.34
C LYS A 38 -1.31 5.60 0.94
N VAL A 39 -1.42 4.45 1.52
CA VAL A 39 -2.56 3.55 1.17
C VAL A 39 -3.55 3.53 2.34
N HIS A 40 -4.83 3.47 2.05
CA HIS A 40 -5.83 3.44 3.15
C HIS A 40 -6.55 2.10 3.21
N LEU A 41 -6.45 1.43 4.33
CA LEU A 41 -7.12 0.10 4.46
C LEU A 41 -7.99 0.11 5.73
N LYS A 42 -9.15 -0.48 5.69
CA LYS A 42 -10.01 -0.48 6.92
C LYS A 42 -11.04 -1.62 6.86
N CYS A 43 -11.39 -2.16 8.00
CA CYS A 43 -12.38 -3.27 8.04
C CYS A 43 -13.54 -2.89 8.96
N ALA A 44 -14.58 -3.66 8.99
CA ALA A 44 -15.74 -3.34 9.87
C ALA A 44 -15.36 -3.53 11.34
N PRO A 45 -16.09 -2.88 12.20
CA PRO A 45 -15.83 -2.98 13.64
C PRO A 45 -16.24 -4.36 14.16
N GLY A 46 -15.38 -5.03 14.88
CA GLY A 46 -15.72 -6.37 15.40
C GLY A 46 -14.85 -7.42 14.71
N GLN A 47 -14.40 -7.13 13.52
CA GLN A 47 -13.55 -8.10 12.79
C GLN A 47 -12.10 -7.60 12.76
N THR A 48 -11.19 -8.41 12.29
CA THR A 48 -9.76 -7.97 12.23
C THR A 48 -9.02 -8.71 11.12
N ILE A 49 -8.05 -8.07 10.52
CA ILE A 49 -7.28 -8.74 9.43
C ILE A 49 -6.53 -9.94 10.00
N SER A 50 -6.37 -10.98 9.22
CA SER A 50 -5.64 -12.16 9.75
C SER A 50 -4.65 -12.70 8.70
N ALA A 51 -4.58 -12.10 7.55
CA ALA A 51 -3.62 -12.60 6.53
C ALA A 51 -3.65 -11.75 5.26
N ILE A 52 -2.53 -11.62 4.59
CA ILE A 52 -2.48 -10.82 3.34
C ILE A 52 -2.35 -11.77 2.14
N LYS A 53 -3.10 -11.53 1.09
CA LYS A 53 -3.00 -12.43 -0.09
C LYS A 53 -2.29 -11.76 -1.26
N PHE A 54 -1.98 -10.50 -1.16
CA PHE A 54 -1.28 -9.83 -2.30
C PHE A 54 -0.52 -8.58 -1.83
N ALA A 55 0.39 -8.12 -2.64
CA ALA A 55 1.19 -6.91 -2.27
C ALA A 55 2.34 -6.76 -3.27
N SER A 56 2.32 -5.74 -4.08
CA SER A 56 3.41 -5.54 -5.05
C SER A 56 3.78 -4.06 -5.18
N PHE A 57 5.00 -3.73 -4.89
CA PHE A 57 5.44 -2.31 -4.98
C PHE A 57 6.07 -2.06 -6.36
N GLY A 58 5.31 -1.56 -7.30
CA GLY A 58 5.88 -1.30 -8.65
C GLY A 58 4.76 -1.02 -9.65
N THR A 59 4.53 -1.91 -10.58
CA THR A 59 3.43 -1.68 -11.57
C THR A 59 2.36 -2.77 -11.46
N PRO A 60 1.28 -2.41 -10.83
CA PRO A 60 0.16 -3.35 -10.64
C PRO A 60 -0.74 -3.35 -11.88
N LEU A 61 -1.70 -4.23 -11.92
CA LEU A 61 -2.61 -4.27 -13.11
C LEU A 61 -4.02 -4.66 -12.66
N GLY A 62 -4.96 -3.76 -12.77
CA GLY A 62 -6.35 -4.07 -12.36
C GLY A 62 -6.74 -3.21 -11.15
N THR A 63 -7.71 -3.64 -10.39
CA THR A 63 -8.12 -2.82 -9.20
C THR A 63 -8.33 -3.73 -7.98
N CYS A 64 -9.17 -4.73 -8.11
CA CYS A 64 -9.42 -5.65 -6.95
C CYS A 64 -9.93 -7.00 -7.45
N GLY A 65 -9.12 -8.03 -7.37
CA GLY A 65 -9.56 -9.37 -7.83
C GLY A 65 -8.78 -9.78 -9.08
N THR A 66 -8.09 -8.86 -9.70
CA THR A 66 -7.30 -9.19 -10.91
C THR A 66 -5.93 -8.52 -10.87
N PHE A 67 -5.40 -8.31 -9.69
CA PHE A 67 -4.05 -7.66 -9.59
C PHE A 67 -2.98 -8.60 -10.14
N GLN A 68 -2.22 -8.14 -11.09
CA GLN A 68 -1.15 -9.01 -11.67
C GLN A 68 0.19 -8.27 -11.70
N GLN A 69 1.22 -8.88 -11.21
CA GLN A 69 2.55 -8.20 -11.21
C GLN A 69 2.97 -7.87 -12.63
N GLY A 70 2.87 -6.63 -13.02
CA GLY A 70 3.26 -6.24 -14.40
C GLY A 70 4.59 -6.90 -14.77
N GLU A 71 5.64 -6.59 -14.05
CA GLU A 71 6.96 -7.20 -14.36
C GLU A 71 7.98 -6.86 -13.28
N CYS A 72 7.88 -5.70 -12.70
CA CYS A 72 8.84 -5.30 -11.62
C CYS A 72 8.25 -5.59 -10.24
N HIS A 73 9.09 -5.78 -9.26
CA HIS A 73 8.58 -6.06 -7.88
C HIS A 73 9.71 -5.88 -6.86
N SER A 74 9.38 -5.78 -5.60
CA SER A 74 10.42 -5.61 -4.56
C SER A 74 10.72 -6.95 -3.87
N ILE A 75 9.94 -7.96 -4.15
CA ILE A 75 10.15 -9.30 -3.51
C ILE A 75 9.91 -9.23 -2.00
N ASN A 76 9.37 -8.14 -1.54
CA ASN A 76 9.11 -7.99 -0.07
C ASN A 76 7.92 -7.06 0.15
N SER A 77 6.99 -7.06 -0.77
CA SER A 77 5.79 -6.17 -0.63
C SER A 77 4.89 -6.61 0.54
N ASN A 78 4.54 -7.87 0.59
CA ASN A 78 3.66 -8.36 1.70
C ASN A 78 4.43 -8.49 3.02
N SER A 79 5.74 -8.52 2.98
CA SER A 79 6.52 -8.65 4.25
C SER A 79 6.20 -7.50 5.21
N VAL A 80 5.72 -6.40 4.69
CA VAL A 80 5.39 -5.23 5.59
C VAL A 80 3.92 -5.26 6.01
N LEU A 81 3.09 -5.98 5.32
CA LEU A 81 1.65 -6.04 5.69
C LEU A 81 1.38 -7.14 6.72
N GLU A 82 2.24 -8.13 6.80
CA GLU A 82 2.02 -9.23 7.79
C GLU A 82 2.44 -8.79 9.20
N ARG A 83 3.39 -7.91 9.32
CA ARG A 83 3.84 -7.45 10.66
C ARG A 83 3.07 -6.20 11.13
N LYS A 84 2.45 -5.49 10.22
CA LYS A 84 1.70 -4.26 10.66
C LYS A 84 0.27 -4.26 10.09
N CYS A 85 -0.47 -5.31 10.29
CA CYS A 85 -1.87 -5.33 9.78
C CYS A 85 -2.69 -6.43 10.46
N ILE A 86 -2.12 -7.59 10.60
CA ILE A 86 -2.87 -8.70 11.27
C ILE A 86 -2.99 -8.44 12.78
N GLY A 87 -4.17 -8.10 13.24
CA GLY A 87 -4.34 -7.83 14.69
C GLY A 87 -4.88 -6.41 14.90
N LEU A 88 -5.25 -5.75 13.83
CA LEU A 88 -5.77 -4.35 13.98
C LEU A 88 -7.03 -4.16 13.11
N GLU A 89 -7.97 -3.38 13.58
CA GLU A 89 -9.22 -3.16 12.79
C GLU A 89 -8.91 -2.30 11.56
N ARG A 90 -7.92 -1.45 11.67
CA ARG A 90 -7.56 -0.58 10.50
C ARG A 90 -6.10 -0.79 10.13
N CYS A 91 -5.72 -0.43 8.94
CA CYS A 91 -4.30 -0.60 8.52
C CYS A 91 -3.86 0.54 7.60
N VAL A 92 -2.77 1.18 7.89
CA VAL A 92 -2.30 2.30 7.02
C VAL A 92 -0.85 2.06 6.60
N VAL A 93 -0.62 1.74 5.37
CA VAL A 93 0.77 1.50 4.90
C VAL A 93 1.22 2.62 3.96
N ALA A 94 2.11 3.46 4.41
CA ALA A 94 2.59 4.58 3.54
C ALA A 94 3.52 4.04 2.46
N ILE A 95 3.83 4.84 1.48
CA ILE A 95 4.75 4.37 0.41
C ILE A 95 5.97 5.28 0.31
N SER A 96 7.13 4.70 0.27
CA SER A 96 8.37 5.52 0.18
C SER A 96 9.60 4.59 0.10
N PRO A 97 10.74 5.19 -0.10
CA PRO A 97 11.99 4.41 -0.19
C PRO A 97 12.51 4.04 1.21
N SER A 98 11.71 4.22 2.22
CA SER A 98 12.17 3.87 3.59
C SER A 98 11.14 2.96 4.30
N ASN A 99 10.10 2.59 3.61
CA ASN A 99 9.08 1.71 4.24
C ASN A 99 9.33 0.24 3.87
N PHE A 100 9.79 0.00 2.67
CA PHE A 100 10.06 -1.41 2.25
C PHE A 100 11.56 -1.69 2.27
N GLY A 101 12.31 -1.10 1.38
CA GLY A 101 13.78 -1.34 1.35
C GLY A 101 14.36 -0.79 0.05
N GLY A 102 14.08 0.45 -0.26
CA GLY A 102 14.63 1.04 -1.52
C GLY A 102 13.62 0.84 -2.65
N ASP A 103 13.93 1.34 -3.83
CA ASP A 103 12.99 1.17 -4.98
C ASP A 103 13.61 0.25 -6.05
N PRO A 104 12.86 -0.73 -6.45
CA PRO A 104 13.34 -1.69 -7.47
C PRO A 104 13.15 -1.12 -8.88
N CYS A 105 12.00 -0.59 -9.19
CA CYS A 105 11.77 -0.04 -10.56
C CYS A 105 11.55 1.48 -10.51
N PRO A 106 12.63 2.21 -10.69
CA PRO A 106 12.56 3.67 -10.67
C PRO A 106 12.27 4.22 -12.08
N GLU A 107 11.83 5.45 -12.18
CA GLU A 107 11.54 6.03 -13.53
C GLU A 107 10.34 5.33 -14.17
N VAL A 108 9.57 4.61 -13.41
CA VAL A 108 8.38 3.91 -13.99
C VAL A 108 7.12 4.27 -13.20
N MET A 109 5.98 4.30 -13.85
CA MET A 109 4.73 4.63 -13.12
C MET A 109 4.69 3.93 -11.76
N LYS A 110 4.88 4.65 -10.70
CA LYS A 110 4.87 4.02 -9.35
C LYS A 110 3.44 3.84 -8.84
N ARG A 111 3.02 2.62 -8.67
CA ARG A 111 1.64 2.36 -8.18
C ARG A 111 1.70 1.27 -7.10
N VAL A 112 1.04 1.47 -6.01
CA VAL A 112 1.08 0.44 -4.93
C VAL A 112 -0.27 -0.27 -4.80
N ALA A 113 -0.25 -1.57 -4.78
CA ALA A 113 -1.53 -2.34 -4.66
C ALA A 113 -1.41 -3.35 -3.53
N VAL A 114 -2.41 -3.47 -2.69
CA VAL A 114 -2.33 -4.44 -1.57
C VAL A 114 -3.74 -4.91 -1.16
N GLU A 115 -3.93 -6.20 -1.11
CA GLU A 115 -5.28 -6.73 -0.71
C GLU A 115 -5.18 -7.40 0.67
N ALA A 116 -6.10 -7.10 1.55
CA ALA A 116 -6.06 -7.71 2.90
C ALA A 116 -7.20 -8.71 3.08
N VAL A 117 -7.04 -9.67 3.95
CA VAL A 117 -8.11 -10.67 4.18
C VAL A 117 -8.77 -10.43 5.55
N CYS A 118 -9.98 -9.95 5.57
CA CYS A 118 -10.66 -9.69 6.87
C CYS A 118 -11.78 -10.72 7.10
N SER A 119 -12.01 -11.09 8.33
CA SER A 119 -13.08 -12.09 8.62
C SER A 119 -13.56 -11.94 10.07
N THR A 120 -14.64 -12.58 10.41
CA THR A 120 -15.15 -12.48 11.83
C THR A 120 -14.18 -13.17 12.79
N ALA A 121 -14.22 -12.79 14.04
CA ALA A 121 -13.32 -13.42 15.04
C ALA A 121 -14.07 -13.68 16.35
N ALA A 122 -14.67 -14.83 16.48
CA ALA A 122 -15.42 -15.14 17.73
C ALA A 122 -15.79 -16.63 17.77
N ARG A 5 -23.61 -13.87 4.44
CA ARG A 5 -23.33 -12.40 4.53
C ARG A 5 -22.09 -12.15 5.38
N THR A 6 -20.95 -12.01 4.76
CA THR A 6 -19.71 -11.77 5.53
C THR A 6 -19.03 -10.48 5.06
N VAL A 7 -18.39 -9.77 5.95
CA VAL A 7 -17.71 -8.50 5.53
C VAL A 7 -16.23 -8.77 5.24
N SER A 8 -15.95 -9.35 4.11
CA SER A 8 -14.52 -9.63 3.76
C SER A 8 -14.23 -9.26 2.30
N GLY A 9 -13.21 -8.49 2.06
CA GLY A 9 -12.87 -8.09 0.66
C GLY A 9 -12.61 -6.59 0.60
N VAL A 10 -11.47 -6.16 1.08
CA VAL A 10 -11.15 -4.71 1.04
C VAL A 10 -10.05 -4.44 0.02
N CYS A 11 -10.08 -3.30 -0.62
CA CYS A 11 -9.03 -2.98 -1.62
C CYS A 11 -8.27 -1.71 -1.22
N ALA A 12 -7.03 -1.61 -1.63
CA ALA A 12 -6.24 -0.40 -1.27
C ALA A 12 -5.35 -0.01 -2.46
N ASP A 13 -5.74 1.01 -3.18
CA ASP A 13 -4.92 1.44 -4.35
C ASP A 13 -4.63 2.93 -4.25
N VAL A 14 -3.39 3.32 -4.36
CA VAL A 14 -3.05 4.76 -4.27
C VAL A 14 -1.87 5.10 -5.17
N SER A 15 -1.97 6.17 -5.92
CA SER A 15 -0.84 6.55 -6.83
C SER A 15 0.36 7.00 -6.00
N GLU A 16 1.54 6.64 -6.41
CA GLU A 16 2.76 7.04 -5.65
C GLU A 16 3.28 8.40 -6.14
N TYR A 17 3.70 9.24 -5.24
CA TYR A 17 4.24 10.58 -5.66
C TYR A 17 5.76 10.54 -5.70
N HIS A 18 6.35 10.90 -6.80
CA HIS A 18 7.84 10.87 -6.90
C HIS A 18 8.46 11.46 -5.62
N PRO A 19 9.74 11.25 -5.48
CA PRO A 19 10.47 11.76 -4.31
C PRO A 19 10.86 13.24 -4.48
N ASN A 20 11.47 13.60 -5.58
CA ASN A 20 11.86 15.03 -5.78
C ASN A 20 12.04 15.37 -7.27
N ILE A 21 11.23 16.25 -7.79
CA ILE A 21 11.35 16.62 -9.24
C ILE A 21 10.78 18.02 -9.47
N LYS A 22 10.60 18.80 -8.43
CA LYS A 22 10.04 20.18 -8.60
C LYS A 22 8.82 20.14 -9.55
N ASN A 23 9.02 20.46 -10.80
CA ASN A 23 7.87 20.46 -11.76
C ASN A 23 8.03 19.33 -12.78
N TRP A 24 6.96 18.70 -13.17
CA TRP A 24 7.05 17.59 -14.16
C TRP A 24 7.30 18.17 -15.56
N GLN A 25 6.99 17.42 -16.58
CA GLN A 25 7.21 17.93 -17.97
C GLN A 25 6.33 19.17 -18.22
N ILE A 26 6.92 20.23 -18.71
CA ILE A 26 6.12 21.47 -18.97
C ILE A 26 5.47 21.39 -20.36
N GLU A 27 4.23 21.00 -20.43
CA GLU A 27 3.54 20.91 -21.75
C GLU A 27 2.05 20.63 -21.56
N SER A 28 1.69 19.86 -20.57
CA SER A 28 0.25 19.55 -20.34
C SER A 28 0.06 18.83 -19.01
N TYR A 29 0.56 19.39 -17.94
CA TYR A 29 0.41 18.72 -16.61
C TYR A 29 -0.33 19.64 -15.63
N GLY A 30 -0.59 19.17 -14.43
CA GLY A 30 -1.30 20.01 -13.44
C GLY A 30 -1.70 19.16 -12.24
N GLU A 31 -0.74 18.55 -11.58
CA GLU A 31 -1.06 17.71 -10.40
C GLU A 31 0.03 17.85 -9.34
N PRO A 32 0.09 19.02 -8.76
CA PRO A 32 1.10 19.30 -7.71
C PRO A 32 0.66 18.68 -6.38
N GLU A 33 0.72 17.38 -6.25
CA GLU A 33 0.32 16.74 -4.97
C GLU A 33 1.20 17.24 -3.82
N PHE A 34 1.32 16.49 -2.76
CA PHE A 34 2.18 16.94 -1.63
C PHE A 34 3.28 15.93 -1.33
N HIS A 35 3.76 15.90 -0.11
CA HIS A 35 4.85 14.93 0.26
C HIS A 35 4.38 13.47 0.16
N THR A 36 4.98 12.71 -0.71
CA THR A 36 4.60 11.27 -0.88
C THR A 36 3.10 11.06 -0.68
N ALA A 37 2.70 9.83 -0.45
CA ALA A 37 1.25 9.53 -0.24
C ALA A 37 1.10 8.46 0.84
N LYS A 38 -0.09 8.10 1.19
CA LYS A 38 -0.28 7.06 2.23
C LYS A 38 -1.39 6.08 1.83
N VAL A 39 -1.47 4.97 2.50
CA VAL A 39 -2.52 3.96 2.17
C VAL A 39 -3.56 3.94 3.30
N HIS A 40 -4.80 3.70 2.98
CA HIS A 40 -5.83 3.69 4.04
C HIS A 40 -6.57 2.35 4.10
N LEU A 41 -6.27 1.54 5.08
CA LEU A 41 -6.94 0.22 5.21
C LEU A 41 -7.70 0.18 6.53
N LYS A 42 -8.94 -0.21 6.53
CA LYS A 42 -9.70 -0.25 7.81
C LYS A 42 -10.91 -1.16 7.71
N CYS A 43 -11.36 -1.66 8.83
CA CYS A 43 -12.54 -2.56 8.84
C CYS A 43 -13.43 -2.23 10.03
N ALA A 44 -14.49 -2.95 10.19
CA ALA A 44 -15.41 -2.68 11.34
C ALA A 44 -14.73 -3.03 12.68
N PRO A 45 -15.27 -2.49 13.73
CA PRO A 45 -14.73 -2.73 15.08
C PRO A 45 -15.06 -4.16 15.53
N GLY A 46 -14.27 -5.10 15.13
CA GLY A 46 -14.52 -6.51 15.52
C GLY A 46 -13.97 -7.41 14.41
N GLN A 47 -13.91 -6.90 13.22
CA GLN A 47 -13.40 -7.71 12.08
C GLN A 47 -11.94 -7.30 11.78
N THR A 48 -11.00 -8.09 12.21
CA THR A 48 -9.57 -7.76 11.95
C THR A 48 -9.02 -8.57 10.78
N ILE A 49 -8.08 -8.03 10.05
CA ILE A 49 -7.50 -8.76 8.88
C ILE A 49 -6.79 -10.04 9.37
N SER A 50 -6.80 -11.08 8.58
CA SER A 50 -6.11 -12.33 9.02
C SER A 50 -5.30 -12.98 7.88
N ALA A 51 -5.52 -12.59 6.65
CA ALA A 51 -4.73 -13.21 5.54
C ALA A 51 -4.42 -12.19 4.44
N ILE A 52 -3.20 -12.21 3.95
CA ILE A 52 -2.81 -11.26 2.86
C ILE A 52 -2.73 -12.02 1.55
N LYS A 53 -3.59 -11.73 0.62
CA LYS A 53 -3.54 -12.45 -0.68
C LYS A 53 -2.49 -11.84 -1.61
N PHE A 54 -2.45 -10.54 -1.71
CA PHE A 54 -1.43 -9.92 -2.61
C PHE A 54 -0.80 -8.68 -1.96
N ALA A 55 0.31 -8.24 -2.49
CA ALA A 55 1.01 -7.05 -1.94
C ALA A 55 2.27 -6.76 -2.74
N SER A 56 2.17 -5.92 -3.74
CA SER A 56 3.38 -5.60 -4.57
C SER A 56 3.60 -4.10 -4.64
N PHE A 57 4.80 -3.66 -4.44
CA PHE A 57 5.08 -2.20 -4.50
C PHE A 57 5.92 -1.88 -5.74
N GLY A 58 5.29 -1.47 -6.81
CA GLY A 58 6.06 -1.14 -8.05
C GLY A 58 5.10 -1.10 -9.25
N THR A 59 5.02 -2.18 -9.99
CA THR A 59 4.10 -2.20 -11.17
C THR A 59 3.27 -3.49 -11.17
N PRO A 60 2.14 -3.41 -10.51
CA PRO A 60 1.24 -4.58 -10.43
C PRO A 60 0.48 -4.78 -11.75
N LEU A 61 -0.19 -5.89 -11.90
CA LEU A 61 -0.95 -6.14 -13.17
C LEU A 61 -2.37 -6.59 -12.85
N GLY A 62 -3.35 -5.81 -13.20
CA GLY A 62 -4.76 -6.20 -12.92
C GLY A 62 -5.47 -5.08 -12.16
N THR A 63 -6.68 -5.30 -11.73
CA THR A 63 -7.42 -4.26 -10.99
C THR A 63 -7.76 -4.74 -9.58
N CYS A 64 -8.60 -4.02 -8.89
CA CYS A 64 -8.97 -4.44 -7.50
C CYS A 64 -9.75 -5.77 -7.54
N GLY A 65 -9.05 -6.88 -7.44
CA GLY A 65 -9.76 -8.18 -7.46
C GLY A 65 -8.81 -9.27 -8.00
N THR A 66 -7.81 -8.89 -8.74
CA THR A 66 -6.87 -9.91 -9.28
C THR A 66 -5.44 -9.34 -9.37
N PHE A 67 -5.05 -8.54 -8.44
CA PHE A 67 -3.67 -7.96 -8.49
C PHE A 67 -2.64 -9.10 -8.60
N GLN A 68 -1.98 -9.20 -9.72
CA GLN A 68 -0.96 -10.28 -9.89
C GLN A 68 0.42 -9.67 -10.14
N GLN A 69 1.46 -10.42 -9.87
CA GLN A 69 2.83 -9.88 -10.09
C GLN A 69 2.96 -9.26 -11.48
N GLY A 70 3.31 -8.00 -11.57
CA GLY A 70 3.43 -7.35 -12.89
C GLY A 70 4.79 -7.70 -13.51
N GLU A 71 5.71 -6.80 -13.49
CA GLU A 71 7.05 -7.08 -14.06
C GLU A 71 8.15 -6.70 -13.07
N CYS A 72 7.96 -5.64 -12.32
CA CYS A 72 8.99 -5.23 -11.34
C CYS A 72 8.52 -5.53 -9.91
N HIS A 73 9.42 -5.87 -9.03
CA HIS A 73 9.03 -6.17 -7.62
C HIS A 73 10.18 -5.79 -6.67
N SER A 74 9.85 -5.31 -5.50
CA SER A 74 10.92 -4.92 -4.52
C SER A 74 11.21 -6.09 -3.57
N ILE A 75 10.91 -7.30 -3.99
CA ILE A 75 11.16 -8.49 -3.13
C ILE A 75 10.90 -8.17 -1.66
N ASN A 76 9.99 -7.27 -1.39
CA ASN A 76 9.68 -6.93 0.03
C ASN A 76 8.28 -6.30 0.14
N SER A 77 7.45 -6.52 -0.85
CA SER A 77 6.08 -5.96 -0.81
C SER A 77 5.11 -6.94 -0.14
N ASN A 78 5.62 -7.89 0.59
CA ASN A 78 4.72 -8.88 1.26
C ASN A 78 5.07 -9.04 2.75
N SER A 79 6.24 -8.63 3.15
CA SER A 79 6.63 -8.77 4.59
C SER A 79 5.97 -7.68 5.44
N VAL A 80 6.15 -6.44 5.05
CA VAL A 80 5.53 -5.32 5.83
C VAL A 80 4.01 -5.48 5.91
N LEU A 81 3.44 -6.25 5.02
CA LEU A 81 1.97 -6.43 5.05
C LEU A 81 1.56 -7.49 6.08
N GLU A 82 1.99 -8.71 5.90
CA GLU A 82 1.62 -9.79 6.86
C GLU A 82 2.04 -9.42 8.30
N ARG A 83 3.11 -8.70 8.47
CA ARG A 83 3.56 -8.33 9.84
C ARG A 83 3.00 -6.96 10.27
N LYS A 84 2.55 -6.15 9.35
CA LYS A 84 2.00 -4.81 9.75
C LYS A 84 0.52 -4.69 9.37
N CYS A 85 -0.25 -5.72 9.60
CA CYS A 85 -1.71 -5.66 9.26
C CYS A 85 -2.48 -6.71 10.06
N ILE A 86 -2.10 -7.94 9.96
CA ILE A 86 -2.82 -9.02 10.70
C ILE A 86 -2.73 -8.76 12.22
N GLY A 87 -3.86 -8.66 12.87
CA GLY A 87 -3.84 -8.41 14.35
C GLY A 87 -4.15 -6.95 14.61
N LEU A 88 -4.60 -6.23 13.62
CA LEU A 88 -4.92 -4.79 13.82
C LEU A 88 -6.23 -4.44 13.12
N GLU A 89 -7.13 -3.80 13.82
CA GLU A 89 -8.44 -3.43 13.21
C GLU A 89 -8.22 -2.36 12.14
N ARG A 90 -7.12 -1.69 12.17
CA ARG A 90 -6.84 -0.63 11.16
C ARG A 90 -5.41 -0.78 10.62
N CYS A 91 -5.26 -0.81 9.33
CA CYS A 91 -3.91 -0.95 8.74
C CYS A 91 -3.50 0.35 8.03
N VAL A 92 -2.40 0.94 8.43
CA VAL A 92 -1.95 2.20 7.78
C VAL A 92 -0.49 2.11 7.38
N VAL A 93 -0.20 2.22 6.11
CA VAL A 93 1.22 2.13 5.66
C VAL A 93 1.52 3.24 4.65
N ALA A 94 2.45 4.09 4.95
CA ALA A 94 2.79 5.19 4.01
C ALA A 94 3.60 4.66 2.83
N ILE A 95 3.42 5.22 1.67
CA ILE A 95 4.18 4.75 0.48
C ILE A 95 5.42 5.62 0.25
N SER A 96 6.59 5.04 0.22
CA SER A 96 7.82 5.85 0.00
C SER A 96 8.97 4.96 -0.49
N PRO A 97 10.03 5.60 -0.90
CA PRO A 97 11.22 4.88 -1.41
C PRO A 97 11.98 4.21 -0.26
N SER A 98 11.53 4.39 0.95
CA SER A 98 12.23 3.77 2.11
C SER A 98 11.21 3.13 3.06
N ASN A 99 10.45 2.19 2.57
CA ASN A 99 9.45 1.52 3.45
C ASN A 99 9.52 0.00 3.29
N PHE A 100 9.68 -0.47 2.09
CA PHE A 100 9.77 -1.95 1.88
C PHE A 100 11.23 -2.39 1.70
N GLY A 101 11.84 -2.02 0.60
CA GLY A 101 13.26 -2.43 0.38
C GLY A 101 13.99 -1.36 -0.44
N GLY A 102 13.48 -0.16 -0.47
CA GLY A 102 14.14 0.91 -1.26
C GLY A 102 13.38 1.15 -2.56
N ASP A 103 14.08 1.21 -3.66
CA ASP A 103 13.40 1.44 -4.97
C ASP A 103 14.06 0.59 -6.06
N PRO A 104 13.37 -0.43 -6.46
CA PRO A 104 13.89 -1.35 -7.51
C PRO A 104 13.84 -0.67 -8.89
N CYS A 105 12.74 -0.79 -9.59
CA CYS A 105 12.63 -0.16 -10.94
C CYS A 105 12.30 1.33 -10.83
N PRO A 106 13.25 2.14 -11.20
CA PRO A 106 13.07 3.61 -11.15
C PRO A 106 12.58 4.13 -12.49
N GLU A 107 12.27 5.40 -12.57
CA GLU A 107 11.78 5.97 -13.86
C GLU A 107 10.62 5.15 -14.44
N VAL A 108 9.82 4.54 -13.59
CA VAL A 108 8.69 3.73 -14.10
C VAL A 108 7.42 4.00 -13.28
N MET A 109 6.42 4.59 -13.88
CA MET A 109 5.17 4.88 -13.12
C MET A 109 4.80 3.68 -12.25
N LYS A 110 5.17 3.71 -11.00
CA LYS A 110 4.84 2.57 -10.11
C LYS A 110 3.78 2.97 -9.07
N ARG A 111 2.85 2.10 -8.81
CA ARG A 111 1.79 2.41 -7.82
C ARG A 111 1.70 1.27 -6.79
N VAL A 112 1.02 1.47 -5.71
CA VAL A 112 0.91 0.40 -4.69
C VAL A 112 -0.49 -0.21 -4.68
N ALA A 113 -0.59 -1.50 -4.77
CA ALA A 113 -1.91 -2.17 -4.77
C ALA A 113 -1.91 -3.27 -3.70
N VAL A 114 -2.92 -3.35 -2.88
CA VAL A 114 -2.93 -4.42 -1.83
C VAL A 114 -4.33 -4.99 -1.64
N GLU A 115 -4.41 -6.22 -1.25
CA GLU A 115 -5.74 -6.88 -1.02
C GLU A 115 -5.73 -7.59 0.33
N ALA A 116 -6.43 -7.07 1.30
CA ALA A 116 -6.45 -7.73 2.64
C ALA A 116 -7.79 -8.40 2.88
N VAL A 117 -7.84 -9.34 3.77
CA VAL A 117 -9.14 -10.03 4.04
C VAL A 117 -9.52 -9.90 5.51
N CYS A 118 -10.43 -9.02 5.82
CA CYS A 118 -10.85 -8.84 7.24
C CYS A 118 -12.34 -9.14 7.37
N SER A 119 -12.73 -9.92 8.34
CA SER A 119 -14.19 -10.23 8.50
C SER A 119 -14.53 -10.47 9.96
N THR A 120 -15.71 -10.98 10.22
CA THR A 120 -16.13 -11.25 11.64
C THR A 120 -15.45 -12.51 12.18
N ALA A 121 -14.87 -12.42 13.33
CA ALA A 121 -14.19 -13.62 13.92
C ALA A 121 -13.40 -14.37 12.85
N ALA A 122 -12.27 -13.85 12.46
CA ALA A 122 -11.46 -14.53 11.41
C ALA A 122 -9.98 -14.12 11.52
N ARG A 5 -18.93 -17.09 10.16
CA ARG A 5 -19.43 -16.90 8.77
C ARG A 5 -19.24 -15.45 8.32
N THR A 6 -18.82 -14.60 9.21
CA THR A 6 -18.61 -13.18 8.82
C THR A 6 -17.28 -13.02 8.08
N VAL A 7 -17.32 -12.50 6.89
CA VAL A 7 -16.07 -12.30 6.11
C VAL A 7 -16.17 -11.06 5.24
N SER A 8 -15.10 -10.67 4.61
CA SER A 8 -15.14 -9.47 3.73
C SER A 8 -13.82 -9.30 2.99
N GLY A 9 -13.78 -8.43 2.01
CA GLY A 9 -12.52 -8.21 1.26
C GLY A 9 -12.32 -6.72 1.02
N VAL A 10 -11.16 -6.20 1.31
CA VAL A 10 -10.92 -4.75 1.09
C VAL A 10 -9.92 -4.54 -0.05
N CYS A 11 -10.29 -3.78 -1.04
CA CYS A 11 -9.37 -3.54 -2.18
C CYS A 11 -8.86 -2.09 -2.14
N ALA A 12 -7.60 -1.89 -1.89
CA ALA A 12 -7.07 -0.50 -1.83
C ALA A 12 -6.08 -0.25 -2.96
N ASP A 13 -6.10 0.93 -3.53
CA ASP A 13 -5.17 1.26 -4.65
C ASP A 13 -4.96 2.77 -4.71
N VAL A 14 -3.75 3.24 -4.53
CA VAL A 14 -3.50 4.70 -4.59
C VAL A 14 -2.35 5.02 -5.54
N SER A 15 -2.38 6.17 -6.15
CA SER A 15 -1.30 6.56 -7.10
C SER A 15 -0.31 7.49 -6.39
N GLU A 16 0.96 7.32 -6.64
CA GLU A 16 1.96 8.20 -5.97
C GLU A 16 1.80 9.65 -6.43
N TYR A 17 1.93 10.60 -5.54
CA TYR A 17 1.78 12.04 -5.92
C TYR A 17 2.35 12.94 -4.83
N HIS A 18 2.76 14.13 -5.18
CA HIS A 18 3.33 15.07 -4.16
C HIS A 18 2.25 16.05 -3.69
N PRO A 19 2.57 16.76 -2.63
CA PRO A 19 1.62 17.74 -2.06
C PRO A 19 1.70 19.07 -2.83
N ASN A 20 2.25 19.07 -4.01
CA ASN A 20 2.33 20.34 -4.79
C ASN A 20 0.97 20.68 -5.41
N ILE A 21 0.31 21.69 -4.90
CA ILE A 21 -1.02 22.07 -5.45
C ILE A 21 -1.14 23.60 -5.55
N LYS A 22 -2.07 24.08 -6.32
CA LYS A 22 -2.23 25.57 -6.47
C LYS A 22 -3.42 26.06 -5.63
N ASN A 23 -4.52 25.36 -5.65
CA ASN A 23 -5.70 25.79 -4.85
C ASN A 23 -5.34 25.86 -3.35
N TRP A 24 -4.22 25.31 -3.00
CA TRP A 24 -3.81 25.33 -1.57
C TRP A 24 -3.33 26.73 -1.18
N GLN A 25 -4.18 27.52 -0.58
CA GLN A 25 -3.77 28.90 -0.18
C GLN A 25 -4.14 29.16 1.30
N ILE A 26 -3.85 28.22 2.17
CA ILE A 26 -4.18 28.40 3.62
C ILE A 26 -5.51 29.14 3.79
N GLU A 27 -6.52 28.74 3.07
CA GLU A 27 -7.84 29.43 3.20
C GLU A 27 -8.83 28.53 3.95
N SER A 28 -8.83 27.26 3.65
CA SER A 28 -9.77 26.34 4.36
C SER A 28 -9.39 24.88 4.07
N TYR A 29 -8.15 24.64 3.79
CA TYR A 29 -7.70 23.23 3.50
C TYR A 29 -6.87 22.70 4.67
N GLY A 30 -5.66 23.14 4.81
CA GLY A 30 -4.80 22.65 5.93
C GLY A 30 -3.32 22.78 5.55
N GLU A 31 -2.54 21.77 5.80
CA GLU A 31 -1.09 21.84 5.45
C GLU A 31 -0.40 20.51 5.78
N PRO A 32 -0.21 19.72 4.75
CA PRO A 32 0.45 18.41 4.93
C PRO A 32 1.95 18.58 5.18
N GLU A 33 2.58 17.61 5.78
CA GLU A 33 4.04 17.72 6.05
C GLU A 33 4.78 16.49 5.52
N PHE A 34 4.71 16.26 4.23
CA PHE A 34 5.41 15.08 3.66
C PHE A 34 5.52 15.22 2.13
N HIS A 35 5.84 14.15 1.46
CA HIS A 35 5.96 14.23 -0.04
C HIS A 35 5.59 12.88 -0.66
N THR A 36 4.76 12.12 -0.02
CA THR A 36 4.36 10.79 -0.58
C THR A 36 2.88 10.52 -0.31
N ALA A 37 2.36 9.44 -0.84
CA ALA A 37 0.92 9.11 -0.61
C ALA A 37 0.79 8.08 0.51
N LYS A 38 -0.42 7.75 0.87
CA LYS A 38 -0.62 6.74 1.96
C LYS A 38 -1.79 5.81 1.63
N VAL A 39 -1.69 4.57 2.00
CA VAL A 39 -2.80 3.61 1.70
C VAL A 39 -3.54 3.31 3.00
N HIS A 40 -4.85 3.34 2.98
CA HIS A 40 -5.60 3.06 4.23
C HIS A 40 -6.53 1.85 4.08
N LEU A 41 -6.37 0.87 4.92
CA LEU A 41 -7.23 -0.33 4.85
C LEU A 41 -7.96 -0.48 6.18
N LYS A 42 -9.18 -0.05 6.26
CA LYS A 42 -9.93 -0.16 7.54
C LYS A 42 -11.11 -1.12 7.42
N CYS A 43 -11.30 -1.94 8.41
CA CYS A 43 -12.43 -2.91 8.38
C CYS A 43 -13.38 -2.63 9.55
N ALA A 44 -14.59 -3.12 9.49
CA ALA A 44 -15.55 -2.87 10.61
C ALA A 44 -14.89 -3.23 11.95
N PRO A 45 -15.54 -2.82 13.02
CA PRO A 45 -15.02 -3.11 14.37
C PRO A 45 -15.19 -4.59 14.70
N GLY A 46 -14.12 -5.26 15.05
CA GLY A 46 -14.22 -6.70 15.38
C GLY A 46 -13.56 -7.52 14.28
N GLN A 47 -13.69 -7.09 13.06
CA GLN A 47 -13.05 -7.85 11.93
C GLN A 47 -11.61 -7.37 11.72
N THR A 48 -10.66 -8.23 11.94
CA THR A 48 -9.23 -7.82 11.76
C THR A 48 -8.64 -8.51 10.52
N ILE A 49 -7.49 -8.08 10.08
CA ILE A 49 -6.86 -8.71 8.88
C ILE A 49 -6.05 -9.93 9.30
N SER A 50 -6.58 -11.11 9.12
CA SER A 50 -5.83 -12.34 9.52
C SER A 50 -4.97 -12.85 8.36
N ALA A 51 -5.09 -12.27 7.20
CA ALA A 51 -4.25 -12.74 6.05
C ALA A 51 -4.27 -11.73 4.90
N ILE A 52 -3.16 -11.56 4.23
CA ILE A 52 -3.10 -10.60 3.09
C ILE A 52 -3.36 -11.36 1.78
N LYS A 53 -4.31 -10.92 0.99
CA LYS A 53 -4.59 -11.64 -0.29
C LYS A 53 -3.60 -11.22 -1.38
N PHE A 54 -3.22 -9.98 -1.42
CA PHE A 54 -2.25 -9.55 -2.48
C PHE A 54 -1.40 -8.37 -1.99
N ALA A 55 -0.39 -8.03 -2.75
CA ALA A 55 0.50 -6.89 -2.36
C ALA A 55 1.72 -6.87 -3.29
N SER A 56 1.88 -5.83 -4.07
CA SER A 56 3.05 -5.77 -4.98
C SER A 56 3.45 -4.32 -5.25
N PHE A 57 4.71 -4.02 -5.13
CA PHE A 57 5.18 -2.63 -5.38
C PHE A 57 5.78 -2.52 -6.80
N GLY A 58 5.29 -1.60 -7.59
CA GLY A 58 5.82 -1.46 -8.98
C GLY A 58 4.67 -1.43 -9.99
N THR A 59 4.53 -2.46 -10.78
CA THR A 59 3.42 -2.48 -11.78
C THR A 59 2.72 -3.85 -11.79
N PRO A 60 1.80 -4.02 -10.88
CA PRO A 60 1.05 -5.29 -10.78
C PRO A 60 -0.01 -5.37 -11.88
N LEU A 61 -0.45 -6.55 -12.21
CA LEU A 61 -1.49 -6.67 -13.28
C LEU A 61 -2.88 -6.76 -12.66
N GLY A 62 -3.77 -5.89 -13.04
CA GLY A 62 -5.15 -5.93 -12.47
C GLY A 62 -5.62 -4.51 -12.16
N THR A 63 -6.72 -4.38 -11.46
CA THR A 63 -7.24 -3.02 -11.12
C THR A 63 -7.72 -2.98 -9.67
N CYS A 64 -8.58 -3.91 -9.31
CA CYS A 64 -9.09 -3.93 -7.91
C CYS A 64 -9.80 -5.26 -7.64
N GLY A 65 -9.04 -6.32 -7.48
CA GLY A 65 -9.66 -7.64 -7.23
C GLY A 65 -9.04 -8.66 -8.18
N THR A 66 -8.39 -8.20 -9.21
CA THR A 66 -7.76 -9.14 -10.18
C THR A 66 -6.26 -8.87 -10.27
N PHE A 67 -5.68 -8.36 -9.22
CA PHE A 67 -4.22 -8.07 -9.24
C PHE A 67 -3.44 -9.33 -9.60
N GLN A 68 -2.15 -9.20 -9.80
CA GLN A 68 -1.33 -10.40 -10.17
C GLN A 68 0.13 -9.97 -10.36
N GLN A 69 1.02 -10.91 -10.53
CA GLN A 69 2.46 -10.56 -10.72
C GLN A 69 2.61 -9.61 -11.93
N GLY A 70 3.72 -8.93 -12.01
CA GLY A 70 3.93 -7.99 -13.17
C GLY A 70 5.36 -8.14 -13.69
N GLU A 71 6.04 -7.05 -13.89
CA GLU A 71 7.44 -7.11 -14.40
C GLU A 71 8.42 -6.76 -13.29
N CYS A 72 8.41 -5.54 -12.83
CA CYS A 72 9.35 -5.15 -11.74
C CYS A 72 8.67 -5.31 -10.38
N HIS A 73 8.78 -6.49 -9.80
CA HIS A 73 8.14 -6.72 -8.47
C HIS A 73 9.20 -6.75 -7.36
N SER A 74 8.80 -6.45 -6.15
CA SER A 74 9.78 -6.46 -5.02
C SER A 74 9.40 -7.55 -4.02
N ILE A 75 10.19 -8.57 -3.92
CA ILE A 75 9.89 -9.67 -2.95
C ILE A 75 9.44 -9.10 -1.59
N ASN A 76 9.81 -7.88 -1.28
CA ASN A 76 9.41 -7.28 0.02
C ASN A 76 8.01 -6.67 -0.06
N SER A 77 7.17 -7.16 -0.95
CA SER A 77 5.79 -6.60 -1.06
C SER A 77 4.86 -7.19 0.01
N ASN A 78 5.08 -8.42 0.41
CA ASN A 78 4.19 -9.04 1.45
C ASN A 78 4.91 -9.17 2.79
N SER A 79 6.08 -8.60 2.91
CA SER A 79 6.80 -8.70 4.21
C SER A 79 6.44 -7.53 5.12
N VAL A 80 6.33 -6.35 4.57
CA VAL A 80 5.98 -5.17 5.41
C VAL A 80 4.49 -5.22 5.77
N LEU A 81 3.66 -5.69 4.88
CA LEU A 81 2.20 -5.76 5.19
C LEU A 81 1.94 -6.81 6.25
N GLU A 82 2.33 -8.03 6.01
CA GLU A 82 2.11 -9.11 7.01
C GLU A 82 2.87 -8.79 8.31
N ARG A 83 3.84 -7.92 8.23
CA ARG A 83 4.62 -7.56 9.45
C ARG A 83 3.99 -6.39 10.20
N LYS A 84 3.17 -5.61 9.54
CA LYS A 84 2.53 -4.45 10.23
C LYS A 84 1.07 -4.29 9.78
N CYS A 85 0.29 -5.33 9.86
CA CYS A 85 -1.13 -5.21 9.44
C CYS A 85 -1.97 -6.33 10.09
N ILE A 86 -1.40 -7.49 10.23
CA ILE A 86 -2.17 -8.62 10.85
C ILE A 86 -2.36 -8.36 12.35
N GLY A 87 -3.56 -8.49 12.83
CA GLY A 87 -3.81 -8.26 14.29
C GLY A 87 -4.20 -6.80 14.51
N LEU A 88 -4.57 -6.10 13.48
CA LEU A 88 -4.96 -4.66 13.64
C LEU A 88 -6.32 -4.41 12.97
N GLU A 89 -7.16 -3.63 13.61
CA GLU A 89 -8.50 -3.34 13.01
C GLU A 89 -8.31 -2.45 11.78
N ARG A 90 -7.32 -1.61 11.80
CA ARG A 90 -7.07 -0.70 10.65
C ARG A 90 -5.59 -0.75 10.26
N CYS A 91 -5.28 -0.44 9.04
CA CYS A 91 -3.85 -0.48 8.60
C CYS A 91 -3.46 0.80 7.84
N VAL A 92 -2.27 1.29 8.05
CA VAL A 92 -1.83 2.53 7.35
C VAL A 92 -0.37 2.39 6.92
N VAL A 93 -0.11 2.39 5.64
CA VAL A 93 1.31 2.25 5.16
C VAL A 93 1.64 3.36 4.15
N ALA A 94 2.64 4.15 4.44
CA ALA A 94 3.01 5.25 3.50
C ALA A 94 3.84 4.69 2.35
N ILE A 95 3.65 5.18 1.16
CA ILE A 95 4.44 4.66 0.01
C ILE A 95 5.76 5.44 -0.12
N SER A 96 6.86 4.79 0.12
CA SER A 96 8.18 5.49 0.00
C SER A 96 9.31 4.46 0.04
N PRO A 97 10.47 4.89 -0.38
CA PRO A 97 11.65 4.01 -0.39
C PRO A 97 12.15 3.76 1.04
N SER A 98 11.78 4.61 1.97
CA SER A 98 12.23 4.41 3.37
C SER A 98 11.18 3.65 4.17
N ASN A 99 10.68 2.57 3.63
CA ASN A 99 9.65 1.78 4.35
C ASN A 99 9.91 0.28 4.18
N PHE A 100 10.04 -0.17 2.96
CA PHE A 100 10.30 -1.62 2.72
C PHE A 100 11.78 -1.94 2.95
N GLY A 101 12.65 -1.02 2.65
CA GLY A 101 14.10 -1.28 2.84
C GLY A 101 14.86 -0.96 1.55
N GLY A 102 14.89 0.28 1.16
CA GLY A 102 15.63 0.66 -0.08
C GLY A 102 14.62 0.80 -1.24
N ASP A 103 15.11 1.04 -2.43
CA ASP A 103 14.19 1.19 -3.59
C ASP A 103 14.17 -0.10 -4.43
N PRO A 104 12.99 -0.53 -4.76
CA PRO A 104 12.85 -1.76 -5.58
C PRO A 104 13.21 -1.49 -7.04
N CYS A 105 12.26 -1.09 -7.84
CA CYS A 105 12.56 -0.82 -9.28
C CYS A 105 12.38 0.68 -9.57
N PRO A 106 13.49 1.35 -9.66
CA PRO A 106 13.47 2.81 -9.95
C PRO A 106 13.11 3.07 -11.43
N GLU A 107 12.77 4.28 -11.75
CA GLU A 107 12.41 4.61 -13.16
C GLU A 107 11.27 3.71 -13.65
N VAL A 108 10.26 3.52 -12.85
CA VAL A 108 9.13 2.65 -13.28
C VAL A 108 7.80 3.24 -12.80
N MET A 109 6.74 2.98 -13.51
CA MET A 109 5.41 3.53 -13.09
C MET A 109 5.24 3.38 -11.58
N LYS A 110 5.04 4.47 -10.88
CA LYS A 110 4.86 4.39 -9.40
C LYS A 110 3.41 4.09 -9.05
N ARG A 111 3.05 2.84 -9.01
CA ARG A 111 1.64 2.46 -8.67
C ARG A 111 1.65 1.40 -7.57
N VAL A 112 0.95 1.64 -6.50
CA VAL A 112 0.93 0.64 -5.38
C VAL A 112 -0.45 -0.03 -5.29
N ALA A 113 -0.47 -1.31 -5.03
CA ALA A 113 -1.77 -2.04 -4.92
C ALA A 113 -1.70 -3.06 -3.79
N VAL A 114 -2.73 -3.18 -2.99
CA VAL A 114 -2.69 -4.18 -1.87
C VAL A 114 -4.10 -4.59 -1.46
N GLU A 115 -4.36 -5.87 -1.41
CA GLU A 115 -5.71 -6.37 -1.01
C GLU A 115 -5.60 -7.12 0.33
N ALA A 116 -6.41 -6.77 1.29
CA ALA A 116 -6.33 -7.48 2.60
C ALA A 116 -7.58 -8.34 2.84
N VAL A 117 -7.47 -9.33 3.68
CA VAL A 117 -8.64 -10.21 3.96
C VAL A 117 -9.17 -9.94 5.37
N CYS A 118 -10.45 -9.78 5.52
CA CYS A 118 -11.02 -9.51 6.88
C CYS A 118 -11.92 -10.65 7.32
N SER A 119 -11.78 -11.09 8.54
CA SER A 119 -12.63 -12.21 9.05
C SER A 119 -13.04 -11.93 10.50
N THR A 120 -12.94 -12.90 11.36
CA THR A 120 -13.33 -12.68 12.79
C THR A 120 -12.13 -12.96 13.72
N ALA A 121 -12.22 -12.57 14.94
CA ALA A 121 -11.10 -12.82 15.89
C ALA A 121 -11.60 -13.64 17.09
N ALA A 122 -10.83 -14.59 17.53
CA ALA A 122 -11.26 -15.43 18.69
C ALA A 122 -10.13 -15.56 19.70
N ARG A 5 -22.06 -16.03 7.57
CA ARG A 5 -20.74 -15.77 6.92
C ARG A 5 -20.37 -14.28 7.04
N THR A 6 -19.27 -13.99 7.69
CA THR A 6 -18.86 -12.56 7.83
C THR A 6 -17.47 -12.35 7.24
N VAL A 7 -17.36 -12.30 5.95
CA VAL A 7 -16.03 -12.10 5.31
C VAL A 7 -16.07 -10.87 4.40
N SER A 8 -15.64 -9.74 4.89
CA SER A 8 -15.66 -8.51 4.04
C SER A 8 -14.40 -8.44 3.17
N GLY A 9 -13.94 -7.25 2.87
CA GLY A 9 -12.72 -7.10 2.04
C GLY A 9 -12.55 -5.64 1.65
N VAL A 10 -11.38 -5.09 1.80
CA VAL A 10 -11.17 -3.66 1.45
C VAL A 10 -10.09 -3.54 0.36
N CYS A 11 -10.26 -2.65 -0.57
CA CYS A 11 -9.24 -2.49 -1.65
C CYS A 11 -8.52 -1.16 -1.47
N ALA A 12 -7.39 -0.99 -2.12
CA ALA A 12 -6.64 0.30 -1.97
C ALA A 12 -5.75 0.54 -3.19
N ASP A 13 -6.16 1.44 -4.05
CA ASP A 13 -5.35 1.72 -5.26
C ASP A 13 -4.89 3.18 -5.23
N VAL A 14 -3.64 3.42 -4.90
CA VAL A 14 -3.14 4.82 -4.85
C VAL A 14 -1.83 4.95 -5.64
N SER A 15 -1.54 6.13 -6.13
CA SER A 15 -0.29 6.33 -6.91
C SER A 15 0.94 6.13 -6.02
N GLU A 16 2.11 6.40 -6.54
CA GLU A 16 3.35 6.24 -5.73
C GLU A 16 3.88 7.61 -5.31
N TYR A 17 4.81 7.64 -4.39
CA TYR A 17 5.38 8.95 -3.95
C TYR A 17 6.14 9.59 -5.13
N HIS A 18 6.45 10.84 -5.03
CA HIS A 18 7.19 11.51 -6.14
C HIS A 18 7.78 12.84 -5.68
N PRO A 19 8.91 13.17 -6.27
CA PRO A 19 9.59 14.43 -5.93
C PRO A 19 9.00 15.58 -6.75
N ASN A 20 7.86 15.36 -7.37
CA ASN A 20 7.24 16.44 -8.19
C ASN A 20 6.52 17.45 -7.29
N ILE A 21 7.26 18.29 -6.63
CA ILE A 21 6.61 19.30 -5.73
C ILE A 21 7.48 20.56 -5.67
N LYS A 22 7.18 21.55 -6.48
CA LYS A 22 7.99 22.81 -6.46
C LYS A 22 7.17 23.98 -5.93
N ASN A 23 7.82 25.01 -5.47
CA ASN A 23 7.09 26.19 -4.93
C ASN A 23 6.27 25.80 -3.69
N TRP A 24 6.81 24.97 -2.85
CA TRP A 24 6.05 24.57 -1.63
C TRP A 24 6.33 25.55 -0.48
N GLN A 25 7.39 26.30 -0.59
CA GLN A 25 7.72 27.28 0.48
C GLN A 25 7.92 26.57 1.83
N ILE A 26 8.90 26.99 2.59
CA ILE A 26 9.14 26.34 3.91
C ILE A 26 8.60 27.21 5.03
N GLU A 27 7.66 28.06 4.72
CA GLU A 27 7.07 28.95 5.76
C GLU A 27 5.58 28.63 5.93
N SER A 28 4.90 28.41 4.85
CA SER A 28 3.44 28.09 4.93
C SER A 28 3.15 26.78 4.19
N TYR A 29 3.18 25.67 4.90
CA TYR A 29 2.91 24.36 4.24
C TYR A 29 1.75 24.49 3.25
N GLY A 30 2.05 24.58 1.98
CA GLY A 30 0.97 24.71 0.97
C GLY A 30 1.20 23.70 -0.15
N GLU A 31 0.39 23.75 -1.19
CA GLU A 31 0.57 22.79 -2.31
C GLU A 31 0.54 21.35 -1.77
N PRO A 32 0.61 20.41 -2.68
CA PRO A 32 0.59 18.98 -2.30
C PRO A 32 1.91 18.60 -1.63
N GLU A 33 1.91 18.47 -0.33
CA GLU A 33 3.15 18.09 0.39
C GLU A 33 2.82 17.32 1.67
N PHE A 34 2.57 16.04 1.56
CA PHE A 34 2.24 15.23 2.77
C PHE A 34 3.31 14.15 2.99
N HIS A 35 4.50 14.38 2.51
CA HIS A 35 5.59 13.38 2.69
C HIS A 35 5.22 12.04 2.04
N THR A 36 5.81 11.74 0.91
CA THR A 36 5.51 10.44 0.20
C THR A 36 4.00 10.18 0.16
N ALA A 37 3.61 9.04 -0.36
CA ALA A 37 2.15 8.70 -0.44
C ALA A 37 1.72 7.92 0.79
N LYS A 38 0.45 7.65 0.91
CA LYS A 38 -0.03 6.90 2.10
C LYS A 38 -1.24 6.02 1.73
N VAL A 39 -1.36 4.88 2.35
CA VAL A 39 -2.50 3.97 2.04
C VAL A 39 -3.05 3.38 3.35
N HIS A 40 -4.34 3.43 3.54
CA HIS A 40 -4.92 2.88 4.80
C HIS A 40 -6.26 2.19 4.54
N LEU A 41 -6.45 1.03 5.11
CA LEU A 41 -7.73 0.29 4.90
C LEU A 41 -8.48 0.19 6.24
N LYS A 42 -9.78 0.19 6.20
CA LYS A 42 -10.55 0.08 7.47
C LYS A 42 -11.67 -0.96 7.34
N CYS A 43 -11.50 -2.10 7.93
CA CYS A 43 -12.56 -3.15 7.84
C CYS A 43 -13.63 -2.91 8.91
N ALA A 44 -14.66 -3.72 8.92
CA ALA A 44 -15.73 -3.53 9.94
C ALA A 44 -15.20 -3.91 11.32
N PRO A 45 -15.89 -3.43 12.33
CA PRO A 45 -15.48 -3.72 13.73
C PRO A 45 -15.77 -5.18 14.09
N GLY A 46 -14.82 -5.85 14.66
CA GLY A 46 -15.03 -7.29 15.04
C GLY A 46 -14.21 -8.18 14.11
N GLN A 47 -14.24 -7.91 12.84
CA GLN A 47 -13.45 -8.75 11.89
C GLN A 47 -12.02 -8.25 11.80
N THR A 48 -11.06 -9.06 12.16
CA THR A 48 -9.64 -8.63 12.10
C THR A 48 -8.95 -9.22 10.87
N ILE A 49 -8.03 -8.50 10.29
CA ILE A 49 -7.32 -9.00 9.09
C ILE A 49 -6.40 -10.17 9.48
N SER A 50 -6.56 -11.30 8.87
CA SER A 50 -5.69 -12.46 9.21
C SER A 50 -4.90 -12.93 8.00
N ALA A 51 -5.26 -12.48 6.82
CA ALA A 51 -4.52 -12.91 5.61
C ALA A 51 -4.51 -11.80 4.56
N ILE A 52 -3.36 -11.48 4.03
CA ILE A 52 -3.29 -10.40 2.99
C ILE A 52 -3.60 -10.99 1.62
N LYS A 53 -4.49 -10.39 0.89
CA LYS A 53 -4.84 -10.91 -0.46
C LYS A 53 -3.78 -10.49 -1.49
N PHE A 54 -3.27 -9.30 -1.39
CA PHE A 54 -2.24 -8.83 -2.38
C PHE A 54 -1.43 -7.67 -1.80
N ALA A 55 -0.37 -7.28 -2.49
CA ALA A 55 0.47 -6.15 -2.00
C ALA A 55 1.79 -6.11 -2.79
N SER A 56 1.83 -5.39 -3.87
CA SER A 56 3.09 -5.32 -4.68
C SER A 56 3.46 -3.86 -4.94
N PHE A 57 4.70 -3.51 -4.73
CA PHE A 57 5.13 -2.11 -4.99
C PHE A 57 5.85 -2.00 -6.34
N GLY A 58 5.11 -1.88 -7.41
CA GLY A 58 5.77 -1.77 -8.74
C GLY A 58 4.70 -1.79 -9.85
N THR A 59 4.63 -2.86 -10.60
CA THR A 59 3.62 -2.94 -11.69
C THR A 59 2.58 -4.02 -11.37
N PRO A 60 1.46 -3.58 -10.88
CA PRO A 60 0.37 -4.51 -10.54
C PRO A 60 -0.41 -4.93 -11.80
N LEU A 61 -0.53 -6.20 -12.05
CA LEU A 61 -1.28 -6.66 -13.25
C LEU A 61 -2.67 -7.14 -12.86
N GLY A 62 -3.70 -6.51 -13.37
CA GLY A 62 -5.08 -6.92 -13.02
C GLY A 62 -5.76 -5.81 -12.23
N THR A 63 -6.98 -6.00 -11.82
CA THR A 63 -7.71 -4.95 -11.05
C THR A 63 -7.94 -5.41 -9.62
N CYS A 64 -8.85 -4.78 -8.92
CA CYS A 64 -9.14 -5.18 -7.51
C CYS A 64 -9.88 -6.52 -7.48
N GLY A 65 -9.28 -7.54 -6.94
CA GLY A 65 -9.97 -8.86 -6.88
C GLY A 65 -9.07 -9.92 -7.55
N THR A 66 -8.29 -9.53 -8.51
CA THR A 66 -7.40 -10.51 -9.19
C THR A 66 -5.98 -9.96 -9.29
N PHE A 67 -5.61 -9.10 -8.38
CA PHE A 67 -4.24 -8.51 -8.42
C PHE A 67 -3.19 -9.64 -8.53
N GLN A 68 -1.98 -9.31 -8.89
CA GLN A 68 -0.92 -10.36 -9.01
C GLN A 68 0.44 -9.72 -9.32
N GLN A 69 1.44 -10.05 -8.56
CA GLN A 69 2.80 -9.45 -8.81
C GLN A 69 3.30 -9.89 -10.19
N GLY A 70 3.83 -8.97 -10.94
CA GLY A 70 4.36 -9.33 -12.29
C GLY A 70 5.86 -9.60 -12.20
N GLU A 71 6.66 -8.69 -12.68
CA GLU A 71 8.13 -8.91 -12.61
C GLU A 71 8.79 -7.80 -11.78
N CYS A 72 8.15 -6.67 -11.70
CA CYS A 72 8.72 -5.53 -10.91
C CYS A 72 8.33 -5.68 -9.44
N HIS A 73 9.19 -6.27 -8.64
CA HIS A 73 8.87 -6.44 -7.20
C HIS A 73 9.92 -5.73 -6.34
N SER A 74 9.51 -5.11 -5.27
CA SER A 74 10.50 -4.39 -4.39
C SER A 74 11.17 -5.39 -3.44
N ILE A 75 10.96 -6.66 -3.65
CA ILE A 75 11.58 -7.68 -2.77
C ILE A 75 11.03 -7.59 -1.34
N ASN A 76 10.02 -6.77 -1.14
CA ASN A 76 9.44 -6.65 0.24
C ASN A 76 8.04 -6.04 0.19
N SER A 77 7.25 -6.41 -0.79
CA SER A 77 5.86 -5.85 -0.88
C SER A 77 4.85 -6.81 -0.26
N ASN A 78 5.31 -7.91 0.29
CA ASN A 78 4.35 -8.88 0.91
C ASN A 78 4.63 -9.02 2.43
N SER A 79 5.81 -8.70 2.86
CA SER A 79 6.14 -8.80 4.31
C SER A 79 5.80 -7.49 5.04
N VAL A 80 5.94 -6.39 4.37
CA VAL A 80 5.64 -5.08 5.02
C VAL A 80 4.17 -5.01 5.45
N LEU A 81 3.30 -5.71 4.78
CA LEU A 81 1.86 -5.70 5.16
C LEU A 81 1.59 -6.62 6.35
N GLU A 82 1.93 -7.86 6.22
CA GLU A 82 1.71 -8.82 7.36
C GLU A 82 2.36 -8.31 8.65
N ARG A 83 3.35 -7.47 8.53
CA ARG A 83 4.03 -6.95 9.76
C ARG A 83 3.41 -5.63 10.25
N LYS A 84 2.68 -4.93 9.42
CA LYS A 84 2.06 -3.65 9.89
C LYS A 84 0.55 -3.59 9.59
N CYS A 85 -0.09 -4.71 9.43
CA CYS A 85 -1.56 -4.68 9.14
C CYS A 85 -2.21 -6.03 9.46
N ILE A 86 -1.71 -6.73 10.44
CA ILE A 86 -2.31 -8.05 10.79
C ILE A 86 -2.69 -8.08 12.28
N GLY A 87 -3.96 -8.05 12.57
CA GLY A 87 -4.41 -8.08 13.99
C GLY A 87 -5.09 -6.75 14.34
N LEU A 88 -5.35 -5.93 13.36
CA LEU A 88 -6.01 -4.63 13.64
C LEU A 88 -7.19 -4.42 12.68
N GLU A 89 -8.31 -4.00 13.18
CA GLU A 89 -9.49 -3.78 12.30
C GLU A 89 -9.18 -2.64 11.32
N ARG A 90 -8.12 -1.92 11.58
CA ARG A 90 -7.74 -0.79 10.69
C ARG A 90 -6.25 -0.48 10.84
N CYS A 91 -5.55 -0.39 9.76
CA CYS A 91 -4.09 -0.09 9.85
C CYS A 91 -3.67 0.84 8.71
N VAL A 92 -2.65 1.62 8.91
CA VAL A 92 -2.18 2.54 7.84
C VAL A 92 -0.72 2.28 7.51
N VAL A 93 -0.29 2.64 6.33
CA VAL A 93 1.13 2.42 5.94
C VAL A 93 1.64 3.57 5.07
N ALA A 94 2.86 3.97 5.26
CA ALA A 94 3.42 5.08 4.44
C ALA A 94 4.32 4.53 3.33
N ILE A 95 4.10 4.91 2.11
CA ILE A 95 4.94 4.39 1.01
C ILE A 95 6.24 5.22 0.91
N SER A 96 7.36 4.56 0.79
CA SER A 96 8.66 5.30 0.69
C SER A 96 9.74 4.37 0.16
N PRO A 97 10.83 4.97 -0.25
CA PRO A 97 11.97 4.19 -0.80
C PRO A 97 12.84 3.62 0.35
N SER A 98 12.31 3.55 1.55
CA SER A 98 13.11 3.00 2.68
C SER A 98 12.33 1.89 3.40
N ASN A 99 11.03 1.97 3.40
CA ASN A 99 10.22 0.92 4.07
C ASN A 99 10.41 -0.43 3.38
N PHE A 100 10.41 -0.45 2.07
CA PHE A 100 10.60 -1.74 1.34
C PHE A 100 12.09 -2.00 1.09
N GLY A 101 12.65 -1.35 0.11
CA GLY A 101 14.10 -1.56 -0.18
C GLY A 101 14.50 -0.77 -1.43
N GLY A 102 13.97 0.42 -1.59
CA GLY A 102 14.33 1.23 -2.78
C GLY A 102 13.36 0.94 -3.92
N ASP A 103 13.74 1.25 -5.13
CA ASP A 103 12.83 0.99 -6.30
C ASP A 103 13.39 -0.16 -7.15
N PRO A 104 12.49 -1.00 -7.60
CA PRO A 104 12.88 -2.15 -8.43
C PRO A 104 13.06 -1.73 -9.89
N CYS A 105 12.07 -1.12 -10.49
CA CYS A 105 12.21 -0.68 -11.92
C CYS A 105 11.96 0.82 -12.04
N PRO A 106 13.00 1.54 -12.35
CA PRO A 106 12.90 3.00 -12.50
C PRO A 106 12.51 3.37 -13.94
N GLU A 107 12.05 4.57 -14.15
CA GLU A 107 11.65 4.98 -15.53
C GLU A 107 10.43 4.18 -16.00
N VAL A 108 9.83 3.42 -15.14
CA VAL A 108 8.64 2.62 -15.56
C VAL A 108 7.42 2.99 -14.70
N MET A 109 6.29 3.20 -15.32
CA MET A 109 5.07 3.57 -14.53
C MET A 109 4.90 2.60 -13.35
N LYS A 110 4.70 3.13 -12.18
CA LYS A 110 4.53 2.24 -10.98
C LYS A 110 3.31 2.68 -10.17
N ARG A 111 2.93 1.89 -9.19
CA ARG A 111 1.75 2.25 -8.35
C ARG A 111 1.70 1.35 -7.11
N VAL A 112 0.91 1.71 -6.14
CA VAL A 112 0.82 0.87 -4.91
C VAL A 112 -0.54 0.18 -4.84
N ALA A 113 -0.57 -1.10 -5.08
CA ALA A 113 -1.87 -1.84 -5.02
C ALA A 113 -1.88 -2.76 -3.80
N VAL A 114 -2.91 -2.70 -2.99
CA VAL A 114 -2.97 -3.58 -1.79
C VAL A 114 -4.40 -4.07 -1.55
N GLU A 115 -4.53 -5.21 -0.92
CA GLU A 115 -5.89 -5.76 -0.64
C GLU A 115 -5.83 -6.58 0.66
N ALA A 116 -6.85 -6.49 1.48
CA ALA A 116 -6.84 -7.27 2.75
C ALA A 116 -8.02 -8.25 2.83
N VAL A 117 -7.97 -9.18 3.75
CA VAL A 117 -9.06 -10.17 3.88
C VAL A 117 -9.57 -10.19 5.34
N CYS A 118 -10.83 -9.98 5.54
CA CYS A 118 -11.38 -9.99 6.94
C CYS A 118 -12.23 -11.23 7.17
N SER A 119 -12.00 -11.92 8.25
CA SER A 119 -12.80 -13.15 8.55
C SER A 119 -12.74 -13.46 10.05
N THR A 120 -13.46 -12.72 10.85
CA THR A 120 -13.45 -12.98 12.32
C THR A 120 -12.02 -13.26 12.79
N ALA A 121 -11.87 -13.87 13.94
CA ALA A 121 -10.50 -14.17 14.46
C ALA A 121 -9.95 -15.43 13.79
N ALA A 122 -8.66 -15.51 13.63
CA ALA A 122 -8.05 -16.71 12.99
C ALA A 122 -7.20 -17.48 14.01
N ARG A 5 -19.08 -18.58 7.68
CA ARG A 5 -17.63 -18.24 7.63
C ARG A 5 -17.44 -16.74 7.94
N THR A 6 -18.34 -15.91 7.48
CA THR A 6 -18.21 -14.45 7.74
C THR A 6 -16.83 -13.96 7.30
N VAL A 7 -16.69 -13.63 6.05
CA VAL A 7 -15.35 -13.14 5.55
C VAL A 7 -15.51 -12.40 4.23
N SER A 8 -14.92 -11.24 4.12
CA SER A 8 -15.03 -10.46 2.85
C SER A 8 -13.64 -10.09 2.34
N GLY A 9 -13.56 -9.21 1.38
CA GLY A 9 -12.23 -8.81 0.84
C GLY A 9 -12.21 -7.31 0.58
N VAL A 10 -11.16 -6.64 0.99
CA VAL A 10 -11.08 -5.17 0.75
C VAL A 10 -9.83 -4.84 -0.06
N CYS A 11 -9.97 -4.02 -1.07
CA CYS A 11 -8.79 -3.66 -1.91
C CYS A 11 -8.61 -2.14 -1.95
N ALA A 12 -7.40 -1.69 -2.15
CA ALA A 12 -7.14 -0.22 -2.21
C ALA A 12 -6.09 0.09 -3.27
N ASP A 13 -6.42 0.88 -4.24
CA ASP A 13 -5.43 1.21 -5.31
C ASP A 13 -5.01 2.68 -5.21
N VAL A 14 -3.74 2.93 -5.03
CA VAL A 14 -3.27 4.34 -4.92
C VAL A 14 -1.90 4.48 -5.59
N SER A 15 -1.67 5.58 -6.27
CA SER A 15 -0.34 5.76 -6.94
C SER A 15 0.59 6.58 -6.05
N GLU A 16 1.87 6.48 -6.28
CA GLU A 16 2.85 7.26 -5.45
C GLU A 16 2.71 8.76 -5.72
N TYR A 17 2.92 9.57 -4.72
CA TYR A 17 2.79 11.05 -4.92
C TYR A 17 4.15 11.66 -5.27
N HIS A 18 4.25 12.29 -6.40
CA HIS A 18 5.55 12.91 -6.79
C HIS A 18 5.40 13.63 -8.14
N PRO A 19 5.01 14.86 -8.06
CA PRO A 19 4.82 15.67 -9.29
C PRO A 19 6.18 15.96 -9.96
N ASN A 20 6.78 17.06 -9.62
CA ASN A 20 8.11 17.40 -10.22
C ASN A 20 8.78 18.51 -9.40
N ILE A 21 9.83 18.18 -8.70
CA ILE A 21 10.53 19.22 -7.89
C ILE A 21 12.04 19.17 -8.12
N LYS A 22 12.72 20.26 -7.92
CA LYS A 22 14.19 20.28 -8.13
C LYS A 22 14.82 21.37 -7.25
N ASN A 23 14.17 22.50 -7.13
CA ASN A 23 14.72 23.59 -6.30
C ASN A 23 14.69 23.19 -4.81
N TRP A 24 15.73 22.56 -4.34
CA TRP A 24 15.75 22.13 -2.91
C TRP A 24 17.18 21.75 -2.49
N GLN A 25 17.94 21.19 -3.40
CA GLN A 25 19.34 20.79 -3.05
C GLN A 25 20.29 21.98 -3.19
N ILE A 26 19.95 23.10 -2.59
CA ILE A 26 20.84 24.30 -2.69
C ILE A 26 21.91 24.23 -1.60
N GLU A 27 22.58 23.12 -1.48
CA GLU A 27 23.65 22.99 -0.44
C GLU A 27 23.07 23.29 0.93
N SER A 28 21.87 22.84 1.21
CA SER A 28 21.25 23.10 2.54
C SER A 28 20.12 22.10 2.79
N TYR A 29 19.29 21.84 1.80
CA TYR A 29 18.15 20.88 1.97
C TYR A 29 17.58 20.94 3.39
N GLY A 30 16.53 21.71 3.58
CA GLY A 30 15.93 21.81 4.94
C GLY A 30 14.41 21.69 4.85
N GLU A 31 13.70 22.29 5.78
CA GLU A 31 12.21 22.23 5.75
C GLU A 31 11.74 20.78 5.95
N PRO A 32 11.42 20.46 7.18
CA PRO A 32 10.95 19.11 7.52
C PRO A 32 9.50 18.93 7.09
N GLU A 33 9.23 18.01 6.21
CA GLU A 33 7.82 17.80 5.75
C GLU A 33 7.69 16.46 5.03
N PHE A 34 6.49 16.00 4.81
CA PHE A 34 6.30 14.70 4.11
C PHE A 34 5.91 14.93 2.64
N HIS A 35 6.17 13.98 1.79
CA HIS A 35 5.81 14.15 0.35
C HIS A 35 5.48 12.79 -0.28
N THR A 36 4.59 12.04 0.32
CA THR A 36 4.24 10.72 -0.26
C THR A 36 2.73 10.50 -0.21
N ALA A 37 2.24 9.49 -0.89
CA ALA A 37 0.77 9.22 -0.87
C ALA A 37 0.43 8.27 0.26
N LYS A 38 -0.81 7.94 0.42
CA LYS A 38 -1.18 7.01 1.53
C LYS A 38 -2.20 5.97 1.04
N VAL A 39 -2.30 4.88 1.73
CA VAL A 39 -3.28 3.82 1.32
C VAL A 39 -4.47 3.85 2.28
N HIS A 40 -5.53 3.17 1.97
CA HIS A 40 -6.68 3.21 2.91
C HIS A 40 -7.33 1.83 3.10
N LEU A 41 -7.09 1.22 4.22
CA LEU A 41 -7.66 -0.13 4.49
C LEU A 41 -8.61 0.02 5.69
N LYS A 42 -9.83 -0.40 5.57
CA LYS A 42 -10.76 -0.27 6.73
C LYS A 42 -11.57 -1.55 6.97
N CYS A 43 -11.72 -1.92 8.21
CA CYS A 43 -12.49 -3.16 8.55
C CYS A 43 -13.39 -2.88 9.75
N ALA A 44 -14.57 -3.44 9.77
CA ALA A 44 -15.49 -3.21 10.92
C ALA A 44 -14.76 -3.45 12.24
N PRO A 45 -15.24 -2.82 13.27
CA PRO A 45 -14.62 -2.97 14.61
C PRO A 45 -14.92 -4.36 15.18
N GLY A 46 -14.03 -5.30 14.93
CA GLY A 46 -14.24 -6.68 15.44
C GLY A 46 -13.53 -7.66 14.51
N GLN A 47 -13.37 -7.30 13.27
CA GLN A 47 -12.69 -8.19 12.30
C GLN A 47 -11.27 -7.67 12.03
N THR A 48 -10.28 -8.52 12.17
CA THR A 48 -8.88 -8.06 11.92
C THR A 48 -8.30 -8.76 10.69
N ILE A 49 -7.37 -8.14 10.02
CA ILE A 49 -6.75 -8.77 8.82
C ILE A 49 -6.00 -10.03 9.23
N SER A 50 -6.38 -11.16 8.71
CA SER A 50 -5.68 -12.42 9.07
C SER A 50 -4.91 -12.96 7.87
N ALA A 51 -4.99 -12.31 6.74
CA ALA A 51 -4.25 -12.82 5.55
C ALA A 51 -4.23 -11.77 4.43
N ILE A 52 -3.08 -11.51 3.87
CA ILE A 52 -3.01 -10.50 2.77
C ILE A 52 -3.20 -11.21 1.42
N LYS A 53 -4.13 -10.76 0.63
CA LYS A 53 -4.37 -11.41 -0.69
C LYS A 53 -3.34 -10.94 -1.72
N PHE A 54 -2.97 -9.69 -1.70
CA PHE A 54 -1.98 -9.20 -2.69
C PHE A 54 -1.20 -8.02 -2.13
N ALA A 55 0.01 -7.82 -2.60
CA ALA A 55 0.83 -6.68 -2.11
C ALA A 55 2.13 -6.60 -2.92
N SER A 56 2.30 -5.57 -3.71
CA SER A 56 3.55 -5.47 -4.52
C SER A 56 3.75 -4.02 -5.01
N PHE A 57 4.57 -3.26 -4.33
CA PHE A 57 4.80 -1.85 -4.76
C PHE A 57 5.66 -1.82 -6.02
N GLY A 58 5.07 -1.59 -7.16
CA GLY A 58 5.85 -1.56 -8.42
C GLY A 58 4.90 -1.37 -9.62
N THR A 59 4.75 -2.39 -10.41
CA THR A 59 3.84 -2.29 -11.59
C THR A 59 2.80 -3.40 -11.56
N PRO A 60 1.89 -3.27 -10.63
CA PRO A 60 0.82 -4.29 -10.48
C PRO A 60 -0.23 -4.12 -11.58
N LEU A 61 -0.92 -5.18 -11.93
CA LEU A 61 -1.95 -5.08 -13.00
C LEU A 61 -3.19 -5.89 -12.61
N GLY A 62 -4.34 -5.49 -13.08
CA GLY A 62 -5.58 -6.24 -12.73
C GLY A 62 -6.54 -5.32 -11.96
N THR A 63 -7.59 -5.87 -11.43
CA THR A 63 -8.57 -5.02 -10.67
C THR A 63 -8.76 -5.60 -9.25
N CYS A 64 -9.82 -5.20 -8.58
CA CYS A 64 -10.06 -5.72 -7.21
C CYS A 64 -10.69 -7.13 -7.27
N GLY A 65 -9.88 -8.15 -7.19
CA GLY A 65 -10.43 -9.53 -7.25
C GLY A 65 -9.55 -10.40 -8.14
N THR A 66 -8.81 -9.79 -9.03
CA THR A 66 -7.92 -10.59 -9.93
C THR A 66 -6.61 -9.84 -10.18
N PHE A 67 -6.09 -9.18 -9.18
CA PHE A 67 -4.81 -8.43 -9.36
C PHE A 67 -3.78 -9.30 -10.08
N GLN A 68 -2.63 -8.74 -10.39
CA GLN A 68 -1.58 -9.53 -11.09
C GLN A 68 -0.18 -8.96 -10.77
N GLN A 69 0.81 -9.80 -10.74
CA GLN A 69 2.20 -9.31 -10.44
C GLN A 69 2.80 -8.67 -11.68
N GLY A 70 3.69 -7.72 -11.50
CA GLY A 70 4.32 -7.05 -12.67
C GLY A 70 5.79 -7.48 -12.79
N GLU A 71 6.62 -6.66 -13.36
CA GLU A 71 8.06 -7.02 -13.49
C GLU A 71 8.92 -6.15 -12.58
N CYS A 72 8.40 -5.03 -12.15
CA CYS A 72 9.19 -4.14 -11.25
C CYS A 72 8.78 -4.35 -9.79
N HIS A 73 8.26 -5.51 -9.47
CA HIS A 73 7.83 -5.78 -8.06
C HIS A 73 9.06 -5.87 -7.16
N SER A 74 8.94 -5.48 -5.91
CA SER A 74 10.11 -5.56 -4.99
C SER A 74 10.17 -6.94 -4.32
N ILE A 75 9.45 -7.89 -4.84
CA ILE A 75 9.47 -9.28 -4.25
C ILE A 75 9.63 -9.20 -2.73
N ASN A 76 9.10 -8.16 -2.12
CA ASN A 76 9.21 -8.01 -0.64
C ASN A 76 8.10 -7.08 -0.14
N SER A 77 7.04 -6.95 -0.89
CA SER A 77 5.92 -6.06 -0.48
C SER A 77 4.96 -6.82 0.44
N ASN A 78 4.80 -8.09 0.23
CA ASN A 78 3.87 -8.88 1.09
C ASN A 78 4.50 -9.13 2.47
N SER A 79 5.74 -8.76 2.65
CA SER A 79 6.38 -8.98 3.98
C SER A 79 6.09 -7.81 4.92
N VAL A 80 6.20 -6.61 4.43
CA VAL A 80 5.93 -5.42 5.29
C VAL A 80 4.43 -5.28 5.57
N LEU A 81 3.59 -5.86 4.75
CA LEU A 81 2.13 -5.75 4.98
C LEU A 81 1.65 -6.82 5.98
N GLU A 82 2.12 -8.02 5.84
CA GLU A 82 1.69 -9.09 6.78
C GLU A 82 2.24 -8.82 8.18
N ARG A 83 3.32 -8.09 8.28
CA ARG A 83 3.90 -7.78 9.62
C ARG A 83 3.31 -6.49 10.20
N LYS A 84 2.84 -5.60 9.36
CA LYS A 84 2.25 -4.33 9.88
C LYS A 84 0.78 -4.19 9.46
N CYS A 85 0.01 -5.24 9.63
CA CYS A 85 -1.42 -5.16 9.24
C CYS A 85 -2.23 -6.26 9.93
N ILE A 86 -1.68 -7.44 10.04
CA ILE A 86 -2.42 -8.54 10.70
C ILE A 86 -2.58 -8.27 12.21
N GLY A 87 -3.78 -8.26 12.70
CA GLY A 87 -4.00 -8.00 14.15
C GLY A 87 -4.68 -6.63 14.35
N LEU A 88 -4.80 -5.86 13.31
CA LEU A 88 -5.45 -4.52 13.45
C LEU A 88 -6.69 -4.43 12.54
N GLU A 89 -7.74 -3.84 13.03
CA GLU A 89 -8.98 -3.71 12.19
C GLU A 89 -8.72 -2.74 11.05
N ARG A 90 -7.91 -1.73 11.30
CA ARG A 90 -7.62 -0.74 10.22
C ARG A 90 -6.15 -0.86 9.82
N CYS A 91 -5.81 -0.43 8.64
CA CYS A 91 -4.39 -0.54 8.20
C CYS A 91 -4.02 0.60 7.24
N VAL A 92 -3.23 1.53 7.70
CA VAL A 92 -2.83 2.67 6.82
C VAL A 92 -1.31 2.66 6.65
N VAL A 93 -0.83 2.59 5.43
CA VAL A 93 0.65 2.58 5.21
C VAL A 93 1.06 3.51 4.07
N ALA A 94 1.90 4.46 4.35
CA ALA A 94 2.34 5.41 3.28
C ALA A 94 3.42 4.77 2.42
N ILE A 95 3.27 4.81 1.13
CA ILE A 95 4.30 4.19 0.25
C ILE A 95 5.50 5.12 0.07
N SER A 96 6.64 4.74 0.58
CA SER A 96 7.85 5.61 0.45
C SER A 96 9.10 4.74 0.24
N PRO A 97 10.14 5.37 -0.24
CA PRO A 97 11.41 4.66 -0.48
C PRO A 97 12.22 4.53 0.82
N SER A 98 11.59 4.63 1.96
CA SER A 98 12.34 4.51 3.24
C SER A 98 11.58 3.62 4.23
N ASN A 99 10.53 2.98 3.77
CA ASN A 99 9.73 2.10 4.68
C ASN A 99 9.79 0.64 4.19
N PHE A 100 10.30 0.42 3.01
CA PHE A 100 10.39 -0.97 2.49
C PHE A 100 11.84 -1.49 2.56
N GLY A 101 12.79 -0.60 2.61
CA GLY A 101 14.21 -1.03 2.68
C GLY A 101 14.88 -0.82 1.32
N GLY A 102 14.71 0.33 0.74
CA GLY A 102 15.34 0.59 -0.60
C GLY A 102 14.26 0.81 -1.64
N ASP A 103 14.39 0.19 -2.79
CA ASP A 103 13.36 0.37 -3.86
C ASP A 103 13.61 -0.60 -5.02
N PRO A 104 12.57 -0.86 -5.76
CA PRO A 104 12.68 -1.79 -6.91
C PRO A 104 13.38 -1.10 -8.09
N CYS A 105 12.64 -0.42 -8.93
CA CYS A 105 13.28 0.27 -10.10
C CYS A 105 13.01 1.77 -10.03
N PRO A 106 14.02 2.52 -9.66
CA PRO A 106 13.90 3.98 -9.56
C PRO A 106 13.97 4.63 -10.94
N GLU A 107 12.87 4.66 -11.65
CA GLU A 107 12.86 5.28 -13.01
C GLU A 107 11.60 4.86 -13.76
N VAL A 108 11.00 3.77 -13.37
CA VAL A 108 9.76 3.32 -14.07
C VAL A 108 8.52 3.70 -13.25
N MET A 109 7.37 3.60 -13.84
CA MET A 109 6.12 3.96 -13.09
C MET A 109 6.18 3.41 -11.66
N LYS A 110 5.60 4.11 -10.73
CA LYS A 110 5.62 3.63 -9.32
C LYS A 110 4.19 3.60 -8.76
N ARG A 111 3.47 2.55 -9.03
CA ARG A 111 2.08 2.47 -8.51
C ARG A 111 1.98 1.38 -7.44
N VAL A 112 1.09 1.53 -6.50
CA VAL A 112 0.95 0.50 -5.44
C VAL A 112 -0.42 -0.17 -5.50
N ALA A 113 -0.54 -1.33 -4.92
CA ALA A 113 -1.84 -2.05 -4.93
C ALA A 113 -1.85 -3.09 -3.82
N VAL A 114 -2.54 -2.83 -2.75
CA VAL A 114 -2.59 -3.81 -1.63
C VAL A 114 -4.00 -4.36 -1.42
N GLU A 115 -4.11 -5.49 -0.79
CA GLU A 115 -5.44 -6.10 -0.55
C GLU A 115 -5.44 -6.79 0.83
N ALA A 116 -6.34 -6.43 1.69
CA ALA A 116 -6.38 -7.08 3.03
C ALA A 116 -7.62 -7.94 3.18
N VAL A 117 -7.50 -9.05 3.88
CA VAL A 117 -8.68 -9.94 4.07
C VAL A 117 -9.12 -9.90 5.53
N CYS A 118 -10.36 -9.60 5.78
CA CYS A 118 -10.85 -9.54 7.18
C CYS A 118 -11.77 -10.73 7.46
N SER A 119 -11.42 -11.55 8.40
CA SER A 119 -12.27 -12.73 8.72
C SER A 119 -12.44 -12.85 10.24
N THR A 120 -13.16 -11.93 10.83
CA THR A 120 -13.36 -11.98 12.31
C THR A 120 -12.03 -12.25 13.03
N ALA A 121 -12.07 -12.41 14.31
CA ALA A 121 -10.81 -12.66 15.07
C ALA A 121 -11.12 -13.52 16.30
N ALA A 122 -11.42 -14.77 16.09
CA ALA A 122 -11.74 -15.67 17.25
C ALA A 122 -12.25 -17.02 16.74
N ARG A 5 -18.06 -17.02 10.23
CA ARG A 5 -18.01 -17.72 8.91
C ARG A 5 -17.80 -16.70 7.79
N THR A 6 -17.79 -15.44 8.12
CA THR A 6 -17.61 -14.38 7.08
C THR A 6 -16.12 -14.02 6.95
N VAL A 7 -15.49 -14.40 5.87
CA VAL A 7 -14.05 -14.07 5.69
C VAL A 7 -13.78 -13.70 4.23
N SER A 8 -14.39 -12.65 3.75
CA SER A 8 -14.17 -12.23 2.34
C SER A 8 -12.83 -11.51 2.20
N GLY A 9 -12.74 -10.56 1.31
CA GLY A 9 -11.46 -9.84 1.13
C GLY A 9 -11.74 -8.41 0.66
N VAL A 10 -10.90 -7.48 1.01
CA VAL A 10 -11.11 -6.07 0.58
C VAL A 10 -10.05 -5.66 -0.45
N CYS A 11 -10.32 -4.68 -1.24
CA CYS A 11 -9.32 -4.24 -2.26
C CYS A 11 -8.89 -2.79 -1.99
N ALA A 12 -7.65 -2.47 -2.27
CA ALA A 12 -7.17 -1.08 -2.04
C ALA A 12 -6.21 -0.64 -3.15
N ASP A 13 -6.58 0.35 -3.91
CA ASP A 13 -5.68 0.82 -5.01
C ASP A 13 -5.19 2.23 -4.72
N VAL A 14 -3.94 2.50 -4.99
CA VAL A 14 -3.40 3.87 -4.72
C VAL A 14 -2.31 4.21 -5.75
N SER A 15 -2.47 5.30 -6.45
CA SER A 15 -1.44 5.68 -7.46
C SER A 15 -0.38 6.58 -6.83
N GLU A 16 0.87 6.32 -7.10
CA GLU A 16 1.95 7.17 -6.51
C GLU A 16 1.55 8.64 -6.56
N TYR A 17 1.39 9.27 -5.44
CA TYR A 17 1.00 10.70 -5.42
C TYR A 17 2.13 11.56 -4.83
N HIS A 18 2.96 12.12 -5.67
CA HIS A 18 4.08 12.97 -5.16
C HIS A 18 3.73 14.44 -5.34
N PRO A 19 3.93 15.20 -4.31
CA PRO A 19 3.62 16.66 -4.35
C PRO A 19 4.60 17.36 -5.30
N ASN A 20 4.29 17.41 -6.57
CA ASN A 20 5.20 18.09 -7.54
C ASN A 20 5.77 19.36 -6.93
N ILE A 21 7.06 19.52 -6.96
CA ILE A 21 7.67 20.77 -6.39
C ILE A 21 7.68 21.88 -7.43
N LYS A 22 7.36 21.55 -8.66
CA LYS A 22 7.36 22.59 -9.73
C LYS A 22 6.22 23.59 -9.49
N ASN A 23 5.21 23.18 -8.75
CA ASN A 23 4.06 24.10 -8.48
C ASN A 23 3.26 23.59 -7.28
N TRP A 24 3.81 23.68 -6.10
CA TRP A 24 3.07 23.20 -4.89
C TRP A 24 2.08 24.25 -4.38
N GLN A 25 1.52 25.05 -5.25
CA GLN A 25 0.54 26.08 -4.79
C GLN A 25 -0.35 26.53 -5.95
N ILE A 26 -1.46 25.86 -6.15
CA ILE A 26 -2.37 26.26 -7.27
C ILE A 26 -3.58 27.01 -6.73
N GLU A 27 -4.70 26.92 -7.41
CA GLU A 27 -5.92 27.64 -6.92
C GLU A 27 -6.35 27.07 -5.58
N SER A 28 -5.90 25.90 -5.23
CA SER A 28 -6.28 25.30 -3.92
C SER A 28 -5.18 25.52 -2.88
N TYR A 29 -5.50 26.10 -1.77
CA TYR A 29 -4.47 26.35 -0.73
C TYR A 29 -4.02 25.02 -0.09
N GLY A 30 -3.02 25.06 0.74
CA GLY A 30 -2.53 23.80 1.39
C GLY A 30 -1.05 23.61 1.09
N GLU A 31 -0.36 22.84 1.89
CA GLU A 31 1.09 22.62 1.64
C GLU A 31 1.46 21.16 1.95
N PRO A 32 2.11 20.54 0.99
CA PRO A 32 2.53 19.14 1.15
C PRO A 32 3.69 19.03 2.16
N GLU A 33 3.39 18.64 3.37
CA GLU A 33 4.47 18.52 4.39
C GLU A 33 5.18 17.18 4.27
N PHE A 34 4.46 16.13 3.96
CA PHE A 34 5.11 14.80 3.83
C PHE A 34 5.91 14.73 2.53
N HIS A 35 6.15 13.54 2.03
CA HIS A 35 6.94 13.42 0.76
C HIS A 35 6.50 12.16 0.00
N THR A 36 5.37 11.59 0.34
CA THR A 36 4.91 10.36 -0.38
C THR A 36 3.41 10.15 -0.19
N ALA A 37 2.88 9.07 -0.72
CA ALA A 37 1.43 8.78 -0.57
C ALA A 37 1.21 7.73 0.51
N LYS A 38 -0.02 7.45 0.86
CA LYS A 38 -0.29 6.43 1.90
C LYS A 38 -1.47 5.55 1.50
N VAL A 39 -1.64 4.43 2.17
CA VAL A 39 -2.76 3.51 1.84
C VAL A 39 -3.81 3.54 2.96
N HIS A 40 -5.07 3.54 2.62
CA HIS A 40 -6.12 3.56 3.68
C HIS A 40 -6.85 2.22 3.77
N LEU A 41 -6.54 1.44 4.76
CA LEU A 41 -7.21 0.11 4.91
C LEU A 41 -7.93 0.05 6.27
N LYS A 42 -9.21 -0.22 6.28
CA LYS A 42 -9.93 -0.28 7.59
C LYS A 42 -11.18 -1.15 7.49
N CYS A 43 -11.28 -2.16 8.31
CA CYS A 43 -12.48 -3.05 8.28
C CYS A 43 -13.44 -2.63 9.39
N ALA A 44 -14.71 -2.96 9.26
CA ALA A 44 -15.69 -2.57 10.32
C ALA A 44 -15.08 -2.82 11.71
N PRO A 45 -15.64 -2.16 12.70
CA PRO A 45 -15.14 -2.32 14.08
C PRO A 45 -15.52 -3.70 14.63
N GLY A 46 -14.61 -4.63 14.57
CA GLY A 46 -14.89 -5.99 15.09
C GLY A 46 -14.12 -7.02 14.26
N GLN A 47 -13.92 -6.72 13.00
CA GLN A 47 -13.17 -7.67 12.13
C GLN A 47 -11.71 -7.22 11.99
N THR A 48 -10.82 -7.84 12.70
CA THR A 48 -9.38 -7.45 12.60
C THR A 48 -8.71 -8.17 11.43
N ILE A 49 -7.77 -7.53 10.79
CA ILE A 49 -7.08 -8.18 9.64
C ILE A 49 -6.27 -9.38 10.15
N SER A 50 -6.20 -10.44 9.39
CA SER A 50 -5.41 -11.62 9.86
C SER A 50 -4.53 -12.19 8.74
N ALA A 51 -4.63 -11.66 7.55
CA ALA A 51 -3.77 -12.20 6.46
C ALA A 51 -3.89 -11.36 5.19
N ILE A 52 -2.85 -11.34 4.39
CA ILE A 52 -2.87 -10.55 3.13
C ILE A 52 -2.89 -11.50 1.93
N LYS A 53 -3.90 -11.42 1.11
CA LYS A 53 -3.96 -12.34 -0.08
C LYS A 53 -3.08 -11.83 -1.21
N PHE A 54 -3.10 -10.55 -1.48
CA PHE A 54 -2.24 -10.01 -2.58
C PHE A 54 -1.51 -8.76 -2.13
N ALA A 55 -0.37 -8.48 -2.71
CA ALA A 55 0.41 -7.27 -2.32
C ALA A 55 1.71 -7.22 -3.13
N SER A 56 1.84 -6.25 -3.99
CA SER A 56 3.08 -6.14 -4.81
C SER A 56 3.40 -4.68 -5.12
N PHE A 57 4.59 -4.24 -4.82
CA PHE A 57 4.97 -2.82 -5.10
C PHE A 57 5.67 -2.72 -6.46
N GLY A 58 5.08 -2.02 -7.40
CA GLY A 58 5.73 -1.90 -8.74
C GLY A 58 4.70 -1.39 -9.77
N THR A 59 4.68 -1.98 -10.93
CA THR A 59 3.71 -1.53 -11.97
C THR A 59 2.82 -2.70 -12.43
N PRO A 60 2.04 -3.20 -11.52
CA PRO A 60 1.14 -4.34 -11.83
C PRO A 60 -0.05 -3.86 -12.68
N LEU A 61 -0.83 -4.77 -13.19
CA LEU A 61 -2.00 -4.36 -14.01
C LEU A 61 -3.27 -5.08 -13.52
N GLY A 62 -4.41 -4.74 -14.07
CA GLY A 62 -5.68 -5.39 -13.63
C GLY A 62 -6.54 -4.38 -12.88
N THR A 63 -7.59 -4.84 -12.25
CA THR A 63 -8.49 -3.89 -11.50
C THR A 63 -8.44 -4.21 -9.99
N CYS A 64 -9.35 -5.02 -9.52
CA CYS A 64 -9.36 -5.36 -8.07
C CYS A 64 -9.68 -6.85 -7.88
N GLY A 65 -8.79 -7.58 -7.27
CA GLY A 65 -9.04 -9.04 -7.05
C GLY A 65 -8.39 -9.84 -8.19
N THR A 66 -7.83 -9.17 -9.16
CA THR A 66 -7.18 -9.91 -10.29
C THR A 66 -5.96 -9.14 -10.79
N PHE A 67 -5.26 -8.48 -9.90
CA PHE A 67 -4.06 -7.72 -10.32
C PHE A 67 -3.10 -8.61 -11.11
N GLN A 68 -2.03 -8.04 -11.61
CA GLN A 68 -1.05 -8.85 -12.40
C GLN A 68 0.38 -8.45 -12.04
N GLN A 69 1.30 -9.37 -12.04
CA GLN A 69 2.70 -9.02 -11.70
C GLN A 69 3.28 -8.06 -12.75
N GLY A 70 3.88 -6.99 -12.33
CA GLY A 70 4.45 -6.02 -13.30
C GLY A 70 5.92 -6.36 -13.57
N GLU A 71 6.66 -5.44 -14.12
CA GLU A 71 8.10 -5.72 -14.40
C GLU A 71 8.98 -5.13 -13.30
N CYS A 72 8.43 -4.27 -12.49
CA CYS A 72 9.23 -3.65 -11.40
C CYS A 72 8.66 -4.05 -10.04
N HIS A 73 8.78 -5.30 -9.67
CA HIS A 73 8.25 -5.75 -8.35
C HIS A 73 9.37 -5.91 -7.33
N SER A 74 9.11 -5.62 -6.08
CA SER A 74 10.16 -5.75 -5.04
C SER A 74 10.08 -7.16 -4.42
N ILE A 75 10.99 -7.51 -3.56
CA ILE A 75 10.95 -8.88 -2.95
C ILE A 75 10.46 -8.79 -1.50
N ASN A 76 9.80 -7.72 -1.15
CA ASN A 76 9.30 -7.57 0.25
C ASN A 76 7.84 -7.12 0.21
N SER A 77 7.10 -7.61 -0.74
CA SER A 77 5.66 -7.23 -0.87
C SER A 77 4.84 -7.74 0.32
N ASN A 78 4.88 -9.02 0.58
CA ASN A 78 4.10 -9.58 1.73
C ASN A 78 4.89 -9.50 3.03
N SER A 79 5.96 -8.75 3.06
CA SER A 79 6.76 -8.65 4.31
C SER A 79 6.26 -7.49 5.18
N VAL A 80 6.36 -6.29 4.68
CA VAL A 80 5.90 -5.11 5.46
C VAL A 80 4.37 -5.12 5.61
N LEU A 81 3.69 -5.85 4.76
CA LEU A 81 2.20 -5.90 4.87
C LEU A 81 1.77 -6.65 6.14
N GLU A 82 2.27 -7.83 6.35
CA GLU A 82 1.88 -8.60 7.57
C GLU A 82 2.44 -7.93 8.84
N ARG A 83 3.41 -7.08 8.69
CA ARG A 83 4.02 -6.40 9.88
C ARG A 83 3.31 -5.07 10.17
N LYS A 84 2.61 -4.52 9.23
CA LYS A 84 1.92 -3.21 9.49
C LYS A 84 0.41 -3.29 9.20
N CYS A 85 -0.18 -4.44 9.31
CA CYS A 85 -1.66 -4.55 9.04
C CYS A 85 -2.25 -5.82 9.66
N ILE A 86 -1.58 -6.42 10.60
CA ILE A 86 -2.11 -7.67 11.22
C ILE A 86 -2.23 -7.49 12.75
N GLY A 87 -3.44 -7.46 13.25
CA GLY A 87 -3.61 -7.28 14.72
C GLY A 87 -4.37 -5.97 14.99
N LEU A 88 -4.63 -5.20 13.97
CA LEU A 88 -5.34 -3.91 14.17
C LEU A 88 -6.58 -3.85 13.26
N GLU A 89 -7.68 -3.38 13.77
CA GLU A 89 -8.90 -3.29 12.94
C GLU A 89 -8.66 -2.30 11.80
N ARG A 90 -7.67 -1.48 11.94
CA ARG A 90 -7.35 -0.47 10.89
C ARG A 90 -5.84 -0.32 10.78
N CYS A 91 -5.32 -0.34 9.59
CA CYS A 91 -3.84 -0.20 9.43
C CYS A 91 -3.51 0.64 8.20
N VAL A 92 -2.44 1.40 8.26
CA VAL A 92 -2.06 2.24 7.09
C VAL A 92 -0.66 1.86 6.59
N VAL A 93 -0.48 1.74 5.31
CA VAL A 93 0.87 1.37 4.77
C VAL A 93 1.49 2.54 4.01
N ALA A 94 2.51 3.14 4.55
CA ALA A 94 3.17 4.28 3.86
C ALA A 94 3.92 3.79 2.62
N ILE A 95 3.58 4.29 1.47
CA ILE A 95 4.29 3.84 0.22
C ILE A 95 5.61 4.59 0.07
N SER A 96 6.70 3.95 0.35
CA SER A 96 8.03 4.63 0.22
C SER A 96 9.14 3.58 0.16
N PRO A 97 10.29 4.02 -0.27
CA PRO A 97 11.46 3.12 -0.38
C PRO A 97 11.99 2.78 1.02
N SER A 98 11.72 3.62 1.99
CA SER A 98 12.21 3.34 3.37
C SER A 98 11.22 2.43 4.10
N ASN A 99 10.72 1.42 3.43
CA ASN A 99 9.74 0.50 4.08
C ASN A 99 9.97 -0.93 3.60
N PHE A 100 10.12 -1.12 2.32
CA PHE A 100 10.35 -2.49 1.79
C PHE A 100 11.85 -2.81 1.75
N GLY A 101 12.66 -1.96 2.33
CA GLY A 101 14.13 -2.21 2.34
C GLY A 101 14.76 -1.65 1.05
N GLY A 102 14.51 -0.40 0.76
CA GLY A 102 15.11 0.21 -0.47
C GLY A 102 14.13 0.04 -1.65
N ASP A 103 14.55 0.42 -2.82
CA ASP A 103 13.65 0.28 -4.02
C ASP A 103 14.36 -0.51 -5.12
N PRO A 104 13.59 -1.20 -5.90
CA PRO A 104 14.13 -2.00 -7.01
C PRO A 104 14.52 -1.11 -8.20
N CYS A 105 13.57 -0.45 -8.79
CA CYS A 105 13.89 0.44 -9.96
C CYS A 105 13.43 1.88 -9.69
N PRO A 106 14.38 2.78 -9.65
CA PRO A 106 14.08 4.20 -9.41
C PRO A 106 13.77 4.93 -10.73
N GLU A 107 13.27 6.13 -10.65
CA GLU A 107 12.95 6.90 -11.89
C GLU A 107 11.90 6.17 -12.73
N VAL A 108 11.07 5.38 -12.11
CA VAL A 108 10.03 4.66 -12.89
C VAL A 108 8.65 4.82 -12.24
N MET A 109 7.73 5.46 -12.91
CA MET A 109 6.38 5.65 -12.32
C MET A 109 5.92 4.35 -11.67
N LYS A 110 5.59 4.39 -10.41
CA LYS A 110 5.14 3.14 -9.72
C LYS A 110 3.64 3.18 -9.41
N ARG A 111 3.16 2.12 -8.83
CA ARG A 111 1.72 2.03 -8.46
C ARG A 111 1.57 0.96 -7.37
N VAL A 112 0.73 1.17 -6.41
CA VAL A 112 0.59 0.14 -5.34
C VAL A 112 -0.78 -0.57 -5.41
N ALA A 113 -0.77 -1.85 -5.19
CA ALA A 113 -2.03 -2.65 -5.23
C ALA A 113 -2.01 -3.66 -4.08
N VAL A 114 -2.85 -3.50 -3.09
CA VAL A 114 -2.84 -4.46 -1.95
C VAL A 114 -4.24 -5.00 -1.66
N GLU A 115 -4.31 -6.08 -0.93
CA GLU A 115 -5.62 -6.69 -0.57
C GLU A 115 -5.56 -7.18 0.88
N ALA A 116 -6.64 -7.14 1.59
CA ALA A 116 -6.60 -7.60 3.02
C ALA A 116 -7.70 -8.63 3.30
N VAL A 117 -7.60 -9.32 4.40
CA VAL A 117 -8.62 -10.34 4.76
C VAL A 117 -9.08 -10.11 6.20
N CYS A 118 -10.30 -9.69 6.39
CA CYS A 118 -10.79 -9.45 7.78
C CYS A 118 -11.80 -10.52 8.19
N SER A 119 -11.65 -11.07 9.36
CA SER A 119 -12.60 -12.13 9.84
C SER A 119 -13.20 -11.72 11.19
N THR A 120 -13.34 -12.66 12.09
CA THR A 120 -13.93 -12.32 13.43
C THR A 120 -13.06 -12.91 14.55
N ALA A 121 -12.94 -12.19 15.64
CA ALA A 121 -12.11 -12.72 16.77
C ALA A 121 -12.99 -12.98 17.99
N ALA A 122 -13.77 -14.03 17.96
CA ALA A 122 -14.65 -14.35 19.12
C ALA A 122 -15.40 -13.08 19.57
N ARG A 5 -16.67 -19.44 9.40
CA ARG A 5 -16.63 -18.96 8.00
C ARG A 5 -15.70 -17.74 7.87
N THR A 6 -14.92 -17.70 6.82
CA THR A 6 -14.00 -16.54 6.64
C THR A 6 -14.46 -15.67 5.47
N VAL A 7 -14.75 -14.43 5.73
CA VAL A 7 -15.22 -13.53 4.63
C VAL A 7 -14.38 -12.24 4.62
N SER A 8 -14.31 -11.59 3.49
CA SER A 8 -13.52 -10.33 3.40
C SER A 8 -13.74 -9.68 2.03
N GLY A 9 -13.06 -8.60 1.75
CA GLY A 9 -13.24 -7.93 0.44
C GLY A 9 -12.86 -6.46 0.54
N VAL A 10 -11.61 -6.18 0.78
CA VAL A 10 -11.17 -4.76 0.90
C VAL A 10 -10.07 -4.46 -0.12
N CYS A 11 -9.95 -3.24 -0.55
CA CYS A 11 -8.89 -2.91 -1.54
C CYS A 11 -8.38 -1.48 -1.31
N ALA A 12 -7.11 -1.26 -1.52
CA ALA A 12 -6.55 0.12 -1.32
C ALA A 12 -5.61 0.46 -2.47
N ASP A 13 -6.02 1.35 -3.34
CA ASP A 13 -5.15 1.73 -4.49
C ASP A 13 -4.79 3.21 -4.42
N VAL A 14 -3.53 3.53 -4.39
CA VAL A 14 -3.11 4.95 -4.32
C VAL A 14 -2.08 5.24 -5.41
N SER A 15 -1.86 6.50 -5.73
CA SER A 15 -0.86 6.83 -6.79
C SER A 15 0.37 7.51 -6.17
N GLU A 16 1.53 7.18 -6.63
CA GLU A 16 2.77 7.80 -6.07
C GLU A 16 2.84 9.27 -6.49
N TYR A 17 3.87 9.97 -6.06
CA TYR A 17 3.99 11.41 -6.44
C TYR A 17 5.42 11.90 -6.16
N HIS A 18 6.13 12.28 -7.18
CA HIS A 18 7.53 12.77 -6.98
C HIS A 18 8.07 13.37 -8.28
N PRO A 19 8.06 14.67 -8.34
CA PRO A 19 8.56 15.37 -9.54
C PRO A 19 10.10 15.34 -9.58
N ASN A 20 10.68 15.43 -10.74
CA ASN A 20 12.17 15.41 -10.83
C ASN A 20 12.75 16.70 -10.26
N ILE A 21 13.55 16.59 -9.24
CA ILE A 21 14.15 17.82 -8.63
C ILE A 21 15.56 17.52 -8.11
N LYS A 22 16.20 18.52 -7.55
CA LYS A 22 17.58 18.32 -7.02
C LYS A 22 18.16 19.65 -6.56
N ASN A 23 17.75 20.73 -7.18
CA ASN A 23 18.26 22.08 -6.79
C ASN A 23 17.13 23.11 -6.89
N TRP A 24 16.78 23.74 -5.81
CA TRP A 24 15.69 24.75 -5.88
C TRP A 24 16.19 26.13 -5.42
N GLN A 25 16.66 26.23 -4.21
CA GLN A 25 17.16 27.55 -3.71
C GLN A 25 18.65 27.48 -3.40
N ILE A 26 19.27 28.61 -3.17
CA ILE A 26 20.74 28.62 -2.86
C ILE A 26 21.04 29.69 -1.81
N GLU A 27 20.39 29.65 -0.68
CA GLU A 27 20.65 30.66 0.38
C GLU A 27 20.64 30.00 1.76
N SER A 28 19.47 29.68 2.26
CA SER A 28 19.40 29.03 3.60
C SER A 28 17.97 28.56 3.88
N TYR A 29 17.28 28.10 2.87
CA TYR A 29 15.87 27.63 3.09
C TYR A 29 15.65 26.27 2.41
N GLY A 30 14.82 25.45 2.98
CA GLY A 30 14.56 24.11 2.36
C GLY A 30 13.13 24.07 1.81
N GLU A 31 12.62 22.90 1.54
CA GLU A 31 11.23 22.78 1.01
C GLU A 31 10.32 22.08 2.02
N PRO A 32 9.61 22.86 2.78
CA PRO A 32 8.70 22.31 3.80
C PRO A 32 7.39 21.84 3.16
N GLU A 33 7.22 20.56 2.98
CA GLU A 33 5.97 20.04 2.37
C GLU A 33 5.99 18.52 2.31
N PHE A 34 4.96 17.92 1.75
CA PHE A 34 4.92 16.44 1.66
C PHE A 34 5.46 15.97 0.30
N HIS A 35 5.77 14.70 0.17
CA HIS A 35 6.29 14.19 -1.13
C HIS A 35 5.87 12.74 -1.34
N THR A 36 4.95 12.25 -0.56
CA THR A 36 4.50 10.83 -0.74
C THR A 36 3.02 10.69 -0.40
N ALA A 37 2.44 9.57 -0.72
CA ALA A 37 0.99 9.36 -0.42
C ALA A 37 0.83 8.39 0.75
N LYS A 38 -0.37 8.13 1.16
CA LYS A 38 -0.59 7.19 2.30
C LYS A 38 -1.68 6.17 1.97
N VAL A 39 -1.56 4.98 2.48
CA VAL A 39 -2.59 3.93 2.19
C VAL A 39 -3.40 3.64 3.45
N HIS A 40 -4.70 3.61 3.35
CA HIS A 40 -5.53 3.34 4.56
C HIS A 40 -6.39 2.09 4.36
N LEU A 41 -6.20 1.10 5.18
CA LEU A 41 -7.00 -0.14 5.05
C LEU A 41 -7.89 -0.30 6.29
N LYS A 42 -9.18 -0.29 6.13
CA LYS A 42 -10.07 -0.42 7.32
C LYS A 42 -11.23 -1.39 7.02
N CYS A 43 -11.32 -2.45 7.79
CA CYS A 43 -12.42 -3.43 7.57
C CYS A 43 -13.55 -3.19 8.59
N ALA A 44 -14.61 -3.93 8.51
CA ALA A 44 -15.72 -3.73 9.47
C ALA A 44 -15.24 -3.97 10.90
N PRO A 45 -15.99 -3.47 11.84
CA PRO A 45 -15.63 -3.62 13.27
C PRO A 45 -15.79 -5.08 13.70
N GLY A 46 -14.84 -5.60 14.44
CA GLY A 46 -14.94 -7.01 14.89
C GLY A 46 -14.20 -7.92 13.89
N GLN A 47 -14.18 -7.52 12.65
CA GLN A 47 -13.48 -8.36 11.62
C GLN A 47 -11.98 -8.04 11.63
N THR A 48 -11.17 -8.93 12.15
CA THR A 48 -9.70 -8.67 12.19
C THR A 48 -9.02 -9.33 10.99
N ILE A 49 -7.98 -8.73 10.48
CA ILE A 49 -7.27 -9.32 9.31
C ILE A 49 -6.40 -10.50 9.78
N SER A 50 -6.36 -11.56 9.04
CA SER A 50 -5.52 -12.73 9.47
C SER A 50 -4.76 -13.32 8.28
N ALA A 51 -4.96 -12.82 7.09
CA ALA A 51 -4.22 -13.38 5.92
C ALA A 51 -4.11 -12.36 4.79
N ILE A 52 -2.90 -12.00 4.42
CA ILE A 52 -2.72 -11.02 3.32
C ILE A 52 -2.82 -11.73 1.97
N LYS A 53 -3.67 -11.27 1.10
CA LYS A 53 -3.79 -11.92 -0.22
C LYS A 53 -2.71 -11.43 -1.19
N PHE A 54 -2.38 -10.16 -1.15
CA PHE A 54 -1.32 -9.65 -2.09
C PHE A 54 -1.08 -8.15 -1.88
N ALA A 55 0.16 -7.77 -1.81
CA ALA A 55 0.51 -6.33 -1.61
C ALA A 55 1.87 -6.05 -2.25
N SER A 56 1.89 -5.70 -3.52
CA SER A 56 3.20 -5.42 -4.18
C SER A 56 3.45 -3.92 -4.33
N PHE A 57 4.66 -3.55 -4.63
CA PHE A 57 5.00 -2.11 -4.79
C PHE A 57 5.67 -1.88 -6.16
N GLY A 58 4.94 -1.39 -7.11
CA GLY A 58 5.54 -1.14 -8.46
C GLY A 58 4.43 -1.14 -9.51
N THR A 59 4.38 -2.15 -10.34
CA THR A 59 3.32 -2.20 -11.40
C THR A 59 2.59 -3.54 -11.35
N PRO A 60 1.43 -3.52 -10.75
CA PRO A 60 0.62 -4.74 -10.62
C PRO A 60 -0.07 -5.07 -11.96
N LEU A 61 -0.71 -6.20 -12.04
CA LEU A 61 -1.41 -6.58 -13.30
C LEU A 61 -2.85 -7.02 -13.00
N GLY A 62 -3.80 -6.16 -13.17
CA GLY A 62 -5.22 -6.53 -12.89
C GLY A 62 -5.93 -5.38 -12.19
N THR A 63 -7.07 -5.65 -11.59
CA THR A 63 -7.81 -4.56 -10.88
C THR A 63 -7.98 -4.91 -9.40
N CYS A 64 -8.79 -4.17 -8.69
CA CYS A 64 -8.99 -4.47 -7.25
C CYS A 64 -9.59 -5.86 -7.07
N GLY A 65 -8.77 -6.85 -6.86
CA GLY A 65 -9.30 -8.23 -6.68
C GLY A 65 -8.31 -9.24 -7.27
N THR A 66 -7.57 -8.83 -8.27
CA THR A 66 -6.58 -9.78 -8.89
C THR A 66 -5.20 -9.13 -8.93
N PHE A 67 -4.92 -8.25 -8.01
CA PHE A 67 -3.58 -7.59 -7.99
C PHE A 67 -2.47 -8.65 -8.01
N GLN A 68 -1.75 -8.75 -9.08
CA GLN A 68 -0.66 -9.75 -9.16
C GLN A 68 0.65 -9.08 -9.58
N GLN A 69 1.76 -9.64 -9.20
CA GLN A 69 3.07 -9.03 -9.58
C GLN A 69 3.13 -8.79 -11.09
N GLY A 70 3.18 -7.56 -11.50
CA GLY A 70 3.24 -7.26 -12.96
C GLY A 70 4.56 -7.76 -13.53
N GLU A 71 5.48 -6.89 -13.82
CA GLU A 71 6.79 -7.32 -14.39
C GLU A 71 7.91 -7.04 -13.40
N CYS A 72 7.78 -5.99 -12.63
CA CYS A 72 8.83 -5.64 -11.63
C CYS A 72 8.25 -5.62 -10.22
N HIS A 73 8.42 -6.68 -9.47
CA HIS A 73 7.88 -6.71 -8.09
C HIS A 73 9.02 -6.60 -7.08
N SER A 74 8.90 -5.73 -6.12
CA SER A 74 9.99 -5.59 -5.11
C SER A 74 10.16 -6.91 -4.35
N ILE A 75 10.40 -6.85 -3.06
CA ILE A 75 10.56 -8.12 -2.29
C ILE A 75 9.80 -8.01 -0.96
N ASN A 76 9.91 -6.89 -0.30
CA ASN A 76 9.19 -6.73 1.00
C ASN A 76 7.73 -6.32 0.73
N SER A 77 7.32 -6.41 -0.51
CA SER A 77 5.92 -6.04 -0.88
C SER A 77 4.92 -6.43 0.21
N ASN A 78 4.70 -7.70 0.43
CA ASN A 78 3.73 -8.11 1.49
C ASN A 78 4.46 -8.38 2.83
N SER A 79 5.71 -8.73 2.78
CA SER A 79 6.45 -9.00 4.05
C SER A 79 6.27 -7.83 5.03
N VAL A 80 5.95 -6.68 4.52
CA VAL A 80 5.75 -5.50 5.42
C VAL A 80 4.32 -5.48 5.98
N LEU A 81 3.35 -5.79 5.16
CA LEU A 81 1.93 -5.79 5.65
C LEU A 81 1.71 -6.90 6.69
N GLU A 82 2.27 -8.06 6.46
CA GLU A 82 2.09 -9.18 7.43
C GLU A 82 2.21 -8.66 8.88
N ARG A 83 3.22 -7.89 9.16
CA ARG A 83 3.39 -7.37 10.56
C ARG A 83 2.74 -5.99 10.74
N LYS A 84 2.64 -5.21 9.70
CA LYS A 84 2.02 -3.86 9.84
C LYS A 84 0.51 -3.91 9.59
N CYS A 85 -0.12 -5.03 9.84
CA CYS A 85 -1.60 -5.12 9.62
C CYS A 85 -2.21 -6.26 10.43
N ILE A 86 -1.88 -7.48 10.12
CA ILE A 86 -2.44 -8.64 10.88
C ILE A 86 -2.47 -8.35 12.38
N GLY A 87 -3.63 -8.44 12.99
CA GLY A 87 -3.72 -8.16 14.46
C GLY A 87 -4.60 -6.93 14.71
N LEU A 88 -4.95 -6.21 13.68
CA LEU A 88 -5.80 -5.00 13.86
C LEU A 88 -6.94 -4.99 12.85
N GLU A 89 -8.06 -4.39 13.19
CA GLU A 89 -9.20 -4.35 12.23
C GLU A 89 -8.90 -3.35 11.11
N ARG A 90 -7.91 -2.52 11.30
CA ARG A 90 -7.56 -1.52 10.23
C ARG A 90 -6.10 -1.10 10.37
N CYS A 91 -5.32 -1.28 9.35
CA CYS A 91 -3.88 -0.89 9.44
C CYS A 91 -3.52 0.11 8.33
N VAL A 92 -2.56 0.95 8.57
CA VAL A 92 -2.17 1.95 7.53
C VAL A 92 -0.68 1.80 7.17
N VAL A 93 -0.32 2.16 5.97
CA VAL A 93 1.12 2.03 5.56
C VAL A 93 1.48 3.12 4.56
N ALA A 94 2.20 4.12 5.00
CA ALA A 94 2.60 5.22 4.06
C ALA A 94 3.48 4.67 2.93
N ILE A 95 3.48 5.31 1.79
CA ILE A 95 4.32 4.82 0.66
C ILE A 95 5.52 5.74 0.46
N SER A 96 6.70 5.19 0.36
CA SER A 96 7.90 6.04 0.16
C SER A 96 9.07 5.18 -0.31
N PRO A 97 10.07 5.83 -0.84
CA PRO A 97 11.27 5.12 -1.34
C PRO A 97 12.13 4.64 -0.17
N SER A 98 11.79 5.03 1.03
CA SER A 98 12.59 4.61 2.21
C SER A 98 11.67 4.00 3.28
N ASN A 99 10.86 3.06 2.91
CA ASN A 99 9.93 2.44 3.90
C ASN A 99 10.04 0.90 3.85
N PHE A 100 10.17 0.34 2.68
CA PHE A 100 10.28 -1.14 2.57
C PHE A 100 11.75 -1.57 2.73
N GLY A 101 12.61 -1.10 1.88
CA GLY A 101 14.05 -1.49 1.98
C GLY A 101 14.73 -1.35 0.62
N GLY A 102 14.37 -0.34 -0.13
CA GLY A 102 15.00 -0.16 -1.48
C GLY A 102 13.92 0.24 -2.50
N ASP A 103 14.13 -0.09 -3.74
CA ASP A 103 13.13 0.26 -4.80
C ASP A 103 13.00 -0.89 -5.81
N PRO A 104 11.85 -0.96 -6.42
CA PRO A 104 11.59 -2.01 -7.43
C PRO A 104 12.36 -1.71 -8.73
N CYS A 105 11.72 -1.07 -9.68
CA CYS A 105 12.41 -0.75 -10.96
C CYS A 105 12.28 0.74 -11.29
N PRO A 106 13.36 1.34 -11.67
CA PRO A 106 13.38 2.77 -12.00
C PRO A 106 12.91 3.01 -13.45
N GLU A 107 13.04 4.22 -13.91
CA GLU A 107 12.61 4.55 -15.31
C GLU A 107 11.32 3.83 -15.67
N VAL A 108 10.44 3.65 -14.71
CA VAL A 108 9.15 2.95 -14.99
C VAL A 108 8.03 3.60 -14.18
N MET A 109 6.80 3.37 -14.55
CA MET A 109 5.67 3.98 -13.78
C MET A 109 5.72 3.49 -12.33
N LYS A 110 4.92 4.05 -11.46
CA LYS A 110 4.94 3.61 -10.04
C LYS A 110 3.55 3.73 -9.41
N ARG A 111 3.08 2.67 -8.79
CA ARG A 111 1.74 2.71 -8.14
C ARG A 111 1.68 1.64 -7.05
N VAL A 112 0.86 1.85 -6.04
CA VAL A 112 0.76 0.84 -4.95
C VAL A 112 -0.61 0.15 -4.97
N ALA A 113 -0.65 -1.11 -4.65
CA ALA A 113 -1.95 -1.85 -4.64
C ALA A 113 -1.91 -2.93 -3.56
N VAL A 114 -2.97 -3.08 -2.81
CA VAL A 114 -2.96 -4.12 -1.75
C VAL A 114 -4.36 -4.69 -1.51
N GLU A 115 -4.43 -5.89 -1.04
CA GLU A 115 -5.74 -6.54 -0.77
C GLU A 115 -5.64 -7.35 0.52
N ALA A 116 -6.41 -6.99 1.52
CA ALA A 116 -6.34 -7.75 2.81
C ALA A 116 -7.58 -8.62 3.01
N VAL A 117 -7.49 -9.58 3.89
CA VAL A 117 -8.65 -10.48 4.15
C VAL A 117 -9.04 -10.39 5.63
N CYS A 118 -10.15 -9.77 5.93
CA CYS A 118 -10.58 -9.66 7.36
C CYS A 118 -11.88 -10.42 7.59
N SER A 119 -11.88 -11.36 8.49
CA SER A 119 -13.11 -12.13 8.78
C SER A 119 -13.70 -11.71 10.13
N THR A 120 -14.98 -11.78 10.29
CA THR A 120 -15.59 -11.37 11.60
C THR A 120 -15.26 -12.39 12.68
N ALA A 121 -15.46 -12.02 13.93
CA ALA A 121 -15.17 -12.96 15.04
C ALA A 121 -16.27 -12.87 16.10
N ALA A 122 -17.42 -13.42 15.81
CA ALA A 122 -18.54 -13.38 16.79
C ALA A 122 -18.63 -14.69 17.57
N ARG A 5 -24.39 -11.10 7.23
CA ARG A 5 -23.28 -10.17 7.58
C ARG A 5 -21.96 -10.94 7.71
N THR A 6 -21.16 -10.93 6.68
CA THR A 6 -19.86 -11.67 6.75
C THR A 6 -18.85 -11.03 5.80
N VAL A 7 -17.89 -10.31 6.33
CA VAL A 7 -16.86 -9.66 5.46
C VAL A 7 -15.63 -10.56 5.34
N SER A 8 -15.07 -10.66 4.17
CA SER A 8 -13.86 -11.52 3.99
C SER A 8 -13.10 -11.13 2.72
N GLY A 9 -12.97 -9.85 2.45
CA GLY A 9 -12.22 -9.43 1.24
C GLY A 9 -12.24 -7.90 1.10
N VAL A 10 -11.12 -7.27 1.33
CA VAL A 10 -11.06 -5.78 1.22
C VAL A 10 -10.19 -5.38 0.02
N CYS A 11 -10.27 -4.16 -0.42
CA CYS A 11 -9.44 -3.75 -1.58
C CYS A 11 -8.76 -2.40 -1.32
N ALA A 12 -7.70 -2.11 -2.02
CA ALA A 12 -6.98 -0.81 -1.81
C ALA A 12 -6.09 -0.50 -3.02
N ASP A 13 -6.14 0.70 -3.53
CA ASP A 13 -5.30 1.05 -4.71
C ASP A 13 -4.92 2.53 -4.68
N VAL A 14 -3.67 2.83 -4.45
CA VAL A 14 -3.23 4.26 -4.42
C VAL A 14 -1.87 4.41 -5.10
N SER A 15 -1.50 5.61 -5.45
CA SER A 15 -0.17 5.82 -6.13
C SER A 15 0.97 5.71 -5.11
N GLU A 16 2.17 5.95 -5.53
CA GLU A 16 3.31 5.87 -4.58
C GLU A 16 3.69 7.26 -4.07
N TYR A 17 4.88 7.40 -3.57
CA TYR A 17 5.32 8.74 -3.06
C TYR A 17 5.77 9.63 -4.21
N HIS A 18 5.93 10.91 -3.95
CA HIS A 18 6.37 11.85 -5.02
C HIS A 18 7.03 13.09 -4.41
N PRO A 19 8.12 13.49 -5.01
CA PRO A 19 8.87 14.67 -4.51
C PRO A 19 8.18 15.98 -4.95
N ASN A 20 7.33 15.91 -5.93
CA ASN A 20 6.64 17.16 -6.40
C ASN A 20 5.22 17.22 -5.83
N ILE A 21 4.76 18.41 -5.53
CA ILE A 21 3.38 18.54 -4.96
C ILE A 21 2.39 18.93 -6.06
N LYS A 22 1.36 18.15 -6.24
CA LYS A 22 0.35 18.46 -7.30
C LYS A 22 -1.05 18.07 -6.84
N ASN A 23 -1.20 17.74 -5.59
CA ASN A 23 -2.55 17.33 -5.08
C ASN A 23 -3.17 18.47 -4.26
N TRP A 24 -2.54 19.62 -4.27
CA TRP A 24 -3.08 20.78 -3.50
C TRP A 24 -3.06 22.04 -4.37
N GLN A 25 -4.19 22.68 -4.52
CA GLN A 25 -4.22 23.91 -5.35
C GLN A 25 -5.13 24.97 -4.71
N ILE A 26 -5.23 24.97 -3.40
CA ILE A 26 -6.11 25.96 -2.73
C ILE A 26 -5.36 26.59 -1.54
N GLU A 27 -4.08 26.42 -1.50
CA GLU A 27 -3.28 26.99 -0.37
C GLU A 27 -2.24 27.98 -0.92
N SER A 28 -1.17 28.21 -0.22
CA SER A 28 -0.14 29.15 -0.72
C SER A 28 0.80 28.44 -1.70
N TYR A 29 0.40 27.31 -2.22
CA TYR A 29 1.29 26.57 -3.18
C TYR A 29 2.62 26.21 -2.53
N GLY A 30 2.85 24.95 -2.27
CA GLY A 30 4.14 24.53 -1.64
C GLY A 30 3.94 24.32 -0.14
N GLU A 31 3.55 23.14 0.25
CA GLU A 31 3.34 22.86 1.70
C GLU A 31 4.59 22.18 2.29
N PRO A 32 5.10 22.76 3.35
CA PRO A 32 6.29 22.20 4.01
C PRO A 32 5.94 20.99 4.87
N GLU A 33 6.82 20.02 4.92
CA GLU A 33 6.56 18.80 5.75
C GLU A 33 5.28 18.07 5.28
N PHE A 34 5.17 17.82 4.00
CA PHE A 34 3.95 17.12 3.50
C PHE A 34 4.07 15.62 3.81
N HIS A 35 3.22 14.80 3.24
CA HIS A 35 3.32 13.32 3.53
C HIS A 35 3.38 12.50 2.23
N THR A 36 3.62 11.22 2.35
CA THR A 36 3.69 10.35 1.14
C THR A 36 2.36 9.63 0.93
N ALA A 37 2.10 9.17 -0.27
CA ALA A 37 0.82 8.47 -0.54
C ALA A 37 0.69 7.25 0.37
N LYS A 38 -0.34 7.18 1.17
CA LYS A 38 -0.51 6.02 2.08
C LYS A 38 -1.66 5.13 1.63
N VAL A 39 -1.72 3.92 2.12
CA VAL A 39 -2.81 3.00 1.72
C VAL A 39 -3.78 2.86 2.90
N HIS A 40 -5.05 3.01 2.66
CA HIS A 40 -6.00 2.89 3.79
C HIS A 40 -6.90 1.66 3.67
N LEU A 41 -6.69 0.69 4.54
CA LEU A 41 -7.51 -0.55 4.52
C LEU A 41 -8.18 -0.68 5.87
N LYS A 42 -9.44 -0.41 5.96
CA LYS A 42 -10.12 -0.53 7.28
C LYS A 42 -11.39 -1.37 7.21
N CYS A 43 -11.72 -2.00 8.30
CA CYS A 43 -12.94 -2.85 8.34
C CYS A 43 -13.83 -2.40 9.50
N ALA A 44 -15.07 -2.79 9.52
CA ALA A 44 -15.97 -2.37 10.63
C ALA A 44 -15.23 -2.50 11.97
N PRO A 45 -15.66 -1.73 12.92
CA PRO A 45 -15.05 -1.76 14.27
C PRO A 45 -15.38 -3.07 14.97
N GLY A 46 -14.48 -4.02 14.95
CA GLY A 46 -14.74 -5.32 15.61
C GLY A 46 -14.09 -6.42 14.80
N GLN A 47 -14.00 -6.24 13.51
CA GLN A 47 -13.36 -7.29 12.65
C GLN A 47 -11.85 -7.09 12.61
N THR A 48 -11.11 -8.12 12.32
CA THR A 48 -9.63 -7.98 12.27
C THR A 48 -9.06 -8.73 11.07
N ILE A 49 -8.03 -8.23 10.47
CA ILE A 49 -7.43 -8.92 9.30
C ILE A 49 -6.79 -10.22 9.76
N SER A 50 -7.13 -11.31 9.13
CA SER A 50 -6.54 -12.61 9.55
C SER A 50 -5.47 -13.08 8.56
N ALA A 51 -5.33 -12.42 7.43
CA ALA A 51 -4.28 -12.86 6.46
C ALA A 51 -4.22 -11.95 5.24
N ILE A 52 -3.06 -11.84 4.64
CA ILE A 52 -2.92 -10.98 3.44
C ILE A 52 -2.95 -11.86 2.19
N LYS A 53 -3.57 -11.42 1.14
CA LYS A 53 -3.62 -12.26 -0.10
C LYS A 53 -2.74 -11.69 -1.22
N PHE A 54 -2.46 -10.42 -1.20
CA PHE A 54 -1.59 -9.86 -2.29
C PHE A 54 -0.87 -8.59 -1.84
N ALA A 55 0.17 -8.22 -2.54
CA ALA A 55 0.94 -6.99 -2.17
C ALA A 55 2.12 -6.83 -3.14
N SER A 56 2.09 -5.84 -3.98
CA SER A 56 3.21 -5.64 -4.94
C SER A 56 3.47 -4.15 -5.16
N PHE A 57 4.61 -3.66 -4.74
CA PHE A 57 4.92 -2.21 -4.94
C PHE A 57 5.67 -2.01 -6.26
N GLY A 58 4.96 -2.02 -7.36
CA GLY A 58 5.63 -1.82 -8.68
C GLY A 58 4.59 -1.50 -9.75
N THR A 59 4.55 -2.28 -10.79
CA THR A 59 3.56 -2.01 -11.88
C THR A 59 2.63 -3.22 -12.06
N PRO A 60 1.68 -3.33 -11.19
CA PRO A 60 0.72 -4.45 -11.24
C PRO A 60 -0.36 -4.18 -12.30
N LEU A 61 -1.23 -5.13 -12.52
CA LEU A 61 -2.31 -4.94 -13.54
C LEU A 61 -3.60 -5.60 -13.06
N GLY A 62 -4.70 -4.92 -13.20
CA GLY A 62 -6.00 -5.51 -12.75
C GLY A 62 -6.89 -4.41 -12.18
N THR A 63 -8.02 -4.77 -11.64
CA THR A 63 -8.94 -3.73 -11.06
C THR A 63 -9.67 -4.30 -9.83
N CYS A 64 -8.94 -4.57 -8.77
CA CYS A 64 -9.60 -5.12 -7.54
C CYS A 64 -10.34 -6.42 -7.88
N GLY A 65 -9.90 -7.51 -7.32
CA GLY A 65 -10.57 -8.81 -7.60
C GLY A 65 -9.68 -9.68 -8.47
N THR A 66 -8.70 -9.09 -9.11
CA THR A 66 -7.79 -9.90 -9.97
C THR A 66 -6.47 -9.16 -10.19
N PHE A 67 -5.86 -8.67 -9.14
CA PHE A 67 -4.57 -7.94 -9.29
C PHE A 67 -3.53 -8.85 -9.95
N GLN A 68 -2.61 -8.30 -10.69
CA GLN A 68 -1.58 -9.14 -11.35
C GLN A 68 -0.19 -8.50 -11.20
N GLN A 69 0.84 -9.26 -11.40
CA GLN A 69 2.22 -8.70 -11.27
C GLN A 69 2.73 -8.24 -12.64
N GLY A 70 3.49 -7.18 -12.66
CA GLY A 70 4.02 -6.67 -13.96
C GLY A 70 5.44 -7.19 -14.16
N GLU A 71 6.30 -6.37 -14.71
CA GLU A 71 7.70 -6.82 -14.93
C GLU A 71 8.57 -6.40 -13.74
N CYS A 72 8.31 -5.25 -13.20
CA CYS A 72 9.12 -4.76 -12.03
C CYS A 72 8.36 -5.00 -10.72
N HIS A 73 9.06 -5.15 -9.63
CA HIS A 73 8.37 -5.38 -8.32
C HIS A 73 9.39 -5.44 -7.19
N SER A 74 9.05 -4.92 -6.04
CA SER A 74 10.01 -4.95 -4.91
C SER A 74 10.09 -6.37 -4.34
N ILE A 75 11.24 -6.79 -3.92
CA ILE A 75 11.37 -8.18 -3.36
C ILE A 75 11.14 -8.15 -1.85
N ASN A 76 10.16 -7.40 -1.42
CA ASN A 76 9.85 -7.32 0.05
C ASN A 76 8.42 -6.83 0.26
N SER A 77 7.58 -7.01 -0.73
CA SER A 77 6.16 -6.56 -0.62
C SER A 77 5.45 -7.21 0.59
N ASN A 78 5.17 -8.48 0.50
CA ASN A 78 4.48 -9.17 1.64
C ASN A 78 5.32 -9.14 2.92
N SER A 79 6.54 -8.69 2.86
CA SER A 79 7.37 -8.66 4.09
C SER A 79 6.90 -7.53 5.02
N VAL A 80 6.44 -6.45 4.47
CA VAL A 80 5.97 -5.32 5.33
C VAL A 80 4.47 -5.47 5.63
N LEU A 81 3.78 -6.25 4.85
CA LEU A 81 2.32 -6.44 5.09
C LEU A 81 2.07 -7.46 6.21
N GLU A 82 2.73 -8.59 6.18
CA GLU A 82 2.52 -9.61 7.24
C GLU A 82 3.17 -9.18 8.56
N ARG A 83 4.13 -8.30 8.51
CA ARG A 83 4.80 -7.86 9.78
C ARG A 83 4.17 -6.57 10.35
N LYS A 84 3.43 -5.83 9.57
CA LYS A 84 2.82 -4.58 10.14
C LYS A 84 1.36 -4.37 9.69
N CYS A 85 0.55 -5.38 9.72
CA CYS A 85 -0.88 -5.20 9.29
C CYS A 85 -1.74 -6.36 9.79
N ILE A 86 -1.21 -7.54 9.79
CA ILE A 86 -2.00 -8.71 10.26
C ILE A 86 -2.22 -8.66 11.78
N GLY A 87 -3.44 -8.49 12.22
CA GLY A 87 -3.70 -8.43 13.69
C GLY A 87 -4.31 -7.07 14.07
N LEU A 88 -4.85 -6.35 13.14
CA LEU A 88 -5.45 -5.02 13.47
C LEU A 88 -6.73 -4.79 12.66
N GLU A 89 -7.72 -4.17 13.26
CA GLU A 89 -9.00 -3.91 12.53
C GLU A 89 -8.73 -2.90 11.41
N ARG A 90 -7.75 -2.07 11.58
CA ARG A 90 -7.42 -1.05 10.55
C ARG A 90 -5.95 -1.16 10.16
N CYS A 91 -5.61 -0.75 8.97
CA CYS A 91 -4.19 -0.84 8.53
C CYS A 91 -3.78 0.44 7.78
N VAL A 92 -2.74 1.09 8.24
CA VAL A 92 -2.29 2.34 7.57
C VAL A 92 -0.78 2.28 7.31
N VAL A 93 -0.40 2.03 6.08
CA VAL A 93 1.07 1.96 5.76
C VAL A 93 1.40 2.94 4.63
N ALA A 94 2.28 3.85 4.88
CA ALA A 94 2.67 4.83 3.82
C ALA A 94 3.51 4.15 2.75
N ILE A 95 3.60 4.73 1.59
CA ILE A 95 4.41 4.12 0.50
C ILE A 95 5.62 4.99 0.20
N SER A 96 6.65 4.87 0.99
CA SER A 96 7.86 5.70 0.75
C SER A 96 9.01 4.81 0.25
N PRO A 97 9.96 5.46 -0.39
CA PRO A 97 11.13 4.73 -0.93
C PRO A 97 12.14 4.40 0.18
N SER A 98 11.75 4.56 1.43
CA SER A 98 12.70 4.26 2.54
C SER A 98 12.00 3.41 3.61
N ASN A 99 10.89 2.81 3.29
CA ASN A 99 10.18 1.97 4.29
C ASN A 99 10.11 0.52 3.82
N PHE A 100 10.33 0.29 2.55
CA PHE A 100 10.29 -1.11 2.02
C PHE A 100 11.70 -1.70 1.95
N GLY A 101 12.66 -0.90 1.56
CA GLY A 101 14.05 -1.42 1.47
C GLY A 101 14.96 -0.33 0.87
N GLY A 102 14.42 0.51 0.04
CA GLY A 102 15.26 1.59 -0.57
C GLY A 102 14.74 1.90 -1.97
N ASP A 103 15.14 1.13 -2.95
CA ASP A 103 14.66 1.39 -4.35
C ASP A 103 14.54 0.08 -5.12
N PRO A 104 13.35 -0.19 -5.59
CA PRO A 104 13.10 -1.43 -6.36
C PRO A 104 13.67 -1.30 -7.79
N CYS A 105 12.88 -0.83 -8.71
CA CYS A 105 13.38 -0.67 -10.11
C CYS A 105 13.86 0.76 -10.35
N PRO A 106 15.04 0.87 -10.90
CA PRO A 106 15.62 2.21 -11.18
C PRO A 106 14.93 2.86 -12.37
N GLU A 107 14.50 4.08 -12.23
CA GLU A 107 13.82 4.78 -13.36
C GLU A 107 12.61 3.97 -13.83
N VAL A 108 11.80 3.52 -12.92
CA VAL A 108 10.59 2.73 -13.32
C VAL A 108 9.37 3.23 -12.55
N MET A 109 8.33 3.60 -13.25
CA MET A 109 7.10 4.09 -12.56
C MET A 109 6.80 3.23 -11.33
N LYS A 110 5.98 3.71 -10.42
CA LYS A 110 5.67 2.89 -9.21
C LYS A 110 4.19 3.00 -8.84
N ARG A 111 3.61 1.92 -8.39
CA ARG A 111 2.16 1.94 -8.01
C ARG A 111 1.94 1.01 -6.80
N VAL A 112 0.88 1.21 -6.06
CA VAL A 112 0.65 0.32 -4.88
C VAL A 112 -0.72 -0.37 -4.95
N ALA A 113 -0.71 -1.67 -5.04
CA ALA A 113 -1.99 -2.43 -5.11
C ALA A 113 -2.00 -3.49 -3.99
N VAL A 114 -2.92 -3.41 -3.08
CA VAL A 114 -2.94 -4.41 -1.98
C VAL A 114 -4.31 -5.07 -1.82
N GLU A 115 -4.35 -6.16 -1.11
CA GLU A 115 -5.63 -6.89 -0.88
C GLU A 115 -5.53 -7.63 0.46
N ALA A 116 -6.43 -7.39 1.37
CA ALA A 116 -6.35 -8.09 2.69
C ALA A 116 -7.62 -8.90 2.98
N VAL A 117 -7.55 -9.77 3.96
CA VAL A 117 -8.74 -10.60 4.32
C VAL A 117 -9.28 -10.15 5.68
N CYS A 118 -10.40 -9.49 5.69
CA CYS A 118 -10.97 -9.02 6.99
C CYS A 118 -12.22 -9.83 7.36
N SER A 119 -12.42 -10.08 8.63
CA SER A 119 -13.61 -10.86 9.05
C SER A 119 -13.84 -10.68 10.56
N THR A 120 -15.08 -10.71 10.99
CA THR A 120 -15.37 -10.54 12.45
C THR A 120 -15.08 -11.83 13.20
N ALA A 121 -15.15 -11.80 14.50
CA ALA A 121 -14.88 -13.05 15.29
C ALA A 121 -16.19 -13.77 15.59
N ALA A 122 -16.11 -14.99 16.07
CA ALA A 122 -17.34 -15.75 16.38
C ALA A 122 -18.31 -14.89 17.19
N ARG A 5 -16.35 -18.30 8.80
CA ARG A 5 -15.41 -18.66 7.71
C ARG A 5 -14.76 -17.40 7.15
N THR A 6 -15.54 -16.56 6.51
CA THR A 6 -14.98 -15.31 5.94
C THR A 6 -16.07 -14.23 5.91
N VAL A 7 -15.69 -12.99 6.08
CA VAL A 7 -16.70 -11.90 6.06
C VAL A 7 -16.22 -10.74 5.17
N SER A 8 -16.34 -10.89 3.89
CA SER A 8 -15.90 -9.81 2.96
C SER A 8 -14.46 -9.40 3.26
N GLY A 9 -13.96 -8.43 2.54
CA GLY A 9 -12.56 -7.96 2.78
C GLY A 9 -12.46 -6.48 2.37
N VAL A 10 -11.38 -6.10 1.76
CA VAL A 10 -11.23 -4.67 1.35
C VAL A 10 -10.28 -4.56 0.14
N CYS A 11 -10.27 -3.44 -0.52
CA CYS A 11 -9.38 -3.26 -1.70
C CYS A 11 -8.98 -1.79 -1.85
N ALA A 12 -7.72 -1.53 -2.07
CA ALA A 12 -7.29 -0.10 -2.23
C ALA A 12 -6.03 -0.01 -3.10
N ASP A 13 -5.73 1.15 -3.61
CA ASP A 13 -4.53 1.32 -4.47
C ASP A 13 -4.16 2.81 -4.57
N VAL A 14 -2.99 3.17 -4.11
CA VAL A 14 -2.58 4.61 -4.18
C VAL A 14 -1.12 4.73 -4.59
N SER A 15 -0.70 5.90 -4.99
CA SER A 15 0.72 6.09 -5.40
C SER A 15 1.46 6.95 -4.36
N GLU A 16 2.75 7.10 -4.49
CA GLU A 16 3.50 7.93 -3.51
C GLU A 16 3.13 9.41 -3.65
N TYR A 17 3.87 10.28 -3.01
CA TYR A 17 3.57 11.75 -3.12
C TYR A 17 4.87 12.56 -3.05
N HIS A 18 5.45 12.68 -1.88
CA HIS A 18 6.71 13.45 -1.76
C HIS A 18 6.51 14.89 -2.22
N PRO A 19 6.49 15.79 -1.27
CA PRO A 19 6.30 17.22 -1.58
C PRO A 19 7.64 17.84 -2.01
N ASN A 20 8.11 17.50 -3.18
CA ASN A 20 9.41 18.08 -3.65
C ASN A 20 9.15 19.16 -4.70
N ILE A 21 8.61 20.27 -4.30
CA ILE A 21 8.34 21.37 -5.28
C ILE A 21 8.68 22.72 -4.67
N LYS A 22 9.25 23.61 -5.44
CA LYS A 22 9.60 24.95 -4.89
C LYS A 22 8.92 26.06 -5.70
N ASN A 23 8.65 25.81 -6.96
CA ASN A 23 7.99 26.85 -7.79
C ASN A 23 6.47 26.73 -7.69
N TRP A 24 5.98 26.36 -6.55
CA TRP A 24 4.50 26.22 -6.38
C TRP A 24 3.89 27.57 -6.02
N GLN A 25 4.34 28.19 -4.96
CA GLN A 25 3.78 29.50 -4.55
C GLN A 25 4.84 30.31 -3.80
N ILE A 26 5.45 31.27 -4.45
CA ILE A 26 6.49 32.08 -3.76
C ILE A 26 5.94 33.48 -3.45
N GLU A 27 4.87 33.55 -2.71
CA GLU A 27 4.27 34.87 -2.37
C GLU A 27 4.15 35.02 -0.85
N SER A 28 3.20 34.34 -0.25
CA SER A 28 3.03 34.45 1.23
C SER A 28 2.04 33.39 1.73
N TYR A 29 2.02 32.24 1.12
CA TYR A 29 1.08 31.18 1.57
C TYR A 29 1.84 30.06 2.32
N GLY A 30 2.22 29.02 1.63
CA GLY A 30 2.95 27.91 2.31
C GLY A 30 1.96 27.01 3.04
N GLU A 31 2.12 25.72 2.92
CA GLU A 31 1.19 24.78 3.61
C GLU A 31 1.87 23.44 3.88
N PRO A 32 2.94 23.51 4.62
CA PRO A 32 3.70 22.28 4.95
C PRO A 32 2.94 21.43 5.97
N GLU A 33 1.95 20.70 5.54
CA GLU A 33 1.16 19.86 6.49
C GLU A 33 1.03 18.43 5.93
N PHE A 34 1.95 18.02 5.09
CA PHE A 34 1.87 16.64 4.51
C PHE A 34 3.28 16.17 4.13
N HIS A 35 3.44 14.89 3.89
CA HIS A 35 4.79 14.37 3.51
C HIS A 35 4.66 13.16 2.58
N THR A 36 4.23 12.03 3.08
CA THR A 36 4.10 10.83 2.20
C THR A 36 2.64 10.40 2.09
N ALA A 37 2.28 9.79 1.00
CA ALA A 37 0.86 9.35 0.83
C ALA A 37 0.53 8.27 1.87
N LYS A 38 -0.73 7.94 2.01
CA LYS A 38 -1.11 6.91 3.01
C LYS A 38 -2.32 6.09 2.52
N VAL A 39 -2.38 4.84 2.85
CA VAL A 39 -3.52 4.00 2.41
C VAL A 39 -4.42 3.67 3.61
N HIS A 40 -5.71 3.73 3.44
CA HIS A 40 -6.63 3.42 4.58
C HIS A 40 -7.34 2.07 4.37
N LEU A 41 -7.22 1.20 5.33
CA LEU A 41 -7.89 -0.13 5.21
C LEU A 41 -8.82 -0.34 6.41
N LYS A 42 -10.10 -0.37 6.19
CA LYS A 42 -11.06 -0.56 7.31
C LYS A 42 -11.69 -1.95 7.27
N CYS A 43 -11.52 -2.72 8.31
CA CYS A 43 -12.11 -4.09 8.34
C CYS A 43 -13.49 -4.04 8.98
N ALA A 44 -14.29 -5.06 8.80
CA ALA A 44 -15.65 -5.06 9.42
C ALA A 44 -15.56 -4.57 10.87
N PRO A 45 -16.66 -4.04 11.34
CA PRO A 45 -16.72 -3.53 12.73
C PRO A 45 -16.70 -4.68 13.74
N GLY A 46 -15.64 -4.80 14.50
CA GLY A 46 -15.56 -5.91 15.49
C GLY A 46 -14.75 -7.06 14.91
N GLN A 47 -14.31 -6.95 13.69
CA GLN A 47 -13.51 -8.05 13.06
C GLN A 47 -12.04 -7.62 12.96
N THR A 48 -11.20 -8.51 12.50
CA THR A 48 -9.75 -8.16 12.37
C THR A 48 -9.14 -8.83 11.15
N ILE A 49 -8.04 -8.32 10.66
CA ILE A 49 -7.39 -8.94 9.46
C ILE A 49 -6.77 -10.28 9.85
N SER A 50 -6.67 -11.19 8.92
CA SER A 50 -6.08 -12.53 9.25
C SER A 50 -5.10 -12.97 8.15
N ALA A 51 -5.06 -12.28 7.04
CA ALA A 51 -4.11 -12.70 5.96
C ALA A 51 -4.08 -11.68 4.83
N ILE A 52 -2.91 -11.32 4.37
CA ILE A 52 -2.82 -10.32 3.27
C ILE A 52 -2.91 -11.06 1.92
N LYS A 53 -3.88 -10.73 1.11
CA LYS A 53 -4.01 -11.41 -0.20
C LYS A 53 -3.06 -10.80 -1.24
N PHE A 54 -2.89 -9.50 -1.22
CA PHE A 54 -1.98 -8.87 -2.21
C PHE A 54 -1.33 -7.62 -1.65
N ALA A 55 -0.32 -7.12 -2.32
CA ALA A 55 0.39 -5.89 -1.84
C ALA A 55 1.73 -5.76 -2.57
N SER A 56 1.69 -5.70 -3.87
CA SER A 56 2.96 -5.58 -4.66
C SER A 56 3.35 -4.12 -4.86
N PHE A 57 4.61 -3.85 -5.04
CA PHE A 57 5.06 -2.44 -5.24
C PHE A 57 5.78 -2.31 -6.58
N GLY A 58 5.06 -2.03 -7.63
CA GLY A 58 5.72 -1.88 -8.96
C GLY A 58 4.66 -1.55 -10.03
N THR A 59 4.62 -2.30 -11.10
CA THR A 59 3.62 -2.04 -12.16
C THR A 59 2.65 -3.22 -12.30
N PRO A 60 1.74 -3.30 -11.37
CA PRO A 60 0.75 -4.40 -11.37
C PRO A 60 -0.25 -4.19 -12.51
N LEU A 61 -0.97 -5.23 -12.88
CA LEU A 61 -1.96 -5.08 -13.98
C LEU A 61 -3.36 -5.50 -13.49
N GLY A 62 -4.38 -4.86 -13.97
CA GLY A 62 -5.76 -5.22 -13.53
C GLY A 62 -6.25 -4.23 -12.47
N THR A 63 -7.40 -4.47 -11.92
CA THR A 63 -7.94 -3.55 -10.87
C THR A 63 -8.78 -4.33 -9.87
N CYS A 64 -8.16 -4.83 -8.83
CA CYS A 64 -8.92 -5.62 -7.81
C CYS A 64 -9.68 -6.76 -8.49
N GLY A 65 -9.24 -7.97 -8.29
CA GLY A 65 -9.94 -9.13 -8.93
C GLY A 65 -9.00 -9.79 -9.94
N THR A 66 -8.14 -9.01 -10.54
CA THR A 66 -7.19 -9.57 -11.53
C THR A 66 -5.82 -8.90 -11.38
N PHE A 67 -5.41 -8.63 -10.17
CA PHE A 67 -4.08 -7.98 -9.94
C PHE A 67 -2.94 -8.88 -10.43
N GLN A 68 -1.77 -8.33 -10.59
CA GLN A 68 -0.61 -9.15 -11.07
C GLN A 68 0.69 -8.45 -10.66
N GLN A 69 1.80 -9.14 -10.74
CA GLN A 69 3.10 -8.50 -10.36
C GLN A 69 3.75 -7.83 -11.58
N GLY A 70 2.97 -7.55 -12.58
CA GLY A 70 3.52 -6.90 -13.82
C GLY A 70 4.87 -7.52 -14.18
N GLU A 71 5.78 -6.72 -14.66
CA GLU A 71 7.12 -7.26 -15.04
C GLU A 71 8.11 -7.09 -13.88
N CYS A 72 8.11 -5.95 -13.25
CA CYS A 72 9.05 -5.73 -12.12
C CYS A 72 8.29 -5.73 -10.80
N HIS A 73 8.80 -6.42 -9.82
CA HIS A 73 8.11 -6.45 -8.51
C HIS A 73 9.13 -6.37 -7.37
N SER A 74 8.68 -6.18 -6.17
CA SER A 74 9.62 -6.10 -5.03
C SER A 74 9.45 -7.33 -4.16
N ILE A 75 10.51 -8.00 -3.82
CA ILE A 75 10.37 -9.21 -2.97
C ILE A 75 9.95 -8.81 -1.55
N ASN A 76 9.90 -7.53 -1.28
CA ASN A 76 9.50 -7.07 0.08
C ASN A 76 8.05 -6.56 0.05
N SER A 77 7.33 -6.89 -0.99
CA SER A 77 5.91 -6.44 -1.09
C SER A 77 5.07 -6.95 0.08
N ASN A 78 4.95 -8.25 0.22
CA ASN A 78 4.15 -8.81 1.35
C ASN A 78 4.97 -8.88 2.63
N SER A 79 6.20 -8.43 2.59
CA SER A 79 7.05 -8.47 3.82
C SER A 79 6.78 -7.24 4.70
N VAL A 80 6.34 -6.16 4.11
CA VAL A 80 6.06 -4.94 4.92
C VAL A 80 4.59 -4.87 5.34
N LEU A 81 3.69 -5.45 4.59
CA LEU A 81 2.25 -5.41 4.96
C LEU A 81 1.87 -6.60 5.86
N GLU A 82 2.53 -7.71 5.70
CA GLU A 82 2.18 -8.89 6.55
C GLU A 82 2.58 -8.64 8.01
N ARG A 83 3.58 -7.85 8.25
CA ARG A 83 4.01 -7.57 9.65
C ARG A 83 3.37 -6.30 10.22
N LYS A 84 2.86 -5.44 9.37
CA LYS A 84 2.22 -4.18 9.89
C LYS A 84 0.72 -4.12 9.59
N CYS A 85 0.01 -5.21 9.74
CA CYS A 85 -1.47 -5.16 9.45
C CYS A 85 -2.24 -6.32 10.11
N ILE A 86 -1.57 -7.38 10.49
CA ILE A 86 -2.29 -8.52 11.14
C ILE A 86 -2.44 -8.29 12.65
N GLY A 87 -3.67 -8.25 13.13
CA GLY A 87 -3.88 -8.04 14.60
C GLY A 87 -4.54 -6.68 14.84
N LEU A 88 -5.05 -6.05 13.82
CA LEU A 88 -5.70 -4.72 14.02
C LEU A 88 -7.02 -4.63 13.22
N GLU A 89 -7.92 -3.80 13.65
CA GLU A 89 -9.22 -3.66 12.93
C GLU A 89 -9.08 -2.57 11.85
N ARG A 90 -7.88 -2.09 11.64
CA ARG A 90 -7.65 -1.03 10.62
C ARG A 90 -6.20 -1.09 10.16
N CYS A 91 -5.88 -0.53 9.03
CA CYS A 91 -4.46 -0.58 8.56
C CYS A 91 -4.06 0.72 7.85
N VAL A 92 -2.92 1.25 8.20
CA VAL A 92 -2.46 2.52 7.56
C VAL A 92 -0.97 2.41 7.22
N VAL A 93 -0.65 2.22 5.97
CA VAL A 93 0.79 2.11 5.59
C VAL A 93 1.22 3.29 4.73
N ALA A 94 2.31 3.92 5.08
CA ALA A 94 2.80 5.08 4.27
C ALA A 94 3.64 4.58 3.10
N ILE A 95 3.53 5.19 1.96
CA ILE A 95 4.33 4.74 0.79
C ILE A 95 5.50 5.70 0.53
N SER A 96 6.70 5.20 0.51
CA SER A 96 7.88 6.07 0.26
C SER A 96 8.97 5.29 -0.48
N PRO A 97 9.77 6.01 -1.21
CA PRO A 97 10.87 5.38 -1.97
C PRO A 97 11.96 4.87 -1.03
N SER A 98 11.89 5.24 0.22
CA SER A 98 12.92 4.78 1.20
C SER A 98 12.24 4.09 2.39
N ASN A 99 11.52 3.02 2.13
CA ASN A 99 10.84 2.30 3.24
C ASN A 99 10.74 0.81 2.92
N PHE A 100 10.54 0.46 1.68
CA PHE A 100 10.44 -0.98 1.30
C PHE A 100 11.83 -1.60 1.19
N GLY A 101 12.87 -0.83 1.44
CA GLY A 101 14.25 -1.40 1.34
C GLY A 101 14.97 -0.78 0.14
N GLY A 102 14.42 0.26 -0.44
CA GLY A 102 15.08 0.90 -1.60
C GLY A 102 14.28 0.60 -2.86
N ASP A 103 14.90 0.72 -4.02
CA ASP A 103 14.16 0.44 -5.29
C ASP A 103 14.81 -0.73 -6.03
N PRO A 104 13.97 -1.61 -6.52
CA PRO A 104 14.47 -2.80 -7.26
C PRO A 104 15.00 -2.38 -8.64
N CYS A 105 14.13 -2.17 -9.59
CA CYS A 105 14.59 -1.75 -10.95
C CYS A 105 14.28 -0.28 -11.19
N PRO A 106 15.31 0.49 -11.45
CA PRO A 106 15.14 1.93 -11.69
C PRO A 106 14.43 2.17 -13.04
N GLU A 107 14.05 3.37 -13.32
CA GLU A 107 13.36 3.65 -14.62
C GLU A 107 12.01 2.96 -14.64
N VAL A 108 11.53 2.53 -13.50
CA VAL A 108 10.21 1.85 -13.43
C VAL A 108 9.25 2.63 -12.54
N MET A 109 8.05 2.87 -12.99
CA MET A 109 7.06 3.63 -12.17
C MET A 109 6.93 2.99 -10.79
N LYS A 110 6.74 3.79 -9.76
CA LYS A 110 6.59 3.21 -8.39
C LYS A 110 5.19 3.47 -7.83
N ARG A 111 4.33 2.50 -7.93
CA ARG A 111 2.93 2.68 -7.42
C ARG A 111 2.63 1.59 -6.38
N VAL A 112 1.56 1.72 -5.64
CA VAL A 112 1.25 0.67 -4.62
C VAL A 112 -0.15 0.08 -4.83
N ALA A 113 -0.31 -1.17 -4.49
CA ALA A 113 -1.63 -1.85 -4.65
C ALA A 113 -1.74 -2.94 -3.58
N VAL A 114 -2.61 -2.79 -2.62
CA VAL A 114 -2.72 -3.84 -1.56
C VAL A 114 -4.17 -4.34 -1.40
N GLU A 115 -4.31 -5.46 -0.72
CA GLU A 115 -5.67 -6.05 -0.49
C GLU A 115 -5.60 -6.90 0.79
N ALA A 116 -6.58 -6.83 1.64
CA ALA A 116 -6.52 -7.66 2.89
C ALA A 116 -7.76 -8.56 3.04
N VAL A 117 -7.66 -9.55 3.89
CA VAL A 117 -8.80 -10.49 4.10
C VAL A 117 -9.31 -10.35 5.55
N CYS A 118 -10.58 -10.16 5.73
CA CYS A 118 -11.12 -10.02 7.11
C CYS A 118 -11.93 -11.25 7.51
N SER A 119 -12.05 -11.50 8.79
CA SER A 119 -12.82 -12.69 9.25
C SER A 119 -13.28 -12.48 10.70
N THR A 120 -14.51 -12.80 10.99
CA THR A 120 -15.01 -12.62 12.39
C THR A 120 -14.26 -13.53 13.36
N ALA A 121 -13.34 -12.98 14.10
CA ALA A 121 -12.55 -13.81 15.06
C ALA A 121 -13.26 -13.84 16.43
N ALA A 122 -14.33 -14.58 16.53
CA ALA A 122 -15.06 -14.65 17.83
C ALA A 122 -14.93 -16.06 18.43
N ARG A 5 -19.45 -15.01 10.07
CA ARG A 5 -18.81 -15.89 9.05
C ARG A 5 -18.67 -15.15 7.71
N THR A 6 -18.78 -13.85 7.74
CA THR A 6 -18.65 -13.06 6.47
C THR A 6 -17.25 -12.45 6.36
N VAL A 7 -16.77 -12.26 5.16
CA VAL A 7 -15.41 -11.67 4.99
C VAL A 7 -15.43 -10.57 3.91
N SER A 8 -14.99 -9.40 4.23
CA SER A 8 -14.99 -8.28 3.22
C SER A 8 -13.70 -7.47 3.34
N GLY A 9 -12.59 -8.01 2.93
CA GLY A 9 -11.31 -7.26 3.02
C GLY A 9 -11.48 -5.90 2.33
N VAL A 10 -10.43 -5.14 2.24
CA VAL A 10 -10.53 -3.80 1.59
C VAL A 10 -9.39 -3.62 0.58
N CYS A 11 -9.69 -3.11 -0.58
CA CYS A 11 -8.62 -2.91 -1.61
C CYS A 11 -8.36 -1.41 -1.80
N ALA A 12 -7.13 -1.00 -1.69
CA ALA A 12 -6.82 0.46 -1.87
C ALA A 12 -5.53 0.64 -2.68
N ASP A 13 -5.60 1.34 -3.77
CA ASP A 13 -4.39 1.56 -4.61
C ASP A 13 -4.00 3.04 -4.58
N VAL A 14 -2.93 3.37 -3.91
CA VAL A 14 -2.50 4.79 -3.84
C VAL A 14 -1.20 5.00 -4.63
N SER A 15 -0.87 6.23 -4.93
CA SER A 15 0.37 6.49 -5.71
C SER A 15 1.49 6.97 -4.76
N GLU A 16 2.63 7.28 -5.31
CA GLU A 16 3.76 7.75 -4.44
C GLU A 16 4.31 9.07 -4.97
N TYR A 17 4.03 10.16 -4.31
CA TYR A 17 4.54 11.48 -4.78
C TYR A 17 4.27 12.57 -3.73
N HIS A 18 3.09 12.56 -3.15
CA HIS A 18 2.76 13.60 -2.12
C HIS A 18 1.38 13.35 -1.52
N PRO A 19 1.31 13.43 -0.21
CA PRO A 19 0.03 13.20 0.49
C PRO A 19 -0.89 14.42 0.34
N ASN A 20 -0.36 15.52 -0.10
CA ASN A 20 -1.20 16.75 -0.27
C ASN A 20 -1.59 17.32 1.09
N ILE A 21 -0.67 17.97 1.75
CA ILE A 21 -0.98 18.55 3.10
C ILE A 21 -2.20 19.48 3.00
N LYS A 22 -2.03 20.64 2.41
CA LYS A 22 -3.18 21.58 2.28
C LYS A 22 -3.14 22.28 0.91
N ASN A 23 -3.83 23.39 0.79
CA ASN A 23 -3.82 24.11 -0.52
C ASN A 23 -2.75 25.20 -0.52
N TRP A 24 -1.52 24.82 -0.33
CA TRP A 24 -0.42 25.84 -0.31
C TRP A 24 0.34 25.82 -1.65
N GLN A 25 1.50 26.41 -1.70
CA GLN A 25 2.28 26.44 -2.97
C GLN A 25 2.23 25.05 -3.63
N ILE A 26 2.33 24.99 -4.93
CA ILE A 26 2.29 23.67 -5.61
C ILE A 26 3.70 23.06 -5.65
N GLU A 27 4.59 23.60 -4.90
CA GLU A 27 5.98 23.05 -4.89
C GLU A 27 6.33 22.54 -3.49
N SER A 28 7.58 22.25 -3.25
CA SER A 28 7.97 21.75 -1.91
C SER A 28 9.36 22.29 -1.53
N TYR A 29 9.52 23.57 -1.46
CA TYR A 29 10.86 24.14 -1.09
C TYR A 29 10.72 25.17 0.04
N GLY A 30 9.51 25.45 0.45
CA GLY A 30 9.31 26.45 1.54
C GLY A 30 9.01 25.71 2.86
N GLU A 31 8.52 24.50 2.75
CA GLU A 31 8.19 23.72 3.98
C GLU A 31 7.94 22.26 3.62
N PRO A 32 8.95 21.65 3.05
CA PRO A 32 8.85 20.23 2.64
C PRO A 32 8.89 19.31 3.86
N GLU A 33 7.78 19.14 4.54
CA GLU A 33 7.76 18.25 5.73
C GLU A 33 7.28 16.86 5.32
N PHE A 34 6.50 16.76 4.28
CA PHE A 34 5.99 15.43 3.83
C PHE A 34 6.13 15.31 2.31
N HIS A 35 6.41 14.13 1.81
CA HIS A 35 6.55 13.95 0.34
C HIS A 35 6.19 12.52 -0.07
N THR A 36 5.28 11.89 0.63
CA THR A 36 4.89 10.49 0.25
C THR A 36 3.44 10.22 0.63
N ALA A 37 2.65 9.80 -0.31
CA ALA A 37 1.22 9.52 0.00
C ALA A 37 1.13 8.43 1.07
N LYS A 38 -0.03 8.21 1.60
CA LYS A 38 -0.18 7.16 2.66
C LYS A 38 -1.32 6.21 2.32
N VAL A 39 -1.34 5.05 2.92
CA VAL A 39 -2.42 4.08 2.63
C VAL A 39 -3.37 4.03 3.84
N HIS A 40 -4.65 4.12 3.61
CA HIS A 40 -5.59 4.07 4.75
C HIS A 40 -6.44 2.80 4.75
N LEU A 41 -6.12 1.87 5.61
CA LEU A 41 -6.89 0.60 5.66
C LEU A 41 -7.70 0.57 6.96
N LYS A 42 -8.99 0.64 6.88
CA LYS A 42 -9.79 0.61 8.14
C LYS A 42 -11.05 -0.24 8.00
N CYS A 43 -11.13 -1.30 8.76
CA CYS A 43 -12.32 -2.18 8.68
C CYS A 43 -13.32 -1.78 9.76
N ALA A 44 -14.60 -1.89 9.49
CA ALA A 44 -15.61 -1.52 10.52
C ALA A 44 -15.16 -1.96 11.92
N PRO A 45 -15.75 -1.35 12.91
CA PRO A 45 -15.41 -1.68 14.31
C PRO A 45 -15.91 -3.08 14.66
N GLY A 46 -15.03 -4.05 14.68
CA GLY A 46 -15.44 -5.44 15.01
C GLY A 46 -14.86 -6.40 13.97
N GLN A 47 -14.45 -5.87 12.85
CA GLN A 47 -13.86 -6.74 11.78
C GLN A 47 -12.34 -6.59 11.79
N THR A 48 -11.63 -7.64 12.10
CA THR A 48 -10.13 -7.56 12.12
C THR A 48 -9.54 -8.31 10.92
N ILE A 49 -8.41 -7.85 10.44
CA ILE A 49 -7.78 -8.54 9.27
C ILE A 49 -7.19 -9.88 9.72
N SER A 50 -7.13 -10.84 8.84
CA SER A 50 -6.56 -12.16 9.25
C SER A 50 -5.72 -12.75 8.12
N ALA A 51 -5.55 -12.05 7.04
CA ALA A 51 -4.74 -12.61 5.92
C ALA A 51 -4.51 -11.60 4.80
N ILE A 52 -3.37 -11.64 4.17
CA ILE A 52 -3.07 -10.68 3.07
C ILE A 52 -3.14 -11.43 1.73
N LYS A 53 -3.54 -10.77 0.68
CA LYS A 53 -3.61 -11.46 -0.64
C LYS A 53 -2.59 -10.89 -1.62
N PHE A 54 -2.18 -9.67 -1.42
CA PHE A 54 -1.18 -9.08 -2.36
C PHE A 54 -0.67 -7.73 -1.82
N ALA A 55 0.42 -7.27 -2.36
CA ALA A 55 1.00 -5.97 -1.90
C ALA A 55 2.33 -5.72 -2.60
N SER A 56 2.29 -5.41 -3.87
CA SER A 56 3.57 -5.17 -4.63
C SER A 56 3.92 -3.68 -4.61
N PHE A 57 5.19 -3.38 -4.75
CA PHE A 57 5.61 -1.96 -4.75
C PHE A 57 6.41 -1.64 -6.02
N GLY A 58 5.76 -1.14 -7.03
CA GLY A 58 6.48 -0.82 -8.30
C GLY A 58 5.48 -0.75 -9.46
N THR A 59 5.33 -1.80 -10.19
CA THR A 59 4.37 -1.78 -11.34
C THR A 59 3.50 -3.05 -11.32
N PRO A 60 2.37 -2.93 -10.68
CA PRO A 60 1.42 -4.07 -10.58
C PRO A 60 0.69 -4.28 -11.91
N LEU A 61 -0.08 -5.33 -12.02
CA LEU A 61 -0.82 -5.58 -13.29
C LEU A 61 -2.24 -6.06 -12.98
N GLY A 62 -3.23 -5.32 -13.41
CA GLY A 62 -4.64 -5.72 -13.14
C GLY A 62 -5.13 -5.01 -11.88
N THR A 63 -6.33 -5.30 -11.45
CA THR A 63 -6.87 -4.63 -10.23
C THR A 63 -7.16 -5.67 -9.15
N CYS A 64 -7.96 -5.34 -8.18
CA CYS A 64 -8.28 -6.31 -7.10
C CYS A 64 -8.94 -7.56 -7.69
N GLY A 65 -8.34 -8.70 -7.53
CA GLY A 65 -8.94 -9.95 -8.08
C GLY A 65 -8.02 -10.51 -9.16
N THR A 66 -7.30 -9.66 -9.84
CA THR A 66 -6.40 -10.16 -10.92
C THR A 66 -5.02 -9.49 -10.80
N PHE A 67 -4.57 -9.21 -9.60
CA PHE A 67 -3.24 -8.56 -9.43
C PHE A 67 -2.13 -9.51 -9.90
N GLN A 68 -1.22 -9.03 -10.69
CA GLN A 68 -0.12 -9.91 -11.18
C GLN A 68 1.21 -9.13 -11.19
N GLN A 69 2.31 -9.83 -11.07
CA GLN A 69 3.64 -9.14 -11.07
C GLN A 69 3.90 -8.49 -12.43
N GLY A 70 4.01 -7.20 -12.47
CA GLY A 70 4.27 -6.51 -13.77
C GLY A 70 5.64 -6.91 -14.30
N GLU A 71 6.60 -6.03 -14.21
CA GLU A 71 7.98 -6.36 -14.70
C GLU A 71 9.03 -6.09 -13.62
N CYS A 72 8.75 -5.20 -12.72
CA CYS A 72 9.72 -4.90 -11.63
C CYS A 72 9.32 -5.63 -10.34
N HIS A 73 8.44 -5.04 -9.59
CA HIS A 73 7.99 -5.68 -8.32
C HIS A 73 9.18 -5.92 -7.39
N SER A 74 9.22 -5.25 -6.27
CA SER A 74 10.35 -5.45 -5.32
C SER A 74 10.38 -6.91 -4.85
N ILE A 75 10.38 -7.16 -3.58
CA ILE A 75 10.41 -8.58 -3.10
C ILE A 75 9.65 -8.73 -1.76
N ASN A 76 9.64 -7.71 -0.94
CA ASN A 76 8.91 -7.81 0.37
C ASN A 76 7.43 -7.43 0.17
N SER A 77 6.98 -7.41 -1.05
CA SER A 77 5.56 -7.05 -1.36
C SER A 77 4.61 -7.52 -0.24
N ASN A 78 4.39 -8.81 -0.12
CA ASN A 78 3.46 -9.33 0.95
C ASN A 78 4.19 -9.49 2.29
N SER A 79 5.46 -9.78 2.25
CA SER A 79 6.22 -9.94 3.52
C SER A 79 6.06 -8.71 4.42
N VAL A 80 5.62 -7.61 3.88
CA VAL A 80 5.45 -6.38 4.71
C VAL A 80 4.03 -6.29 5.31
N LEU A 81 3.02 -6.48 4.50
CA LEU A 81 1.62 -6.40 5.03
C LEU A 81 1.25 -7.65 5.84
N GLU A 82 1.99 -8.70 5.71
CA GLU A 82 1.66 -9.94 6.48
C GLU A 82 2.19 -9.85 7.92
N ARG A 83 3.25 -9.11 8.12
CA ARG A 83 3.82 -8.98 9.50
C ARG A 83 3.30 -7.73 10.24
N LYS A 84 2.77 -6.75 9.54
CA LYS A 84 2.26 -5.53 10.26
C LYS A 84 0.77 -5.26 10.00
N CYS A 85 0.03 -6.24 9.57
CA CYS A 85 -1.42 -6.00 9.31
C CYS A 85 -2.22 -7.28 9.48
N ILE A 86 -2.04 -7.95 10.58
CA ILE A 86 -2.79 -9.21 10.83
C ILE A 86 -3.22 -9.27 12.30
N GLY A 87 -4.42 -8.86 12.59
CA GLY A 87 -4.90 -8.88 13.99
C GLY A 87 -5.24 -7.46 14.44
N LEU A 88 -5.25 -6.53 13.52
CA LEU A 88 -5.56 -5.11 13.89
C LEU A 88 -6.84 -4.65 13.17
N GLU A 89 -7.50 -3.66 13.70
CA GLU A 89 -8.76 -3.17 13.04
C GLU A 89 -8.40 -2.14 11.97
N ARG A 90 -7.23 -1.57 12.04
CA ARG A 90 -6.84 -0.55 11.02
C ARG A 90 -5.33 -0.59 10.81
N CYS A 91 -4.89 -0.54 9.58
CA CYS A 91 -3.43 -0.56 9.31
C CYS A 91 -3.03 0.66 8.48
N VAL A 92 -1.86 1.19 8.73
CA VAL A 92 -1.40 2.37 7.97
C VAL A 92 0.08 2.20 7.60
N VAL A 93 0.39 2.27 6.34
CA VAL A 93 1.81 2.12 5.93
C VAL A 93 2.22 3.23 4.97
N ALA A 94 3.38 3.80 5.16
CA ALA A 94 3.83 4.90 4.26
C ALA A 94 4.45 4.31 2.99
N ILE A 95 4.30 4.97 1.88
CA ILE A 95 4.88 4.44 0.61
C ILE A 95 6.24 5.10 0.35
N SER A 96 7.30 4.34 0.43
CA SER A 96 8.65 4.93 0.18
C SER A 96 9.67 3.82 -0.10
N PRO A 97 10.90 4.21 -0.26
CA PRO A 97 11.98 3.24 -0.55
C PRO A 97 12.40 2.50 0.73
N SER A 98 12.42 3.17 1.84
CA SER A 98 12.83 2.50 3.12
C SER A 98 11.64 1.75 3.74
N ASN A 99 10.66 1.40 2.95
CA ASN A 99 9.48 0.67 3.51
C ASN A 99 9.38 -0.72 2.88
N PHE A 100 10.08 -0.95 1.80
CA PHE A 100 10.01 -2.29 1.14
C PHE A 100 11.43 -2.84 0.92
N GLY A 101 12.14 -2.32 -0.04
CA GLY A 101 13.53 -2.84 -0.29
C GLY A 101 14.30 -1.82 -1.15
N GLY A 102 14.31 -0.58 -0.75
CA GLY A 102 15.06 0.45 -1.53
C GLY A 102 14.29 0.75 -2.83
N ASP A 103 14.96 0.66 -3.95
CA ASP A 103 14.27 0.95 -5.25
C ASP A 103 14.47 -0.22 -6.21
N PRO A 104 13.40 -0.60 -6.85
CA PRO A 104 13.44 -1.71 -7.83
C PRO A 104 14.02 -1.24 -9.16
N CYS A 105 13.19 -0.79 -10.07
CA CYS A 105 13.70 -0.32 -11.39
C CYS A 105 13.45 1.18 -11.58
N PRO A 106 14.43 1.85 -12.12
CA PRO A 106 14.33 3.29 -12.36
C PRO A 106 13.65 3.56 -13.70
N GLU A 107 13.51 4.79 -14.07
CA GLU A 107 12.85 5.13 -15.36
C GLU A 107 11.43 4.56 -15.43
N VAL A 108 10.87 4.19 -14.31
CA VAL A 108 9.48 3.63 -14.32
C VAL A 108 8.61 4.34 -13.28
N MET A 109 7.37 4.59 -13.58
CA MET A 109 6.49 5.29 -12.60
C MET A 109 6.54 4.58 -11.25
N LYS A 110 5.75 5.00 -10.30
CA LYS A 110 5.78 4.35 -8.95
C LYS A 110 4.36 4.27 -8.36
N ARG A 111 3.80 3.10 -8.32
CA ARG A 111 2.43 2.95 -7.75
C ARG A 111 2.42 1.82 -6.71
N VAL A 112 1.62 1.92 -5.69
CA VAL A 112 1.58 0.84 -4.66
C VAL A 112 0.18 0.24 -4.57
N ALA A 113 0.06 -1.03 -4.86
CA ALA A 113 -1.28 -1.70 -4.79
C ALA A 113 -1.28 -2.73 -3.65
N VAL A 114 -2.25 -2.66 -2.77
CA VAL A 114 -2.30 -3.65 -1.65
C VAL A 114 -3.67 -4.34 -1.60
N GLU A 115 -3.75 -5.42 -0.87
CA GLU A 115 -5.05 -6.15 -0.78
C GLU A 115 -5.12 -6.89 0.57
N ALA A 116 -5.96 -6.45 1.47
CA ALA A 116 -6.07 -7.15 2.79
C ALA A 116 -7.42 -7.86 2.91
N VAL A 117 -7.53 -8.78 3.82
CA VAL A 117 -8.82 -9.51 4.00
C VAL A 117 -9.35 -9.29 5.42
N CYS A 118 -10.60 -8.98 5.55
CA CYS A 118 -11.19 -8.76 6.90
C CYS A 118 -12.30 -9.78 7.17
N SER A 119 -12.33 -10.34 8.35
CA SER A 119 -13.39 -11.34 8.68
C SER A 119 -14.43 -10.72 9.62
N THR A 120 -14.97 -11.49 10.52
CA THR A 120 -15.99 -10.94 11.46
C THR A 120 -15.86 -11.61 12.83
N ALA A 121 -16.24 -10.93 13.87
CA ALA A 121 -16.15 -11.52 15.24
C ALA A 121 -14.81 -12.24 15.41
N ALA A 122 -13.74 -11.51 15.45
CA ALA A 122 -12.40 -12.14 15.61
C ALA A 122 -12.28 -13.37 14.70
N ARG A 5 -22.91 -14.20 7.48
CA ARG A 5 -21.68 -14.99 7.23
C ARG A 5 -20.44 -14.14 7.49
N THR A 6 -19.29 -14.77 7.58
CA THR A 6 -18.04 -13.99 7.83
C THR A 6 -17.89 -12.88 6.79
N VAL A 7 -17.03 -11.93 7.04
CA VAL A 7 -16.84 -10.82 6.06
C VAL A 7 -15.49 -10.99 5.35
N SER A 8 -15.28 -10.28 4.25
CA SER A 8 -13.99 -10.40 3.51
C SER A 8 -14.12 -9.76 2.13
N GLY A 9 -13.24 -8.85 1.80
CA GLY A 9 -13.31 -8.20 0.46
C GLY A 9 -12.92 -6.73 0.59
N VAL A 10 -11.65 -6.44 0.72
CA VAL A 10 -11.23 -5.01 0.84
C VAL A 10 -9.85 -4.82 0.20
N CYS A 11 -9.68 -3.76 -0.56
CA CYS A 11 -8.37 -3.52 -1.22
C CYS A 11 -8.18 -2.02 -1.47
N ALA A 12 -6.99 -1.52 -1.24
CA ALA A 12 -6.74 -0.06 -1.46
C ALA A 12 -5.78 0.14 -2.64
N ASP A 13 -6.13 1.01 -3.56
CA ASP A 13 -5.23 1.24 -4.73
C ASP A 13 -4.80 2.71 -4.75
N VAL A 14 -3.58 2.99 -4.39
CA VAL A 14 -3.10 4.40 -4.40
C VAL A 14 -1.78 4.52 -5.19
N SER A 15 -1.43 5.70 -5.58
CA SER A 15 -0.15 5.87 -6.35
C SER A 15 0.89 6.58 -5.47
N GLU A 16 1.94 7.06 -6.07
CA GLU A 16 3.01 7.76 -5.28
C GLU A 16 2.66 9.24 -5.09
N TYR A 17 3.46 9.96 -4.35
CA TYR A 17 3.19 11.41 -4.13
C TYR A 17 4.49 12.15 -3.82
N HIS A 18 4.59 13.40 -4.19
CA HIS A 18 5.83 14.17 -3.91
C HIS A 18 5.54 15.66 -4.09
N PRO A 19 6.46 16.48 -3.62
CA PRO A 19 6.30 17.94 -3.74
C PRO A 19 6.35 18.37 -5.21
N ASN A 20 5.25 18.26 -5.89
CA ASN A 20 5.22 18.65 -7.34
C ASN A 20 3.76 18.72 -7.82
N ILE A 21 2.83 18.93 -6.92
CA ILE A 21 1.40 19.02 -7.32
C ILE A 21 0.74 20.23 -6.66
N LYS A 22 1.44 21.32 -6.57
CA LYS A 22 0.85 22.53 -5.93
C LYS A 22 -0.60 22.73 -6.38
N ASN A 23 -1.34 23.55 -5.69
CA ASN A 23 -2.77 23.79 -6.08
C ASN A 23 -3.49 22.45 -6.31
N TRP A 24 -3.35 21.52 -5.42
CA TRP A 24 -4.03 20.21 -5.60
C TRP A 24 -5.33 20.19 -4.76
N GLN A 25 -5.63 21.26 -4.09
CA GLN A 25 -6.88 21.30 -3.26
C GLN A 25 -7.80 22.41 -3.75
N ILE A 26 -9.05 22.12 -3.96
CA ILE A 26 -9.99 23.18 -4.44
C ILE A 26 -10.69 23.85 -3.26
N GLU A 27 -10.14 23.74 -2.10
CA GLU A 27 -10.75 24.38 -0.91
C GLU A 27 -9.74 25.30 -0.23
N SER A 28 -8.48 24.99 -0.33
CA SER A 28 -7.44 25.85 0.31
C SER A 28 -6.40 26.26 -0.72
N TYR A 29 -5.57 27.21 -0.40
CA TYR A 29 -4.53 27.66 -1.37
C TYR A 29 -3.14 27.59 -0.73
N GLY A 30 -2.61 26.41 -0.57
CA GLY A 30 -1.25 26.28 0.05
C GLY A 30 -1.25 25.13 1.05
N GLU A 31 -2.39 24.52 1.28
CA GLU A 31 -2.45 23.37 2.26
C GLU A 31 -1.20 22.49 2.11
N PRO A 32 -0.47 22.35 3.18
CA PRO A 32 0.74 21.52 3.18
C PRO A 32 0.40 20.02 3.25
N GLU A 33 0.90 19.25 2.32
CA GLU A 33 0.60 17.78 2.31
C GLU A 33 1.75 17.03 3.03
N PHE A 34 2.02 15.81 2.67
CA PHE A 34 3.12 15.06 3.35
C PHE A 34 3.95 14.24 2.35
N HIS A 35 5.03 14.83 1.88
CA HIS A 35 5.96 14.17 0.89
C HIS A 35 5.39 12.88 0.23
N THR A 36 5.47 11.75 0.89
CA THR A 36 4.93 10.49 0.28
C THR A 36 3.41 10.35 0.47
N ALA A 37 2.88 9.23 0.06
CA ALA A 37 1.41 8.99 0.19
C ALA A 37 1.15 7.92 1.26
N LYS A 38 -0.08 7.60 1.52
CA LYS A 38 -0.37 6.57 2.55
C LYS A 38 -1.55 5.68 2.13
N VAL A 39 -1.55 4.46 2.57
CA VAL A 39 -2.66 3.53 2.21
C VAL A 39 -3.53 3.31 3.45
N HIS A 40 -4.82 3.42 3.32
CA HIS A 40 -5.69 3.20 4.50
C HIS A 40 -6.64 2.01 4.30
N LEU A 41 -6.34 0.90 4.91
CA LEU A 41 -7.21 -0.30 4.77
C LEU A 41 -7.93 -0.53 6.11
N LYS A 42 -9.19 -0.18 6.20
CA LYS A 42 -9.93 -0.38 7.48
C LYS A 42 -10.98 -1.48 7.37
N CYS A 43 -11.48 -1.93 8.49
CA CYS A 43 -12.51 -3.02 8.49
C CYS A 43 -13.67 -2.62 9.41
N ALA A 44 -14.70 -3.43 9.45
CA ALA A 44 -15.86 -3.10 10.34
C ALA A 44 -15.47 -3.30 11.81
N PRO A 45 -16.34 -2.88 12.69
CA PRO A 45 -16.09 -3.02 14.14
C PRO A 45 -16.20 -4.49 14.56
N GLY A 46 -15.22 -5.00 15.25
CA GLY A 46 -15.27 -6.42 15.69
C GLY A 46 -14.66 -7.31 14.61
N GLN A 47 -14.01 -6.72 13.64
CA GLN A 47 -13.39 -7.53 12.55
C GLN A 47 -11.91 -7.13 12.37
N THR A 48 -11.04 -8.09 12.25
CA THR A 48 -9.59 -7.77 12.07
C THR A 48 -9.00 -8.60 10.93
N ILE A 49 -8.05 -8.07 10.22
CA ILE A 49 -7.45 -8.83 9.09
C ILE A 49 -6.72 -10.06 9.65
N SER A 50 -6.65 -11.12 8.90
CA SER A 50 -5.97 -12.35 9.40
C SER A 50 -5.04 -12.93 8.32
N ALA A 51 -4.96 -12.30 7.19
CA ALA A 51 -4.07 -12.85 6.12
C ALA A 51 -4.07 -11.94 4.89
N ILE A 52 -2.91 -11.61 4.37
CA ILE A 52 -2.84 -10.74 3.16
C ILE A 52 -2.93 -11.58 1.89
N LYS A 53 -3.87 -11.31 1.04
CA LYS A 53 -4.00 -12.10 -0.22
C LYS A 53 -3.07 -11.57 -1.31
N PHE A 54 -2.93 -10.27 -1.42
CA PHE A 54 -2.02 -9.71 -2.47
C PHE A 54 -1.34 -8.43 -1.98
N ALA A 55 -0.29 -8.02 -2.64
CA ALA A 55 0.44 -6.79 -2.23
C ALA A 55 1.79 -6.71 -2.94
N SER A 56 2.01 -5.72 -3.75
CA SER A 56 3.32 -5.63 -4.47
C SER A 56 3.67 -4.16 -4.77
N PHE A 57 4.90 -3.78 -4.54
CA PHE A 57 5.31 -2.37 -4.81
C PHE A 57 6.11 -2.28 -6.12
N GLY A 58 5.53 -1.75 -7.16
CA GLY A 58 6.26 -1.65 -8.45
C GLY A 58 5.27 -1.40 -9.59
N THR A 59 4.93 -2.43 -10.34
CA THR A 59 3.97 -2.25 -11.46
C THR A 59 2.93 -3.38 -11.45
N PRO A 60 1.77 -3.07 -10.95
CA PRO A 60 0.69 -4.08 -10.88
C PRO A 60 0.03 -4.25 -12.26
N LEU A 61 -0.43 -5.43 -12.55
CA LEU A 61 -1.09 -5.68 -13.87
C LEU A 61 -2.60 -5.84 -13.69
N GLY A 62 -3.30 -4.75 -13.53
CA GLY A 62 -4.77 -4.84 -13.35
C GLY A 62 -5.15 -4.13 -12.05
N THR A 63 -6.39 -4.19 -11.66
CA THR A 63 -6.80 -3.51 -10.39
C THR A 63 -7.43 -4.52 -9.43
N CYS A 64 -8.16 -4.06 -8.46
CA CYS A 64 -8.80 -5.00 -7.49
C CYS A 64 -9.69 -6.00 -8.23
N GLY A 65 -9.16 -7.14 -8.56
CA GLY A 65 -9.98 -8.16 -9.29
C GLY A 65 -9.06 -9.01 -10.17
N THR A 66 -7.97 -8.47 -10.62
CA THR A 66 -7.04 -9.25 -11.48
C THR A 66 -5.59 -8.88 -11.16
N PHE A 67 -5.32 -8.52 -9.94
CA PHE A 67 -3.92 -8.14 -9.56
C PHE A 67 -2.95 -9.24 -10.01
N GLN A 68 -1.71 -8.90 -10.22
CA GLN A 68 -0.70 -9.92 -10.64
C GLN A 68 0.68 -9.28 -10.78
N GLN A 69 1.66 -9.82 -10.10
CA GLN A 69 3.04 -9.24 -10.18
C GLN A 69 3.36 -8.83 -11.62
N GLY A 70 3.71 -7.59 -11.83
CA GLY A 70 4.04 -7.14 -13.21
C GLY A 70 5.42 -7.68 -13.61
N GLU A 71 6.27 -6.83 -14.13
CA GLU A 71 7.62 -7.30 -14.53
C GLU A 71 8.67 -6.78 -13.55
N CYS A 72 8.25 -6.10 -12.53
CA CYS A 72 9.22 -5.56 -11.53
C CYS A 72 8.65 -5.71 -10.12
N HIS A 73 9.31 -6.45 -9.27
CA HIS A 73 8.81 -6.62 -7.88
C HIS A 73 9.98 -6.54 -6.88
N SER A 74 9.72 -6.05 -5.71
CA SER A 74 10.81 -5.94 -4.69
C SER A 74 11.08 -7.32 -4.09
N ILE A 75 11.24 -7.40 -2.79
CA ILE A 75 11.51 -8.71 -2.15
C ILE A 75 10.87 -8.77 -0.76
N ASN A 76 10.02 -7.83 -0.46
CA ASN A 76 9.35 -7.81 0.87
C ASN A 76 7.98 -7.14 0.75
N SER A 77 7.36 -7.26 -0.40
CA SER A 77 6.02 -6.65 -0.60
C SER A 77 5.00 -7.17 0.44
N ASN A 78 5.20 -8.36 0.94
CA ASN A 78 4.24 -8.92 1.94
C ASN A 78 4.81 -8.78 3.37
N SER A 79 6.11 -8.67 3.48
CA SER A 79 6.73 -8.53 4.84
C SER A 79 6.38 -7.17 5.45
N VAL A 80 5.97 -6.23 4.64
CA VAL A 80 5.62 -4.88 5.17
C VAL A 80 4.16 -4.86 5.68
N LEU A 81 3.25 -5.38 4.91
CA LEU A 81 1.82 -5.39 5.35
C LEU A 81 1.60 -6.39 6.48
N GLU A 82 2.16 -7.57 6.37
CA GLU A 82 1.96 -8.58 7.45
C GLU A 82 2.30 -7.98 8.82
N ARG A 83 3.22 -7.06 8.88
CA ARG A 83 3.57 -6.45 10.20
C ARG A 83 2.75 -5.19 10.47
N LYS A 84 2.20 -4.57 9.45
CA LYS A 84 1.40 -3.33 9.68
C LYS A 84 -0.09 -3.58 9.37
N CYS A 85 -0.56 -4.78 9.53
CA CYS A 85 -2.01 -5.04 9.23
C CYS A 85 -2.53 -6.23 10.06
N ILE A 86 -2.17 -7.43 9.71
CA ILE A 86 -2.65 -8.62 10.47
C ILE A 86 -2.61 -8.35 11.98
N GLY A 87 -3.74 -8.45 12.64
CA GLY A 87 -3.77 -8.21 14.11
C GLY A 87 -4.26 -6.79 14.40
N LEU A 88 -4.83 -6.12 13.42
CA LEU A 88 -5.32 -4.73 13.68
C LEU A 88 -6.61 -4.47 12.89
N GLU A 89 -7.61 -3.92 13.53
CA GLU A 89 -8.90 -3.65 12.83
C GLU A 89 -8.65 -2.64 11.71
N ARG A 90 -7.71 -1.76 11.90
CA ARG A 90 -7.41 -0.75 10.85
C ARG A 90 -5.98 -0.93 10.34
N CYS A 91 -5.70 -0.47 9.15
CA CYS A 91 -4.32 -0.63 8.60
C CYS A 91 -3.80 0.71 8.04
N VAL A 92 -2.57 1.04 8.31
CA VAL A 92 -2.00 2.32 7.79
C VAL A 92 -0.56 2.09 7.31
N VAL A 93 -0.30 2.34 6.05
CA VAL A 93 1.08 2.12 5.54
C VAL A 93 1.56 3.37 4.79
N ALA A 94 2.85 3.45 4.53
CA ALA A 94 3.38 4.63 3.81
C ALA A 94 4.12 4.18 2.54
N ILE A 95 4.08 4.95 1.50
CA ILE A 95 4.77 4.55 0.24
C ILE A 95 6.07 5.34 0.06
N SER A 96 7.20 4.67 0.07
CA SER A 96 8.50 5.39 -0.10
C SER A 96 9.60 4.38 -0.44
N PRO A 97 10.73 4.91 -0.82
CA PRO A 97 11.89 4.06 -1.18
C PRO A 97 12.45 3.37 0.07
N SER A 98 12.10 3.85 1.23
CA SER A 98 12.62 3.21 2.49
C SER A 98 11.51 2.41 3.17
N ASN A 99 10.60 1.85 2.41
CA ASN A 99 9.50 1.06 3.03
C ASN A 99 9.62 -0.41 2.64
N PHE A 100 10.20 -0.70 1.50
CA PHE A 100 10.35 -2.12 1.08
C PHE A 100 11.84 -2.49 0.99
N GLY A 101 12.50 -2.09 -0.05
CA GLY A 101 13.94 -2.42 -0.20
C GLY A 101 14.64 -1.35 -1.05
N GLY A 102 14.33 -0.11 -0.82
CA GLY A 102 14.98 0.98 -1.62
C GLY A 102 14.19 1.19 -2.91
N ASP A 103 14.81 0.97 -4.03
CA ASP A 103 14.09 1.17 -5.32
C ASP A 103 14.42 0.04 -6.31
N PRO A 104 13.46 -0.83 -6.48
CA PRO A 104 13.65 -2.00 -7.39
C PRO A 104 13.56 -1.54 -8.86
N CYS A 105 12.45 -0.99 -9.27
CA CYS A 105 12.30 -0.53 -10.69
C CYS A 105 12.27 1.00 -10.76
N PRO A 106 13.40 1.56 -11.12
CA PRO A 106 13.51 3.03 -11.23
C PRO A 106 13.00 3.51 -12.59
N GLU A 107 12.79 4.77 -12.74
CA GLU A 107 12.30 5.31 -14.05
C GLU A 107 11.10 4.49 -14.54
N VAL A 108 10.20 4.16 -13.66
CA VAL A 108 9.01 3.36 -14.07
C VAL A 108 7.75 3.87 -13.37
N MET A 109 6.62 3.83 -14.03
CA MET A 109 5.36 4.32 -13.39
C MET A 109 5.19 3.66 -12.02
N LYS A 110 5.53 4.35 -10.97
CA LYS A 110 5.37 3.78 -9.60
C LYS A 110 3.89 3.70 -9.21
N ARG A 111 3.48 2.57 -8.70
CA ARG A 111 2.05 2.41 -8.30
C ARG A 111 1.96 1.41 -7.13
N VAL A 112 1.00 1.56 -6.27
CA VAL A 112 0.88 0.61 -5.13
C VAL A 112 -0.46 -0.15 -5.17
N ALA A 113 -0.44 -1.41 -4.84
CA ALA A 113 -1.70 -2.22 -4.85
C ALA A 113 -1.67 -3.22 -3.70
N VAL A 114 -2.76 -3.39 -2.99
CA VAL A 114 -2.76 -4.36 -1.86
C VAL A 114 -4.18 -4.84 -1.54
N GLU A 115 -4.30 -6.08 -1.13
CA GLU A 115 -5.63 -6.66 -0.79
C GLU A 115 -5.52 -7.44 0.52
N ALA A 116 -6.36 -7.17 1.47
CA ALA A 116 -6.27 -7.91 2.76
C ALA A 116 -7.52 -8.75 3.02
N VAL A 117 -7.43 -9.70 3.89
CA VAL A 117 -8.61 -10.56 4.21
C VAL A 117 -9.11 -10.25 5.62
N CYS A 118 -10.30 -9.72 5.74
CA CYS A 118 -10.83 -9.41 7.10
C CYS A 118 -11.95 -10.36 7.49
N SER A 119 -12.03 -10.71 8.74
CA SER A 119 -13.10 -11.65 9.20
C SER A 119 -13.11 -11.74 10.73
N THR A 120 -14.02 -12.50 11.28
CA THR A 120 -14.07 -12.62 12.78
C THR A 120 -12.81 -13.33 13.29
N ALA A 121 -12.00 -12.65 14.06
CA ALA A 121 -10.77 -13.29 14.60
C ALA A 121 -10.25 -12.50 15.80
N ALA A 122 -10.17 -13.12 16.94
CA ALA A 122 -9.67 -12.42 18.15
C ALA A 122 -8.50 -13.19 18.77
N ARG A 5 -19.10 -14.79 12.19
CA ARG A 5 -17.98 -15.42 11.42
C ARG A 5 -18.22 -15.27 9.92
N THR A 6 -17.45 -14.43 9.28
CA THR A 6 -17.62 -14.24 7.80
C THR A 6 -16.30 -13.85 7.16
N VAL A 7 -16.19 -13.99 5.86
CA VAL A 7 -14.92 -13.64 5.17
C VAL A 7 -15.22 -12.87 3.88
N SER A 8 -14.51 -11.79 3.64
CA SER A 8 -14.77 -11.00 2.40
C SER A 8 -13.45 -10.76 1.64
N GLY A 9 -13.39 -9.72 0.87
CA GLY A 9 -12.13 -9.43 0.11
C GLY A 9 -11.97 -7.92 -0.04
N VAL A 10 -11.00 -7.34 0.61
CA VAL A 10 -10.78 -5.88 0.50
C VAL A 10 -9.45 -5.58 -0.20
N CYS A 11 -9.36 -4.46 -0.86
CA CYS A 11 -8.09 -4.10 -1.56
C CYS A 11 -8.07 -2.60 -1.82
N ALA A 12 -6.92 -1.99 -1.74
CA ALA A 12 -6.84 -0.52 -1.97
C ALA A 12 -5.87 -0.22 -3.13
N ASP A 13 -6.25 0.66 -4.00
CA ASP A 13 -5.35 1.01 -5.16
C ASP A 13 -5.08 2.50 -5.17
N VAL A 14 -3.89 2.91 -4.79
CA VAL A 14 -3.57 4.36 -4.78
C VAL A 14 -2.22 4.60 -5.46
N SER A 15 -2.16 5.51 -6.40
CA SER A 15 -0.88 5.79 -7.10
C SER A 15 0.09 6.49 -6.15
N GLU A 16 1.37 6.42 -6.43
CA GLU A 16 2.37 7.08 -5.54
C GLU A 16 2.60 8.53 -5.98
N TYR A 17 2.90 9.40 -5.06
CA TYR A 17 3.14 10.82 -5.42
C TYR A 17 4.64 11.11 -5.47
N HIS A 18 5.15 11.49 -6.62
CA HIS A 18 6.61 11.79 -6.72
C HIS A 18 6.95 12.26 -8.14
N PRO A 19 6.80 13.54 -8.35
CA PRO A 19 7.09 14.13 -9.67
C PRO A 19 8.59 14.40 -9.83
N ASN A 20 9.41 13.80 -9.01
CA ASN A 20 10.88 14.03 -9.12
C ASN A 20 11.19 15.53 -8.99
N ILE A 21 12.40 15.88 -8.65
CA ILE A 21 12.75 17.32 -8.51
C ILE A 21 14.03 17.63 -9.30
N LYS A 22 13.94 17.73 -10.58
CA LYS A 22 15.15 18.04 -11.41
C LYS A 22 14.99 19.43 -12.04
N ASN A 23 13.78 19.91 -12.07
CA ASN A 23 13.51 21.26 -12.66
C ASN A 23 12.10 21.69 -12.28
N TRP A 24 11.66 21.26 -11.12
CA TRP A 24 10.29 21.61 -10.64
C TRP A 24 9.96 23.09 -10.89
N GLN A 25 9.46 23.41 -12.05
CA GLN A 25 9.10 24.83 -12.36
C GLN A 25 10.31 25.76 -12.19
N ILE A 26 10.54 26.62 -13.14
CA ILE A 26 11.70 27.56 -13.04
C ILE A 26 11.32 28.91 -13.66
N GLU A 27 10.05 29.18 -13.77
CA GLU A 27 9.61 30.48 -14.36
C GLU A 27 8.68 31.21 -13.38
N SER A 28 7.59 30.60 -13.02
CA SER A 28 6.64 31.26 -12.08
C SER A 28 6.73 30.57 -10.71
N TYR A 29 7.25 31.24 -9.72
CA TYR A 29 7.37 30.62 -8.36
C TYR A 29 7.69 29.12 -8.48
N GLY A 30 7.38 28.34 -7.48
CA GLY A 30 7.67 26.89 -7.56
C GLY A 30 6.71 26.13 -6.65
N GLU A 31 7.02 24.90 -6.35
CA GLU A 31 6.12 24.10 -5.46
C GLU A 31 6.94 23.42 -4.36
N PRO A 32 7.00 24.08 -3.23
CA PRO A 32 7.76 23.55 -2.09
C PRO A 32 6.95 22.44 -1.39
N GLU A 33 7.56 21.76 -0.46
CA GLU A 33 6.84 20.66 0.27
C GLU A 33 6.33 19.61 -0.72
N PHE A 34 6.28 18.37 -0.29
CA PHE A 34 5.78 17.28 -1.19
C PHE A 34 5.79 15.95 -0.43
N HIS A 35 6.79 15.74 0.39
CA HIS A 35 6.87 14.47 1.17
C HIS A 35 6.47 13.28 0.30
N THR A 36 6.18 12.15 0.91
CA THR A 36 5.78 10.95 0.12
C THR A 36 4.26 10.74 0.20
N ALA A 37 3.80 9.56 -0.11
CA ALA A 37 2.33 9.28 -0.04
C ALA A 37 2.06 8.15 0.94
N LYS A 38 0.82 7.88 1.24
CA LYS A 38 0.51 6.79 2.21
C LYS A 38 -0.77 6.05 1.78
N VAL A 39 -0.97 4.85 2.27
CA VAL A 39 -2.18 4.07 1.90
C VAL A 39 -3.08 3.93 3.14
N HIS A 40 -4.36 3.73 2.94
CA HIS A 40 -5.27 3.59 4.12
C HIS A 40 -6.20 2.39 3.94
N LEU A 41 -6.13 1.44 4.84
CA LEU A 41 -7.01 0.24 4.75
C LEU A 41 -7.97 0.21 5.94
N LYS A 42 -9.22 -0.05 5.70
CA LYS A 42 -10.19 -0.09 6.84
C LYS A 42 -11.22 -1.20 6.63
N CYS A 43 -11.35 -2.07 7.60
CA CYS A 43 -12.33 -3.18 7.47
C CYS A 43 -13.55 -2.88 8.33
N ALA A 44 -14.44 -3.82 8.44
CA ALA A 44 -15.66 -3.61 9.26
C ALA A 44 -15.29 -3.46 10.74
N PRO A 45 -16.07 -2.69 11.45
CA PRO A 45 -15.82 -2.45 12.89
C PRO A 45 -16.18 -3.71 13.70
N GLY A 46 -15.21 -4.53 14.00
CA GLY A 46 -15.49 -5.77 14.78
C GLY A 46 -14.62 -6.90 14.23
N GLN A 47 -14.17 -6.77 13.01
CA GLN A 47 -13.32 -7.83 12.41
C GLN A 47 -11.89 -7.31 12.24
N THR A 48 -10.93 -8.16 12.39
CA THR A 48 -9.50 -7.70 12.23
C THR A 48 -8.81 -8.51 11.14
N ILE A 49 -7.90 -7.88 10.43
CA ILE A 49 -7.18 -8.61 9.35
C ILE A 49 -6.63 -9.93 9.90
N SER A 50 -6.65 -10.96 9.11
CA SER A 50 -6.14 -12.27 9.60
C SER A 50 -5.05 -12.80 8.68
N ALA A 51 -4.79 -12.14 7.57
CA ALA A 51 -3.73 -12.65 6.66
C ALA A 51 -3.66 -11.84 5.35
N ILE A 52 -2.48 -11.69 4.82
CA ILE A 52 -2.31 -10.93 3.55
C ILE A 52 -1.99 -11.91 2.44
N LYS A 53 -2.39 -11.64 1.23
CA LYS A 53 -2.09 -12.62 0.13
C LYS A 53 -1.49 -11.95 -1.10
N PHE A 54 -1.64 -10.65 -1.25
CA PHE A 54 -1.06 -10.01 -2.46
C PHE A 54 -0.45 -8.66 -2.12
N ALA A 55 0.28 -8.10 -3.03
CA ALA A 55 0.93 -6.77 -2.81
C ALA A 55 2.02 -6.56 -3.87
N SER A 56 1.98 -5.47 -4.58
CA SER A 56 3.02 -5.23 -5.62
C SER A 56 3.31 -3.74 -5.81
N PHE A 57 4.43 -3.28 -5.33
CA PHE A 57 4.76 -1.84 -5.48
C PHE A 57 5.43 -1.60 -6.83
N GLY A 58 4.90 -0.73 -7.64
CA GLY A 58 5.52 -0.47 -8.97
C GLY A 58 4.45 -0.35 -10.05
N THR A 59 4.31 -1.34 -10.89
CA THR A 59 3.26 -1.26 -11.96
C THR A 59 2.45 -2.56 -12.04
N PRO A 60 1.41 -2.63 -11.26
CA PRO A 60 0.55 -3.82 -11.23
C PRO A 60 -0.48 -3.76 -12.37
N LEU A 61 -1.29 -4.78 -12.51
CA LEU A 61 -2.32 -4.78 -13.59
C LEU A 61 -3.66 -5.28 -13.05
N GLY A 62 -4.69 -5.24 -13.85
CA GLY A 62 -6.02 -5.71 -13.38
C GLY A 62 -6.46 -4.88 -12.17
N THR A 63 -7.47 -5.34 -11.46
CA THR A 63 -7.95 -4.59 -10.28
C THR A 63 -8.14 -5.55 -9.09
N CYS A 64 -9.29 -5.55 -8.46
CA CYS A 64 -9.52 -6.46 -7.31
C CYS A 64 -10.16 -7.76 -7.79
N GLY A 65 -9.37 -8.78 -8.01
CA GLY A 65 -9.94 -10.07 -8.49
C GLY A 65 -9.02 -10.68 -9.55
N THR A 66 -8.26 -9.85 -10.22
CA THR A 66 -7.34 -10.37 -11.27
C THR A 66 -5.99 -9.64 -11.22
N PHE A 67 -5.53 -9.34 -10.04
CA PHE A 67 -4.22 -8.63 -9.92
C PHE A 67 -3.09 -9.53 -10.41
N GLN A 68 -2.42 -9.14 -11.46
CA GLN A 68 -1.31 -9.99 -11.99
C GLN A 68 0.02 -9.21 -11.93
N GLN A 69 1.11 -9.91 -11.83
CA GLN A 69 2.43 -9.22 -11.77
C GLN A 69 2.80 -8.66 -13.15
N GLY A 70 3.00 -7.38 -13.25
CA GLY A 70 3.36 -6.77 -14.57
C GLY A 70 4.81 -7.10 -14.91
N GLU A 71 5.64 -6.10 -15.00
CA GLU A 71 7.09 -6.36 -15.33
C GLU A 71 8.00 -5.89 -14.19
N CYS A 72 7.53 -4.96 -13.40
CA CYS A 72 8.38 -4.46 -12.27
C CYS A 72 7.65 -4.64 -10.93
N HIS A 73 8.24 -5.35 -10.02
CA HIS A 73 7.59 -5.57 -8.71
C HIS A 73 8.66 -5.71 -7.62
N SER A 74 8.36 -5.31 -6.43
CA SER A 74 9.36 -5.44 -5.33
C SER A 74 9.16 -6.77 -4.61
N ILE A 75 10.21 -7.34 -4.09
CA ILE A 75 10.07 -8.63 -3.37
C ILE A 75 9.73 -8.39 -1.90
N ASN A 76 9.32 -7.20 -1.57
CA ASN A 76 8.98 -6.89 -0.14
C ASN A 76 7.56 -6.31 -0.08
N SER A 77 6.73 -6.67 -1.02
CA SER A 77 5.32 -6.16 -1.01
C SER A 77 4.53 -6.74 0.17
N ASN A 78 4.79 -7.97 0.53
CA ASN A 78 4.04 -8.58 1.67
C ASN A 78 4.87 -8.56 2.96
N SER A 79 5.96 -7.85 2.97
CA SER A 79 6.80 -7.80 4.21
C SER A 79 6.40 -6.61 5.09
N VAL A 80 5.88 -5.58 4.50
CA VAL A 80 5.47 -4.39 5.30
C VAL A 80 4.02 -4.53 5.78
N LEU A 81 3.26 -5.38 5.15
CA LEU A 81 1.85 -5.57 5.57
C LEU A 81 1.75 -6.49 6.80
N GLU A 82 2.41 -7.60 6.77
CA GLU A 82 2.35 -8.54 7.95
C GLU A 82 2.98 -7.90 9.18
N ARG A 83 3.76 -6.88 9.01
CA ARG A 83 4.40 -6.22 10.19
C ARG A 83 3.56 -5.05 10.72
N LYS A 84 2.71 -4.46 9.91
CA LYS A 84 1.90 -3.32 10.45
C LYS A 84 0.44 -3.34 9.96
N CYS A 85 -0.26 -4.42 10.17
CA CYS A 85 -1.68 -4.49 9.72
C CYS A 85 -2.42 -5.63 10.41
N ILE A 86 -1.86 -6.81 10.38
CA ILE A 86 -2.54 -7.97 11.04
C ILE A 86 -2.68 -7.71 12.55
N GLY A 87 -3.85 -7.87 13.08
CA GLY A 87 -4.06 -7.64 14.54
C GLY A 87 -4.79 -6.31 14.74
N LEU A 88 -5.15 -5.64 13.68
CA LEU A 88 -5.87 -4.35 13.81
C LEU A 88 -7.07 -4.30 12.87
N GLU A 89 -8.15 -3.69 13.30
CA GLU A 89 -9.36 -3.62 12.43
C GLU A 89 -9.09 -2.68 11.24
N ARG A 90 -8.12 -1.82 11.38
CA ARG A 90 -7.78 -0.88 10.29
C ARG A 90 -6.32 -0.43 10.45
N CYS A 91 -5.51 -0.66 9.45
CA CYS A 91 -4.08 -0.22 9.58
C CYS A 91 -3.68 0.71 8.45
N VAL A 92 -2.66 1.51 8.67
CA VAL A 92 -2.19 2.46 7.63
C VAL A 92 -0.73 2.16 7.28
N VAL A 93 -0.41 2.14 6.01
CA VAL A 93 1.00 1.85 5.61
C VAL A 93 1.65 3.10 5.00
N ALA A 94 2.94 3.20 5.10
CA ALA A 94 3.64 4.39 4.51
C ALA A 94 4.35 4.00 3.21
N ILE A 95 3.97 4.59 2.11
CA ILE A 95 4.61 4.25 0.82
C ILE A 95 5.89 5.07 0.62
N SER A 96 7.02 4.44 0.73
CA SER A 96 8.32 5.18 0.54
C SER A 96 9.43 4.20 0.16
N PRO A 97 10.52 4.75 -0.30
CA PRO A 97 11.67 3.92 -0.71
C PRO A 97 12.49 3.47 0.50
N SER A 98 11.98 3.67 1.69
CA SER A 98 12.75 3.25 2.90
C SER A 98 11.82 2.47 3.86
N ASN A 99 10.67 2.09 3.40
CA ASN A 99 9.73 1.32 4.27
C ASN A 99 9.55 -0.09 3.73
N PHE A 100 10.15 -0.40 2.61
CA PHE A 100 10.01 -1.77 2.04
C PHE A 100 11.35 -2.51 2.11
N GLY A 101 12.24 -2.23 1.19
CA GLY A 101 13.56 -2.92 1.19
C GLY A 101 14.49 -2.27 0.17
N GLY A 102 14.67 -0.97 0.27
CA GLY A 102 15.57 -0.27 -0.70
C GLY A 102 14.84 -0.06 -2.03
N ASP A 103 15.45 0.61 -2.96
CA ASP A 103 14.79 0.85 -4.28
C ASP A 103 14.70 -0.46 -5.07
N PRO A 104 13.49 -0.88 -5.33
CA PRO A 104 13.27 -2.13 -6.10
C PRO A 104 13.46 -1.90 -7.61
N CYS A 105 12.62 -1.10 -8.21
CA CYS A 105 12.75 -0.85 -9.69
C CYS A 105 13.50 0.46 -9.95
N PRO A 106 14.13 0.53 -11.09
CA PRO A 106 14.91 1.73 -11.48
C PRO A 106 13.97 2.82 -12.00
N GLU A 107 13.59 3.74 -11.15
CA GLU A 107 12.67 4.84 -11.59
C GLU A 107 11.43 4.26 -12.28
N VAL A 108 11.15 3.00 -12.06
CA VAL A 108 9.96 2.37 -12.70
C VAL A 108 8.98 1.87 -11.63
N MET A 109 8.19 2.74 -11.07
CA MET A 109 7.23 2.30 -10.03
C MET A 109 6.37 3.47 -9.55
N LYS A 110 5.08 3.30 -9.54
CA LYS A 110 4.18 4.39 -9.09
C LYS A 110 2.74 3.87 -8.95
N ARG A 111 2.56 2.84 -8.16
CA ARG A 111 1.20 2.27 -7.98
C ARG A 111 1.21 1.31 -6.78
N VAL A 112 0.34 1.51 -5.82
CA VAL A 112 0.32 0.60 -4.65
C VAL A 112 -0.97 -0.22 -4.62
N ALA A 113 -0.88 -1.47 -4.99
CA ALA A 113 -2.10 -2.35 -4.98
C ALA A 113 -1.95 -3.40 -3.89
N VAL A 114 -2.86 -3.46 -2.96
CA VAL A 114 -2.74 -4.49 -1.87
C VAL A 114 -4.10 -5.11 -1.53
N GLU A 115 -4.09 -6.38 -1.23
CA GLU A 115 -5.34 -7.09 -0.89
C GLU A 115 -5.25 -7.55 0.57
N ALA A 116 -6.34 -7.83 1.22
CA ALA A 116 -6.26 -8.29 2.63
C ALA A 116 -7.46 -9.15 3.02
N VAL A 117 -7.30 -9.97 4.03
CA VAL A 117 -8.43 -10.84 4.46
C VAL A 117 -8.96 -10.36 5.82
N CYS A 118 -10.25 -10.33 5.98
CA CYS A 118 -10.82 -9.87 7.28
C CYS A 118 -11.83 -10.89 7.81
N SER A 119 -11.74 -11.23 9.06
CA SER A 119 -12.69 -12.23 9.64
C SER A 119 -12.72 -12.10 11.16
N THR A 120 -13.46 -12.94 11.83
CA THR A 120 -13.52 -12.85 13.31
C THR A 120 -12.22 -13.39 13.93
N ALA A 121 -11.96 -13.09 15.17
CA ALA A 121 -10.72 -13.58 15.82
C ALA A 121 -9.49 -13.05 15.07
N ALA A 122 -8.42 -12.81 15.78
CA ALA A 122 -7.18 -12.29 15.11
C ALA A 122 -6.20 -13.43 14.85
N ARG A 5 -17.98 -16.78 10.63
CA ARG A 5 -17.79 -17.28 9.24
C ARG A 5 -18.06 -16.15 8.23
N THR A 6 -18.01 -14.93 8.67
CA THR A 6 -18.27 -13.79 7.75
C THR A 6 -16.96 -13.02 7.46
N VAL A 7 -16.88 -12.38 6.34
CA VAL A 7 -15.63 -11.62 6.00
C VAL A 7 -15.94 -10.55 4.94
N SER A 8 -15.37 -9.39 5.09
CA SER A 8 -15.62 -8.31 4.09
C SER A 8 -14.38 -8.09 3.22
N GLY A 9 -14.28 -8.78 2.11
CA GLY A 9 -13.09 -8.61 1.23
C GLY A 9 -12.78 -7.12 1.08
N VAL A 10 -11.55 -6.77 0.83
CA VAL A 10 -11.21 -5.31 0.66
C VAL A 10 -9.91 -5.15 -0.13
N CYS A 11 -9.99 -4.47 -1.23
CA CYS A 11 -8.77 -4.25 -2.06
C CYS A 11 -8.44 -2.76 -2.11
N ALA A 12 -7.22 -2.40 -1.85
CA ALA A 12 -6.86 -0.94 -1.89
C ALA A 12 -6.01 -0.63 -3.12
N ASP A 13 -5.95 0.61 -3.50
CA ASP A 13 -5.14 1.00 -4.68
C ASP A 13 -4.93 2.52 -4.68
N VAL A 14 -3.74 2.96 -4.34
CA VAL A 14 -3.48 4.43 -4.32
C VAL A 14 -2.42 4.80 -5.37
N SER A 15 -2.33 6.07 -5.68
CA SER A 15 -1.32 6.51 -6.70
C SER A 15 -0.08 7.07 -5.99
N GLU A 16 1.03 7.11 -6.67
CA GLU A 16 2.27 7.65 -6.04
C GLU A 16 2.23 9.18 -6.01
N TYR A 17 3.14 9.80 -5.30
CA TYR A 17 3.17 11.28 -5.23
C TYR A 17 4.63 11.76 -5.20
N HIS A 18 5.05 12.51 -6.18
CA HIS A 18 6.47 13.01 -6.20
C HIS A 18 6.57 14.34 -6.94
N PRO A 19 6.47 15.40 -6.18
CA PRO A 19 6.56 16.75 -6.76
C PRO A 19 8.03 17.22 -6.80
N ASN A 20 8.91 16.37 -7.27
CA ASN A 20 10.36 16.76 -7.34
C ASN A 20 10.92 16.90 -5.92
N ILE A 21 11.88 16.08 -5.56
CA ILE A 21 12.47 16.17 -4.20
C ILE A 21 13.68 17.09 -4.19
N LYS A 22 14.14 17.46 -3.02
CA LYS A 22 15.32 18.35 -2.92
C LYS A 22 15.83 18.37 -1.48
N ASN A 23 17.05 18.75 -1.27
CA ASN A 23 17.59 18.79 0.12
C ASN A 23 17.21 17.50 0.86
N TRP A 24 17.88 16.41 0.57
CA TRP A 24 17.56 15.13 1.26
C TRP A 24 18.29 15.04 2.60
N GLN A 25 19.58 14.88 2.57
CA GLN A 25 20.33 14.79 3.85
C GLN A 25 21.47 15.82 3.87
N ILE A 26 21.16 17.06 4.13
CA ILE A 26 22.22 18.10 4.17
C ILE A 26 22.53 18.48 5.61
N GLU A 27 23.74 18.88 5.88
CA GLU A 27 24.11 19.25 7.28
C GLU A 27 24.05 18.02 8.18
N SER A 28 23.60 18.17 9.41
CA SER A 28 23.52 17.01 10.33
C SER A 28 22.06 16.64 10.62
N TYR A 29 21.21 17.62 10.73
CA TYR A 29 19.77 17.31 11.02
C TYR A 29 19.17 16.41 9.93
N GLY A 30 19.43 16.71 8.68
CA GLY A 30 18.87 15.86 7.59
C GLY A 30 17.39 16.21 7.36
N GLU A 31 16.52 15.71 8.20
CA GLU A 31 15.05 16.00 8.07
C GLU A 31 14.44 15.21 6.90
N PRO A 32 14.28 13.93 7.10
CA PRO A 32 13.71 13.06 6.05
C PRO A 32 12.18 13.11 6.13
N GLU A 33 11.61 14.29 6.00
CA GLU A 33 10.13 14.42 6.05
C GLU A 33 9.49 14.13 4.70
N PHE A 34 10.24 14.26 3.64
CA PHE A 34 9.67 13.98 2.28
C PHE A 34 9.05 12.58 2.23
N HIS A 35 7.78 12.50 1.93
CA HIS A 35 7.11 11.16 1.86
C HIS A 35 6.21 11.10 0.61
N THR A 36 5.36 10.12 0.53
CA THR A 36 4.46 10.00 -0.65
C THR A 36 3.03 9.65 -0.22
N ALA A 37 2.19 9.31 -1.16
CA ALA A 37 0.79 8.96 -0.81
C ALA A 37 0.76 7.84 0.23
N LYS A 38 -0.40 7.47 0.70
CA LYS A 38 -0.49 6.39 1.71
C LYS A 38 -1.67 5.46 1.40
N VAL A 39 -1.73 4.33 2.04
CA VAL A 39 -2.87 3.38 1.78
C VAL A 39 -3.84 3.43 2.97
N HIS A 40 -5.04 2.96 2.79
CA HIS A 40 -6.01 2.99 3.91
C HIS A 40 -6.84 1.71 3.96
N LEU A 41 -6.56 0.86 4.91
CA LEU A 41 -7.32 -0.41 5.03
C LEU A 41 -8.18 -0.34 6.30
N LYS A 42 -9.46 -0.11 6.16
CA LYS A 42 -10.34 -0.03 7.36
C LYS A 42 -11.29 -1.21 7.44
N CYS A 43 -11.44 -1.79 8.59
CA CYS A 43 -12.35 -2.96 8.75
C CYS A 43 -13.34 -2.69 9.89
N ALA A 44 -14.58 -3.06 9.73
CA ALA A 44 -15.59 -2.83 10.80
C ALA A 44 -14.99 -3.09 12.19
N PRO A 45 -15.64 -2.55 13.18
CA PRO A 45 -15.17 -2.73 14.58
C PRO A 45 -15.38 -4.17 15.02
N GLY A 46 -14.32 -4.89 15.25
CA GLY A 46 -14.45 -6.31 15.70
C GLY A 46 -13.81 -7.21 14.65
N GLN A 47 -13.76 -6.77 13.43
CA GLN A 47 -13.15 -7.59 12.35
C GLN A 47 -11.65 -7.28 12.23
N THR A 48 -10.81 -8.25 12.44
CA THR A 48 -9.34 -8.00 12.34
C THR A 48 -8.75 -8.73 11.13
N ILE A 49 -7.75 -8.15 10.52
CA ILE A 49 -7.14 -8.82 9.33
C ILE A 49 -6.47 -10.12 9.76
N SER A 50 -6.50 -11.12 8.93
CA SER A 50 -5.86 -12.41 9.34
C SER A 50 -5.03 -13.01 8.20
N ALA A 51 -5.06 -12.43 7.03
CA ALA A 51 -4.25 -13.01 5.91
C ALA A 51 -4.22 -12.10 4.68
N ILE A 52 -3.14 -12.12 3.95
CA ILE A 52 -3.03 -11.28 2.74
C ILE A 52 -2.79 -12.20 1.52
N LYS A 53 -3.51 -12.00 0.46
CA LYS A 53 -3.30 -12.88 -0.75
C LYS A 53 -2.51 -12.14 -1.82
N PHE A 54 -2.70 -10.87 -1.95
CA PHE A 54 -1.93 -10.11 -2.99
C PHE A 54 -1.21 -8.93 -2.35
N ALA A 55 -0.12 -8.52 -2.93
CA ALA A 55 0.64 -7.37 -2.37
C ALA A 55 1.93 -7.17 -3.17
N SER A 56 1.97 -6.15 -3.99
CA SER A 56 3.18 -5.89 -4.79
C SER A 56 3.50 -4.40 -4.79
N PHE A 57 4.75 -4.05 -4.66
CA PHE A 57 5.13 -2.60 -4.65
C PHE A 57 5.92 -2.25 -5.91
N GLY A 58 5.28 -1.71 -6.89
CA GLY A 58 6.00 -1.34 -8.15
C GLY A 58 4.98 -1.00 -9.23
N THR A 59 4.62 -1.96 -10.04
CA THR A 59 3.63 -1.70 -11.13
C THR A 59 2.68 -2.89 -11.28
N PRO A 60 1.69 -2.92 -10.43
CA PRO A 60 0.70 -4.01 -10.46
C PRO A 60 -0.21 -3.87 -11.68
N LEU A 61 -0.78 -4.94 -12.14
CA LEU A 61 -1.68 -4.86 -13.33
C LEU A 61 -3.07 -5.34 -12.96
N GLY A 62 -4.05 -4.48 -13.03
CA GLY A 62 -5.44 -4.89 -12.68
C GLY A 62 -5.86 -4.17 -11.39
N THR A 63 -7.12 -4.23 -11.06
CA THR A 63 -7.59 -3.56 -9.81
C THR A 63 -8.84 -4.26 -9.27
N CYS A 64 -8.72 -4.97 -8.18
CA CYS A 64 -9.89 -5.68 -7.59
C CYS A 64 -10.64 -6.45 -8.68
N GLY A 65 -10.17 -7.61 -9.04
CA GLY A 65 -10.87 -8.41 -10.09
C GLY A 65 -9.84 -8.98 -11.06
N THR A 66 -8.68 -8.40 -11.12
CA THR A 66 -7.64 -8.92 -12.05
C THR A 66 -6.24 -8.56 -11.55
N PHE A 67 -5.97 -8.74 -10.28
CA PHE A 67 -4.62 -8.41 -9.75
C PHE A 67 -3.59 -9.40 -10.29
N GLN A 68 -2.44 -8.92 -10.66
CA GLN A 68 -1.39 -9.83 -11.20
C GLN A 68 -0.02 -9.15 -11.16
N GLN A 69 0.99 -9.83 -10.71
CA GLN A 69 2.35 -9.21 -10.65
C GLN A 69 2.66 -8.51 -11.97
N GLY A 70 3.56 -7.56 -11.95
CA GLY A 70 3.91 -6.84 -13.20
C GLY A 70 5.36 -7.16 -13.59
N GLU A 71 6.10 -6.19 -14.04
CA GLU A 71 7.51 -6.43 -14.44
C GLU A 71 8.46 -5.83 -13.39
N CYS A 72 8.07 -4.77 -12.75
CA CYS A 72 8.94 -4.14 -11.73
C CYS A 72 8.44 -4.46 -10.32
N HIS A 73 9.13 -5.31 -9.62
CA HIS A 73 8.68 -5.67 -8.23
C HIS A 73 9.86 -5.64 -7.25
N SER A 74 9.59 -5.76 -5.98
CA SER A 74 10.69 -5.75 -4.97
C SER A 74 10.71 -7.05 -4.18
N ILE A 75 10.90 -6.99 -2.88
CA ILE A 75 10.92 -8.24 -2.06
C ILE A 75 10.08 -8.07 -0.79
N ASN A 76 9.97 -6.88 -0.27
CA ASN A 76 9.17 -6.67 0.98
C ASN A 76 7.76 -6.19 0.61
N SER A 77 7.30 -6.53 -0.57
CA SER A 77 5.93 -6.09 -0.98
C SER A 77 4.89 -6.45 0.09
N ASN A 78 4.59 -7.72 0.23
CA ASN A 78 3.58 -8.13 1.25
C ASN A 78 4.23 -8.33 2.63
N SER A 79 5.53 -8.43 2.69
CA SER A 79 6.21 -8.61 4.00
C SER A 79 5.88 -7.45 4.95
N VAL A 80 5.87 -6.24 4.44
CA VAL A 80 5.57 -5.08 5.32
C VAL A 80 4.08 -5.06 5.68
N LEU A 81 3.24 -5.62 4.85
CA LEU A 81 1.78 -5.63 5.14
C LEU A 81 1.46 -6.64 6.26
N GLU A 82 1.76 -7.89 6.04
CA GLU A 82 1.47 -8.91 7.10
C GLU A 82 2.10 -8.50 8.43
N ARG A 83 3.06 -7.61 8.41
CA ARG A 83 3.70 -7.19 9.69
C ARG A 83 2.97 -5.98 10.31
N LYS A 84 2.32 -5.19 9.51
CA LYS A 84 1.60 -4.00 10.06
C LYS A 84 0.11 -4.03 9.66
N CYS A 85 -0.52 -5.16 9.74
CA CYS A 85 -1.96 -5.22 9.35
C CYS A 85 -2.70 -6.27 10.20
N ILE A 86 -2.45 -7.53 9.97
CA ILE A 86 -3.15 -8.58 10.77
C ILE A 86 -3.08 -8.25 12.27
N GLY A 87 -4.17 -8.42 12.97
CA GLY A 87 -4.17 -8.11 14.43
C GLY A 87 -4.63 -6.67 14.67
N LEU A 88 -5.06 -5.99 13.64
CA LEU A 88 -5.52 -4.58 13.84
C LEU A 88 -6.79 -4.32 13.03
N GLU A 89 -7.76 -3.68 13.62
CA GLU A 89 -9.02 -3.39 12.89
C GLU A 89 -8.72 -2.45 11.73
N ARG A 90 -7.79 -1.57 11.92
CA ARG A 90 -7.41 -0.61 10.84
C ARG A 90 -6.00 -0.95 10.34
N CYS A 91 -5.61 -0.42 9.22
CA CYS A 91 -4.24 -0.74 8.71
C CYS A 91 -3.78 0.31 7.70
N VAL A 92 -2.93 1.21 8.12
CA VAL A 92 -2.45 2.27 7.18
C VAL A 92 -0.94 2.12 6.95
N VAL A 93 -0.49 2.24 5.73
CA VAL A 93 0.96 2.11 5.45
C VAL A 93 1.44 3.23 4.53
N ALA A 94 2.72 3.43 4.44
CA ALA A 94 3.25 4.50 3.55
C ALA A 94 3.67 3.91 2.20
N ILE A 95 3.72 4.71 1.18
CA ILE A 95 4.13 4.19 -0.17
C ILE A 95 5.41 4.87 -0.63
N SER A 96 6.48 4.66 0.10
CA SER A 96 7.77 5.30 -0.29
C SER A 96 8.81 4.24 -0.67
N PRO A 97 9.87 4.69 -1.29
CA PRO A 97 10.96 3.78 -1.71
C PRO A 97 11.83 3.39 -0.51
N SER A 98 12.19 4.35 0.30
CA SER A 98 13.03 4.03 1.49
C SER A 98 12.15 3.65 2.68
N ASN A 99 10.90 3.36 2.45
CA ASN A 99 10.00 2.97 3.58
C ASN A 99 9.81 1.46 3.62
N PHE A 100 10.15 0.77 2.57
CA PHE A 100 9.98 -0.71 2.56
C PHE A 100 11.28 -1.40 3.00
N GLY A 101 12.14 -1.74 2.08
CA GLY A 101 13.41 -2.41 2.47
C GLY A 101 14.50 -2.12 1.42
N GLY A 102 14.29 -1.17 0.56
CA GLY A 102 15.32 -0.86 -0.48
C GLY A 102 14.67 -0.20 -1.69
N ASP A 103 15.41 -0.04 -2.75
CA ASP A 103 14.85 0.59 -3.99
C ASP A 103 14.77 -0.43 -5.12
N PRO A 104 13.58 -0.87 -5.39
CA PRO A 104 13.37 -1.87 -6.47
C PRO A 104 13.44 -1.21 -7.85
N CYS A 105 12.53 -0.32 -8.14
CA CYS A 105 12.57 0.36 -9.47
C CYS A 105 12.57 1.88 -9.30
N PRO A 106 13.75 2.44 -9.39
CA PRO A 106 13.90 3.90 -9.24
C PRO A 106 13.60 4.62 -10.57
N GLU A 107 13.17 5.85 -10.49
CA GLU A 107 12.85 6.61 -11.75
C GLU A 107 11.71 5.93 -12.51
N VAL A 108 10.97 5.08 -11.85
CA VAL A 108 9.84 4.40 -12.54
C VAL A 108 8.54 4.57 -11.74
N MET A 109 7.60 5.32 -12.26
CA MET A 109 6.31 5.52 -11.53
C MET A 109 5.85 4.20 -10.92
N LYS A 110 5.60 4.17 -9.65
CA LYS A 110 5.15 2.90 -9.01
C LYS A 110 3.88 3.12 -8.19
N ARG A 111 2.91 2.26 -8.34
CA ARG A 111 1.65 2.40 -7.57
C ARG A 111 1.59 1.29 -6.52
N VAL A 112 0.80 1.46 -5.49
CA VAL A 112 0.72 0.39 -4.45
C VAL A 112 -0.65 -0.28 -4.45
N ALA A 113 -0.66 -1.58 -4.54
CA ALA A 113 -1.96 -2.33 -4.56
C ALA A 113 -1.88 -3.49 -3.55
N VAL A 114 -2.89 -3.67 -2.75
CA VAL A 114 -2.85 -4.78 -1.76
C VAL A 114 -4.24 -5.39 -1.54
N GLU A 115 -4.28 -6.65 -1.21
CA GLU A 115 -5.58 -7.34 -0.97
C GLU A 115 -5.54 -8.02 0.40
N ALA A 116 -6.29 -7.54 1.35
CA ALA A 116 -6.28 -8.16 2.70
C ALA A 116 -7.61 -8.88 2.98
N VAL A 117 -7.58 -9.80 3.90
CA VAL A 117 -8.82 -10.56 4.25
C VAL A 117 -9.24 -10.24 5.69
N CYS A 118 -10.42 -9.74 5.88
CA CYS A 118 -10.87 -9.42 7.26
C CYS A 118 -11.96 -10.41 7.73
N SER A 119 -11.71 -11.07 8.82
CA SER A 119 -12.72 -12.06 9.33
C SER A 119 -13.15 -11.66 10.75
N THR A 120 -14.42 -11.40 10.95
CA THR A 120 -14.89 -11.02 12.30
C THR A 120 -14.46 -12.05 13.34
N ALA A 121 -14.37 -11.65 14.58
CA ALA A 121 -13.95 -12.61 15.64
C ALA A 121 -14.67 -12.27 16.95
N ALA A 122 -15.41 -13.21 17.49
CA ALA A 122 -16.13 -12.95 18.77
C ALA A 122 -15.24 -13.30 19.97
N ARG A 5 -14.72 -18.70 9.85
CA ARG A 5 -15.50 -18.66 8.56
C ARG A 5 -14.85 -17.66 7.60
N THR A 6 -15.07 -17.82 6.32
CA THR A 6 -14.48 -16.88 5.33
C THR A 6 -15.48 -15.80 4.93
N VAL A 7 -15.22 -14.56 5.29
CA VAL A 7 -16.18 -13.48 4.93
C VAL A 7 -15.70 -12.77 3.64
N SER A 8 -14.68 -11.95 3.74
CA SER A 8 -14.18 -11.25 2.52
C SER A 8 -12.97 -10.38 2.86
N GLY A 9 -12.63 -9.46 1.99
CA GLY A 9 -11.46 -8.57 2.25
C GLY A 9 -11.66 -7.23 1.52
N VAL A 10 -10.62 -6.44 1.41
CA VAL A 10 -10.76 -5.11 0.71
C VAL A 10 -9.53 -4.83 -0.15
N CYS A 11 -9.61 -3.87 -1.02
CA CYS A 11 -8.44 -3.53 -1.90
C CYS A 11 -7.89 -2.15 -1.53
N ALA A 12 -6.64 -1.90 -1.83
CA ALA A 12 -6.06 -0.57 -1.49
C ALA A 12 -5.12 -0.10 -2.61
N ASP A 13 -5.55 0.87 -3.37
CA ASP A 13 -4.68 1.36 -4.48
C ASP A 13 -4.34 2.84 -4.25
N VAL A 14 -3.07 3.18 -4.22
CA VAL A 14 -2.68 4.61 -4.00
C VAL A 14 -1.75 5.07 -5.13
N SER A 15 -1.52 6.35 -5.23
CA SER A 15 -0.62 6.86 -6.32
C SER A 15 0.67 7.47 -5.72
N GLU A 16 1.26 6.77 -4.78
CA GLU A 16 2.53 7.28 -4.14
C GLU A 16 2.51 8.81 -3.99
N TYR A 17 3.65 9.43 -4.00
CA TYR A 17 3.72 10.91 -3.85
C TYR A 17 5.14 11.42 -4.16
N HIS A 18 5.95 11.63 -3.15
CA HIS A 18 7.35 12.12 -3.39
C HIS A 18 7.37 13.25 -4.43
N PRO A 19 7.21 14.46 -3.95
CA PRO A 19 7.21 15.64 -4.82
C PRO A 19 8.61 16.24 -4.95
N ASN A 20 9.59 15.47 -5.36
CA ASN A 20 10.97 16.04 -5.48
C ASN A 20 11.86 15.16 -6.36
N ILE A 21 11.79 13.88 -6.20
CA ILE A 21 12.65 12.98 -7.03
C ILE A 21 14.12 13.39 -6.86
N LYS A 22 15.04 12.63 -7.42
CA LYS A 22 16.48 12.99 -7.28
C LYS A 22 16.91 13.96 -8.39
N ASN A 23 17.86 14.81 -8.13
CA ASN A 23 18.34 15.78 -9.16
C ASN A 23 17.19 16.68 -9.64
N TRP A 24 17.35 17.96 -9.55
CA TRP A 24 16.28 18.90 -9.99
C TRP A 24 16.78 20.35 -9.94
N GLN A 25 15.92 21.29 -10.22
CA GLN A 25 16.35 22.73 -10.18
C GLN A 25 15.27 23.59 -9.51
N ILE A 26 15.31 24.88 -9.70
CA ILE A 26 14.29 25.77 -9.07
C ILE A 26 14.30 25.59 -7.55
N GLU A 27 15.05 26.40 -6.85
CA GLU A 27 15.11 26.27 -5.35
C GLU A 27 15.11 24.79 -4.95
N SER A 28 16.24 24.14 -5.08
CA SER A 28 16.30 22.70 -4.70
C SER A 28 17.75 22.30 -4.38
N TYR A 29 18.55 22.11 -5.39
CA TYR A 29 19.97 21.73 -5.15
C TYR A 29 20.05 20.61 -4.09
N GLY A 30 20.02 19.38 -4.52
CA GLY A 30 20.08 18.25 -3.54
C GLY A 30 18.70 17.98 -2.95
N GLU A 31 18.30 16.74 -2.89
CA GLU A 31 16.95 16.41 -2.33
C GLU A 31 17.02 15.08 -1.56
N PRO A 32 17.16 15.20 -0.27
CA PRO A 32 17.23 14.00 0.60
C PRO A 32 15.85 13.36 0.76
N GLU A 33 15.75 12.35 1.58
CA GLU A 33 14.43 11.68 1.78
C GLU A 33 13.71 12.31 2.98
N PHE A 34 12.49 12.74 2.80
CA PHE A 34 11.74 13.37 3.93
C PHE A 34 10.25 12.98 3.86
N HIS A 35 9.35 13.92 4.04
CA HIS A 35 7.90 13.58 3.99
C HIS A 35 7.61 12.63 2.82
N THR A 36 7.00 11.51 3.08
CA THR A 36 6.70 10.55 1.99
C THR A 36 5.17 10.46 1.79
N ALA A 37 4.68 9.32 1.39
CA ALA A 37 3.20 9.18 1.18
C ALA A 37 2.61 8.22 2.21
N LYS A 38 1.31 8.06 2.22
CA LYS A 38 0.69 7.13 3.21
C LYS A 38 -0.56 6.46 2.61
N VAL A 39 -0.86 5.27 3.06
CA VAL A 39 -2.04 4.55 2.53
C VAL A 39 -3.12 4.47 3.63
N HIS A 40 -4.37 4.55 3.27
CA HIS A 40 -5.44 4.48 4.30
C HIS A 40 -6.34 3.26 4.05
N LEU A 41 -6.33 2.31 4.95
CA LEU A 41 -7.19 1.10 4.77
C LEU A 41 -8.34 1.14 5.78
N LYS A 42 -9.41 0.45 5.50
CA LYS A 42 -10.55 0.46 6.46
C LYS A 42 -11.45 -0.77 6.24
N CYS A 43 -11.39 -1.72 7.12
CA CYS A 43 -12.24 -2.94 6.98
C CYS A 43 -13.61 -2.71 7.62
N ALA A 44 -14.55 -3.56 7.36
CA ALA A 44 -15.91 -3.39 7.96
C ALA A 44 -15.82 -3.52 9.49
N PRO A 45 -16.75 -2.90 10.15
CA PRO A 45 -16.79 -2.94 11.63
C PRO A 45 -17.15 -4.35 12.12
N GLY A 46 -16.33 -4.93 12.95
CA GLY A 46 -16.62 -6.29 13.46
C GLY A 46 -15.65 -7.29 12.83
N GLN A 47 -14.97 -6.89 11.79
CA GLN A 47 -14.00 -7.82 11.14
C GLN A 47 -12.56 -7.28 11.31
N THR A 48 -11.62 -8.16 11.54
CA THR A 48 -10.20 -7.71 11.72
C THR A 48 -9.30 -8.40 10.68
N ILE A 49 -8.24 -7.74 10.29
CA ILE A 49 -7.32 -8.35 9.28
C ILE A 49 -6.64 -9.58 9.89
N SER A 50 -6.64 -10.68 9.19
CA SER A 50 -5.99 -11.90 9.74
C SER A 50 -5.03 -12.51 8.72
N ALA A 51 -4.89 -11.92 7.56
CA ALA A 51 -3.95 -12.49 6.56
C ALA A 51 -3.97 -11.69 5.24
N ILE A 52 -2.82 -11.28 4.78
CA ILE A 52 -2.76 -10.50 3.51
C ILE A 52 -2.67 -11.49 2.33
N LYS A 53 -3.57 -11.42 1.40
CA LYS A 53 -3.52 -12.36 0.24
C LYS A 53 -2.60 -11.85 -0.88
N PHE A 54 -2.50 -10.55 -1.07
CA PHE A 54 -1.60 -10.05 -2.14
C PHE A 54 -0.97 -8.71 -1.77
N ALA A 55 -0.03 -8.24 -2.56
CA ALA A 55 0.64 -6.95 -2.27
C ALA A 55 1.67 -6.64 -3.37
N SER A 56 1.73 -5.43 -3.83
CA SER A 56 2.70 -5.07 -4.90
C SER A 56 3.16 -3.63 -4.76
N PHE A 57 4.45 -3.41 -4.71
CA PHE A 57 4.96 -2.02 -4.57
C PHE A 57 5.62 -1.60 -5.88
N GLY A 58 4.84 -1.54 -6.93
CA GLY A 58 5.40 -1.14 -8.25
C GLY A 58 4.26 -0.97 -9.24
N THR A 59 4.18 -1.84 -10.21
CA THR A 59 3.08 -1.73 -11.22
C THR A 59 2.14 -2.93 -11.13
N PRO A 60 1.23 -2.86 -10.19
CA PRO A 60 0.27 -3.96 -9.99
C PRO A 60 -0.85 -3.87 -11.04
N LEU A 61 -1.32 -4.99 -11.51
CA LEU A 61 -2.41 -4.95 -12.54
C LEU A 61 -3.48 -6.00 -12.22
N GLY A 62 -4.71 -5.73 -12.56
CA GLY A 62 -5.80 -6.71 -12.28
C GLY A 62 -7.04 -5.95 -11.78
N THR A 63 -7.53 -6.32 -10.62
CA THR A 63 -8.73 -5.63 -10.09
C THR A 63 -8.78 -5.74 -8.57
N CYS A 64 -9.13 -6.89 -8.05
CA CYS A 64 -9.19 -7.06 -6.57
C CYS A 64 -8.97 -8.53 -6.20
N GLY A 65 -7.77 -8.88 -5.81
CA GLY A 65 -7.49 -10.30 -5.44
C GLY A 65 -6.84 -11.03 -6.61
N THR A 66 -6.93 -10.47 -7.79
CA THR A 66 -6.32 -11.14 -8.98
C THR A 66 -5.18 -10.29 -9.51
N PHE A 67 -4.60 -9.47 -8.69
CA PHE A 67 -3.47 -8.61 -9.18
C PHE A 67 -2.44 -9.49 -9.88
N GLN A 68 -1.48 -8.89 -10.52
CA GLN A 68 -0.45 -9.69 -11.23
C GLN A 68 0.75 -8.80 -11.57
N GLN A 69 1.90 -9.12 -11.05
CA GLN A 69 3.09 -8.30 -11.35
C GLN A 69 3.23 -8.08 -12.86
N GLY A 70 2.63 -7.03 -13.37
CA GLY A 70 2.71 -6.76 -14.83
C GLY A 70 4.13 -7.00 -15.31
N GLU A 71 5.07 -6.29 -14.77
CA GLU A 71 6.50 -6.47 -15.22
C GLU A 71 7.48 -6.11 -14.09
N CYS A 72 7.10 -5.28 -13.16
CA CYS A 72 8.04 -4.90 -12.05
C CYS A 72 7.47 -5.31 -10.69
N HIS A 73 8.34 -5.66 -9.77
CA HIS A 73 7.87 -6.07 -8.41
C HIS A 73 9.06 -6.15 -7.45
N SER A 74 8.86 -5.84 -6.20
CA SER A 74 9.98 -5.90 -5.21
C SER A 74 10.08 -7.28 -4.56
N ILE A 75 9.23 -8.20 -4.93
CA ILE A 75 9.30 -9.57 -4.32
C ILE A 75 9.18 -9.47 -2.79
N ASN A 76 8.72 -8.35 -2.30
CA ASN A 76 8.57 -8.18 -0.82
C ASN A 76 7.43 -7.21 -0.52
N SER A 77 6.48 -7.11 -1.41
CA SER A 77 5.33 -6.19 -1.19
C SER A 77 4.40 -6.69 -0.08
N ASN A 78 4.52 -7.94 0.30
CA ASN A 78 3.63 -8.48 1.38
C ASN A 78 4.39 -8.63 2.71
N SER A 79 5.66 -8.39 2.71
CA SER A 79 6.44 -8.51 3.96
C SER A 79 6.32 -7.24 4.82
N VAL A 80 5.88 -6.16 4.23
CA VAL A 80 5.75 -4.89 5.00
C VAL A 80 4.34 -4.77 5.61
N LEU A 81 3.38 -5.47 5.10
CA LEU A 81 2.00 -5.38 5.66
C LEU A 81 1.79 -6.37 6.81
N GLU A 82 2.17 -7.61 6.62
CA GLU A 82 1.98 -8.60 7.71
C GLU A 82 2.69 -8.14 8.98
N ARG A 83 3.59 -7.20 8.86
CA ARG A 83 4.32 -6.71 10.06
C ARG A 83 3.61 -5.52 10.72
N LYS A 84 2.86 -4.76 9.97
CA LYS A 84 2.16 -3.59 10.59
C LYS A 84 0.74 -3.43 10.02
N CYS A 85 -0.11 -4.41 10.18
CA CYS A 85 -1.50 -4.29 9.65
C CYS A 85 -2.45 -5.32 10.30
N ILE A 86 -1.94 -6.41 10.77
CA ILE A 86 -2.82 -7.44 11.41
C ILE A 86 -3.10 -7.10 12.88
N GLY A 87 -4.34 -7.22 13.30
CA GLY A 87 -4.68 -6.91 14.73
C GLY A 87 -5.51 -5.63 14.81
N LEU A 88 -5.72 -4.95 13.71
CA LEU A 88 -6.53 -3.68 13.78
C LEU A 88 -7.53 -3.63 12.61
N GLU A 89 -8.70 -3.11 12.85
CA GLU A 89 -9.70 -3.02 11.75
C GLU A 89 -9.24 -1.98 10.74
N ARG A 90 -8.38 -1.09 11.17
CA ARG A 90 -7.87 -0.02 10.26
C ARG A 90 -6.37 -0.21 10.08
N CYS A 91 -5.83 0.17 8.95
CA CYS A 91 -4.37 0.00 8.73
C CYS A 91 -3.75 1.26 8.12
N VAL A 92 -2.53 1.56 8.47
CA VAL A 92 -1.86 2.78 7.91
C VAL A 92 -0.44 2.42 7.50
N VAL A 93 -0.20 2.28 6.23
CA VAL A 93 1.18 1.94 5.77
C VAL A 93 1.83 3.11 5.04
N ALA A 94 2.90 3.63 5.58
CA ALA A 94 3.58 4.78 4.92
C ALA A 94 4.47 4.24 3.79
N ILE A 95 4.38 4.82 2.63
CA ILE A 95 5.23 4.33 1.50
C ILE A 95 6.60 5.01 1.51
N SER A 96 7.65 4.23 1.33
CA SER A 96 9.02 4.82 1.32
C SER A 96 10.01 3.80 0.74
N PRO A 97 11.22 4.25 0.52
CA PRO A 97 12.26 3.38 -0.04
C PRO A 97 12.85 2.47 1.05
N SER A 98 12.86 2.94 2.27
CA SER A 98 13.41 2.11 3.38
C SER A 98 12.32 1.20 3.97
N ASN A 99 11.17 1.16 3.34
CA ASN A 99 10.08 0.30 3.87
C ASN A 99 9.93 -0.95 2.99
N PHE A 100 10.60 -0.98 1.88
CA PHE A 100 10.50 -2.17 0.97
C PHE A 100 11.90 -2.73 0.67
N GLY A 101 12.66 -2.07 -0.15
CA GLY A 101 14.02 -2.57 -0.48
C GLY A 101 14.71 -1.58 -1.42
N GLY A 102 14.84 -0.35 -1.02
CA GLY A 102 15.51 0.66 -1.89
C GLY A 102 14.68 0.86 -3.17
N ASP A 103 15.26 0.65 -4.31
CA ASP A 103 14.50 0.83 -5.59
C ASP A 103 14.73 -0.37 -6.50
N PRO A 104 13.64 -0.91 -7.00
CA PRO A 104 13.72 -2.08 -7.91
C PRO A 104 14.05 -1.65 -9.34
N CYS A 105 13.03 -1.38 -10.14
CA CYS A 105 13.29 -0.96 -11.56
C CYS A 105 12.91 0.51 -11.77
N PRO A 106 13.86 1.26 -12.25
CA PRO A 106 13.62 2.69 -12.51
C PRO A 106 12.91 2.85 -13.84
N GLU A 107 12.72 4.07 -14.27
CA GLU A 107 12.03 4.30 -15.57
C GLU A 107 10.63 3.70 -15.52
N VAL A 108 10.17 3.37 -14.34
CA VAL A 108 8.82 2.77 -14.21
C VAL A 108 8.04 3.51 -13.13
N MET A 109 6.85 3.93 -13.41
CA MET A 109 6.04 4.66 -12.39
C MET A 109 5.98 3.85 -11.09
N LYS A 110 5.16 4.25 -10.16
CA LYS A 110 5.07 3.48 -8.88
C LYS A 110 3.64 3.55 -8.32
N ARG A 111 3.24 2.52 -7.62
CA ARG A 111 1.87 2.49 -7.03
C ARG A 111 1.82 1.42 -5.93
N VAL A 112 1.01 1.62 -4.93
CA VAL A 112 0.95 0.61 -3.82
C VAL A 112 -0.41 -0.10 -3.82
N ALA A 113 -0.43 -1.34 -4.23
CA ALA A 113 -1.72 -2.10 -4.25
C ALA A 113 -1.68 -3.18 -3.16
N VAL A 114 -2.67 -3.24 -2.32
CA VAL A 114 -2.65 -4.29 -1.24
C VAL A 114 -4.03 -4.92 -1.07
N GLU A 115 -4.04 -6.19 -0.75
CA GLU A 115 -5.33 -6.91 -0.55
C GLU A 115 -5.33 -7.55 0.84
N ALA A 116 -6.24 -7.15 1.69
CA ALA A 116 -6.28 -7.75 3.05
C ALA A 116 -7.47 -8.68 3.21
N VAL A 117 -7.38 -9.61 4.13
CA VAL A 117 -8.49 -10.57 4.36
C VAL A 117 -9.10 -10.31 5.73
N CYS A 118 -10.30 -9.81 5.76
CA CYS A 118 -10.95 -9.54 7.09
C CYS A 118 -12.01 -10.60 7.38
N SER A 119 -11.76 -11.46 8.32
CA SER A 119 -12.76 -12.51 8.64
C SER A 119 -13.56 -12.10 9.89
N THR A 120 -13.10 -12.46 11.06
CA THR A 120 -13.84 -12.09 12.30
C THR A 120 -12.88 -12.01 13.50
N ALA A 121 -13.40 -12.13 14.69
CA ALA A 121 -12.54 -12.07 15.90
C ALA A 121 -11.22 -12.83 15.67
N ALA A 122 -10.15 -12.38 16.26
CA ALA A 122 -8.85 -13.06 16.08
C ALA A 122 -8.24 -13.42 17.45
N ARG A 5 -17.03 -17.89 6.14
CA ARG A 5 -15.54 -17.99 6.27
C ARG A 5 -14.90 -16.60 6.11
N THR A 6 -15.32 -15.83 5.14
CA THR A 6 -14.73 -14.48 4.93
C THR A 6 -15.85 -13.47 4.75
N VAL A 7 -16.12 -12.70 5.76
CA VAL A 7 -17.19 -11.69 5.65
C VAL A 7 -16.69 -10.46 4.86
N SER A 8 -17.02 -10.39 3.60
CA SER A 8 -16.57 -9.24 2.77
C SER A 8 -15.04 -9.14 2.77
N GLY A 9 -14.50 -8.31 1.90
CA GLY A 9 -13.02 -8.15 1.84
C GLY A 9 -12.68 -6.67 1.84
N VAL A 10 -11.49 -6.32 1.42
CA VAL A 10 -11.11 -4.87 1.40
C VAL A 10 -10.10 -4.61 0.29
N CYS A 11 -10.27 -3.52 -0.42
CA CYS A 11 -9.32 -3.20 -1.53
C CYS A 11 -8.81 -1.77 -1.37
N ALA A 12 -7.56 -1.53 -1.69
CA ALA A 12 -7.02 -0.14 -1.56
C ALA A 12 -5.96 0.14 -2.62
N ASP A 13 -6.29 0.91 -3.62
CA ASP A 13 -5.31 1.22 -4.69
C ASP A 13 -4.89 2.70 -4.61
N VAL A 14 -3.71 2.96 -4.11
CA VAL A 14 -3.25 4.39 -4.00
C VAL A 14 -1.84 4.53 -4.59
N SER A 15 -1.68 5.40 -5.55
CA SER A 15 -0.33 5.59 -6.17
C SER A 15 0.51 6.55 -5.33
N GLU A 16 1.81 6.50 -5.47
CA GLU A 16 2.69 7.41 -4.69
C GLU A 16 2.86 8.74 -5.44
N TYR A 17 2.93 9.83 -4.73
CA TYR A 17 3.08 11.15 -5.41
C TYR A 17 3.36 12.26 -4.40
N HIS A 18 3.09 13.49 -4.77
CA HIS A 18 3.32 14.63 -3.86
C HIS A 18 2.24 15.70 -4.10
N PRO A 19 1.27 15.73 -3.25
CA PRO A 19 0.17 16.71 -3.37
C PRO A 19 0.57 18.10 -2.86
N ASN A 20 1.83 18.42 -2.86
CA ASN A 20 2.26 19.77 -2.37
C ASN A 20 1.49 20.13 -1.09
N ILE A 21 2.04 19.81 0.05
CA ILE A 21 1.34 20.13 1.33
C ILE A 21 1.45 21.62 1.65
N LYS A 22 0.46 22.40 1.26
CA LYS A 22 0.52 23.86 1.54
C LYS A 22 0.70 24.06 3.05
N ASN A 23 -0.23 23.60 3.83
CA ASN A 23 -0.12 23.77 5.31
C ASN A 23 1.26 23.26 5.75
N TRP A 24 1.94 23.99 6.57
CA TRP A 24 3.28 23.52 7.02
C TRP A 24 3.81 24.37 8.17
N GLN A 25 2.96 25.05 8.88
CA GLN A 25 3.44 25.89 10.01
C GLN A 25 3.42 25.08 11.30
N ILE A 26 3.18 25.72 12.42
CA ILE A 26 3.15 24.96 13.70
C ILE A 26 4.47 24.19 13.87
N GLU A 27 5.33 24.65 14.74
CA GLU A 27 6.63 23.94 14.94
C GLU A 27 7.52 24.14 13.70
N SER A 28 8.25 23.12 13.28
CA SER A 28 9.12 23.28 12.08
C SER A 28 9.17 21.98 11.28
N TYR A 29 8.77 22.02 10.03
CA TYR A 29 8.79 20.78 9.20
C TYR A 29 9.73 20.97 8.01
N GLY A 30 10.95 20.50 8.12
CA GLY A 30 11.91 20.66 6.99
C GLY A 30 11.85 19.42 6.09
N GLU A 31 11.07 19.48 5.04
CA GLU A 31 10.96 18.30 4.12
C GLU A 31 10.99 18.79 2.67
N PRO A 32 11.99 18.36 1.94
CA PRO A 32 12.12 18.75 0.52
C PRO A 32 11.06 18.03 -0.33
N GLU A 33 11.26 18.01 -1.63
CA GLU A 33 10.28 17.32 -2.52
C GLU A 33 10.32 15.81 -2.31
N PHE A 34 9.37 15.28 -1.58
CA PHE A 34 9.36 13.81 -1.33
C PHE A 34 7.98 13.23 -1.67
N HIS A 35 7.76 12.88 -2.91
CA HIS A 35 6.43 12.30 -3.29
C HIS A 35 6.16 11.03 -2.48
N THR A 36 5.30 11.11 -1.50
CA THR A 36 4.98 9.90 -0.68
C THR A 36 3.53 9.95 -0.20
N ALA A 37 2.75 8.96 -0.54
CA ALA A 37 1.32 8.95 -0.11
C ALA A 37 1.09 7.82 0.91
N LYS A 38 0.06 7.93 1.70
CA LYS A 38 -0.23 6.86 2.71
C LYS A 38 -1.53 6.14 2.36
N VAL A 39 -1.68 4.92 2.79
CA VAL A 39 -2.93 4.18 2.49
C VAL A 39 -3.77 4.03 3.76
N HIS A 40 -5.05 4.23 3.67
CA HIS A 40 -5.90 4.09 4.88
C HIS A 40 -6.78 2.84 4.78
N LEU A 41 -6.46 1.83 5.54
CA LEU A 41 -7.26 0.58 5.50
C LEU A 41 -8.05 0.44 6.80
N LYS A 42 -9.21 -0.16 6.75
CA LYS A 42 -10.01 -0.31 7.99
C LYS A 42 -11.01 -1.46 7.82
N CYS A 43 -10.95 -2.45 8.67
CA CYS A 43 -11.90 -3.59 8.55
C CYS A 43 -13.24 -3.23 9.21
N ALA A 44 -14.31 -3.89 8.83
CA ALA A 44 -15.63 -3.58 9.44
C ALA A 44 -15.49 -3.36 10.94
N PRO A 45 -16.49 -2.74 11.52
CA PRO A 45 -16.47 -2.46 12.97
C PRO A 45 -16.71 -3.75 13.76
N GLY A 46 -15.67 -4.34 14.27
CA GLY A 46 -15.83 -5.61 15.04
C GLY A 46 -15.09 -6.75 14.33
N GLN A 47 -14.44 -6.45 13.23
CA GLN A 47 -13.70 -7.51 12.49
C GLN A 47 -12.20 -7.20 12.48
N THR A 48 -11.38 -8.20 12.35
CA THR A 48 -9.91 -7.97 12.33
C THR A 48 -9.27 -8.65 11.12
N ILE A 49 -8.23 -8.07 10.58
CA ILE A 49 -7.57 -8.70 9.40
C ILE A 49 -7.09 -10.11 9.76
N SER A 50 -7.35 -11.06 8.92
CA SER A 50 -6.91 -12.45 9.22
C SER A 50 -5.76 -12.87 8.30
N ALA A 51 -5.54 -12.17 7.22
CA ALA A 51 -4.43 -12.56 6.30
C ALA A 51 -4.32 -11.59 5.12
N ILE A 52 -3.27 -11.72 4.34
CA ILE A 52 -3.08 -10.83 3.17
C ILE A 52 -2.96 -11.69 1.91
N LYS A 53 -3.70 -11.38 0.89
CA LYS A 53 -3.61 -12.19 -0.35
C LYS A 53 -2.64 -11.56 -1.37
N PHE A 54 -2.59 -10.26 -1.45
CA PHE A 54 -1.65 -9.64 -2.44
C PHE A 54 -1.13 -8.28 -1.93
N ALA A 55 -0.18 -7.73 -2.65
CA ALA A 55 0.40 -6.41 -2.26
C ALA A 55 1.65 -6.15 -3.12
N SER A 56 1.66 -5.08 -3.87
CA SER A 56 2.85 -4.79 -4.72
C SER A 56 3.13 -3.28 -4.80
N PHE A 57 4.37 -2.89 -4.69
CA PHE A 57 4.72 -1.44 -4.76
C PHE A 57 5.40 -1.13 -6.10
N GLY A 58 4.66 -1.14 -7.17
CA GLY A 58 5.27 -0.85 -8.49
C GLY A 58 4.18 -0.77 -9.56
N THR A 59 4.26 -1.61 -10.57
CA THR A 59 3.23 -1.58 -11.65
C THR A 59 2.46 -2.91 -11.69
N PRO A 60 1.51 -3.03 -10.82
CA PRO A 60 0.69 -4.25 -10.76
C PRO A 60 -0.39 -4.23 -11.85
N LEU A 61 -0.70 -5.36 -12.42
CA LEU A 61 -1.75 -5.40 -13.48
C LEU A 61 -2.90 -6.32 -13.06
N GLY A 62 -4.09 -6.03 -13.50
CA GLY A 62 -5.25 -6.88 -13.14
C GLY A 62 -6.19 -6.10 -12.20
N THR A 63 -6.71 -6.74 -11.20
CA THR A 63 -7.63 -6.04 -10.26
C THR A 63 -7.75 -6.81 -8.95
N CYS A 64 -8.63 -6.40 -8.08
CA CYS A 64 -8.77 -7.11 -6.78
C CYS A 64 -9.27 -8.54 -7.01
N GLY A 65 -8.42 -9.51 -6.84
CA GLY A 65 -8.85 -10.92 -7.05
C GLY A 65 -7.83 -11.63 -7.95
N THR A 66 -7.21 -10.90 -8.84
CA THR A 66 -6.21 -11.53 -9.74
C THR A 66 -5.06 -10.54 -10.03
N PHE A 67 -4.64 -9.80 -9.03
CA PHE A 67 -3.53 -8.82 -9.23
C PHE A 67 -2.34 -9.50 -9.90
N GLN A 68 -1.35 -8.75 -10.31
CA GLN A 68 -0.17 -9.36 -10.97
C GLN A 68 1.03 -8.39 -10.93
N GLN A 69 2.20 -8.87 -11.28
CA GLN A 69 3.40 -7.97 -11.27
C GLN A 69 3.63 -7.38 -12.66
N GLY A 70 4.15 -6.18 -12.72
CA GLY A 70 4.40 -5.54 -14.05
C GLY A 70 5.86 -5.75 -14.45
N GLU A 71 6.42 -4.84 -15.20
CA GLU A 71 7.83 -4.98 -15.62
C GLU A 71 8.77 -4.77 -14.42
N CYS A 72 8.26 -4.14 -13.39
CA CYS A 72 9.10 -3.89 -12.18
C CYS A 72 8.29 -4.18 -10.91
N HIS A 73 8.95 -4.31 -9.78
CA HIS A 73 8.23 -4.60 -8.51
C HIS A 73 9.22 -4.71 -7.35
N SER A 74 8.79 -4.45 -6.14
CA SER A 74 9.71 -4.55 -4.98
C SER A 74 9.64 -5.94 -4.38
N ILE A 75 10.66 -6.72 -4.56
CA ILE A 75 10.68 -8.11 -3.99
C ILE A 75 10.03 -8.15 -2.59
N ASN A 76 10.04 -7.04 -1.88
CA ASN A 76 9.43 -7.03 -0.51
C ASN A 76 8.10 -6.25 -0.50
N SER A 77 7.18 -6.56 -1.38
CA SER A 77 5.89 -5.81 -1.38
C SER A 77 4.78 -6.66 -0.74
N ASN A 78 5.13 -7.57 0.14
CA ASN A 78 4.10 -8.42 0.79
C ASN A 78 4.38 -8.58 2.29
N SER A 79 5.60 -8.89 2.65
CA SER A 79 5.94 -9.06 4.10
C SER A 79 5.72 -7.76 4.86
N VAL A 80 5.95 -6.64 4.21
CA VAL A 80 5.76 -5.33 4.89
C VAL A 80 4.36 -5.25 5.54
N LEU A 81 3.33 -5.52 4.78
CA LEU A 81 1.95 -5.47 5.34
C LEU A 81 1.76 -6.51 6.45
N GLU A 82 2.25 -7.70 6.25
CA GLU A 82 2.10 -8.75 7.29
C GLU A 82 2.68 -8.27 8.64
N ARG A 83 3.54 -7.31 8.60
CA ARG A 83 4.14 -6.80 9.88
C ARG A 83 3.33 -5.63 10.44
N LYS A 84 2.59 -4.94 9.60
CA LYS A 84 1.77 -3.79 10.11
C LYS A 84 0.33 -3.88 9.61
N CYS A 85 -0.31 -4.99 9.82
CA CYS A 85 -1.73 -5.13 9.36
C CYS A 85 -2.44 -6.28 10.09
N ILE A 86 -2.10 -7.49 9.77
CA ILE A 86 -2.76 -8.65 10.46
C ILE A 86 -2.63 -8.55 11.98
N GLY A 87 -3.72 -8.65 12.69
CA GLY A 87 -3.66 -8.56 14.18
C GLY A 87 -4.25 -7.22 14.66
N LEU A 88 -4.72 -6.40 13.75
CA LEU A 88 -5.30 -5.08 14.18
C LEU A 88 -6.65 -4.85 13.51
N GLU A 89 -7.45 -3.97 14.05
CA GLU A 89 -8.78 -3.69 13.44
C GLU A 89 -8.63 -2.68 12.30
N ARG A 90 -7.47 -2.09 12.18
CA ARG A 90 -7.23 -1.09 11.11
C ARG A 90 -5.81 -1.23 10.59
N CYS A 91 -5.49 -0.66 9.46
CA CYS A 91 -4.11 -0.80 8.92
C CYS A 91 -3.66 0.49 8.22
N VAL A 92 -2.53 1.02 8.60
CA VAL A 92 -2.03 2.27 7.96
C VAL A 92 -0.59 2.06 7.50
N VAL A 93 -0.36 2.09 6.23
CA VAL A 93 1.03 1.89 5.73
C VAL A 93 1.48 3.08 4.88
N ALA A 94 2.63 3.63 5.17
CA ALA A 94 3.12 4.79 4.39
C ALA A 94 3.90 4.29 3.17
N ILE A 95 4.03 5.11 2.16
CA ILE A 95 4.77 4.67 0.94
C ILE A 95 6.11 5.40 0.85
N SER A 96 7.16 4.67 0.57
CA SER A 96 8.49 5.32 0.45
C SER A 96 9.49 4.35 -0.19
N PRO A 97 10.64 4.87 -0.53
CA PRO A 97 11.69 4.04 -1.16
C PRO A 97 12.43 3.17 -0.13
N SER A 98 13.10 3.78 0.81
CA SER A 98 13.84 2.98 1.84
C SER A 98 12.88 2.28 2.80
N ASN A 99 11.60 2.48 2.63
CA ASN A 99 10.62 1.82 3.55
C ASN A 99 10.32 0.41 3.07
N PHE A 100 10.57 0.13 1.82
CA PHE A 100 10.30 -1.24 1.29
C PHE A 100 11.61 -1.98 1.02
N GLY A 101 12.45 -1.44 0.17
CA GLY A 101 13.74 -2.13 -0.12
C GLY A 101 14.84 -1.09 -0.34
N GLY A 102 14.63 -0.17 -1.25
CA GLY A 102 15.68 0.87 -1.50
C GLY A 102 15.84 1.09 -3.00
N ASP A 103 15.38 2.21 -3.50
CA ASP A 103 15.50 2.49 -4.96
C ASP A 103 15.15 1.25 -5.78
N PRO A 104 13.94 0.79 -5.61
CA PRO A 104 13.47 -0.40 -6.34
C PRO A 104 12.95 0.00 -7.72
N CYS A 105 12.02 0.92 -7.79
CA CYS A 105 11.48 1.36 -9.10
C CYS A 105 11.45 2.89 -9.19
N PRO A 106 12.57 3.44 -9.60
CA PRO A 106 12.70 4.90 -9.72
C PRO A 106 12.22 5.39 -11.11
N GLU A 107 11.72 6.60 -11.18
CA GLU A 107 11.24 7.14 -12.48
C GLU A 107 10.39 6.11 -13.23
N VAL A 108 9.43 5.53 -12.57
CA VAL A 108 8.57 4.52 -13.24
C VAL A 108 7.15 4.56 -12.65
N MET A 109 6.16 4.48 -13.49
CA MET A 109 4.75 4.51 -12.98
C MET A 109 4.64 3.65 -11.73
N LYS A 110 4.76 4.25 -10.58
CA LYS A 110 4.66 3.46 -9.32
C LYS A 110 3.24 3.48 -8.77
N ARG A 111 2.84 2.44 -8.08
CA ARG A 111 1.46 2.40 -7.52
C ARG A 111 1.42 1.43 -6.34
N VAL A 112 0.54 1.63 -5.40
CA VAL A 112 0.47 0.71 -4.24
C VAL A 112 -0.88 -0.02 -4.20
N ALA A 113 -0.89 -1.28 -4.54
CA ALA A 113 -2.16 -2.05 -4.52
C ALA A 113 -2.13 -3.04 -3.36
N VAL A 114 -3.18 -3.12 -2.59
CA VAL A 114 -3.17 -4.07 -1.45
C VAL A 114 -4.55 -4.73 -1.27
N GLU A 115 -4.57 -6.03 -1.12
CA GLU A 115 -5.85 -6.75 -0.94
C GLU A 115 -5.78 -7.58 0.34
N ALA A 116 -6.55 -7.24 1.33
CA ALA A 116 -6.52 -8.02 2.62
C ALA A 116 -7.80 -8.84 2.79
N VAL A 117 -7.76 -9.82 3.65
CA VAL A 117 -8.96 -10.67 3.90
C VAL A 117 -9.50 -10.41 5.31
N CYS A 118 -10.72 -9.96 5.42
CA CYS A 118 -11.29 -9.70 6.78
C CYS A 118 -12.30 -10.77 7.16
N SER A 119 -12.37 -11.10 8.42
CA SER A 119 -13.33 -12.14 8.87
C SER A 119 -13.98 -11.71 10.20
N THR A 120 -14.39 -12.64 11.00
CA THR A 120 -15.03 -12.29 12.30
C THR A 120 -14.24 -12.91 13.46
N ALA A 121 -14.71 -12.74 14.67
CA ALA A 121 -13.99 -13.33 15.83
C ALA A 121 -14.75 -14.52 16.40
N ALA A 122 -14.36 -15.72 16.04
CA ALA A 122 -15.07 -16.93 16.56
C ALA A 122 -14.05 -17.98 17.00
N ARG A 5 -13.20 -18.62 2.29
CA ARG A 5 -14.25 -18.32 3.30
C ARG A 5 -14.08 -16.87 3.81
N THR A 6 -14.19 -16.68 5.10
CA THR A 6 -14.04 -15.29 5.66
C THR A 6 -15.29 -14.46 5.35
N VAL A 7 -15.31 -13.24 5.79
CA VAL A 7 -16.48 -12.37 5.51
C VAL A 7 -16.03 -11.07 4.83
N SER A 8 -16.48 -10.84 3.62
CA SER A 8 -16.08 -9.60 2.91
C SER A 8 -14.54 -9.46 2.92
N GLY A 9 -14.03 -8.43 2.32
CA GLY A 9 -12.55 -8.25 2.30
C GLY A 9 -12.21 -6.77 2.17
N VAL A 10 -11.03 -6.45 1.73
CA VAL A 10 -10.66 -5.02 1.58
C VAL A 10 -9.85 -4.80 0.30
N CYS A 11 -10.04 -3.67 -0.33
CA CYS A 11 -9.30 -3.38 -1.59
C CYS A 11 -8.77 -1.94 -1.57
N ALA A 12 -7.60 -1.71 -2.10
CA ALA A 12 -7.06 -0.32 -2.10
C ALA A 12 -6.18 -0.09 -3.34
N ASP A 13 -6.50 0.91 -4.12
CA ASP A 13 -5.69 1.19 -5.34
C ASP A 13 -5.32 2.68 -5.38
N VAL A 14 -4.09 3.01 -5.10
CA VAL A 14 -3.67 4.44 -5.12
C VAL A 14 -2.45 4.63 -6.02
N SER A 15 -2.21 5.83 -6.47
CA SER A 15 -1.04 6.08 -7.36
C SER A 15 0.02 6.90 -6.60
N GLU A 16 1.23 6.43 -6.57
CA GLU A 16 2.30 7.18 -5.85
C GLU A 16 2.17 8.69 -6.13
N TYR A 17 2.58 9.51 -5.19
CA TYR A 17 2.48 10.98 -5.40
C TYR A 17 3.88 11.58 -5.56
N HIS A 18 4.63 11.67 -4.49
CA HIS A 18 6.01 12.24 -4.58
C HIS A 18 5.96 13.69 -5.09
N PRO A 19 6.38 14.59 -4.26
CA PRO A 19 6.38 16.02 -4.63
C PRO A 19 7.61 16.34 -5.48
N ASN A 20 7.65 15.84 -6.68
CA ASN A 20 8.83 16.11 -7.56
C ASN A 20 8.47 17.16 -8.62
N ILE A 21 8.16 18.35 -8.20
CA ILE A 21 7.80 19.42 -9.19
C ILE A 21 8.86 20.52 -9.17
N LYS A 22 8.95 21.29 -10.22
CA LYS A 22 9.97 22.38 -10.26
C LYS A 22 9.41 23.64 -9.58
N ASN A 23 8.47 24.30 -10.20
CA ASN A 23 7.90 25.53 -9.59
C ASN A 23 6.69 25.15 -8.75
N TRP A 24 6.66 25.57 -7.52
CA TRP A 24 5.52 25.23 -6.66
C TRP A 24 5.35 26.28 -5.55
N GLN A 25 5.98 27.41 -5.67
CA GLN A 25 5.86 28.45 -4.62
C GLN A 25 4.75 29.44 -5.00
N ILE A 26 3.90 29.78 -4.07
CA ILE A 26 2.80 30.73 -4.38
C ILE A 26 2.61 31.72 -3.23
N GLU A 27 1.47 32.34 -3.16
CA GLU A 27 1.21 33.31 -2.05
C GLU A 27 0.77 32.57 -0.79
N SER A 28 0.48 31.31 -0.91
CA SER A 28 0.05 30.52 0.28
C SER A 28 1.27 29.89 0.97
N TYR A 29 2.37 29.78 0.28
CA TYR A 29 3.59 29.18 0.89
C TYR A 29 3.27 27.78 1.44
N GLY A 30 4.28 27.00 1.70
CA GLY A 30 4.04 25.63 2.23
C GLY A 30 2.90 24.97 1.44
N GLU A 31 2.92 25.09 0.15
CA GLU A 31 1.84 24.47 -0.67
C GLU A 31 1.78 22.94 -0.46
N PRO A 32 2.93 22.32 -0.39
CA PRO A 32 2.99 20.85 -0.19
C PRO A 32 2.72 20.50 1.28
N GLU A 33 1.51 20.08 1.59
CA GLU A 33 1.19 19.73 3.01
C GLU A 33 1.69 18.32 3.33
N PHE A 34 2.01 17.54 2.33
CA PHE A 34 2.51 16.16 2.58
C PHE A 34 3.59 15.79 1.56
N HIS A 35 4.62 15.12 1.99
CA HIS A 35 5.71 14.74 1.05
C HIS A 35 5.82 13.21 0.96
N THR A 36 4.71 12.53 0.79
CA THR A 36 4.75 11.04 0.70
C THR A 36 3.36 10.50 0.39
N ALA A 37 3.25 9.23 0.13
CA ALA A 37 1.92 8.63 -0.17
C ALA A 37 1.36 7.96 1.08
N LYS A 38 0.13 7.51 1.03
CA LYS A 38 -0.47 6.85 2.22
C LYS A 38 -1.52 5.82 1.79
N VAL A 39 -1.51 4.67 2.40
CA VAL A 39 -2.51 3.62 2.03
C VAL A 39 -3.57 3.51 3.13
N HIS A 40 -4.82 3.42 2.77
CA HIS A 40 -5.88 3.31 3.82
C HIS A 40 -6.50 1.90 3.83
N LEU A 41 -6.13 1.11 4.79
CA LEU A 41 -6.69 -0.27 4.87
C LEU A 41 -7.45 -0.43 6.19
N LYS A 42 -8.76 -0.35 6.15
CA LYS A 42 -9.53 -0.49 7.41
C LYS A 42 -10.74 -1.41 7.20
N CYS A 43 -11.04 -2.23 8.17
CA CYS A 43 -12.20 -3.16 8.03
C CYS A 43 -13.29 -2.78 9.04
N ALA A 44 -14.52 -3.16 8.78
CA ALA A 44 -15.61 -2.82 9.72
C ALA A 44 -15.18 -3.09 11.17
N PRO A 45 -15.98 -2.62 12.08
CA PRO A 45 -15.67 -2.81 13.52
C PRO A 45 -15.85 -4.28 13.92
N GLY A 46 -14.78 -4.94 14.25
CA GLY A 46 -14.89 -6.37 14.66
C GLY A 46 -14.26 -7.25 13.57
N GLN A 47 -14.20 -6.77 12.36
CA GLN A 47 -13.59 -7.58 11.26
C GLN A 47 -12.09 -7.33 11.20
N THR A 48 -11.31 -8.23 11.74
CA THR A 48 -9.82 -8.04 11.72
C THR A 48 -9.22 -8.79 10.53
N ILE A 49 -8.08 -8.34 10.06
CA ILE A 49 -7.45 -9.03 8.89
C ILE A 49 -6.74 -10.31 9.36
N SER A 50 -6.74 -11.34 8.55
CA SER A 50 -6.07 -12.61 8.97
C SER A 50 -5.26 -13.21 7.81
N ALA A 51 -5.34 -12.64 6.64
CA ALA A 51 -4.56 -13.21 5.50
C ALA A 51 -4.43 -12.19 4.37
N ILE A 52 -3.22 -11.87 3.97
CA ILE A 52 -3.02 -10.89 2.87
C ILE A 52 -3.10 -11.61 1.53
N LYS A 53 -3.96 -11.17 0.66
CA LYS A 53 -4.10 -11.82 -0.68
C LYS A 53 -3.00 -11.34 -1.63
N PHE A 54 -2.71 -10.07 -1.64
CA PHE A 54 -1.64 -9.55 -2.55
C PHE A 54 -1.02 -8.27 -2.00
N ALA A 55 0.02 -7.81 -2.64
CA ALA A 55 0.70 -6.55 -2.18
C ALA A 55 2.04 -6.40 -2.92
N SER A 56 2.03 -5.75 -4.05
CA SER A 56 3.29 -5.57 -4.82
C SER A 56 3.57 -4.08 -5.06
N PHE A 57 4.79 -3.66 -4.90
CA PHE A 57 5.12 -2.23 -5.12
C PHE A 57 5.84 -2.05 -6.45
N GLY A 58 5.15 -1.55 -7.45
CA GLY A 58 5.80 -1.36 -8.77
C GLY A 58 4.72 -1.21 -9.85
N THR A 59 4.63 -2.16 -10.75
CA THR A 59 3.60 -2.06 -11.82
C THR A 59 2.63 -3.25 -11.72
N PRO A 60 1.79 -3.20 -10.73
CA PRO A 60 0.80 -4.28 -10.52
C PRO A 60 -0.30 -4.20 -11.57
N LEU A 61 -1.04 -5.27 -11.77
CA LEU A 61 -2.13 -5.24 -12.77
C LEU A 61 -3.42 -5.83 -12.17
N GLY A 62 -4.52 -5.69 -12.85
CA GLY A 62 -5.81 -6.24 -12.32
C GLY A 62 -6.56 -5.14 -11.58
N THR A 63 -7.57 -5.50 -10.84
CA THR A 63 -8.35 -4.46 -10.10
C THR A 63 -8.59 -4.93 -8.65
N CYS A 64 -9.35 -5.97 -8.46
CA CYS A 64 -9.62 -6.46 -7.08
C CYS A 64 -9.99 -7.95 -7.09
N GLY A 65 -9.34 -8.74 -6.30
CA GLY A 65 -9.65 -10.20 -6.27
C GLY A 65 -8.75 -10.94 -7.26
N THR A 66 -8.07 -10.22 -8.11
CA THR A 66 -7.18 -10.90 -9.09
C THR A 66 -5.89 -10.10 -9.30
N PHE A 67 -5.43 -9.41 -8.28
CA PHE A 67 -4.18 -8.61 -8.43
C PHE A 67 -3.02 -9.54 -8.78
N GLN A 68 -2.28 -9.22 -9.81
CA GLN A 68 -1.13 -10.09 -10.21
C GLN A 68 0.12 -9.23 -10.46
N GLN A 69 1.28 -9.84 -10.44
CA GLN A 69 2.53 -9.05 -10.69
C GLN A 69 2.67 -8.73 -12.18
N GLY A 70 3.20 -7.58 -12.49
CA GLY A 70 3.36 -7.20 -13.92
C GLY A 70 4.79 -7.52 -14.37
N GLU A 71 5.77 -7.16 -13.59
CA GLU A 71 7.18 -7.45 -13.98
C GLU A 71 8.16 -6.92 -12.93
N CYS A 72 7.79 -5.89 -12.20
CA CYS A 72 8.71 -5.35 -11.16
C CYS A 72 8.29 -5.79 -9.76
N HIS A 73 9.16 -5.66 -8.79
CA HIS A 73 8.83 -6.07 -7.39
C HIS A 73 10.04 -5.82 -6.48
N SER A 74 9.81 -5.25 -5.32
CA SER A 74 10.95 -4.98 -4.40
C SER A 74 11.18 -6.17 -3.45
N ILE A 75 10.77 -7.35 -3.83
CA ILE A 75 10.97 -8.54 -2.94
C ILE A 75 10.65 -8.17 -1.49
N ASN A 76 9.79 -7.21 -1.29
CA ASN A 76 9.43 -6.79 0.09
C ASN A 76 8.06 -6.10 0.09
N SER A 77 7.23 -6.44 -0.87
CA SER A 77 5.88 -5.82 -0.95
C SER A 77 4.90 -6.54 -0.03
N ASN A 78 5.20 -7.76 0.34
CA ASN A 78 4.27 -8.52 1.23
C ASN A 78 4.87 -8.67 2.64
N SER A 79 6.04 -8.14 2.86
CA SER A 79 6.68 -8.25 4.20
C SER A 79 6.32 -7.04 5.06
N VAL A 80 6.14 -5.91 4.43
CA VAL A 80 5.80 -4.67 5.20
C VAL A 80 4.31 -4.66 5.54
N LEU A 81 3.53 -5.46 4.85
CA LEU A 81 2.06 -5.49 5.13
C LEU A 81 1.75 -6.51 6.23
N GLU A 82 2.06 -7.76 6.03
CA GLU A 82 1.78 -8.79 7.07
C GLU A 82 2.46 -8.42 8.40
N ARG A 83 3.46 -7.58 8.34
CA ARG A 83 4.16 -7.18 9.60
C ARG A 83 3.58 -5.89 10.19
N LYS A 84 2.90 -5.09 9.42
CA LYS A 84 2.32 -3.82 9.98
C LYS A 84 0.82 -3.71 9.72
N CYS A 85 0.10 -4.80 9.84
CA CYS A 85 -1.38 -4.74 9.60
C CYS A 85 -2.06 -5.97 10.19
N ILE A 86 -1.62 -7.13 9.81
CA ILE A 86 -2.24 -8.38 10.33
C ILE A 86 -2.29 -8.34 11.87
N GLY A 87 -3.48 -8.41 12.42
CA GLY A 87 -3.60 -8.37 13.91
C GLY A 87 -4.24 -7.06 14.35
N LEU A 88 -4.70 -6.26 13.42
CA LEU A 88 -5.34 -4.96 13.79
C LEU A 88 -6.61 -4.75 12.97
N GLU A 89 -7.58 -4.07 13.52
CA GLU A 89 -8.85 -3.82 12.77
C GLU A 89 -8.62 -2.72 11.73
N ARG A 90 -7.59 -1.94 11.91
CA ARG A 90 -7.30 -0.84 10.96
C ARG A 90 -5.81 -0.54 10.96
N CYS A 91 -5.21 -0.41 9.82
CA CYS A 91 -3.75 -0.12 9.76
C CYS A 91 -3.40 0.65 8.48
N VAL A 92 -2.51 1.58 8.56
CA VAL A 92 -2.13 2.37 7.35
C VAL A 92 -0.69 2.01 6.93
N VAL A 93 -0.38 2.14 5.67
CA VAL A 93 1.01 1.80 5.22
C VAL A 93 1.57 2.93 4.35
N ALA A 94 2.49 3.69 4.87
CA ALA A 94 3.08 4.80 4.07
C ALA A 94 3.90 4.23 2.90
N ILE A 95 3.87 4.87 1.77
CA ILE A 95 4.63 4.36 0.60
C ILE A 95 5.95 5.14 0.45
N SER A 96 7.05 4.55 0.83
CA SER A 96 8.36 5.25 0.72
C SER A 96 9.47 4.25 0.34
N PRO A 97 10.49 4.76 -0.29
CA PRO A 97 11.62 3.89 -0.71
C PRO A 97 12.51 3.57 0.50
N SER A 98 12.52 4.42 1.49
CA SER A 98 13.37 4.16 2.70
C SER A 98 12.57 3.36 3.73
N ASN A 99 11.49 2.74 3.32
CA ASN A 99 10.67 1.95 4.29
C ASN A 99 10.68 0.47 3.91
N PHE A 100 10.77 0.17 2.64
CA PHE A 100 10.79 -1.25 2.22
C PHE A 100 12.22 -1.80 2.27
N GLY A 101 13.00 -1.51 1.28
CA GLY A 101 14.41 -2.00 1.26
C GLY A 101 15.12 -1.48 0.02
N GLY A 102 15.15 -0.18 -0.14
CA GLY A 102 15.83 0.40 -1.33
C GLY A 102 14.78 0.75 -2.39
N ASP A 103 15.15 0.69 -3.64
CA ASP A 103 14.17 1.00 -4.73
C ASP A 103 14.01 -0.19 -5.67
N PRO A 104 12.80 -0.39 -6.11
CA PRO A 104 12.50 -1.52 -7.03
C PRO A 104 12.99 -1.20 -8.45
N CYS A 105 12.15 -0.59 -9.25
CA CYS A 105 12.57 -0.27 -10.65
C CYS A 105 12.65 1.26 -10.84
N PRO A 106 13.82 1.71 -11.19
CA PRO A 106 14.04 3.16 -11.41
C PRO A 106 13.42 3.60 -12.75
N GLU A 107 12.84 4.77 -12.80
CA GLU A 107 12.23 5.24 -14.07
C GLU A 107 11.00 4.40 -14.42
N VAL A 108 10.22 4.01 -13.44
CA VAL A 108 9.01 3.18 -13.72
C VAL A 108 7.82 3.70 -12.92
N MET A 109 6.68 3.85 -13.55
CA MET A 109 5.48 4.35 -12.82
C MET A 109 5.36 3.65 -11.47
N LYS A 110 5.23 4.40 -10.41
CA LYS A 110 5.11 3.77 -9.06
C LYS A 110 3.62 3.59 -8.69
N ARG A 111 3.17 2.37 -8.60
CA ARG A 111 1.74 2.13 -8.23
C ARG A 111 1.66 1.21 -7.01
N VAL A 112 0.77 1.47 -6.11
CA VAL A 112 0.66 0.60 -4.90
C VAL A 112 -0.66 -0.17 -4.91
N ALA A 113 -0.61 -1.44 -5.21
CA ALA A 113 -1.86 -2.25 -5.25
C ALA A 113 -1.82 -3.30 -4.13
N VAL A 114 -2.73 -3.21 -3.19
CA VAL A 114 -2.74 -4.21 -2.07
C VAL A 114 -4.15 -4.78 -1.89
N GLU A 115 -4.24 -5.94 -1.30
CA GLU A 115 -5.57 -6.57 -1.08
C GLU A 115 -5.53 -7.43 0.18
N ALA A 116 -6.25 -7.05 1.20
CA ALA A 116 -6.25 -7.86 2.46
C ALA A 116 -7.60 -8.55 2.66
N VAL A 117 -7.65 -9.53 3.51
CA VAL A 117 -8.93 -10.24 3.76
C VAL A 117 -9.41 -9.99 5.19
N CYS A 118 -10.69 -10.13 5.44
CA CYS A 118 -11.22 -9.90 6.82
C CYS A 118 -12.23 -11.00 7.18
N SER A 119 -12.31 -11.36 8.43
CA SER A 119 -13.28 -12.42 8.84
C SER A 119 -14.29 -11.86 9.86
N THR A 120 -14.09 -12.12 11.12
CA THR A 120 -15.05 -11.59 12.14
C THR A 120 -14.37 -11.48 13.51
N ALA A 121 -14.83 -10.60 14.34
CA ALA A 121 -14.21 -10.43 15.69
C ALA A 121 -14.88 -9.29 16.45
N ALA A 122 -14.57 -9.14 17.70
CA ALA A 122 -15.18 -8.04 18.50
C ALA A 122 -14.13 -7.00 18.88
N ARG A 5 -23.67 -7.35 9.07
CA ARG A 5 -22.83 -8.55 9.41
C ARG A 5 -22.10 -9.05 8.17
N THR A 6 -21.55 -10.24 8.23
CA THR A 6 -20.83 -10.77 7.04
C THR A 6 -19.68 -9.84 6.64
N VAL A 7 -18.47 -10.27 6.77
CA VAL A 7 -17.31 -9.40 6.40
C VAL A 7 -16.25 -10.22 5.66
N SER A 8 -15.93 -9.83 4.44
CA SER A 8 -14.90 -10.61 3.68
C SER A 8 -14.67 -9.98 2.30
N GLY A 9 -13.43 -9.66 1.99
CA GLY A 9 -13.14 -9.04 0.66
C GLY A 9 -12.91 -7.54 0.81
N VAL A 10 -11.71 -7.08 0.51
CA VAL A 10 -11.41 -5.63 0.64
C VAL A 10 -10.39 -5.23 -0.43
N CYS A 11 -10.28 -3.96 -0.73
CA CYS A 11 -9.29 -3.55 -1.77
C CYS A 11 -8.73 -2.16 -1.46
N ALA A 12 -7.62 -1.83 -2.05
CA ALA A 12 -7.00 -0.49 -1.80
C ALA A 12 -5.96 -0.21 -2.90
N ASP A 13 -6.29 0.64 -3.84
CA ASP A 13 -5.33 0.95 -4.93
C ASP A 13 -4.94 2.44 -4.90
N VAL A 14 -3.67 2.72 -4.76
CA VAL A 14 -3.20 4.14 -4.73
C VAL A 14 -1.74 4.22 -5.15
N SER A 15 -1.34 5.31 -5.77
CA SER A 15 0.09 5.44 -6.20
C SER A 15 0.89 6.27 -5.20
N GLU A 16 2.07 6.68 -5.56
CA GLU A 16 2.91 7.50 -4.63
C GLU A 16 2.68 9.00 -4.90
N TYR A 17 3.21 9.85 -4.06
CA TYR A 17 3.02 11.31 -4.28
C TYR A 17 4.36 12.00 -4.56
N HIS A 18 5.03 12.46 -3.53
CA HIS A 18 6.34 13.14 -3.75
C HIS A 18 6.20 14.30 -4.74
N PRO A 19 6.23 15.49 -4.22
CA PRO A 19 6.11 16.69 -5.06
C PRO A 19 7.48 17.08 -5.62
N ASN A 20 7.64 18.30 -6.05
CA ASN A 20 8.95 18.74 -6.60
C ASN A 20 9.42 20.03 -5.91
N ILE A 21 10.47 19.95 -5.14
CA ILE A 21 10.98 21.17 -4.43
C ILE A 21 12.50 21.15 -4.37
N LYS A 22 13.16 21.06 -5.49
CA LYS A 22 14.64 21.04 -5.50
C LYS A 22 15.20 22.45 -5.77
N ASN A 23 14.34 23.42 -5.87
CA ASN A 23 14.81 24.81 -6.14
C ASN A 23 13.80 25.82 -5.58
N TRP A 24 13.30 25.58 -4.41
CA TRP A 24 12.31 26.53 -3.81
C TRP A 24 13.02 27.70 -3.15
N GLN A 25 14.10 27.45 -2.46
CA GLN A 25 14.84 28.57 -1.80
C GLN A 25 16.36 28.39 -1.97
N ILE A 26 17.04 29.43 -2.37
CA ILE A 26 18.51 29.32 -2.56
C ILE A 26 19.24 30.36 -1.71
N GLU A 27 20.11 29.93 -0.85
CA GLU A 27 20.86 30.89 0.01
C GLU A 27 22.24 30.31 0.35
N SER A 28 22.26 29.16 0.96
CA SER A 28 23.55 28.52 1.33
C SER A 28 23.38 27.01 1.43
N TYR A 29 22.33 26.49 0.85
CA TYR A 29 22.08 25.01 0.90
C TYR A 29 20.82 24.66 0.13
N GLY A 30 20.13 23.62 0.53
CA GLY A 30 18.88 23.23 -0.18
C GLY A 30 17.82 22.87 0.85
N GLU A 31 16.59 22.74 0.43
CA GLU A 31 15.52 22.39 1.40
C GLU A 31 14.41 21.60 0.72
N PRO A 32 14.81 20.57 0.01
CA PRO A 32 13.84 19.71 -0.69
C PRO A 32 13.08 18.85 0.32
N GLU A 33 11.78 18.74 0.16
CA GLU A 33 10.98 17.91 1.11
C GLU A 33 10.87 16.47 0.59
N PHE A 34 10.29 15.59 1.38
CA PHE A 34 10.15 14.18 0.93
C PHE A 34 8.76 13.65 1.33
N HIS A 35 7.72 14.23 0.79
CA HIS A 35 6.35 13.75 1.14
C HIS A 35 6.10 12.36 0.55
N THR A 36 4.97 11.78 0.81
CA THR A 36 4.67 10.43 0.27
C THR A 36 3.19 10.09 0.40
N ALA A 37 2.70 9.20 -0.40
CA ALA A 37 1.26 8.82 -0.32
C ALA A 37 1.07 7.68 0.68
N LYS A 38 -0.15 7.34 0.98
CA LYS A 38 -0.38 6.23 1.97
C LYS A 38 -1.60 5.40 1.56
N VAL A 39 -1.73 4.22 2.10
CA VAL A 39 -2.88 3.35 1.75
C VAL A 39 -3.83 3.27 2.94
N HIS A 40 -5.08 2.96 2.72
CA HIS A 40 -6.02 2.89 3.88
C HIS A 40 -6.79 1.56 3.88
N LEU A 41 -6.55 0.74 4.86
CA LEU A 41 -7.25 -0.57 4.94
C LEU A 41 -8.00 -0.65 6.28
N LYS A 42 -9.30 -0.53 6.26
CA LYS A 42 -10.06 -0.60 7.54
C LYS A 42 -11.25 -1.57 7.43
N CYS A 43 -11.43 -2.39 8.42
CA CYS A 43 -12.56 -3.37 8.40
C CYS A 43 -13.65 -2.92 9.37
N ALA A 44 -14.76 -3.61 9.41
CA ALA A 44 -15.85 -3.23 10.34
C ALA A 44 -15.33 -3.14 11.79
N PRO A 45 -16.14 -2.58 12.63
CA PRO A 45 -15.77 -2.44 14.06
C PRO A 45 -15.85 -3.79 14.77
N GLY A 46 -14.72 -4.34 15.14
CA GLY A 46 -14.74 -5.66 15.83
C GLY A 46 -14.00 -6.70 14.99
N GLN A 47 -14.03 -6.55 13.69
CA GLN A 47 -13.34 -7.55 12.81
C GLN A 47 -11.87 -7.16 12.64
N THR A 48 -11.04 -8.06 12.21
CA THR A 48 -9.60 -7.74 12.03
C THR A 48 -9.03 -8.53 10.85
N ILE A 49 -8.09 -7.96 10.14
CA ILE A 49 -7.50 -8.69 8.98
C ILE A 49 -6.67 -9.87 9.50
N SER A 50 -6.60 -10.94 8.75
CA SER A 50 -5.80 -12.11 9.24
C SER A 50 -4.85 -12.63 8.16
N ALA A 51 -5.00 -12.21 6.94
CA ALA A 51 -4.07 -12.72 5.88
C ALA A 51 -4.07 -11.81 4.64
N ILE A 52 -3.00 -11.81 3.91
CA ILE A 52 -2.91 -10.96 2.69
C ILE A 52 -2.82 -11.85 1.45
N LYS A 53 -3.70 -11.67 0.50
CA LYS A 53 -3.65 -12.52 -0.72
C LYS A 53 -2.76 -11.89 -1.80
N PHE A 54 -2.76 -10.60 -1.90
CA PHE A 54 -1.92 -9.94 -2.94
C PHE A 54 -1.22 -8.70 -2.37
N ALA A 55 -0.06 -8.39 -2.86
CA ALA A 55 0.67 -7.20 -2.36
C ALA A 55 2.00 -7.05 -3.14
N SER A 56 2.08 -6.09 -4.01
CA SER A 56 3.33 -5.90 -4.79
C SER A 56 3.66 -4.41 -4.94
N PHE A 57 4.90 -4.06 -4.76
CA PHE A 57 5.30 -2.63 -4.89
C PHE A 57 6.01 -2.39 -6.22
N GLY A 58 5.29 -2.34 -7.30
CA GLY A 58 5.94 -2.13 -8.62
C GLY A 58 4.88 -1.89 -9.69
N THR A 59 4.70 -2.83 -10.58
CA THR A 59 3.67 -2.67 -11.66
C THR A 59 2.52 -3.66 -11.46
N PRO A 60 1.50 -3.22 -10.76
CA PRO A 60 0.33 -4.08 -10.51
C PRO A 60 -0.58 -4.11 -11.74
N LEU A 61 -0.93 -5.28 -12.21
CA LEU A 61 -1.81 -5.37 -13.41
C LEU A 61 -3.27 -5.58 -12.98
N GLY A 62 -4.09 -4.56 -13.13
CA GLY A 62 -5.52 -4.70 -12.72
C GLY A 62 -5.86 -3.64 -11.67
N THR A 63 -6.85 -3.92 -10.85
CA THR A 63 -7.23 -2.93 -9.80
C THR A 63 -7.82 -3.65 -8.58
N CYS A 64 -8.62 -4.65 -8.82
CA CYS A 64 -9.24 -5.40 -7.69
C CYS A 64 -9.86 -6.70 -8.21
N GLY A 65 -9.40 -7.82 -7.73
CA GLY A 65 -9.97 -9.11 -8.21
C GLY A 65 -9.26 -9.54 -9.49
N THR A 66 -8.44 -8.68 -10.06
CA THR A 66 -7.73 -9.04 -11.31
C THR A 66 -6.29 -8.51 -11.26
N PHE A 67 -5.70 -8.49 -10.10
CA PHE A 67 -4.29 -7.99 -9.98
C PHE A 67 -3.32 -8.99 -10.61
N GLN A 68 -2.06 -8.63 -10.68
CA GLN A 68 -1.06 -9.56 -11.29
C GLN A 68 0.33 -8.93 -11.27
N GLN A 69 1.35 -9.71 -11.53
CA GLN A 69 2.73 -9.16 -11.53
C GLN A 69 3.19 -8.86 -12.96
N GLY A 70 3.93 -7.81 -13.16
CA GLY A 70 4.41 -7.48 -14.53
C GLY A 70 5.86 -7.91 -14.69
N GLU A 71 6.76 -6.96 -14.77
CA GLU A 71 8.20 -7.31 -14.92
C GLU A 71 9.04 -6.56 -13.89
N CYS A 72 8.40 -6.03 -12.88
CA CYS A 72 9.18 -5.29 -11.84
C CYS A 72 8.50 -5.45 -10.47
N HIS A 73 9.21 -5.95 -9.51
CA HIS A 73 8.60 -6.13 -8.15
C HIS A 73 9.64 -5.94 -7.05
N SER A 74 9.25 -5.37 -5.95
CA SER A 74 10.22 -5.17 -4.84
C SER A 74 10.21 -6.42 -3.96
N ILE A 75 11.14 -6.56 -3.07
CA ILE A 75 11.13 -7.78 -2.21
C ILE A 75 10.31 -7.52 -0.94
N ASN A 76 10.15 -6.28 -0.55
CA ASN A 76 9.37 -5.98 0.68
C ASN A 76 7.98 -5.48 0.28
N SER A 77 7.30 -6.21 -0.55
CA SER A 77 5.94 -5.80 -0.99
C SER A 77 4.87 -6.22 0.02
N ASN A 78 4.93 -7.43 0.51
CA ASN A 78 3.90 -7.89 1.48
C ASN A 78 4.49 -7.96 2.90
N SER A 79 5.78 -7.91 3.03
CA SER A 79 6.41 -7.97 4.38
C SER A 79 6.03 -6.73 5.20
N VAL A 80 5.60 -5.68 4.55
CA VAL A 80 5.23 -4.44 5.30
C VAL A 80 3.79 -4.56 5.80
N LEU A 81 3.00 -5.38 5.17
CA LEU A 81 1.57 -5.53 5.62
C LEU A 81 1.50 -6.48 6.83
N GLU A 82 1.89 -7.71 6.65
CA GLU A 82 1.84 -8.68 7.80
C GLU A 82 2.55 -8.11 9.04
N ARG A 83 3.37 -7.10 8.86
CA ARG A 83 4.08 -6.52 10.03
C ARG A 83 3.27 -5.37 10.67
N LYS A 84 2.52 -4.65 9.89
CA LYS A 84 1.73 -3.52 10.48
C LYS A 84 0.30 -3.49 9.91
N CYS A 85 -0.39 -4.58 9.95
CA CYS A 85 -1.79 -4.60 9.42
C CYS A 85 -2.54 -5.83 9.94
N ILE A 86 -2.00 -7.00 9.73
CA ILE A 86 -2.69 -8.22 10.21
C ILE A 86 -2.74 -8.23 11.75
N GLY A 87 -3.88 -7.93 12.31
CA GLY A 87 -3.99 -7.91 13.80
C GLY A 87 -4.56 -6.57 14.27
N LEU A 88 -5.06 -5.76 13.37
CA LEU A 88 -5.63 -4.44 13.78
C LEU A 88 -6.99 -4.22 13.12
N GLU A 89 -7.86 -3.50 13.75
CA GLU A 89 -9.20 -3.25 13.15
C GLU A 89 -9.03 -2.41 11.88
N ARG A 90 -7.99 -1.64 11.82
CA ARG A 90 -7.74 -0.78 10.63
C ARG A 90 -6.27 -0.36 10.61
N CYS A 91 -5.55 -0.70 9.58
CA CYS A 91 -4.11 -0.30 9.52
C CYS A 91 -3.80 0.55 8.28
N VAL A 92 -2.75 1.33 8.34
CA VAL A 92 -2.38 2.20 7.18
C VAL A 92 -0.86 2.17 7.02
N VAL A 93 -0.37 1.86 5.85
CA VAL A 93 1.10 1.83 5.64
C VAL A 93 1.54 2.99 4.73
N ALA A 94 2.55 3.72 5.15
CA ALA A 94 3.03 4.86 4.31
C ALA A 94 3.90 4.34 3.18
N ILE A 95 3.57 4.67 1.96
CA ILE A 95 4.38 4.19 0.81
C ILE A 95 5.66 5.03 0.67
N SER A 96 6.80 4.45 0.92
CA SER A 96 8.08 5.21 0.80
C SER A 96 9.23 4.26 0.46
N PRO A 97 10.33 4.83 0.07
CA PRO A 97 11.52 4.02 -0.29
C PRO A 97 12.22 3.50 0.97
N SER A 98 12.63 4.38 1.84
CA SER A 98 13.31 3.94 3.09
C SER A 98 12.35 3.14 3.98
N ASN A 99 11.09 3.14 3.66
CA ASN A 99 10.11 2.38 4.50
C ASN A 99 9.93 0.97 3.94
N PHE A 100 10.33 0.73 2.72
CA PHE A 100 10.17 -0.63 2.13
C PHE A 100 11.54 -1.30 1.98
N GLY A 101 12.28 -0.94 0.96
CA GLY A 101 13.62 -1.56 0.76
C GLY A 101 14.24 -1.04 -0.53
N GLY A 102 14.11 0.24 -0.79
CA GLY A 102 14.69 0.81 -2.04
C GLY A 102 13.76 0.50 -3.22
N ASP A 103 14.26 0.61 -4.42
CA ASP A 103 13.40 0.32 -5.62
C ASP A 103 14.03 -0.79 -6.46
N PRO A 104 13.19 -1.50 -7.15
CA PRO A 104 13.65 -2.61 -8.01
C PRO A 104 14.23 -2.07 -9.33
N CYS A 105 13.39 -1.82 -10.30
CA CYS A 105 13.91 -1.31 -11.61
C CYS A 105 13.57 0.18 -11.76
N PRO A 106 14.49 0.89 -12.35
CA PRO A 106 14.31 2.33 -12.57
C PRO A 106 13.54 2.57 -13.85
N GLU A 107 13.31 3.80 -14.20
CA GLU A 107 12.56 4.10 -15.46
C GLU A 107 11.17 3.45 -15.39
N VAL A 108 10.76 3.03 -14.23
CA VAL A 108 9.42 2.39 -14.11
C VAL A 108 8.62 3.05 -12.98
N MET A 109 7.45 3.57 -13.29
CA MET A 109 6.64 4.22 -12.22
C MET A 109 6.56 3.31 -11.00
N LYS A 110 5.93 3.76 -9.95
CA LYS A 110 5.83 2.89 -8.73
C LYS A 110 4.45 2.98 -8.11
N ARG A 111 3.67 1.93 -8.20
CA ARG A 111 2.31 1.95 -7.62
C ARG A 111 2.22 0.91 -6.49
N VAL A 112 1.30 1.08 -5.58
CA VAL A 112 1.19 0.09 -4.46
C VAL A 112 -0.21 -0.53 -4.42
N ALA A 113 -0.34 -1.74 -4.87
CA ALA A 113 -1.67 -2.42 -4.85
C ALA A 113 -1.67 -3.51 -3.79
N VAL A 114 -2.60 -3.47 -2.87
CA VAL A 114 -2.64 -4.52 -1.81
C VAL A 114 -4.08 -4.97 -1.52
N GLU A 115 -4.26 -6.24 -1.27
CA GLU A 115 -5.62 -6.78 -0.96
C GLU A 115 -5.56 -7.54 0.35
N ALA A 116 -6.51 -7.35 1.21
CA ALA A 116 -6.49 -8.07 2.51
C ALA A 116 -7.72 -8.97 2.67
N VAL A 117 -7.66 -9.88 3.60
CA VAL A 117 -8.80 -10.81 3.82
C VAL A 117 -9.35 -10.57 5.22
N CYS A 118 -10.49 -9.93 5.32
CA CYS A 118 -11.08 -9.67 6.67
C CYS A 118 -12.28 -10.57 6.92
N SER A 119 -12.55 -10.87 8.15
CA SER A 119 -13.71 -11.74 8.48
C SER A 119 -14.06 -11.62 9.97
N THR A 120 -13.50 -12.47 10.78
CA THR A 120 -13.79 -12.41 12.24
C THR A 120 -12.63 -13.01 13.03
N ALA A 121 -11.56 -12.29 13.13
CA ALA A 121 -10.38 -12.81 13.88
C ALA A 121 -9.90 -14.14 13.27
N ALA A 122 -8.65 -14.45 13.41
CA ALA A 122 -8.12 -15.73 12.84
C ALA A 122 -8.04 -16.80 13.94
N ARG A 5 -21.79 -15.03 9.63
CA ARG A 5 -20.49 -14.88 8.91
C ARG A 5 -20.46 -13.56 8.12
N THR A 6 -19.42 -12.79 8.26
CA THR A 6 -19.34 -11.49 7.53
C THR A 6 -17.92 -11.29 7.00
N VAL A 7 -17.80 -10.79 5.79
CA VAL A 7 -16.43 -10.56 5.23
C VAL A 7 -16.32 -9.14 4.67
N SER A 8 -15.16 -8.56 4.77
CA SER A 8 -14.97 -7.17 4.24
C SER A 8 -13.77 -7.12 3.28
N GLY A 9 -13.93 -7.63 2.10
CA GLY A 9 -12.80 -7.62 1.12
C GLY A 9 -12.44 -6.16 0.81
N VAL A 10 -11.26 -5.74 1.18
CA VAL A 10 -10.86 -4.33 0.89
C VAL A 10 -9.49 -4.29 0.21
N CYS A 11 -9.35 -3.47 -0.79
CA CYS A 11 -8.04 -3.37 -1.50
C CYS A 11 -7.63 -1.90 -1.59
N ALA A 12 -6.35 -1.62 -1.54
CA ALA A 12 -5.92 -0.20 -1.63
C ALA A 12 -5.19 0.08 -2.94
N ASP A 13 -5.85 0.73 -3.86
CA ASP A 13 -5.21 1.04 -5.17
C ASP A 13 -4.94 2.54 -5.25
N VAL A 14 -3.72 2.95 -5.01
CA VAL A 14 -3.41 4.41 -5.07
C VAL A 14 -2.05 4.65 -5.72
N SER A 15 -1.87 5.79 -6.33
CA SER A 15 -0.57 6.08 -6.99
C SER A 15 0.41 6.57 -5.92
N GLU A 16 1.64 6.83 -6.27
CA GLU A 16 2.59 7.32 -5.24
C GLU A 16 2.69 8.85 -5.28
N TYR A 17 1.71 9.52 -4.75
CA TYR A 17 1.74 11.01 -4.75
C TYR A 17 0.76 11.56 -3.72
N HIS A 18 1.10 12.67 -3.10
CA HIS A 18 0.20 13.26 -2.07
C HIS A 18 -0.78 14.24 -2.73
N PRO A 19 -1.95 14.35 -2.14
CA PRO A 19 -2.99 15.26 -2.68
C PRO A 19 -2.59 16.73 -2.43
N ASN A 20 -3.10 17.32 -1.37
CA ASN A 20 -2.75 18.75 -1.08
C ASN A 20 -3.01 19.07 0.39
N ILE A 21 -2.15 19.85 1.00
CA ILE A 21 -2.35 20.20 2.44
C ILE A 21 -1.77 21.58 2.72
N LYS A 22 -2.53 22.61 2.49
CA LYS A 22 -2.03 23.99 2.76
C LYS A 22 -2.18 24.33 4.25
N ASN A 23 -1.89 23.40 5.11
CA ASN A 23 -2.02 23.66 6.57
C ASN A 23 -1.61 22.42 7.36
N TRP A 24 -0.64 21.71 6.87
CA TRP A 24 -0.18 20.48 7.58
C TRP A 24 1.03 20.81 8.45
N GLN A 25 1.69 21.89 8.16
CA GLN A 25 2.88 22.30 8.95
C GLN A 25 2.66 22.05 10.45
N ILE A 26 3.58 21.41 11.10
CA ILE A 26 3.42 21.15 12.56
C ILE A 26 3.78 22.41 13.34
N GLU A 27 2.81 23.15 13.79
CA GLU A 27 3.10 24.40 14.56
C GLU A 27 3.76 25.43 13.63
N SER A 28 5.06 25.36 13.46
CA SER A 28 5.75 26.34 12.56
C SER A 28 6.92 25.68 11.82
N TYR A 29 6.63 24.95 10.77
CA TYR A 29 7.74 24.26 10.01
C TYR A 29 7.37 24.17 8.52
N GLY A 30 8.00 23.29 7.79
CA GLY A 30 7.68 23.15 6.34
C GLY A 30 7.55 21.68 5.95
N GLU A 31 7.23 21.42 4.71
CA GLU A 31 7.08 19.99 4.25
C GLU A 31 8.30 19.57 3.44
N PRO A 32 8.76 18.36 3.70
CA PRO A 32 9.93 17.83 2.99
C PRO A 32 9.57 17.51 1.53
N GLU A 33 10.51 17.03 0.76
CA GLU A 33 10.21 16.69 -0.66
C GLU A 33 9.81 15.22 -0.80
N PHE A 34 8.77 14.82 -0.12
CA PHE A 34 8.33 13.39 -0.22
C PHE A 34 6.85 13.33 -0.60
N HIS A 35 6.52 13.76 -1.79
CA HIS A 35 5.09 13.73 -2.23
C HIS A 35 4.68 12.28 -2.56
N THR A 36 4.37 11.51 -1.57
CA THR A 36 3.97 10.10 -1.82
C THR A 36 2.51 9.89 -1.40
N ALA A 37 1.96 8.73 -1.64
CA ALA A 37 0.55 8.47 -1.25
C ALA A 37 0.51 7.61 0.01
N LYS A 38 -0.66 7.28 0.47
CA LYS A 38 -0.77 6.43 1.69
C LYS A 38 -1.79 5.32 1.48
N VAL A 39 -1.74 4.31 2.29
CA VAL A 39 -2.71 3.17 2.14
C VAL A 39 -3.43 2.95 3.48
N HIS A 40 -4.72 3.17 3.53
CA HIS A 40 -5.45 2.97 4.82
C HIS A 40 -6.39 1.76 4.73
N LEU A 41 -6.10 0.74 5.50
CA LEU A 41 -6.97 -0.48 5.48
C LEU A 41 -7.72 -0.59 6.81
N LYS A 42 -8.98 -0.25 6.83
CA LYS A 42 -9.75 -0.35 8.10
C LYS A 42 -10.90 -1.35 7.97
N CYS A 43 -11.09 -2.16 8.98
CA CYS A 43 -12.20 -3.17 8.93
C CYS A 43 -13.34 -2.72 9.84
N ALA A 44 -14.44 -3.43 9.81
CA ALA A 44 -15.59 -3.03 10.68
C ALA A 44 -15.25 -3.26 12.16
N PRO A 45 -16.01 -2.60 13.00
CA PRO A 45 -15.79 -2.73 14.46
C PRO A 45 -16.24 -4.11 14.95
N GLY A 46 -15.32 -5.02 15.06
CA GLY A 46 -15.67 -6.40 15.53
C GLY A 46 -14.89 -7.42 14.71
N GLN A 47 -14.61 -7.10 13.48
CA GLN A 47 -13.84 -8.05 12.61
C GLN A 47 -12.35 -7.70 12.69
N THR A 48 -11.48 -8.66 12.48
CA THR A 48 -10.02 -8.36 12.54
C THR A 48 -9.31 -8.91 11.30
N ILE A 49 -8.22 -8.30 10.91
CA ILE A 49 -7.48 -8.79 9.72
C ILE A 49 -6.67 -10.03 10.08
N SER A 50 -6.40 -10.90 9.14
CA SER A 50 -5.62 -12.12 9.50
C SER A 50 -4.70 -12.58 8.34
N ALA A 51 -4.90 -12.12 7.13
CA ALA A 51 -4.00 -12.59 6.04
C ALA A 51 -3.97 -11.62 4.84
N ILE A 52 -2.85 -11.57 4.15
CA ILE A 52 -2.73 -10.67 2.97
C ILE A 52 -2.52 -11.54 1.71
N LYS A 53 -3.42 -11.47 0.78
CA LYS A 53 -3.26 -12.29 -0.46
C LYS A 53 -2.34 -11.62 -1.49
N PHE A 54 -2.42 -10.33 -1.64
CA PHE A 54 -1.55 -9.66 -2.65
C PHE A 54 -0.80 -8.46 -2.03
N ALA A 55 0.18 -7.97 -2.72
CA ALA A 55 0.97 -6.81 -2.22
C ALA A 55 2.17 -6.58 -3.12
N SER A 56 2.11 -5.62 -4.00
CA SER A 56 3.25 -5.35 -4.90
C SER A 56 3.54 -3.84 -4.97
N PHE A 57 4.76 -3.46 -4.69
CA PHE A 57 5.11 -2.02 -4.72
C PHE A 57 6.05 -1.75 -5.90
N GLY A 58 5.51 -1.60 -7.08
CA GLY A 58 6.37 -1.34 -8.27
C GLY A 58 5.50 -1.19 -9.51
N THR A 59 5.24 -2.27 -10.21
CA THR A 59 4.38 -2.18 -11.43
C THR A 59 3.16 -3.10 -11.31
N PRO A 60 2.16 -2.61 -10.65
CA PRO A 60 0.93 -3.39 -10.46
C PRO A 60 0.12 -3.43 -11.76
N LEU A 61 -0.18 -4.59 -12.25
CA LEU A 61 -0.96 -4.69 -13.53
C LEU A 61 -2.36 -5.24 -13.25
N GLY A 62 -3.27 -4.39 -12.86
CA GLY A 62 -4.66 -4.87 -12.58
C GLY A 62 -5.28 -4.02 -11.48
N THR A 63 -6.45 -4.39 -11.02
CA THR A 63 -7.11 -3.60 -9.94
C THR A 63 -7.62 -4.53 -8.84
N CYS A 64 -8.70 -4.17 -8.18
CA CYS A 64 -9.25 -5.03 -7.10
C CYS A 64 -9.85 -6.30 -7.70
N GLY A 65 -9.20 -7.41 -7.54
CA GLY A 65 -9.73 -8.68 -8.10
C GLY A 65 -8.80 -9.18 -9.20
N THR A 66 -8.07 -8.29 -9.82
CA THR A 66 -7.14 -8.71 -10.91
C THR A 66 -5.72 -8.24 -10.61
N PHE A 67 -5.39 -8.03 -9.37
CA PHE A 67 -4.02 -7.57 -9.02
C PHE A 67 -3.01 -8.70 -9.25
N GLN A 68 -2.15 -8.56 -10.22
CA GLN A 68 -1.16 -9.64 -10.48
C GLN A 68 0.26 -9.07 -10.46
N GLN A 69 1.19 -9.77 -9.86
CA GLN A 69 2.59 -9.28 -9.80
C GLN A 69 3.01 -8.70 -11.15
N GLY A 70 3.72 -7.61 -11.15
CA GLY A 70 4.16 -6.99 -12.43
C GLY A 70 5.50 -7.58 -12.85
N GLU A 71 6.27 -6.86 -13.61
CA GLU A 71 7.59 -7.38 -14.05
C GLU A 71 8.65 -7.05 -13.01
N CYS A 72 8.54 -5.90 -12.38
CA CYS A 72 9.53 -5.51 -11.35
C CYS A 72 8.91 -5.56 -9.95
N HIS A 73 9.16 -6.59 -9.20
CA HIS A 73 8.58 -6.68 -7.84
C HIS A 73 9.68 -6.48 -6.79
N SER A 74 9.37 -5.82 -5.71
CA SER A 74 10.40 -5.60 -4.66
C SER A 74 10.54 -6.86 -3.79
N ILE A 75 9.87 -7.92 -4.14
CA ILE A 75 9.96 -9.16 -3.34
C ILE A 75 9.82 -8.83 -1.85
N ASN A 76 9.18 -7.74 -1.55
CA ASN A 76 8.99 -7.35 -0.12
C ASN A 76 7.84 -6.36 -0.01
N SER A 77 6.95 -6.37 -0.98
CA SER A 77 5.79 -5.44 -0.93
C SER A 77 4.62 -6.08 -0.17
N ASN A 78 4.81 -7.28 0.32
CA ASN A 78 3.72 -7.96 1.07
C ASN A 78 4.22 -8.39 2.45
N SER A 79 5.45 -8.09 2.75
CA SER A 79 6.02 -8.48 4.09
C SER A 79 5.81 -7.35 5.10
N VAL A 80 5.99 -6.13 4.68
CA VAL A 80 5.81 -4.98 5.62
C VAL A 80 4.34 -4.84 6.03
N LEU A 81 3.44 -5.40 5.28
CA LEU A 81 1.99 -5.29 5.63
C LEU A 81 1.57 -6.41 6.58
N GLU A 82 1.89 -7.64 6.25
CA GLU A 82 1.50 -8.78 7.15
C GLU A 82 2.00 -8.55 8.58
N ARG A 83 3.06 -7.81 8.75
CA ARG A 83 3.58 -7.56 10.13
C ARG A 83 2.98 -6.29 10.74
N LYS A 84 2.43 -5.42 9.93
CA LYS A 84 1.83 -4.16 10.49
C LYS A 84 0.30 -4.15 10.32
N CYS A 85 -0.29 -5.26 9.97
CA CYS A 85 -1.77 -5.28 9.81
C CYS A 85 -2.36 -6.59 10.35
N ILE A 86 -2.08 -7.69 9.72
CA ILE A 86 -2.62 -9.00 10.21
C ILE A 86 -2.55 -9.06 11.73
N GLY A 87 -3.67 -8.89 12.40
CA GLY A 87 -3.67 -8.95 13.88
C GLY A 87 -4.32 -7.68 14.45
N LEU A 88 -4.83 -6.84 13.61
CA LEU A 88 -5.48 -5.59 14.09
C LEU A 88 -6.75 -5.31 13.28
N GLU A 89 -7.72 -4.69 13.89
CA GLU A 89 -8.98 -4.39 13.15
C GLU A 89 -8.78 -3.16 12.27
N ARG A 90 -7.59 -2.62 12.27
CA ARG A 90 -7.32 -1.41 11.43
C ARG A 90 -5.82 -1.11 11.41
N CYS A 91 -5.28 -0.82 10.26
CA CYS A 91 -3.83 -0.51 10.16
C CYS A 91 -3.55 0.37 8.94
N VAL A 92 -2.54 1.20 9.01
CA VAL A 92 -2.21 2.08 7.85
C VAL A 92 -0.72 2.00 7.53
N VAL A 93 -0.36 2.27 6.30
CA VAL A 93 1.09 2.21 5.92
C VAL A 93 1.37 3.18 4.76
N ALA A 94 2.02 4.27 5.03
CA ALA A 94 2.32 5.24 3.94
C ALA A 94 3.05 4.55 2.79
N ILE A 95 3.23 5.23 1.68
CA ILE A 95 3.93 4.62 0.51
C ILE A 95 5.15 5.46 0.14
N SER A 96 6.23 4.85 -0.24
CA SER A 96 7.45 5.64 -0.61
C SER A 96 8.54 4.71 -1.16
N PRO A 97 9.66 5.31 -1.49
CA PRO A 97 10.81 4.54 -2.04
C PRO A 97 11.48 3.69 -0.94
N SER A 98 12.26 4.29 -0.08
CA SER A 98 12.93 3.52 0.99
C SER A 98 11.99 3.32 2.19
N ASN A 99 10.80 2.85 1.95
CA ASN A 99 9.84 2.64 3.07
C ASN A 99 9.79 1.16 3.44
N PHE A 100 9.63 0.30 2.48
CA PHE A 100 9.58 -1.17 2.78
C PHE A 100 10.99 -1.69 3.04
N GLY A 101 12.00 -1.03 2.52
CA GLY A 101 13.40 -1.48 2.74
C GLY A 101 13.83 -2.37 1.57
N GLY A 102 13.75 -1.86 0.37
CA GLY A 102 14.15 -2.68 -0.81
C GLY A 102 13.68 -2.00 -2.10
N ASP A 103 14.46 -2.09 -3.14
CA ASP A 103 14.07 -1.45 -4.43
C ASP A 103 14.51 -2.33 -5.61
N PRO A 104 13.56 -2.70 -6.42
CA PRO A 104 13.86 -3.55 -7.60
C PRO A 104 14.52 -2.72 -8.71
N CYS A 105 13.75 -1.96 -9.44
CA CYS A 105 14.33 -1.14 -10.54
C CYS A 105 13.94 0.33 -10.36
N PRO A 106 14.92 1.18 -10.39
CA PRO A 106 14.67 2.62 -10.23
C PRO A 106 14.33 3.26 -11.57
N GLU A 107 14.03 4.53 -11.57
CA GLU A 107 13.68 5.21 -12.84
C GLU A 107 12.50 4.52 -13.52
N VAL A 108 11.71 3.81 -12.77
CA VAL A 108 10.54 3.10 -13.35
C VAL A 108 9.26 3.51 -12.62
N MET A 109 8.21 3.80 -13.34
CA MET A 109 6.93 4.20 -12.66
C MET A 109 6.70 3.33 -11.43
N LYS A 110 6.12 3.88 -10.40
CA LYS A 110 5.87 3.07 -9.17
C LYS A 110 4.45 3.28 -8.64
N ARG A 111 3.59 2.31 -8.82
CA ARG A 111 2.20 2.43 -8.33
C ARG A 111 2.00 1.52 -7.12
N VAL A 112 0.95 1.68 -6.39
CA VAL A 112 0.74 0.79 -5.21
C VAL A 112 -0.52 -0.06 -5.38
N ALA A 113 -0.48 -1.27 -4.88
CA ALA A 113 -1.66 -2.17 -4.99
C ALA A 113 -1.62 -3.21 -3.87
N VAL A 114 -2.69 -3.36 -3.12
CA VAL A 114 -2.69 -4.37 -2.01
C VAL A 114 -4.08 -4.97 -1.79
N GLU A 115 -4.15 -6.07 -1.09
CA GLU A 115 -5.46 -6.74 -0.81
C GLU A 115 -5.41 -7.39 0.58
N ALA A 116 -6.47 -7.33 1.33
CA ALA A 116 -6.46 -7.94 2.69
C ALA A 116 -7.72 -8.77 2.94
N VAL A 117 -7.66 -9.71 3.84
CA VAL A 117 -8.85 -10.56 4.14
C VAL A 117 -9.32 -10.30 5.56
N CYS A 118 -10.38 -9.56 5.73
CA CYS A 118 -10.88 -9.27 7.11
C CYS A 118 -12.19 -10.00 7.37
N SER A 119 -12.35 -10.54 8.54
CA SER A 119 -13.60 -11.28 8.87
C SER A 119 -13.91 -11.17 10.37
N THR A 120 -14.84 -11.93 10.86
CA THR A 120 -15.17 -11.86 12.31
C THR A 120 -14.82 -13.18 13.02
N ALA A 121 -14.81 -13.19 14.32
CA ALA A 121 -14.47 -14.45 15.06
C ALA A 121 -15.36 -15.61 14.58
N ALA A 122 -14.79 -16.56 13.90
CA ALA A 122 -15.60 -17.71 13.40
C ALA A 122 -14.71 -18.95 13.26
N ARG A 5 -12.42 -18.72 10.05
CA ARG A 5 -13.51 -18.20 9.16
C ARG A 5 -13.11 -16.86 8.54
N THR A 6 -13.85 -16.41 7.57
CA THR A 6 -13.51 -15.11 6.91
C THR A 6 -14.73 -14.57 6.14
N VAL A 7 -14.83 -13.29 5.98
CA VAL A 7 -15.98 -12.71 5.24
C VAL A 7 -15.68 -11.28 4.76
N SER A 8 -16.32 -10.85 3.71
CA SER A 8 -16.08 -9.47 3.19
C SER A 8 -14.61 -9.26 2.83
N GLY A 9 -14.35 -8.54 1.76
CA GLY A 9 -12.94 -8.29 1.34
C GLY A 9 -12.76 -6.80 1.05
N VAL A 10 -11.55 -6.31 1.06
CA VAL A 10 -11.34 -4.86 0.78
C VAL A 10 -10.19 -4.67 -0.22
N CYS A 11 -10.25 -3.62 -0.99
CA CYS A 11 -9.18 -3.34 -1.99
C CYS A 11 -8.67 -1.92 -1.84
N ALA A 12 -7.37 -1.73 -1.85
CA ALA A 12 -6.83 -0.34 -1.70
C ALA A 12 -5.78 -0.04 -2.77
N ASP A 13 -6.13 0.74 -3.75
CA ASP A 13 -5.16 1.09 -4.83
C ASP A 13 -4.82 2.57 -4.75
N VAL A 14 -3.65 2.92 -4.31
CA VAL A 14 -3.29 4.36 -4.22
C VAL A 14 -1.85 4.61 -4.68
N SER A 15 -1.68 5.42 -5.68
CA SER A 15 -0.31 5.71 -6.17
C SER A 15 0.14 7.06 -5.63
N GLU A 16 1.28 7.52 -6.00
CA GLU A 16 1.74 8.84 -5.50
C GLU A 16 0.58 9.86 -5.56
N TYR A 17 0.66 10.93 -4.82
CA TYR A 17 -0.44 11.94 -4.85
C TYR A 17 0.10 13.36 -5.09
N HIS A 18 1.05 13.79 -4.29
CA HIS A 18 1.62 15.18 -4.47
C HIS A 18 0.50 16.23 -4.37
N PRO A 19 0.72 17.22 -3.55
CA PRO A 19 -0.28 18.30 -3.37
C PRO A 19 -0.34 19.19 -4.62
N ASN A 20 -1.48 19.77 -4.89
CA ASN A 20 -1.60 20.66 -6.09
C ASN A 20 -0.82 21.96 -5.88
N ILE A 21 -0.74 22.43 -4.66
CA ILE A 21 0.01 23.69 -4.39
C ILE A 21 -0.55 24.85 -5.24
N LYS A 22 -0.21 26.06 -4.89
CA LYS A 22 -0.72 27.23 -5.67
C LYS A 22 0.21 28.42 -5.46
N ASN A 23 0.45 28.78 -4.24
CA ASN A 23 1.36 29.94 -3.97
C ASN A 23 2.70 29.44 -3.48
N TRP A 24 3.75 29.74 -4.20
CA TRP A 24 5.10 29.27 -3.78
C TRP A 24 6.20 29.95 -4.61
N GLN A 25 7.03 30.73 -3.98
CA GLN A 25 8.12 31.42 -4.74
C GLN A 25 8.94 30.41 -5.55
N ILE A 26 9.62 30.87 -6.57
CA ILE A 26 10.42 29.94 -7.40
C ILE A 26 11.19 30.71 -8.47
N GLU A 27 12.45 30.95 -8.25
CA GLU A 27 13.26 31.70 -9.26
C GLU A 27 14.43 30.84 -9.74
N SER A 28 15.28 30.43 -8.83
CA SER A 28 16.45 29.59 -9.23
C SER A 28 16.66 28.46 -8.21
N TYR A 29 15.75 28.30 -7.30
CA TYR A 29 15.89 27.21 -6.27
C TYR A 29 14.53 26.60 -5.96
N GLY A 30 13.73 27.26 -5.18
CA GLY A 30 12.38 26.72 -4.84
C GLY A 30 12.31 26.46 -3.33
N GLU A 31 11.23 25.87 -2.87
CA GLU A 31 11.10 25.59 -1.41
C GLU A 31 11.08 24.08 -1.16
N PRO A 32 11.79 23.67 -0.14
CA PRO A 32 11.86 22.24 0.21
C PRO A 32 10.56 21.79 0.88
N GLU A 33 10.02 20.68 0.44
CA GLU A 33 8.74 20.19 1.05
C GLU A 33 8.54 18.70 0.70
N PHE A 34 7.63 18.04 1.37
CA PHE A 34 7.39 16.61 1.08
C PHE A 34 6.11 16.44 0.26
N HIS A 35 5.91 15.31 -0.35
CA HIS A 35 4.68 15.08 -1.16
C HIS A 35 4.45 13.59 -1.38
N THR A 36 4.77 12.77 -0.40
CA THR A 36 4.57 11.30 -0.56
C THR A 36 3.17 10.90 -0.08
N ALA A 37 2.54 9.99 -0.77
CA ALA A 37 1.16 9.56 -0.35
C ALA A 37 1.24 8.38 0.60
N LYS A 38 0.16 8.09 1.27
CA LYS A 38 0.16 6.95 2.23
C LYS A 38 -1.06 6.07 1.97
N VAL A 39 -1.06 4.88 2.51
CA VAL A 39 -2.21 3.97 2.29
C VAL A 39 -3.04 3.88 3.57
N HIS A 40 -4.31 3.60 3.46
CA HIS A 40 -5.15 3.50 4.69
C HIS A 40 -6.26 2.46 4.52
N LEU A 41 -6.24 1.43 5.32
CA LEU A 41 -7.28 0.38 5.22
C LEU A 41 -8.17 0.44 6.46
N LYS A 42 -9.32 -0.17 6.44
CA LYS A 42 -10.20 -0.11 7.65
C LYS A 42 -11.12 -1.34 7.70
N CYS A 43 -11.14 -2.00 8.82
CA CYS A 43 -12.02 -3.20 8.96
C CYS A 43 -13.26 -2.85 9.78
N ALA A 44 -14.39 -3.40 9.45
CA ALA A 44 -15.62 -3.09 10.23
C ALA A 44 -15.31 -3.07 11.73
N PRO A 45 -16.07 -2.26 12.44
CA PRO A 45 -15.87 -2.14 13.90
C PRO A 45 -16.33 -3.43 14.59
N GLY A 46 -15.41 -4.31 14.87
CA GLY A 46 -15.77 -5.58 15.54
C GLY A 46 -14.98 -6.73 14.91
N GLN A 47 -14.45 -6.51 13.74
CA GLN A 47 -13.66 -7.58 13.06
C GLN A 47 -12.17 -7.22 13.06
N THR A 48 -11.34 -8.10 12.60
CA THR A 48 -9.87 -7.82 12.58
C THR A 48 -9.21 -8.44 11.34
N ILE A 49 -8.19 -7.81 10.83
CA ILE A 49 -7.51 -8.37 9.62
C ILE A 49 -6.80 -9.67 9.99
N SER A 50 -6.74 -10.61 9.09
CA SER A 50 -6.04 -11.90 9.43
C SER A 50 -5.28 -12.48 8.23
N ALA A 51 -5.36 -11.86 7.08
CA ALA A 51 -4.62 -12.44 5.90
C ALA A 51 -4.53 -11.43 4.74
N ILE A 52 -3.42 -11.42 4.06
CA ILE A 52 -3.25 -10.48 2.90
C ILE A 52 -3.37 -11.27 1.59
N LYS A 53 -4.31 -10.92 0.76
CA LYS A 53 -4.47 -11.66 -0.53
C LYS A 53 -3.45 -11.19 -1.56
N PHE A 54 -3.23 -9.91 -1.68
CA PHE A 54 -2.24 -9.42 -2.68
C PHE A 54 -1.58 -8.12 -2.23
N ALA A 55 -0.52 -7.75 -2.89
CA ALA A 55 0.21 -6.50 -2.53
C ALA A 55 1.49 -6.41 -3.37
N SER A 56 1.69 -5.33 -4.07
CA SER A 56 2.93 -5.22 -4.89
C SER A 56 3.41 -3.76 -4.99
N PHE A 57 4.68 -3.55 -4.82
CA PHE A 57 5.24 -2.17 -4.89
C PHE A 57 5.94 -1.97 -6.25
N GLY A 58 5.36 -1.18 -7.12
CA GLY A 58 6.01 -0.95 -8.45
C GLY A 58 4.93 -0.71 -9.50
N THR A 59 4.58 -1.72 -10.26
CA THR A 59 3.53 -1.54 -11.30
C THR A 59 2.66 -2.80 -11.43
N PRO A 60 1.60 -2.84 -10.68
CA PRO A 60 0.69 -3.99 -10.71
C PRO A 60 -0.28 -3.87 -11.89
N LEU A 61 -0.79 -4.98 -12.38
CA LEU A 61 -1.74 -4.91 -13.52
C LEU A 61 -3.03 -5.68 -13.20
N GLY A 62 -4.15 -5.04 -13.33
CA GLY A 62 -5.44 -5.73 -13.02
C GLY A 62 -6.25 -4.90 -12.03
N THR A 63 -7.29 -5.47 -11.50
CA THR A 63 -8.15 -4.73 -10.53
C THR A 63 -8.63 -5.67 -9.43
N CYS A 64 -7.75 -6.07 -8.55
CA CYS A 64 -8.15 -6.99 -7.45
C CYS A 64 -8.71 -8.28 -8.03
N GLY A 65 -8.09 -9.40 -7.77
CA GLY A 65 -8.59 -10.69 -8.30
C GLY A 65 -7.72 -11.11 -9.50
N THR A 66 -7.30 -10.15 -10.28
CA THR A 66 -6.45 -10.48 -11.46
C THR A 66 -5.17 -9.66 -11.42
N PHE A 67 -4.79 -9.21 -10.25
CA PHE A 67 -3.56 -8.38 -10.14
C PHE A 67 -2.37 -9.16 -10.70
N GLN A 68 -1.39 -8.46 -11.23
CA GLN A 68 -0.21 -9.17 -11.81
C GLN A 68 1.07 -8.48 -11.34
N GLN A 69 2.21 -9.05 -11.66
CA GLN A 69 3.50 -8.43 -11.25
C GLN A 69 3.94 -7.40 -12.28
N GLY A 70 3.05 -7.01 -13.13
CA GLY A 70 3.40 -6.00 -14.19
C GLY A 70 4.76 -6.35 -14.79
N GLU A 71 5.70 -5.45 -14.68
CA GLU A 71 7.06 -5.73 -15.24
C GLU A 71 8.11 -5.75 -14.14
N CYS A 72 7.91 -4.98 -13.10
CA CYS A 72 8.90 -4.96 -11.98
C CYS A 72 8.20 -5.23 -10.64
N HIS A 73 8.93 -5.69 -9.67
CA HIS A 73 8.32 -5.99 -8.35
C HIS A 73 9.41 -6.28 -7.31
N SER A 74 9.15 -5.98 -6.07
CA SER A 74 10.17 -6.24 -5.02
C SER A 74 9.82 -7.55 -4.28
N ILE A 75 10.78 -8.17 -3.65
CA ILE A 75 10.48 -9.45 -2.92
C ILE A 75 10.12 -9.14 -1.46
N ASN A 76 9.43 -8.06 -1.23
CA ASN A 76 9.03 -7.70 0.16
C ASN A 76 7.69 -6.98 0.16
N SER A 77 6.90 -7.18 -0.86
CA SER A 77 5.57 -6.51 -0.92
C SER A 77 4.62 -7.09 0.13
N ASN A 78 4.49 -8.38 0.19
CA ASN A 78 3.58 -9.00 1.20
C ASN A 78 4.23 -8.98 2.59
N SER A 79 5.53 -9.07 2.65
CA SER A 79 6.20 -9.06 3.99
C SER A 79 5.85 -7.79 4.78
N VAL A 80 5.50 -6.73 4.10
CA VAL A 80 5.14 -5.47 4.82
C VAL A 80 3.65 -5.46 5.21
N LEU A 81 2.85 -6.24 4.53
CA LEU A 81 1.38 -6.27 4.85
C LEU A 81 1.07 -7.39 5.85
N GLU A 82 1.91 -8.37 5.95
CA GLU A 82 1.66 -9.49 6.90
C GLU A 82 2.10 -9.13 8.33
N ARG A 83 3.20 -8.44 8.46
CA ARG A 83 3.69 -8.07 9.83
C ARG A 83 3.16 -6.70 10.27
N LYS A 84 2.83 -5.83 9.34
CA LYS A 84 2.30 -4.49 9.76
C LYS A 84 0.82 -4.37 9.40
N CYS A 85 0.04 -5.38 9.68
CA CYS A 85 -1.41 -5.30 9.36
C CYS A 85 -2.20 -6.33 10.18
N ILE A 86 -1.99 -7.60 9.92
CA ILE A 86 -2.71 -8.64 10.69
C ILE A 86 -2.56 -8.41 12.20
N GLY A 87 -3.65 -8.39 12.92
CA GLY A 87 -3.56 -8.17 14.39
C GLY A 87 -4.01 -6.74 14.75
N LEU A 88 -4.56 -6.02 13.80
CA LEU A 88 -5.02 -4.64 14.11
C LEU A 88 -6.36 -4.36 13.44
N GLU A 89 -7.22 -3.63 14.11
CA GLU A 89 -8.55 -3.31 13.53
C GLU A 89 -8.38 -2.40 12.32
N ARG A 90 -7.26 -1.72 12.26
CA ARG A 90 -7.01 -0.80 11.12
C ARG A 90 -5.57 -0.97 10.63
N CYS A 91 -5.30 -0.61 9.41
CA CYS A 91 -3.90 -0.76 8.88
C CYS A 91 -3.45 0.54 8.21
N VAL A 92 -2.19 0.86 8.30
CA VAL A 92 -1.69 2.10 7.66
C VAL A 92 -0.24 1.91 7.20
N VAL A 93 0.00 2.00 5.92
CA VAL A 93 1.39 1.82 5.42
C VAL A 93 1.74 2.96 4.45
N ALA A 94 2.64 3.82 4.84
CA ALA A 94 3.03 4.94 3.94
C ALA A 94 3.64 4.42 2.64
N ILE A 95 3.78 5.28 1.65
CA ILE A 95 4.36 4.84 0.36
C ILE A 95 5.64 5.63 0.05
N SER A 96 6.77 4.97 0.05
CA SER A 96 8.05 5.69 -0.23
C SER A 96 9.15 4.70 -0.62
N PRO A 97 10.33 5.23 -0.83
CA PRO A 97 11.48 4.38 -1.21
C PRO A 97 12.01 3.61 0.01
N SER A 98 12.23 4.29 1.10
CA SER A 98 12.74 3.60 2.31
C SER A 98 11.59 3.15 3.22
N ASN A 99 10.85 2.17 2.80
CA ASN A 99 9.71 1.70 3.63
C ASN A 99 9.57 0.18 3.52
N PHE A 100 9.69 -0.35 2.34
CA PHE A 100 9.56 -1.82 2.15
C PHE A 100 10.90 -2.51 2.47
N GLY A 101 11.95 -2.15 1.78
CA GLY A 101 13.26 -2.80 2.06
C GLY A 101 14.09 -2.88 0.77
N GLY A 102 14.49 -1.77 0.24
CA GLY A 102 15.31 -1.79 -1.01
C GLY A 102 14.60 -1.01 -2.12
N ASP A 103 15.27 -0.78 -3.22
CA ASP A 103 14.65 -0.03 -4.34
C ASP A 103 14.89 -0.78 -5.67
N PRO A 104 14.28 -1.94 -5.75
CA PRO A 104 14.41 -2.78 -6.97
C PRO A 104 13.59 -2.21 -8.13
N CYS A 105 12.85 -1.15 -7.90
CA CYS A 105 12.02 -0.56 -9.01
C CYS A 105 12.34 0.93 -9.16
N PRO A 106 13.55 1.21 -9.54
CA PRO A 106 13.98 2.61 -9.73
C PRO A 106 13.55 3.15 -11.11
N GLU A 107 13.37 4.43 -11.22
CA GLU A 107 12.95 5.01 -12.54
C GLU A 107 11.64 4.39 -13.01
N VAL A 108 10.71 4.16 -12.11
CA VAL A 108 9.41 3.56 -12.52
C VAL A 108 8.26 4.27 -11.81
N MET A 109 7.17 4.50 -12.50
CA MET A 109 6.02 5.20 -11.85
C MET A 109 5.78 4.61 -10.47
N LYS A 110 5.38 5.42 -9.52
CA LYS A 110 5.12 4.89 -8.16
C LYS A 110 3.65 4.47 -8.00
N ARG A 111 3.40 3.18 -7.99
CA ARG A 111 2.00 2.69 -7.84
C ARG A 111 1.94 1.68 -6.70
N VAL A 112 1.21 1.97 -5.66
CA VAL A 112 1.12 1.00 -4.52
C VAL A 112 -0.28 0.37 -4.46
N ALA A 113 -0.35 -0.92 -4.63
CA ALA A 113 -1.67 -1.61 -4.58
C ALA A 113 -1.66 -2.63 -3.43
N VAL A 114 -2.79 -2.87 -2.82
CA VAL A 114 -2.81 -3.85 -1.70
C VAL A 114 -4.20 -4.46 -1.53
N GLU A 115 -4.28 -5.56 -0.83
CA GLU A 115 -5.60 -6.22 -0.61
C GLU A 115 -5.63 -6.87 0.78
N ALA A 116 -6.51 -6.43 1.63
CA ALA A 116 -6.57 -7.03 2.99
C ALA A 116 -7.82 -7.90 3.14
N VAL A 117 -7.84 -8.77 4.11
CA VAL A 117 -9.03 -9.65 4.31
C VAL A 117 -9.50 -9.58 5.76
N CYS A 118 -10.76 -9.37 5.97
CA CYS A 118 -11.27 -9.29 7.37
C CYS A 118 -12.13 -10.51 7.69
N SER A 119 -12.09 -10.96 8.92
CA SER A 119 -12.90 -12.14 9.31
C SER A 119 -13.69 -11.84 10.58
N THR A 120 -14.29 -12.83 11.17
CA THR A 120 -15.08 -12.59 12.41
C THR A 120 -14.38 -13.24 13.61
N ALA A 121 -13.12 -13.51 13.48
CA ALA A 121 -12.36 -14.15 14.60
C ALA A 121 -12.86 -15.57 14.84
N ALA A 122 -12.13 -16.35 15.60
CA ALA A 122 -12.56 -17.74 15.87
C ALA A 122 -12.50 -18.03 17.38
N ARG A 5 -22.39 -14.23 10.81
CA ARG A 5 -21.83 -14.90 9.60
C ARG A 5 -20.35 -14.52 9.43
N THR A 6 -19.85 -14.58 8.22
CA THR A 6 -18.43 -14.23 7.99
C THR A 6 -18.31 -13.19 6.87
N VAL A 7 -17.14 -12.66 6.67
CA VAL A 7 -16.96 -11.62 5.60
C VAL A 7 -15.54 -11.70 5.03
N SER A 8 -15.33 -11.17 3.86
CA SER A 8 -13.95 -11.22 3.26
C SER A 8 -13.97 -10.59 1.86
N GLY A 9 -13.18 -9.56 1.66
CA GLY A 9 -13.15 -8.91 0.30
C GLY A 9 -12.85 -7.43 0.46
N VAL A 10 -11.61 -7.04 0.25
CA VAL A 10 -11.26 -5.60 0.39
C VAL A 10 -10.23 -5.22 -0.68
N CYS A 11 -10.27 -4.00 -1.14
CA CYS A 11 -9.29 -3.58 -2.19
C CYS A 11 -8.46 -2.38 -1.71
N ALA A 12 -7.40 -2.10 -2.41
CA ALA A 12 -6.52 -0.96 -2.02
C ALA A 12 -5.66 -0.55 -3.23
N ASP A 13 -6.03 0.50 -3.90
CA ASP A 13 -5.22 0.95 -5.08
C ASP A 13 -4.92 2.44 -4.99
N VAL A 14 -3.67 2.80 -5.01
CA VAL A 14 -3.31 4.26 -4.93
C VAL A 14 -1.96 4.50 -5.61
N SER A 15 -1.74 5.69 -6.10
CA SER A 15 -0.44 5.98 -6.77
C SER A 15 0.39 6.95 -5.92
N GLU A 16 1.68 6.89 -6.04
CA GLU A 16 2.55 7.81 -5.24
C GLU A 16 2.10 9.27 -5.43
N TYR A 17 2.81 10.20 -4.84
CA TYR A 17 2.42 11.63 -5.00
C TYR A 17 3.61 12.46 -5.49
N HIS A 18 4.75 12.29 -4.88
CA HIS A 18 5.95 13.07 -5.31
C HIS A 18 5.73 14.56 -5.10
N PRO A 19 6.32 15.08 -4.07
CA PRO A 19 6.19 16.51 -3.76
C PRO A 19 7.25 17.32 -4.52
N ASN A 20 7.35 17.12 -5.82
CA ASN A 20 8.37 17.88 -6.61
C ASN A 20 8.01 17.88 -8.10
N ILE A 21 7.10 18.72 -8.50
CA ILE A 21 6.71 18.78 -9.94
C ILE A 21 6.41 20.23 -10.35
N LYS A 22 5.15 20.61 -10.36
CA LYS A 22 4.80 22.00 -10.75
C LYS A 22 3.28 22.15 -10.80
N ASN A 23 2.65 21.57 -11.79
CA ASN A 23 1.17 21.67 -11.89
C ASN A 23 0.50 20.57 -11.05
N TRP A 24 1.29 19.80 -10.35
CA TRP A 24 0.72 18.71 -9.50
C TRP A 24 -0.41 17.98 -10.25
N GLN A 25 -1.19 17.21 -9.55
CA GLN A 25 -2.30 16.48 -10.22
C GLN A 25 -3.43 16.21 -9.21
N ILE A 26 -3.64 17.12 -8.29
CA ILE A 26 -4.73 16.91 -7.29
C ILE A 26 -5.80 17.99 -7.43
N GLU A 27 -6.90 17.84 -6.75
CA GLU A 27 -7.99 18.86 -6.85
C GLU A 27 -7.76 19.98 -5.84
N SER A 28 -6.53 20.29 -5.53
CA SER A 28 -6.25 21.37 -4.54
C SER A 28 -4.84 21.94 -4.77
N TYR A 29 -4.73 22.99 -5.53
CA TYR A 29 -3.38 23.59 -5.79
C TYR A 29 -2.70 23.93 -4.46
N GLY A 30 -1.40 23.83 -4.42
CA GLY A 30 -0.67 24.16 -3.16
C GLY A 30 -0.29 22.85 -2.46
N GLU A 31 0.97 22.68 -2.17
CA GLU A 31 1.41 21.42 -1.48
C GLU A 31 0.42 21.06 -0.37
N PRO A 32 -0.33 20.02 -0.60
CA PRO A 32 -1.32 19.55 0.39
C PRO A 32 -0.63 18.75 1.51
N GLU A 33 0.12 19.43 2.36
CA GLU A 33 0.83 18.74 3.49
C GLU A 33 1.47 17.41 3.03
N PHE A 34 2.08 16.70 3.95
CA PHE A 34 2.71 15.40 3.60
C PHE A 34 3.65 15.56 2.39
N HIS A 35 4.40 14.54 2.09
CA HIS A 35 5.35 14.62 0.93
C HIS A 35 5.11 13.43 0.00
N THR A 36 4.74 12.30 0.54
CA THR A 36 4.50 11.10 -0.30
C THR A 36 3.00 10.79 -0.36
N ALA A 37 2.65 9.59 -0.69
CA ALA A 37 1.21 9.22 -0.76
C ALA A 37 0.87 8.18 0.32
N LYS A 38 -0.37 7.82 0.44
CA LYS A 38 -0.75 6.82 1.48
C LYS A 38 -1.88 5.92 0.95
N VAL A 39 -2.08 4.79 1.57
CA VAL A 39 -3.15 3.86 1.13
C VAL A 39 -4.28 3.85 2.16
N HIS A 40 -5.45 3.46 1.77
CA HIS A 40 -6.57 3.45 2.75
C HIS A 40 -7.18 2.05 2.86
N LEU A 41 -7.19 1.51 4.05
CA LEU A 41 -7.76 0.15 4.25
C LEU A 41 -8.52 0.12 5.59
N LYS A 42 -9.69 -0.46 5.61
CA LYS A 42 -10.46 -0.52 6.88
C LYS A 42 -11.35 -1.76 6.94
N CYS A 43 -11.60 -2.24 8.13
CA CYS A 43 -12.46 -3.45 8.28
C CYS A 43 -13.59 -3.17 9.27
N ALA A 44 -14.52 -4.08 9.41
CA ALA A 44 -15.64 -3.83 10.36
C ALA A 44 -15.12 -3.86 11.80
N PRO A 45 -15.87 -3.25 12.68
CA PRO A 45 -15.48 -3.19 14.10
C PRO A 45 -15.64 -4.56 14.76
N GLY A 46 -14.57 -5.13 15.25
CA GLY A 46 -14.67 -6.47 15.89
C GLY A 46 -13.92 -7.50 15.06
N GLN A 47 -13.46 -7.11 13.89
CA GLN A 47 -12.72 -8.08 13.03
C GLN A 47 -11.26 -7.64 12.88
N THR A 48 -10.44 -8.48 12.32
CA THR A 48 -9.01 -8.13 12.15
C THR A 48 -8.43 -8.87 10.93
N ILE A 49 -7.47 -8.29 10.26
CA ILE A 49 -6.88 -8.98 9.08
C ILE A 49 -6.06 -10.19 9.54
N SER A 50 -6.12 -11.27 8.81
CA SER A 50 -5.34 -12.47 9.22
C SER A 50 -4.45 -12.95 8.07
N ALA A 51 -4.68 -12.46 6.87
CA ALA A 51 -3.83 -12.91 5.72
C ALA A 51 -3.85 -11.90 4.57
N ILE A 52 -2.87 -11.96 3.71
CA ILE A 52 -2.80 -11.01 2.56
C ILE A 52 -2.73 -11.79 1.25
N LYS A 53 -3.64 -11.57 0.35
CA LYS A 53 -3.61 -12.32 -0.94
C LYS A 53 -2.61 -11.70 -1.91
N PHE A 54 -2.56 -10.40 -1.98
CA PHE A 54 -1.60 -9.75 -2.92
C PHE A 54 -0.87 -8.58 -2.24
N ALA A 55 0.09 -8.01 -2.92
CA ALA A 55 0.85 -6.87 -2.36
C ALA A 55 2.11 -6.63 -3.19
N SER A 56 1.99 -5.85 -4.24
CA SER A 56 3.18 -5.59 -5.10
C SER A 56 3.52 -4.09 -5.12
N PHE A 57 4.75 -3.75 -4.88
CA PHE A 57 5.15 -2.30 -4.89
C PHE A 57 5.92 -1.98 -6.17
N GLY A 58 5.23 -1.81 -7.27
CA GLY A 58 5.92 -1.49 -8.55
C GLY A 58 4.91 -1.06 -9.60
N THR A 59 4.62 -1.92 -10.55
CA THR A 59 3.63 -1.57 -11.61
C THR A 59 2.47 -2.57 -11.62
N PRO A 60 1.75 -2.59 -10.53
CA PRO A 60 0.59 -3.52 -10.39
C PRO A 60 -0.61 -3.01 -11.20
N LEU A 61 -1.40 -3.91 -11.73
CA LEU A 61 -2.61 -3.49 -12.52
C LEU A 61 -3.70 -4.55 -12.39
N GLY A 62 -4.92 -4.19 -12.66
CA GLY A 62 -6.03 -5.19 -12.54
C GLY A 62 -7.26 -4.52 -11.94
N THR A 63 -7.87 -5.13 -10.95
CA THR A 63 -9.08 -4.51 -10.32
C THR A 63 -9.34 -5.13 -8.93
N CYS A 64 -10.56 -5.03 -8.46
CA CYS A 64 -10.89 -5.62 -7.12
C CYS A 64 -10.92 -7.15 -7.19
N GLY A 65 -10.09 -7.81 -6.44
CA GLY A 65 -10.08 -9.30 -6.46
C GLY A 65 -9.26 -9.79 -7.65
N THR A 66 -8.89 -8.91 -8.54
CA THR A 66 -8.08 -9.34 -9.72
C THR A 66 -6.78 -8.53 -9.79
N PHE A 67 -6.27 -8.11 -8.67
CA PHE A 67 -5.01 -7.31 -8.68
C PHE A 67 -3.88 -8.11 -9.33
N GLN A 68 -3.71 -7.95 -10.61
CA GLN A 68 -2.62 -8.70 -11.32
C GLN A 68 -1.27 -8.07 -11.01
N GLN A 69 -0.24 -8.59 -11.60
CA GLN A 69 1.13 -8.03 -11.34
C GLN A 69 1.63 -7.25 -12.57
N GLY A 70 2.76 -6.60 -12.46
CA GLY A 70 3.29 -5.83 -13.61
C GLY A 70 4.49 -6.57 -14.20
N GLU A 71 5.50 -5.85 -14.62
CA GLU A 71 6.71 -6.52 -15.20
C GLU A 71 7.85 -6.51 -14.19
N CYS A 72 7.85 -5.60 -13.27
CA CYS A 72 8.94 -5.53 -12.26
C CYS A 72 8.35 -5.54 -10.85
N HIS A 73 9.03 -6.15 -9.91
CA HIS A 73 8.51 -6.20 -8.52
C HIS A 73 9.65 -5.99 -7.52
N SER A 74 9.33 -5.53 -6.34
CA SER A 74 10.40 -5.31 -5.33
C SER A 74 10.75 -6.62 -4.63
N ILE A 75 11.00 -6.58 -3.36
CA ILE A 75 11.35 -7.84 -2.61
C ILE A 75 10.78 -7.78 -1.19
N ASN A 76 9.92 -6.84 -0.93
CA ASN A 76 9.32 -6.74 0.44
C ASN A 76 7.90 -6.18 0.36
N SER A 77 7.22 -6.43 -0.73
CA SER A 77 5.83 -5.93 -0.87
C SER A 77 4.87 -6.70 0.05
N ASN A 78 5.16 -7.94 0.32
CA ASN A 78 4.27 -8.74 1.22
C ASN A 78 4.88 -8.85 2.62
N SER A 79 6.09 -8.40 2.79
CA SER A 79 6.74 -8.49 4.12
C SER A 79 6.47 -7.21 4.92
N VAL A 80 6.16 -6.14 4.27
CA VAL A 80 5.88 -4.87 5.01
C VAL A 80 4.44 -4.87 5.53
N LEU A 81 3.52 -5.37 4.76
CA LEU A 81 2.10 -5.40 5.20
C LEU A 81 1.91 -6.44 6.33
N GLU A 82 2.28 -7.67 6.09
CA GLU A 82 2.12 -8.71 7.14
C GLU A 82 2.69 -8.24 8.48
N ARG A 83 3.55 -7.25 8.47
CA ARG A 83 4.13 -6.75 9.75
C ARG A 83 3.28 -5.62 10.35
N LYS A 84 2.90 -4.66 9.56
CA LYS A 84 2.08 -3.54 10.11
C LYS A 84 0.68 -3.51 9.47
N CYS A 85 0.02 -4.63 9.41
CA CYS A 85 -1.35 -4.64 8.80
C CYS A 85 -2.19 -5.75 9.43
N ILE A 86 -1.64 -6.92 9.61
CA ILE A 86 -2.41 -8.03 10.23
C ILE A 86 -2.42 -7.89 11.76
N GLY A 87 -3.58 -7.95 12.36
CA GLY A 87 -3.65 -7.81 13.85
C GLY A 87 -4.32 -6.48 14.21
N LEU A 88 -4.55 -5.62 13.26
CA LEU A 88 -5.20 -4.32 13.57
C LEU A 88 -6.58 -4.23 12.92
N GLU A 89 -7.46 -3.44 13.47
CA GLU A 89 -8.82 -3.31 12.90
C GLU A 89 -8.73 -2.56 11.56
N ARG A 90 -7.76 -1.70 11.43
CA ARG A 90 -7.60 -0.92 10.17
C ARG A 90 -6.14 -0.97 9.73
N CYS A 91 -5.86 -0.61 8.51
CA CYS A 91 -4.44 -0.64 8.05
C CYS A 91 -4.15 0.52 7.11
N VAL A 92 -3.03 1.18 7.30
CA VAL A 92 -2.68 2.34 6.43
C VAL A 92 -1.16 2.35 6.22
N VAL A 93 -0.72 2.45 5.00
CA VAL A 93 0.74 2.45 4.75
C VAL A 93 1.11 3.55 3.74
N ALA A 94 2.26 4.15 3.91
CA ALA A 94 2.68 5.23 2.97
C ALA A 94 3.40 4.62 1.77
N ILE A 95 3.58 5.37 0.72
CA ILE A 95 4.28 4.82 -0.48
C ILE A 95 5.64 5.50 -0.65
N SER A 96 6.68 4.84 -0.25
CA SER A 96 8.05 5.44 -0.39
C SER A 96 9.12 4.32 -0.46
N PRO A 97 10.34 4.74 -0.65
CA PRO A 97 11.46 3.76 -0.74
C PRO A 97 11.85 3.24 0.65
N SER A 98 12.24 4.11 1.53
CA SER A 98 12.64 3.65 2.90
C SER A 98 11.48 2.92 3.59
N ASN A 99 10.29 3.44 3.46
CA ASN A 99 9.11 2.77 4.09
C ASN A 99 9.13 1.26 3.80
N PHE A 100 9.77 0.85 2.74
CA PHE A 100 9.82 -0.60 2.41
C PHE A 100 11.22 -1.18 2.69
N GLY A 101 12.07 -1.25 1.70
CA GLY A 101 13.43 -1.81 1.94
C GLY A 101 14.47 -1.04 1.11
N GLY A 102 14.07 0.04 0.49
CA GLY A 102 15.05 0.82 -0.32
C GLY A 102 14.53 0.99 -1.75
N ASP A 103 15.29 0.55 -2.72
CA ASP A 103 14.85 0.68 -4.14
C ASP A 103 13.87 -0.45 -4.50
N PRO A 104 12.80 -0.07 -5.16
CA PRO A 104 11.78 -1.05 -5.58
C PRO A 104 12.19 -1.72 -6.89
N CYS A 105 12.28 -0.97 -7.95
CA CYS A 105 12.67 -1.57 -9.26
C CYS A 105 13.46 -0.55 -10.09
N PRO A 106 14.35 -1.07 -10.91
CA PRO A 106 15.18 -0.20 -11.77
C PRO A 106 14.36 0.37 -12.94
N GLU A 107 14.49 1.64 -13.21
CA GLU A 107 13.72 2.25 -14.33
C GLU A 107 12.22 2.00 -14.14
N VAL A 108 11.73 2.09 -12.93
CA VAL A 108 10.28 1.85 -12.69
C VAL A 108 9.76 2.82 -11.62
N MET A 109 8.60 3.39 -11.83
CA MET A 109 8.04 4.34 -10.82
C MET A 109 7.77 3.59 -9.51
N LYS A 110 6.78 4.01 -8.76
CA LYS A 110 6.49 3.32 -7.47
C LYS A 110 4.97 3.31 -7.19
N ARG A 111 4.30 2.25 -7.56
CA ARG A 111 2.83 2.18 -7.32
C ARG A 111 2.54 1.15 -6.23
N VAL A 112 1.36 1.12 -5.69
CA VAL A 112 1.06 0.11 -4.63
C VAL A 112 -0.37 -0.43 -4.73
N ALA A 113 -0.50 -1.71 -4.91
CA ALA A 113 -1.85 -2.33 -5.02
C ALA A 113 -1.94 -3.44 -3.97
N VAL A 114 -2.64 -3.20 -2.90
CA VAL A 114 -2.75 -4.25 -1.85
C VAL A 114 -4.15 -4.86 -1.77
N GLU A 115 -4.22 -6.08 -1.31
CA GLU A 115 -5.51 -6.79 -1.18
C GLU A 115 -5.50 -7.47 0.19
N ALA A 116 -6.47 -7.19 1.03
CA ALA A 116 -6.46 -7.85 2.38
C ALA A 116 -7.64 -8.80 2.56
N VAL A 117 -7.52 -9.68 3.54
CA VAL A 117 -8.60 -10.66 3.83
C VAL A 117 -9.11 -10.44 5.25
N CYS A 118 -10.27 -9.87 5.40
CA CYS A 118 -10.80 -9.62 6.76
C CYS A 118 -11.97 -10.57 7.06
N SER A 119 -12.03 -11.08 8.26
CA SER A 119 -13.15 -12.01 8.62
C SER A 119 -13.25 -12.14 10.14
N THR A 120 -14.20 -12.89 10.63
CA THR A 120 -14.35 -13.04 12.10
C THR A 120 -13.47 -14.20 12.60
N ALA A 121 -12.41 -13.90 13.29
CA ALA A 121 -11.51 -14.99 13.80
C ALA A 121 -11.10 -15.91 12.65
N ALA A 122 -10.16 -16.78 12.89
CA ALA A 122 -9.70 -17.71 11.81
C ALA A 122 -10.54 -18.99 11.84
N ARG A 5 -19.92 -17.06 7.84
CA ARG A 5 -18.95 -16.24 8.61
C ARG A 5 -18.77 -14.87 7.95
N THR A 6 -18.79 -13.82 8.73
CA THR A 6 -18.63 -12.46 8.14
C THR A 6 -17.16 -12.22 7.77
N VAL A 7 -16.77 -12.58 6.59
CA VAL A 7 -15.36 -12.37 6.17
C VAL A 7 -15.30 -11.50 4.91
N SER A 8 -15.77 -10.29 4.99
CA SER A 8 -15.73 -9.39 3.80
C SER A 8 -14.28 -9.11 3.40
N GLY A 9 -14.06 -8.70 2.17
CA GLY A 9 -12.67 -8.40 1.73
C GLY A 9 -12.54 -6.91 1.44
N VAL A 10 -11.34 -6.38 1.51
CA VAL A 10 -11.15 -4.92 1.24
C VAL A 10 -10.21 -4.73 0.06
N CYS A 11 -10.25 -3.59 -0.57
CA CYS A 11 -9.35 -3.35 -1.72
C CYS A 11 -8.65 -1.99 -1.57
N ALA A 12 -7.34 -1.98 -1.62
CA ALA A 12 -6.61 -0.68 -1.47
C ALA A 12 -5.86 -0.34 -2.76
N ASP A 13 -6.31 0.65 -3.47
CA ASP A 13 -5.63 1.04 -4.75
C ASP A 13 -5.09 2.46 -4.64
N VAL A 14 -3.79 2.61 -4.56
CA VAL A 14 -3.19 3.97 -4.46
C VAL A 14 -1.78 3.98 -5.05
N SER A 15 -1.39 5.06 -5.68
CA SER A 15 -0.03 5.13 -6.28
C SER A 15 0.97 5.75 -5.28
N GLU A 16 2.09 6.20 -5.76
CA GLU A 16 3.09 6.83 -4.83
C GLU A 16 3.27 8.31 -5.17
N TYR A 17 2.29 9.12 -4.85
CA TYR A 17 2.41 10.58 -5.14
C TYR A 17 1.25 11.34 -4.49
N HIS A 18 1.51 12.51 -3.96
CA HIS A 18 0.41 13.29 -3.32
C HIS A 18 -0.22 14.25 -4.34
N PRO A 19 -1.49 14.06 -4.56
CA PRO A 19 -2.24 14.91 -5.52
C PRO A 19 -2.58 16.28 -4.89
N ASN A 20 -2.54 16.38 -3.58
CA ASN A 20 -2.89 17.68 -2.94
C ASN A 20 -2.61 17.64 -1.43
N ILE A 21 -1.92 18.62 -0.91
CA ILE A 21 -1.61 18.64 0.55
C ILE A 21 -1.94 20.01 1.15
N LYS A 22 -2.11 21.02 0.33
CA LYS A 22 -2.44 22.38 0.85
C LYS A 22 -1.42 22.79 1.94
N ASN A 23 -1.72 22.51 3.18
CA ASN A 23 -0.78 22.89 4.27
C ASN A 23 -0.57 21.72 5.23
N TRP A 24 0.63 21.23 5.36
CA TRP A 24 0.88 20.08 6.28
C TRP A 24 0.42 20.42 7.69
N GLN A 25 0.02 19.44 8.45
CA GLN A 25 -0.44 19.71 9.83
C GLN A 25 0.31 18.81 10.82
N ILE A 26 1.47 19.22 11.27
CA ILE A 26 2.25 18.39 12.22
C ILE A 26 2.82 19.26 13.34
N GLU A 27 3.66 18.70 14.17
CA GLU A 27 4.26 19.50 15.28
C GLU A 27 5.48 20.28 14.77
N SER A 28 6.29 19.66 13.96
CA SER A 28 7.49 20.36 13.43
C SER A 28 7.11 21.27 12.27
N TYR A 29 8.04 22.01 11.75
CA TYR A 29 7.72 22.92 10.60
C TYR A 29 8.75 22.74 9.47
N GLY A 30 8.55 23.40 8.37
CA GLY A 30 9.50 23.26 7.24
C GLY A 30 8.76 22.77 5.99
N GLU A 31 9.44 22.72 4.88
CA GLU A 31 8.77 22.24 3.63
C GLU A 31 9.52 21.03 3.06
N PRO A 32 8.85 19.91 3.03
CA PRO A 32 9.45 18.66 2.50
C PRO A 32 9.56 18.72 0.98
N GLU A 33 10.42 17.93 0.41
CA GLU A 33 10.57 17.92 -1.08
C GLU A 33 10.24 16.55 -1.66
N PHE A 34 9.37 15.82 -1.01
CA PHE A 34 9.00 14.46 -1.53
C PHE A 34 7.48 14.33 -1.64
N HIS A 35 7.01 13.76 -2.72
CA HIS A 35 5.54 13.59 -2.89
C HIS A 35 5.18 12.10 -2.85
N THR A 36 4.21 11.73 -2.06
CA THR A 36 3.82 10.30 -1.98
C THR A 36 2.34 10.17 -1.57
N ALA A 37 1.91 8.97 -1.28
CA ALA A 37 0.49 8.77 -0.88
C ALA A 37 0.41 7.75 0.25
N LYS A 38 -0.71 7.66 0.90
CA LYS A 38 -0.85 6.68 2.01
C LYS A 38 -1.85 5.59 1.64
N VAL A 39 -1.88 4.52 2.37
CA VAL A 39 -2.85 3.43 2.06
C VAL A 39 -3.97 3.46 3.10
N HIS A 40 -5.14 3.05 2.72
CA HIS A 40 -6.26 3.07 3.71
C HIS A 40 -6.92 1.70 3.84
N LEU A 41 -6.65 1.00 4.91
CA LEU A 41 -7.25 -0.34 5.10
C LEU A 41 -8.10 -0.29 6.37
N LYS A 42 -9.38 -0.16 6.25
CA LYS A 42 -10.24 -0.10 7.45
C LYS A 42 -11.33 -1.17 7.40
N CYS A 43 -11.60 -1.78 8.53
CA CYS A 43 -12.64 -2.84 8.57
C CYS A 43 -13.65 -2.49 9.67
N ALA A 44 -14.90 -2.81 9.46
CA ALA A 44 -15.93 -2.50 10.50
C ALA A 44 -15.39 -2.81 11.91
N PRO A 45 -16.04 -2.24 12.88
CA PRO A 45 -15.63 -2.44 14.29
C PRO A 45 -15.93 -3.88 14.73
N GLY A 46 -14.94 -4.72 14.78
CA GLY A 46 -15.17 -6.13 15.20
C GLY A 46 -14.46 -7.06 14.22
N GLN A 47 -14.19 -6.58 13.04
CA GLN A 47 -13.50 -7.44 12.03
C GLN A 47 -12.02 -7.06 11.94
N THR A 48 -11.15 -8.04 11.98
CA THR A 48 -9.69 -7.73 11.91
C THR A 48 -9.05 -8.52 10.77
N ILE A 49 -8.04 -7.96 10.15
CA ILE A 49 -7.36 -8.69 9.03
C ILE A 49 -6.79 -10.00 9.54
N SER A 50 -6.40 -10.88 8.67
CA SER A 50 -5.84 -12.17 9.13
C SER A 50 -5.02 -12.85 8.03
N ALA A 51 -5.37 -12.64 6.79
CA ALA A 51 -4.57 -13.29 5.69
C ALA A 51 -4.29 -12.30 4.56
N ILE A 52 -3.04 -12.11 4.24
CA ILE A 52 -2.68 -11.16 3.14
C ILE A 52 -2.48 -11.96 1.85
N LYS A 53 -3.46 -11.97 0.99
CA LYS A 53 -3.32 -12.72 -0.29
C LYS A 53 -2.52 -11.94 -1.33
N PHE A 54 -2.69 -10.64 -1.39
CA PHE A 54 -1.94 -9.84 -2.38
C PHE A 54 -1.12 -8.74 -1.71
N ALA A 55 -0.13 -8.23 -2.40
CA ALA A 55 0.74 -7.15 -1.82
C ALA A 55 1.99 -6.99 -2.68
N SER A 56 2.02 -6.00 -3.53
CA SER A 56 3.21 -5.79 -4.38
C SER A 56 3.58 -4.30 -4.43
N PHE A 57 4.84 -4.00 -4.43
CA PHE A 57 5.28 -2.57 -4.47
C PHE A 57 6.14 -2.31 -5.71
N GLY A 58 5.54 -2.26 -6.86
CA GLY A 58 6.33 -2.01 -8.10
C GLY A 58 5.40 -1.55 -9.22
N THR A 59 5.16 -2.38 -10.19
CA THR A 59 4.26 -1.98 -11.31
C THR A 59 3.08 -2.94 -11.40
N PRO A 60 2.09 -2.71 -10.57
CA PRO A 60 0.89 -3.56 -10.56
C PRO A 60 -0.01 -3.24 -11.76
N LEU A 61 -0.96 -4.08 -12.03
CA LEU A 61 -1.87 -3.83 -13.18
C LEU A 61 -3.31 -4.21 -12.82
N GLY A 62 -4.25 -3.35 -13.10
CA GLY A 62 -5.67 -3.66 -12.77
C GLY A 62 -6.18 -2.69 -11.70
N THR A 63 -7.30 -3.00 -11.10
CA THR A 63 -7.84 -2.08 -10.05
C THR A 63 -8.32 -2.91 -8.83
N CYS A 64 -9.11 -3.92 -9.08
CA CYS A 64 -9.61 -4.76 -7.95
C CYS A 64 -10.37 -5.96 -8.50
N GLY A 65 -9.66 -7.03 -8.77
CA GLY A 65 -10.33 -8.24 -9.31
C GLY A 65 -9.42 -8.90 -10.35
N THR A 66 -8.58 -8.11 -10.96
CA THR A 66 -7.65 -8.67 -11.99
C THR A 66 -6.20 -8.27 -11.66
N PHE A 67 -5.91 -8.10 -10.40
CA PHE A 67 -4.52 -7.70 -10.02
C PHE A 67 -3.50 -8.65 -10.66
N GLN A 68 -2.60 -8.12 -11.45
CA GLN A 68 -1.57 -9.00 -12.10
C GLN A 68 -0.18 -8.38 -11.96
N GLN A 69 0.72 -9.08 -11.35
CA GLN A 69 2.11 -8.53 -11.18
C GLN A 69 2.79 -8.36 -12.55
N GLY A 70 3.28 -7.20 -12.83
CA GLY A 70 3.95 -6.97 -14.16
C GLY A 70 5.27 -7.74 -14.17
N GLU A 71 6.37 -7.05 -14.39
CA GLU A 71 7.68 -7.75 -14.42
C GLU A 71 8.66 -7.08 -13.44
N CYS A 72 8.18 -6.17 -12.63
CA CYS A 72 9.08 -5.49 -11.66
C CYS A 72 8.46 -5.55 -10.26
N HIS A 73 8.86 -6.51 -9.46
CA HIS A 73 8.30 -6.61 -8.09
C HIS A 73 9.41 -6.61 -7.05
N SER A 74 9.21 -5.94 -5.96
CA SER A 74 10.26 -5.89 -4.90
C SER A 74 10.15 -7.14 -4.04
N ILE A 75 11.11 -7.41 -3.21
CA ILE A 75 11.02 -8.63 -2.35
C ILE A 75 10.42 -8.27 -0.99
N ASN A 76 10.25 -7.00 -0.72
CA ASN A 76 9.67 -6.59 0.60
C ASN A 76 8.24 -6.09 0.39
N SER A 77 7.50 -6.74 -0.47
CA SER A 77 6.10 -6.33 -0.74
C SER A 77 5.15 -6.90 0.32
N ASN A 78 5.19 -8.18 0.55
CA ASN A 78 4.28 -8.79 1.57
C ASN A 78 5.01 -8.99 2.91
N SER A 79 6.17 -8.43 3.06
CA SER A 79 6.90 -8.59 4.35
C SER A 79 6.52 -7.50 5.34
N VAL A 80 6.45 -6.28 4.89
CA VAL A 80 6.08 -5.17 5.81
C VAL A 80 4.57 -5.20 6.09
N LEU A 81 3.81 -5.86 5.26
CA LEU A 81 2.33 -5.92 5.48
C LEU A 81 2.00 -6.88 6.64
N GLU A 82 2.42 -8.11 6.55
CA GLU A 82 2.13 -9.09 7.65
C GLU A 82 2.80 -8.65 8.94
N ARG A 83 3.77 -7.78 8.86
CA ARG A 83 4.47 -7.32 10.10
C ARG A 83 3.84 -6.04 10.68
N LYS A 84 3.05 -5.32 9.92
CA LYS A 84 2.44 -4.06 10.49
C LYS A 84 0.98 -3.85 10.03
N CYS A 85 0.19 -4.89 9.94
CA CYS A 85 -1.23 -4.69 9.50
C CYS A 85 -2.08 -5.91 9.81
N ILE A 86 -1.68 -6.71 10.77
CA ILE A 86 -2.48 -7.91 11.12
C ILE A 86 -2.82 -7.90 12.62
N GLY A 87 -4.08 -7.87 12.94
CA GLY A 87 -4.48 -7.86 14.38
C GLY A 87 -5.09 -6.49 14.71
N LEU A 88 -5.30 -5.67 13.72
CA LEU A 88 -5.89 -4.32 13.97
C LEU A 88 -7.15 -4.15 13.14
N GLU A 89 -8.18 -3.58 13.70
CA GLU A 89 -9.44 -3.39 12.93
C GLU A 89 -9.17 -2.46 11.76
N ARG A 90 -8.14 -1.67 11.85
CA ARG A 90 -7.81 -0.73 10.74
C ARG A 90 -6.32 -0.40 10.76
N CYS A 91 -5.61 -0.65 9.68
CA CYS A 91 -4.15 -0.34 9.67
C CYS A 91 -3.80 0.48 8.42
N VAL A 92 -2.94 1.46 8.57
CA VAL A 92 -2.56 2.30 7.39
C VAL A 92 -1.04 2.24 7.18
N VAL A 93 -0.61 2.17 5.95
CA VAL A 93 0.85 2.12 5.67
C VAL A 93 1.25 3.24 4.71
N ALA A 94 2.32 3.94 5.00
CA ALA A 94 2.76 5.04 4.10
C ALA A 94 3.55 4.47 2.93
N ILE A 95 3.49 5.12 1.80
CA ILE A 95 4.26 4.61 0.62
C ILE A 95 5.42 5.54 0.29
N SER A 96 6.62 5.02 0.23
CA SER A 96 7.79 5.89 -0.08
C SER A 96 9.06 5.05 -0.27
N PRO A 97 10.09 5.70 -0.73
CA PRO A 97 11.37 5.00 -0.96
C PRO A 97 12.09 4.71 0.36
N SER A 98 12.98 3.75 0.36
CA SER A 98 13.71 3.41 1.62
C SER A 98 12.75 2.91 2.70
N ASN A 99 11.52 2.66 2.35
CA ASN A 99 10.55 2.16 3.36
C ASN A 99 10.44 0.64 3.30
N PHE A 100 10.37 0.09 2.11
CA PHE A 100 10.26 -1.40 1.99
C PHE A 100 11.66 -2.02 1.91
N GLY A 101 12.51 -1.45 1.10
CA GLY A 101 13.89 -2.01 0.97
C GLY A 101 14.78 -1.01 0.24
N GLY A 102 14.24 -0.30 -0.72
CA GLY A 102 15.06 0.69 -1.47
C GLY A 102 14.39 0.99 -2.81
N ASP A 103 15.06 0.73 -3.90
CA ASP A 103 14.47 1.01 -5.25
C ASP A 103 14.96 -0.02 -6.27
N PRO A 104 14.12 -0.97 -6.56
CA PRO A 104 14.48 -2.03 -7.52
C PRO A 104 14.21 -1.58 -8.96
N CYS A 105 13.03 -1.11 -9.26
CA CYS A 105 12.72 -0.65 -10.64
C CYS A 105 13.33 0.73 -10.90
N PRO A 106 14.05 0.84 -11.99
CA PRO A 106 14.69 2.12 -12.36
C PRO A 106 13.74 2.99 -13.20
N GLU A 107 13.66 4.26 -12.88
CA GLU A 107 12.75 5.18 -13.65
C GLU A 107 11.44 4.48 -14.01
N VAL A 108 10.82 3.84 -13.06
CA VAL A 108 9.52 3.14 -13.34
C VAL A 108 8.42 3.66 -12.42
N MET A 109 7.29 3.98 -12.97
CA MET A 109 6.17 4.49 -12.13
C MET A 109 5.89 3.49 -10.99
N LYS A 110 6.22 3.85 -9.79
CA LYS A 110 5.98 2.92 -8.65
C LYS A 110 4.52 2.99 -8.21
N ARG A 111 3.95 1.88 -7.82
CA ARG A 111 2.53 1.88 -7.38
C ARG A 111 2.34 0.84 -6.27
N VAL A 112 1.28 0.95 -5.51
CA VAL A 112 1.07 -0.03 -4.42
C VAL A 112 -0.31 -0.71 -4.56
N ALA A 113 -0.33 -1.96 -4.91
CA ALA A 113 -1.62 -2.68 -5.07
C ALA A 113 -1.74 -3.73 -3.96
N VAL A 114 -2.83 -3.76 -3.25
CA VAL A 114 -2.96 -4.78 -2.16
C VAL A 114 -4.38 -5.36 -2.10
N GLU A 115 -4.50 -6.50 -1.49
CA GLU A 115 -5.82 -7.17 -1.36
C GLU A 115 -5.81 -8.02 -0.08
N ALA A 116 -6.45 -7.57 0.95
CA ALA A 116 -6.46 -8.36 2.22
C ALA A 116 -7.85 -8.93 2.53
N VAL A 117 -7.91 -9.89 3.40
CA VAL A 117 -9.21 -10.50 3.77
C VAL A 117 -9.55 -10.15 5.22
N CYS A 118 -10.73 -9.69 5.47
CA CYS A 118 -11.11 -9.34 6.87
C CYS A 118 -12.10 -10.34 7.44
N SER A 119 -11.74 -11.00 8.52
CA SER A 119 -12.66 -12.01 9.12
C SER A 119 -12.91 -11.67 10.59
N THR A 120 -13.98 -12.16 11.15
CA THR A 120 -14.28 -11.86 12.58
C THR A 120 -13.63 -12.91 13.50
N ALA A 121 -13.39 -12.57 14.73
CA ALA A 121 -12.77 -13.54 15.67
C ALA A 121 -13.57 -14.85 15.68
N ALA A 122 -13.09 -15.85 16.39
CA ALA A 122 -13.81 -17.15 16.44
C ALA A 122 -15.33 -16.90 16.58
N ARG A 5 -20.22 -16.83 4.35
CA ARG A 5 -18.77 -16.55 4.14
C ARG A 5 -18.17 -15.87 5.38
N THR A 6 -18.94 -15.06 6.05
CA THR A 6 -18.43 -14.36 7.25
C THR A 6 -17.01 -13.85 7.02
N VAL A 7 -16.84 -13.03 6.03
CA VAL A 7 -15.48 -12.50 5.73
C VAL A 7 -15.58 -11.26 4.83
N SER A 8 -15.42 -10.09 5.39
CA SER A 8 -15.50 -8.87 4.56
C SER A 8 -14.34 -8.81 3.57
N GLY A 9 -14.40 -7.94 2.61
CA GLY A 9 -13.30 -7.84 1.61
C GLY A 9 -13.12 -6.38 1.20
N VAL A 10 -11.91 -5.89 1.20
CA VAL A 10 -11.70 -4.47 0.82
C VAL A 10 -10.31 -4.29 0.18
N CYS A 11 -10.27 -3.87 -1.05
CA CYS A 11 -8.95 -3.67 -1.73
C CYS A 11 -8.72 -2.17 -1.93
N ALA A 12 -7.55 -1.69 -1.61
CA ALA A 12 -7.28 -0.24 -1.80
C ALA A 12 -6.31 0.00 -2.95
N ASP A 13 -6.70 0.77 -3.91
CA ASP A 13 -5.80 1.05 -5.07
C ASP A 13 -5.34 2.50 -5.06
N VAL A 14 -4.06 2.73 -4.86
CA VAL A 14 -3.56 4.13 -4.83
C VAL A 14 -2.46 4.33 -5.88
N SER A 15 -2.26 5.53 -6.34
CA SER A 15 -1.21 5.77 -7.37
C SER A 15 0.00 6.47 -6.72
N GLU A 16 1.07 5.75 -6.51
CA GLU A 16 2.29 6.36 -5.88
C GLU A 16 2.52 7.79 -6.40
N TYR A 17 2.89 8.67 -5.53
CA TYR A 17 3.13 10.09 -5.95
C TYR A 17 4.65 10.32 -6.15
N HIS A 18 5.25 11.17 -5.36
CA HIS A 18 6.72 11.43 -5.51
C HIS A 18 7.13 11.43 -6.99
N PRO A 19 6.46 12.25 -7.76
CA PRO A 19 6.76 12.34 -9.20
C PRO A 19 8.11 13.04 -9.40
N ASN A 20 8.54 13.75 -8.40
CA ASN A 20 9.84 14.46 -8.48
C ASN A 20 10.29 14.88 -7.08
N ILE A 21 9.65 15.87 -6.52
CA ILE A 21 10.02 16.34 -5.15
C ILE A 21 11.53 16.57 -5.03
N LYS A 22 11.94 17.80 -4.92
CA LYS A 22 13.39 18.11 -4.80
C LYS A 22 13.59 19.61 -4.60
N ASN A 23 12.79 20.41 -5.25
CA ASN A 23 12.91 21.88 -5.10
C ASN A 23 11.63 22.45 -4.50
N TRP A 24 10.92 21.65 -3.75
CA TRP A 24 9.65 22.12 -3.13
C TRP A 24 9.82 23.55 -2.62
N GLN A 25 10.90 23.84 -1.94
CA GLN A 25 11.11 25.21 -1.42
C GLN A 25 11.98 26.00 -2.40
N ILE A 26 11.47 27.07 -2.92
CA ILE A 26 12.27 27.88 -3.88
C ILE A 26 13.18 28.87 -3.15
N GLU A 27 14.26 28.36 -2.57
CA GLU A 27 15.22 29.24 -1.83
C GLU A 27 14.73 29.57 -0.41
N SER A 28 13.49 29.96 -0.24
CA SER A 28 13.01 30.27 1.15
C SER A 28 11.49 30.07 1.32
N TYR A 29 10.71 30.09 0.27
CA TYR A 29 9.24 29.89 0.45
C TYR A 29 8.78 28.54 -0.13
N GLY A 30 7.97 27.82 0.61
CA GLY A 30 7.47 26.49 0.13
C GLY A 30 7.16 25.62 1.36
N GLU A 31 5.90 25.45 1.68
CA GLU A 31 5.55 24.60 2.87
C GLU A 31 4.61 23.46 2.48
N PRO A 32 5.16 22.45 1.86
CA PRO A 32 4.37 21.30 1.43
C PRO A 32 4.32 20.24 2.54
N GLU A 33 3.14 19.87 2.97
CA GLU A 33 3.04 18.84 4.06
C GLU A 33 2.81 17.46 3.44
N PHE A 34 2.86 17.36 2.14
CA PHE A 34 2.66 16.04 1.47
C PHE A 34 3.93 15.64 0.71
N HIS A 35 4.63 14.64 1.18
CA HIS A 35 5.88 14.21 0.47
C HIS A 35 5.75 12.77 -0.02
N THR A 36 4.76 12.05 0.47
CA THR A 36 4.58 10.64 0.03
C THR A 36 3.11 10.26 0.08
N ALA A 37 2.74 9.20 -0.60
CA ALA A 37 1.32 8.77 -0.60
C ALA A 37 1.05 7.82 0.58
N LYS A 38 -0.19 7.51 0.85
CA LYS A 38 -0.48 6.60 1.99
C LYS A 38 -1.60 5.61 1.61
N VAL A 39 -1.65 4.49 2.27
CA VAL A 39 -2.70 3.48 1.96
C VAL A 39 -3.70 3.41 3.12
N HIS A 40 -4.97 3.31 2.82
CA HIS A 40 -5.98 3.24 3.93
C HIS A 40 -6.68 1.87 3.94
N LEU A 41 -6.42 1.10 4.96
CA LEU A 41 -7.06 -0.25 5.05
C LEU A 41 -7.68 -0.40 6.45
N LYS A 42 -8.97 -0.56 6.53
CA LYS A 42 -9.60 -0.70 7.88
C LYS A 42 -10.75 -1.71 7.84
N CYS A 43 -11.19 -2.13 8.99
CA CYS A 43 -12.32 -3.11 9.07
C CYS A 43 -13.25 -2.74 10.24
N ALA A 44 -14.53 -2.87 10.06
CA ALA A 44 -15.46 -2.53 11.17
C ALA A 44 -14.96 -3.10 12.50
N PRO A 45 -15.47 -2.54 13.57
CA PRO A 45 -15.06 -3.01 14.93
C PRO A 45 -15.64 -4.39 15.21
N GLY A 46 -14.82 -5.40 15.13
CA GLY A 46 -15.31 -6.78 15.39
C GLY A 46 -14.61 -7.74 14.43
N GLN A 47 -14.23 -7.27 13.28
CA GLN A 47 -13.54 -8.15 12.31
C GLN A 47 -12.10 -7.67 12.11
N THR A 48 -11.14 -8.46 12.50
CA THR A 48 -9.72 -8.05 12.34
C THR A 48 -9.11 -8.70 11.09
N ILE A 49 -8.22 -8.00 10.42
CA ILE A 49 -7.59 -8.57 9.20
C ILE A 49 -6.83 -9.86 9.58
N SER A 50 -7.29 -10.98 9.10
CA SER A 50 -6.61 -12.27 9.43
C SER A 50 -5.53 -12.62 8.39
N ALA A 51 -5.45 -11.89 7.31
CA ALA A 51 -4.41 -12.22 6.28
C ALA A 51 -4.48 -11.26 5.09
N ILE A 52 -3.35 -10.96 4.51
CA ILE A 52 -3.33 -10.05 3.33
C ILE A 52 -3.53 -10.85 2.05
N LYS A 53 -4.37 -10.39 1.17
CA LYS A 53 -4.60 -11.14 -0.10
C LYS A 53 -3.46 -10.92 -1.09
N PHE A 54 -2.89 -9.74 -1.11
CA PHE A 54 -1.76 -9.49 -2.07
C PHE A 54 -1.31 -8.03 -2.00
N ALA A 55 -0.06 -7.78 -2.27
CA ALA A 55 0.47 -6.39 -2.25
C ALA A 55 1.50 -6.22 -3.36
N SER A 56 1.58 -5.06 -3.95
CA SER A 56 2.58 -4.87 -5.05
C SER A 56 3.00 -3.41 -5.19
N PHE A 57 4.26 -3.12 -5.01
CA PHE A 57 4.74 -1.72 -5.12
C PHE A 57 5.51 -1.55 -6.44
N GLY A 58 5.06 -0.68 -7.30
CA GLY A 58 5.77 -0.48 -8.59
C GLY A 58 4.76 -0.46 -9.74
N THR A 59 4.62 -1.55 -10.45
CA THR A 59 3.65 -1.58 -11.58
C THR A 59 2.84 -2.89 -11.57
N PRO A 60 1.69 -2.82 -10.95
CA PRO A 60 0.81 -4.01 -10.86
C PRO A 60 0.00 -4.17 -12.15
N LEU A 61 -0.48 -5.36 -12.40
CA LEU A 61 -1.28 -5.59 -13.64
C LEU A 61 -2.73 -5.91 -13.28
N GLY A 62 -3.68 -5.29 -13.93
CA GLY A 62 -5.11 -5.56 -13.63
C GLY A 62 -5.56 -4.70 -12.44
N THR A 63 -6.72 -4.96 -11.91
CA THR A 63 -7.22 -4.15 -10.75
C THR A 63 -7.66 -5.07 -9.60
N CYS A 64 -8.72 -4.72 -8.92
CA CYS A 64 -9.20 -5.58 -7.79
C CYS A 64 -9.96 -6.80 -8.32
N GLY A 65 -9.32 -7.93 -8.37
CA GLY A 65 -10.02 -9.15 -8.88
C GLY A 65 -9.07 -9.98 -9.75
N THR A 66 -7.95 -9.42 -10.13
CA THR A 66 -6.98 -10.20 -10.97
C THR A 66 -5.58 -9.60 -10.88
N PHE A 67 -5.20 -9.11 -9.74
CA PHE A 67 -3.84 -8.52 -9.61
C PHE A 67 -2.77 -9.58 -9.91
N GLN A 68 -1.59 -9.15 -10.26
CA GLN A 68 -0.51 -10.15 -10.57
C GLN A 68 0.78 -9.42 -10.97
N GLN A 69 1.90 -10.07 -10.83
CA GLN A 69 3.20 -9.41 -11.20
C GLN A 69 3.11 -8.84 -12.62
N GLY A 70 3.63 -7.66 -12.84
CA GLY A 70 3.58 -7.06 -14.21
C GLY A 70 5.00 -6.98 -14.77
N GLU A 71 5.55 -5.80 -14.86
CA GLU A 71 6.93 -5.67 -15.41
C GLU A 71 7.97 -5.77 -14.28
N CYS A 72 7.82 -4.98 -13.26
CA CYS A 72 8.79 -5.03 -12.13
C CYS A 72 8.04 -4.98 -10.80
N HIS A 73 8.16 -6.02 -10.01
CA HIS A 73 7.46 -6.03 -8.68
C HIS A 73 8.48 -6.17 -7.54
N SER A 74 8.16 -5.63 -6.41
CA SER A 74 9.09 -5.72 -5.24
C SER A 74 8.71 -6.92 -4.37
N ILE A 75 9.58 -7.88 -4.24
CA ILE A 75 9.25 -9.08 -3.40
C ILE A 75 8.94 -8.67 -1.96
N ASN A 76 9.25 -7.45 -1.60
CA ASN A 76 8.95 -6.99 -0.21
C ASN A 76 7.55 -6.38 -0.13
N SER A 77 6.69 -6.71 -1.06
CA SER A 77 5.31 -6.14 -1.03
C SER A 77 4.50 -6.72 0.14
N ASN A 78 4.74 -7.96 0.47
CA ASN A 78 3.98 -8.58 1.60
C ASN A 78 4.79 -8.54 2.90
N SER A 79 5.91 -7.88 2.90
CA SER A 79 6.74 -7.83 4.15
C SER A 79 6.35 -6.59 4.97
N VAL A 80 5.91 -5.54 4.33
CA VAL A 80 5.52 -4.32 5.08
C VAL A 80 4.05 -4.39 5.51
N LEU A 81 3.28 -5.23 4.87
CA LEU A 81 1.83 -5.34 5.24
C LEU A 81 1.63 -6.42 6.33
N GLU A 82 2.20 -7.58 6.13
CA GLU A 82 2.03 -8.67 7.14
C GLU A 82 2.57 -8.22 8.52
N ARG A 83 3.51 -7.32 8.55
CA ARG A 83 4.04 -6.86 9.87
C ARG A 83 3.19 -5.71 10.45
N LYS A 84 2.56 -4.94 9.60
CA LYS A 84 1.72 -3.82 10.12
C LYS A 84 0.27 -3.95 9.62
N CYS A 85 -0.19 -5.16 9.45
CA CYS A 85 -1.59 -5.34 8.96
C CYS A 85 -2.06 -6.78 9.25
N ILE A 86 -1.75 -7.31 10.39
CA ILE A 86 -2.17 -8.70 10.71
C ILE A 86 -2.61 -8.80 12.18
N GLY A 87 -3.83 -8.45 12.49
CA GLY A 87 -4.30 -8.53 13.90
C GLY A 87 -4.69 -7.14 14.39
N LEU A 88 -5.19 -6.31 13.52
CA LEU A 88 -5.58 -4.93 13.94
C LEU A 88 -6.92 -4.54 13.29
N GLU A 89 -7.80 -3.92 14.04
CA GLU A 89 -9.11 -3.52 13.46
C GLU A 89 -8.86 -2.55 12.31
N ARG A 90 -7.83 -1.76 12.43
CA ARG A 90 -7.50 -0.79 11.35
C ARG A 90 -6.05 -1.01 10.92
N CYS A 91 -5.63 -0.42 9.83
CA CYS A 91 -4.23 -0.63 9.39
C CYS A 91 -3.84 0.39 8.31
N VAL A 92 -2.90 1.24 8.61
CA VAL A 92 -2.46 2.26 7.62
C VAL A 92 -0.98 2.03 7.26
N VAL A 93 -0.63 2.14 6.01
CA VAL A 93 0.79 1.92 5.62
C VAL A 93 1.33 3.13 4.85
N ALA A 94 2.62 3.29 4.82
CA ALA A 94 3.20 4.45 4.09
C ALA A 94 4.10 3.94 2.94
N ILE A 95 3.97 4.52 1.78
CA ILE A 95 4.81 4.08 0.63
C ILE A 95 5.89 5.13 0.33
N SER A 96 7.09 4.69 0.07
CA SER A 96 8.19 5.67 -0.24
C SER A 96 9.35 4.95 -0.95
N PRO A 97 10.36 5.70 -1.24
CA PRO A 97 11.55 5.14 -1.93
C PRO A 97 12.40 4.34 -0.93
N SER A 98 12.53 4.81 0.27
CA SER A 98 13.35 4.08 1.28
C SER A 98 12.46 3.60 2.44
N ASN A 99 11.35 3.01 2.14
CA ASN A 99 10.45 2.51 3.22
C ASN A 99 10.06 1.06 2.97
N PHE A 100 10.56 0.47 1.92
CA PHE A 100 10.22 -0.94 1.61
C PHE A 100 11.50 -1.78 1.46
N GLY A 101 12.51 -1.21 0.84
CA GLY A 101 13.78 -1.97 0.67
C GLY A 101 14.90 -1.01 0.27
N GLY A 102 14.69 -0.21 -0.74
CA GLY A 102 15.75 0.75 -1.16
C GLY A 102 15.52 1.16 -2.62
N ASP A 103 15.70 0.26 -3.54
CA ASP A 103 15.49 0.61 -4.97
C ASP A 103 15.55 -0.64 -5.85
N PRO A 104 14.40 -1.26 -6.01
CA PRO A 104 14.31 -2.49 -6.82
C PRO A 104 14.39 -2.14 -8.31
N CYS A 105 13.44 -1.40 -8.81
CA CYS A 105 13.46 -1.02 -10.26
C CYS A 105 13.59 0.50 -10.39
N PRO A 106 14.65 0.92 -11.02
CA PRO A 106 14.90 2.37 -11.22
C PRO A 106 13.99 2.93 -12.32
N GLU A 107 13.50 4.13 -12.11
CA GLU A 107 12.60 4.75 -13.13
C GLU A 107 11.37 3.88 -13.38
N VAL A 108 11.13 2.92 -12.52
CA VAL A 108 9.95 2.03 -12.72
C VAL A 108 9.25 1.81 -11.38
N MET A 109 8.41 2.72 -10.95
CA MET A 109 7.71 2.51 -9.66
C MET A 109 6.72 3.65 -9.38
N LYS A 110 5.44 3.36 -9.48
CA LYS A 110 4.42 4.42 -9.22
C LYS A 110 3.01 3.83 -9.17
N ARG A 111 2.82 2.82 -8.37
CA ARG A 111 1.46 2.19 -8.28
C ARG A 111 1.45 1.16 -7.14
N VAL A 112 0.80 1.46 -6.06
CA VAL A 112 0.75 0.50 -4.91
C VAL A 112 -0.64 -0.14 -4.80
N ALA A 113 -0.75 -1.40 -5.13
CA ALA A 113 -2.07 -2.08 -5.03
C ALA A 113 -2.05 -3.09 -3.88
N VAL A 114 -3.08 -3.13 -3.09
CA VAL A 114 -3.10 -4.09 -1.95
C VAL A 114 -4.51 -4.61 -1.66
N GLU A 115 -4.62 -5.75 -1.05
CA GLU A 115 -5.96 -6.32 -0.73
C GLU A 115 -5.95 -6.84 0.71
N ALA A 116 -7.10 -6.99 1.31
CA ALA A 116 -7.10 -7.49 2.72
C ALA A 116 -8.23 -8.51 2.95
N VAL A 117 -8.05 -9.38 3.91
CA VAL A 117 -9.09 -10.41 4.21
C VAL A 117 -9.54 -10.27 5.67
N CYS A 118 -10.74 -9.80 5.89
CA CYS A 118 -11.23 -9.65 7.29
C CYS A 118 -12.29 -10.71 7.62
N SER A 119 -12.12 -11.41 8.71
CA SER A 119 -13.10 -12.46 9.09
C SER A 119 -13.63 -12.21 10.51
N THR A 120 -14.19 -13.21 11.12
CA THR A 120 -14.73 -13.02 12.51
C THR A 120 -13.76 -13.63 13.53
N ALA A 121 -12.61 -14.02 13.09
CA ALA A 121 -11.61 -14.62 14.04
C ALA A 121 -10.21 -14.57 13.44
N ALA A 122 -9.19 -14.62 14.27
CA ALA A 122 -7.80 -14.56 13.74
C ALA A 122 -6.81 -14.93 14.84
#